data_1R5E
#
_entry.id   1R5E
#
_entity_poly.entity_id   1
_entity_poly.type   'polypeptide(L)'
_entity_poly.pdbx_seq_one_letter_code
;MDNVTSSQLLSVRHQLAESAGLPRDQHEFVSSQAPQSLRNRYNNLYSHTQRTLDMADMQHRYMTGASGINPGMLPHENVD
DMRSAITDWSDMREALQHAMGIHADIVDYKDDDDK
;
_entity_poly.pdbx_strand_id   A
#
# COMPACT_ATOMS: atom_id res chain seq x y z
N ASP A 2 -22.87 -7.66 -7.05
CA ASP A 2 -22.36 -7.82 -5.67
C ASP A 2 -20.89 -7.45 -5.56
N ASN A 3 -20.40 -7.35 -4.34
CA ASN A 3 -19.00 -6.99 -4.10
C ASN A 3 -18.08 -8.13 -4.51
N VAL A 4 -16.78 -7.87 -4.45
CA VAL A 4 -15.78 -8.88 -4.81
C VAL A 4 -15.80 -10.05 -3.83
N THR A 5 -15.39 -11.22 -4.30
CA THR A 5 -15.37 -12.41 -3.46
C THR A 5 -14.50 -12.20 -2.22
N SER A 6 -14.74 -13.01 -1.19
CA SER A 6 -13.98 -12.91 0.04
C SER A 6 -12.50 -13.16 -0.21
N SER A 7 -12.22 -14.12 -1.09
CA SER A 7 -10.84 -14.45 -1.44
C SER A 7 -10.18 -13.27 -2.15
N GLN A 8 -10.99 -12.47 -2.84
CA GLN A 8 -10.49 -11.31 -3.56
C GLN A 8 -10.19 -10.17 -2.60
N LEU A 9 -11.01 -10.06 -1.56
CA LEU A 9 -10.83 -9.00 -0.55
C LEU A 9 -9.40 -9.03 -0.02
N LEU A 10 -8.94 -10.23 0.35
CA LEU A 10 -7.58 -10.40 0.86
C LEU A 10 -6.59 -10.42 -0.31
N SER A 11 -7.08 -10.79 -1.49
CA SER A 11 -6.23 -10.85 -2.67
C SER A 11 -5.72 -9.45 -3.03
N VAL A 12 -6.56 -8.45 -2.83
CA VAL A 12 -6.20 -7.07 -3.14
C VAL A 12 -5.30 -6.49 -2.05
N ARG A 13 -5.51 -6.94 -0.81
CA ARG A 13 -4.71 -6.47 0.30
C ARG A 13 -3.32 -7.10 0.26
N HIS A 14 -3.21 -8.24 -0.40
CA HIS A 14 -1.93 -8.94 -0.51
C HIS A 14 -1.07 -8.31 -1.60
N GLN A 15 -1.71 -7.81 -2.65
CA GLN A 15 -0.99 -7.18 -3.76
C GLN A 15 -0.54 -5.77 -3.37
N LEU A 16 -1.34 -5.11 -2.55
CA LEU A 16 -1.01 -3.75 -2.11
C LEU A 16 0.13 -3.77 -1.10
N ALA A 17 -0.11 -4.39 0.05
CA ALA A 17 0.90 -4.49 1.10
C ALA A 17 2.23 -5.04 0.56
N GLU A 18 2.13 -5.98 -0.37
CA GLU A 18 3.32 -6.59 -0.96
C GLU A 18 4.22 -5.53 -1.56
N SER A 19 3.63 -4.63 -2.36
CA SER A 19 4.39 -3.56 -3.00
C SER A 19 4.62 -2.41 -2.03
N ALA A 20 3.72 -2.26 -1.07
CA ALA A 20 3.83 -1.20 -0.06
C ALA A 20 4.97 -1.48 0.92
N GLY A 21 6.19 -1.49 0.40
CA GLY A 21 7.35 -1.74 1.25
C GLY A 21 8.63 -1.88 0.45
N LEU A 22 9.44 -0.83 0.48
CA LEU A 22 10.71 -0.82 -0.24
C LEU A 22 11.59 -1.99 0.20
N PRO A 23 12.32 -2.63 -0.73
CA PRO A 23 13.17 -3.77 -0.41
C PRO A 23 14.22 -3.44 0.66
N ARG A 24 15.34 -2.83 0.27
CA ARG A 24 16.39 -2.48 1.22
C ARG A 24 17.12 -1.21 0.80
N ASP A 25 17.88 -1.31 -0.30
CA ASP A 25 18.65 -0.19 -0.82
C ASP A 25 17.77 1.05 -1.00
N GLN A 26 16.53 0.84 -1.42
CA GLN A 26 15.59 1.93 -1.62
C GLN A 26 15.37 2.71 -0.33
N HIS A 27 15.28 2.01 0.78
CA HIS A 27 15.08 2.64 2.08
C HIS A 27 16.32 3.41 2.51
N GLU A 28 17.49 2.78 2.35
CA GLU A 28 18.75 3.40 2.73
C GLU A 28 18.92 4.76 2.06
N PHE A 29 18.23 4.96 0.94
CA PHE A 29 18.31 6.22 0.21
C PHE A 29 17.18 7.15 0.60
N VAL A 30 15.94 6.68 0.41
CA VAL A 30 14.76 7.48 0.72
C VAL A 30 14.69 7.84 2.21
N SER A 31 15.49 7.18 3.04
CA SER A 31 15.47 7.46 4.48
C SER A 31 16.81 8.01 4.98
N SER A 32 17.90 7.56 4.39
CA SER A 32 19.23 8.00 4.81
C SER A 32 19.84 9.02 3.83
N GLN A 33 19.20 9.20 2.67
CA GLN A 33 19.72 10.14 1.68
C GLN A 33 18.68 11.18 1.29
N ALA A 34 17.61 10.73 0.64
CA ALA A 34 16.54 11.62 0.18
C ALA A 34 16.21 12.69 1.23
N PRO A 35 15.72 13.86 0.77
CA PRO A 35 15.36 14.98 1.66
C PRO A 35 14.11 14.69 2.49
N GLN A 36 13.94 15.43 3.58
CA GLN A 36 12.79 15.26 4.46
C GLN A 36 11.48 15.18 3.67
N SER A 37 11.38 16.03 2.64
CA SER A 37 10.18 16.05 1.80
C SER A 37 9.91 14.68 1.20
N LEU A 38 10.98 13.94 0.92
CA LEU A 38 10.85 12.60 0.37
C LEU A 38 10.59 11.57 1.46
N ARG A 39 11.08 11.85 2.66
CA ARG A 39 10.90 10.95 3.79
C ARG A 39 9.49 11.04 4.37
N ASN A 40 9.07 12.26 4.70
CA ASN A 40 7.74 12.48 5.27
C ASN A 40 6.65 12.00 4.31
N ARG A 41 6.88 12.18 3.01
CA ARG A 41 5.90 11.76 2.01
C ARG A 41 5.90 10.24 1.87
N TYR A 42 7.02 9.61 2.21
CA TYR A 42 7.14 8.16 2.12
C TYR A 42 6.10 7.48 3.00
N ASN A 43 6.16 7.75 4.29
CA ASN A 43 5.23 7.16 5.24
C ASN A 43 3.81 7.68 5.03
N ASN A 44 3.70 8.89 4.50
CA ASN A 44 2.40 9.50 4.24
C ASN A 44 1.54 8.61 3.35
N LEU A 45 1.97 8.43 2.11
CA LEU A 45 1.23 7.60 1.15
C LEU A 45 0.97 6.22 1.73
N TYR A 46 1.90 5.72 2.52
CA TYR A 46 1.76 4.40 3.13
C TYR A 46 0.75 4.45 4.28
N SER A 47 0.69 5.58 4.96
CA SER A 47 -0.23 5.76 6.07
C SER A 47 -1.65 5.41 5.64
N HIS A 48 -1.99 5.77 4.42
CA HIS A 48 -3.31 5.49 3.87
C HIS A 48 -3.42 4.04 3.40
N THR A 49 -2.28 3.48 2.99
CA THR A 49 -2.25 2.11 2.52
C THR A 49 -2.43 1.12 3.67
N GLN A 50 -1.84 1.43 4.81
CA GLN A 50 -1.93 0.57 5.98
C GLN A 50 -3.36 0.52 6.52
N ARG A 51 -3.99 1.69 6.63
CA ARG A 51 -5.34 1.79 7.14
C ARG A 51 -6.36 1.22 6.15
N THR A 52 -5.97 1.15 4.87
CA THR A 52 -6.86 0.63 3.84
C THR A 52 -6.90 -0.89 3.85
N LEU A 53 -5.72 -1.52 3.90
CA LEU A 53 -5.63 -2.98 3.91
C LEU A 53 -6.44 -3.56 5.07
N ASP A 54 -6.48 -2.85 6.19
CA ASP A 54 -7.22 -3.29 7.36
C ASP A 54 -8.69 -3.51 7.02
N MET A 55 -9.21 -2.68 6.11
CA MET A 55 -10.60 -2.78 5.70
C MET A 55 -10.82 -4.01 4.82
N ALA A 56 -9.79 -4.38 4.06
CA ALA A 56 -9.86 -5.53 3.18
C ALA A 56 -9.98 -6.82 3.99
N ASP A 57 -8.95 -7.10 4.79
CA ASP A 57 -8.95 -8.31 5.61
C ASP A 57 -9.74 -8.10 6.90
N MET A 58 -11.02 -7.74 6.74
CA MET A 58 -11.89 -7.51 7.89
C MET A 58 -13.21 -8.27 7.74
N GLN A 59 -13.83 -8.11 6.58
CA GLN A 59 -15.10 -8.78 6.30
C GLN A 59 -15.01 -10.29 6.47
N HIS A 60 -13.79 -10.83 6.38
CA HIS A 60 -13.59 -12.27 6.52
C HIS A 60 -13.87 -12.74 7.95
N ARG A 61 -15.14 -12.73 8.32
CA ARG A 61 -15.56 -13.15 9.66
C ARG A 61 -14.99 -14.53 10.02
N TYR A 62 -14.68 -15.32 9.01
CA TYR A 62 -14.14 -16.66 9.22
C TYR A 62 -12.62 -16.65 9.28
N MET A 63 -12.00 -15.80 8.47
CA MET A 63 -10.54 -15.72 8.43
C MET A 63 -10.01 -14.71 9.45
N THR A 64 -10.48 -13.47 9.36
CA THR A 64 -10.04 -12.42 10.27
C THR A 64 -11.10 -12.12 11.33
N GLY A 65 -10.91 -11.02 12.05
CA GLY A 65 -11.86 -10.65 13.08
C GLY A 65 -12.91 -9.67 12.60
N ALA A 66 -14.07 -10.19 12.24
CA ALA A 66 -15.17 -9.35 11.75
C ALA A 66 -16.11 -8.97 12.89
N SER A 67 -15.56 -8.78 14.08
CA SER A 67 -16.36 -8.40 15.25
C SER A 67 -16.28 -6.89 15.50
N GLY A 68 -15.68 -6.49 16.62
CA GLY A 68 -15.57 -5.07 16.94
C GLY A 68 -14.73 -4.31 15.93
N ILE A 69 -15.31 -4.07 14.75
CA ILE A 69 -14.60 -3.35 13.70
C ILE A 69 -15.37 -2.10 13.29
N ASN A 70 -14.88 -1.42 12.26
CA ASN A 70 -15.52 -0.19 11.77
C ASN A 70 -17.02 -0.39 11.61
N PRO A 71 -17.78 0.70 11.43
CA PRO A 71 -19.24 0.65 11.27
C PRO A 71 -19.66 0.00 9.95
N GLY A 72 -19.19 -1.21 9.71
CA GLY A 72 -19.54 -1.92 8.48
C GLY A 72 -19.26 -1.10 7.23
N MET A 73 -18.19 -1.46 6.53
CA MET A 73 -17.81 -0.76 5.31
C MET A 73 -17.98 -1.68 4.10
N LEU A 74 -18.06 -1.08 2.91
CA LEU A 74 -18.23 -1.83 1.67
C LEU A 74 -16.92 -2.52 1.27
N PRO A 75 -16.99 -3.82 0.92
CA PRO A 75 -15.80 -4.57 0.52
C PRO A 75 -15.07 -3.95 -0.68
N HIS A 76 -15.76 -3.06 -1.39
CA HIS A 76 -15.16 -2.40 -2.54
C HIS A 76 -14.45 -1.10 -2.14
N GLU A 77 -14.62 -0.69 -0.89
CA GLU A 77 -13.99 0.53 -0.40
C GLU A 77 -12.49 0.34 -0.25
N ASN A 78 -12.09 -0.87 0.12
CA ASN A 78 -10.67 -1.19 0.31
C ASN A 78 -9.97 -1.37 -1.03
N VAL A 79 -10.59 -2.12 -1.94
CA VAL A 79 -10.01 -2.37 -3.25
C VAL A 79 -9.73 -1.07 -3.99
N ASP A 80 -10.64 -0.10 -3.85
CA ASP A 80 -10.49 1.19 -4.52
C ASP A 80 -9.24 1.90 -4.01
N ASP A 81 -9.17 2.11 -2.70
CA ASP A 81 -8.02 2.78 -2.10
C ASP A 81 -6.74 1.98 -2.33
N MET A 82 -6.90 0.67 -2.56
CA MET A 82 -5.76 -0.21 -2.79
C MET A 82 -4.94 0.26 -3.98
N ARG A 83 -5.54 0.20 -5.17
CA ARG A 83 -4.87 0.61 -6.40
C ARG A 83 -4.39 2.06 -6.28
N SER A 84 -5.03 2.82 -5.41
CA SER A 84 -4.66 4.21 -5.21
C SER A 84 -3.29 4.32 -4.55
N ALA A 85 -3.04 3.44 -3.58
CA ALA A 85 -1.77 3.42 -2.88
C ALA A 85 -0.63 3.04 -3.83
N ILE A 86 -0.87 2.00 -4.63
CA ILE A 86 0.13 1.54 -5.59
C ILE A 86 0.46 2.64 -6.59
N THR A 87 -0.51 3.54 -6.81
CA THR A 87 -0.32 4.64 -7.74
C THR A 87 0.81 5.54 -7.24
N ASP A 88 0.88 5.71 -5.92
CA ASP A 88 1.90 6.53 -5.31
C ASP A 88 3.18 5.72 -5.13
N TRP A 89 3.03 4.46 -4.73
CA TRP A 89 4.17 3.57 -4.53
C TRP A 89 4.85 3.27 -5.87
N SER A 90 4.05 2.89 -6.86
CA SER A 90 4.57 2.57 -8.19
C SER A 90 5.40 3.72 -8.73
N ASP A 91 4.86 4.93 -8.61
CA ASP A 91 5.56 6.13 -9.08
C ASP A 91 6.89 6.29 -8.36
N MET A 92 6.93 5.84 -7.10
CA MET A 92 8.15 5.92 -6.30
C MET A 92 9.17 4.89 -6.76
N ARG A 93 8.69 3.72 -7.16
CA ARG A 93 9.56 2.65 -7.63
C ARG A 93 10.52 3.16 -8.70
N GLU A 94 9.98 3.89 -9.68
CA GLU A 94 10.78 4.43 -10.76
C GLU A 94 11.49 5.72 -10.33
N ALA A 95 10.83 6.49 -9.48
CA ALA A 95 11.39 7.75 -8.99
C ALA A 95 12.58 7.49 -8.06
N LEU A 96 12.33 6.78 -6.97
CA LEU A 96 13.39 6.47 -6.00
C LEU A 96 14.61 5.88 -6.69
N GLN A 97 14.39 4.92 -7.58
CA GLN A 97 15.48 4.27 -8.30
C GLN A 97 16.29 5.29 -9.08
N HIS A 98 15.60 6.22 -9.73
CA HIS A 98 16.27 7.27 -10.51
C HIS A 98 16.99 8.25 -9.60
N ALA A 99 16.28 8.78 -8.62
CA ALA A 99 16.85 9.74 -7.68
C ALA A 99 18.05 9.15 -6.95
N MET A 100 17.97 7.85 -6.65
CA MET A 100 19.05 7.15 -5.95
C MET A 100 20.36 7.28 -6.71
N GLY A 101 20.29 7.09 -8.02
CA GLY A 101 21.48 7.19 -8.85
C GLY A 101 21.52 6.15 -9.96
N ILE A 102 20.36 5.88 -10.55
CA ILE A 102 20.26 4.91 -11.63
C ILE A 102 19.43 5.45 -12.80
N HIS A 103 19.63 4.87 -13.97
CA HIS A 103 18.90 5.30 -15.17
C HIS A 103 18.29 4.11 -15.89
N ALA A 104 16.99 4.19 -16.16
CA ALA A 104 16.28 3.11 -16.85
C ALA A 104 16.08 3.43 -18.32
N ASP A 105 15.95 2.40 -19.14
CA ASP A 105 15.75 2.57 -20.57
C ASP A 105 14.55 1.76 -21.07
N ILE A 106 13.36 2.32 -20.89
CA ILE A 106 12.13 1.64 -21.31
C ILE A 106 11.68 2.13 -22.68
N ASP A 2 -24.35 -5.44 -2.83
CA ASP A 2 -23.68 -6.39 -1.91
C ASP A 2 -22.20 -6.06 -1.78
N ASN A 3 -21.46 -6.96 -1.13
CA ASN A 3 -20.02 -6.76 -0.94
C ASN A 3 -19.23 -7.72 -1.82
N VAL A 4 -18.11 -7.22 -2.36
CA VAL A 4 -17.25 -8.03 -3.21
C VAL A 4 -16.92 -9.37 -2.57
N THR A 5 -16.56 -10.35 -3.39
CA THR A 5 -16.23 -11.68 -2.90
C THR A 5 -15.12 -11.62 -1.86
N SER A 6 -15.23 -12.43 -0.81
CA SER A 6 -14.23 -12.47 0.24
C SER A 6 -12.84 -12.76 -0.34
N SER A 7 -12.80 -13.54 -1.41
CA SER A 7 -11.55 -13.88 -2.05
C SER A 7 -10.96 -12.67 -2.77
N GLN A 8 -11.83 -11.80 -3.25
CA GLN A 8 -11.40 -10.59 -3.97
C GLN A 8 -10.80 -9.58 -3.01
N LEU A 9 -11.47 -9.36 -1.88
CA LEU A 9 -10.99 -8.42 -0.88
C LEU A 9 -9.54 -8.72 -0.52
N LEU A 10 -9.27 -9.99 -0.27
CA LEU A 10 -7.92 -10.42 0.07
C LEU A 10 -7.07 -10.58 -1.19
N SER A 11 -7.72 -10.81 -2.32
CA SER A 11 -7.00 -10.98 -3.59
C SER A 11 -6.15 -9.75 -3.88
N VAL A 12 -6.77 -8.57 -3.77
CA VAL A 12 -6.07 -7.33 -4.03
C VAL A 12 -5.14 -6.96 -2.88
N ARG A 13 -5.49 -7.38 -1.67
CA ARG A 13 -4.68 -7.09 -0.50
C ARG A 13 -3.37 -7.87 -0.56
N HIS A 14 -3.42 -9.03 -1.22
CA HIS A 14 -2.24 -9.88 -1.35
C HIS A 14 -1.25 -9.27 -2.33
N GLN A 15 -1.76 -8.69 -3.41
CA GLN A 15 -0.93 -8.07 -4.42
C GLN A 15 -0.45 -6.68 -3.99
N LEU A 16 -1.30 -5.98 -3.24
CA LEU A 16 -0.97 -4.64 -2.77
C LEU A 16 0.02 -4.71 -1.61
N ALA A 17 -0.43 -5.24 -0.48
CA ALA A 17 0.41 -5.38 0.71
C ALA A 17 1.81 -5.90 0.37
N GLU A 18 1.86 -6.92 -0.49
CA GLU A 18 3.13 -7.51 -0.89
C GLU A 18 4.06 -6.46 -1.49
N SER A 19 3.54 -5.70 -2.45
CA SER A 19 4.34 -4.66 -3.11
C SER A 19 4.59 -3.49 -2.16
N ALA A 20 3.67 -3.28 -1.22
CA ALA A 20 3.80 -2.19 -0.26
C ALA A 20 4.90 -2.48 0.75
N GLY A 21 6.15 -2.38 0.30
CA GLY A 21 7.28 -2.63 1.18
C GLY A 21 8.60 -2.23 0.56
N LEU A 22 9.47 -1.64 1.37
CA LEU A 22 10.79 -1.21 0.90
C LEU A 22 11.80 -2.35 0.99
N PRO A 23 12.63 -2.54 -0.06
CA PRO A 23 13.64 -3.60 -0.07
C PRO A 23 14.72 -3.39 0.99
N ARG A 24 15.74 -2.60 0.66
CA ARG A 24 16.84 -2.35 1.60
C ARG A 24 17.43 -0.95 1.39
N ASP A 25 18.26 -0.81 0.37
CA ASP A 25 18.90 0.47 0.06
C ASP A 25 17.88 1.56 -0.24
N GLN A 26 16.83 1.20 -0.96
CA GLN A 26 15.79 2.15 -1.32
C GLN A 26 15.28 2.91 -0.09
N HIS A 27 15.38 2.29 1.07
CA HIS A 27 14.93 2.92 2.31
C HIS A 27 16.01 3.82 2.89
N GLU A 28 17.23 3.28 3.02
CA GLU A 28 18.35 4.03 3.57
C GLU A 28 18.51 5.38 2.87
N PHE A 29 18.04 5.46 1.62
CA PHE A 29 18.14 6.69 0.85
C PHE A 29 16.93 7.58 1.08
N VAL A 30 15.74 7.03 0.87
CA VAL A 30 14.51 7.78 1.03
C VAL A 30 14.25 8.20 2.47
N SER A 31 15.04 7.68 3.42
CA SER A 31 14.85 8.01 4.82
C SER A 31 16.10 8.68 5.42
N SER A 32 17.27 8.21 5.02
CA SER A 32 18.52 8.76 5.55
C SER A 32 19.12 9.81 4.63
N GLN A 33 18.59 9.95 3.42
CA GLN A 33 19.11 10.93 2.47
C GLN A 33 18.02 11.87 1.94
N ALA A 34 17.06 11.29 1.24
CA ALA A 34 15.95 12.07 0.67
C ALA A 34 15.45 13.15 1.61
N PRO A 35 14.95 14.27 1.06
CA PRO A 35 14.43 15.40 1.85
C PRO A 35 13.09 15.08 2.52
N GLN A 36 12.77 15.85 3.55
CA GLN A 36 11.51 15.67 4.27
C GLN A 36 10.33 15.54 3.31
N SER A 37 10.35 16.33 2.24
CA SER A 37 9.28 16.31 1.25
C SER A 37 9.11 14.90 0.69
N LEU A 38 10.22 14.27 0.32
CA LEU A 38 10.20 12.92 -0.23
C LEU A 38 9.72 11.93 0.81
N ARG A 39 10.13 12.13 2.06
CA ARG A 39 9.75 11.26 3.16
C ARG A 39 8.27 11.40 3.48
N ASN A 40 7.74 12.62 3.30
CA ASN A 40 6.34 12.89 3.58
C ASN A 40 5.44 11.97 2.75
N ARG A 41 5.73 11.88 1.46
CA ARG A 41 4.95 11.03 0.57
C ARG A 41 5.22 9.55 0.84
N TYR A 42 6.42 9.25 1.34
CA TYR A 42 6.81 7.88 1.64
C TYR A 42 5.86 7.26 2.66
N ASN A 43 5.68 7.92 3.79
CA ASN A 43 4.80 7.43 4.85
C ASN A 43 3.34 7.70 4.50
N ASN A 44 3.09 8.79 3.78
CA ASN A 44 1.73 9.16 3.39
C ASN A 44 1.13 8.11 2.46
N LEU A 45 1.84 7.80 1.38
CA LEU A 45 1.36 6.81 0.42
C LEU A 45 1.15 5.45 1.08
N TYR A 46 2.06 5.08 1.96
CA TYR A 46 1.96 3.80 2.66
C TYR A 46 0.90 3.87 3.76
N SER A 47 0.73 5.05 4.35
CA SER A 47 -0.25 5.24 5.41
C SER A 47 -1.63 4.73 4.98
N HIS A 48 -1.94 4.94 3.70
CA HIS A 48 -3.22 4.50 3.15
C HIS A 48 -3.17 3.01 2.83
N THR A 49 -2.02 2.54 2.38
CA THR A 49 -1.84 1.13 2.03
C THR A 49 -2.09 0.24 3.25
N GLN A 50 -1.72 0.75 4.42
CA GLN A 50 -1.88 -0.01 5.66
C GLN A 50 -3.35 -0.07 6.09
N ARG A 51 -4.02 1.07 6.05
CA ARG A 51 -5.43 1.13 6.45
C ARG A 51 -6.33 0.52 5.39
N THR A 52 -5.96 0.67 4.13
CA THR A 52 -6.75 0.14 3.02
C THR A 52 -6.88 -1.38 3.12
N LEU A 53 -5.75 -2.08 3.07
CA LEU A 53 -5.74 -3.54 3.15
C LEU A 53 -6.49 -4.02 4.39
N ASP A 54 -6.46 -3.21 5.45
CA ASP A 54 -7.13 -3.55 6.69
C ASP A 54 -8.63 -3.75 6.47
N MET A 55 -9.24 -2.79 5.76
CA MET A 55 -10.67 -2.86 5.47
C MET A 55 -10.97 -4.05 4.56
N ALA A 56 -10.01 -4.41 3.72
CA ALA A 56 -10.18 -5.54 2.80
C ALA A 56 -10.21 -6.85 3.57
N ASP A 57 -9.19 -7.09 4.40
CA ASP A 57 -9.11 -8.31 5.19
C ASP A 57 -9.88 -8.16 6.50
N MET A 58 -11.14 -7.77 6.39
CA MET A 58 -11.99 -7.61 7.56
C MET A 58 -13.32 -8.33 7.38
N GLN A 59 -13.93 -8.16 6.21
CA GLN A 59 -15.21 -8.79 5.90
C GLN A 59 -15.18 -10.28 6.18
N HIS A 60 -13.99 -10.88 6.13
CA HIS A 60 -13.85 -12.31 6.37
C HIS A 60 -14.08 -12.63 7.84
N ARG A 61 -15.32 -12.46 8.29
CA ARG A 61 -15.68 -12.72 9.68
C ARG A 61 -15.20 -14.10 10.13
N TYR A 62 -15.01 -15.01 9.19
CA TYR A 62 -14.56 -16.36 9.50
C TYR A 62 -13.04 -16.48 9.43
N MET A 63 -12.42 -15.69 8.57
CA MET A 63 -10.97 -15.73 8.42
C MET A 63 -10.27 -14.69 9.28
N THR A 64 -10.72 -13.44 9.19
CA THR A 64 -10.13 -12.37 9.98
C THR A 64 -11.00 -12.03 11.19
N GLY A 65 -10.66 -10.95 11.88
CA GLY A 65 -11.41 -10.55 13.05
C GLY A 65 -12.48 -9.52 12.73
N ALA A 66 -13.71 -9.99 12.54
CA ALA A 66 -14.83 -9.11 12.24
C ALA A 66 -15.59 -8.71 13.50
N SER A 67 -14.87 -8.58 14.61
CA SER A 67 -15.47 -8.21 15.88
C SER A 67 -15.28 -6.72 16.16
N GLY A 68 -14.53 -6.37 17.20
CA GLY A 68 -14.30 -4.98 17.52
C GLY A 68 -13.49 -4.26 16.46
N ILE A 69 -14.14 -3.95 15.34
CA ILE A 69 -13.49 -3.26 14.23
C ILE A 69 -14.28 -2.03 13.81
N ASN A 70 -13.81 -1.38 12.75
CA ASN A 70 -14.46 -0.18 12.23
C ASN A 70 -15.96 -0.42 12.05
N PRO A 71 -16.74 0.67 11.83
CA PRO A 71 -18.19 0.58 11.64
C PRO A 71 -18.57 -0.01 10.29
N GLY A 72 -18.04 -1.20 9.98
CA GLY A 72 -18.34 -1.85 8.71
C GLY A 72 -18.27 -0.91 7.52
N MET A 73 -17.05 -0.62 7.08
CA MET A 73 -16.84 0.25 5.94
C MET A 73 -17.25 -0.42 4.63
N LEU A 74 -17.11 0.29 3.52
CA LEU A 74 -17.45 -0.25 2.21
C LEU A 74 -16.44 -1.28 1.76
N PRO A 75 -16.89 -2.41 1.19
CA PRO A 75 -15.99 -3.49 0.73
C PRO A 75 -15.11 -3.05 -0.44
N HIS A 76 -15.62 -2.12 -1.24
CA HIS A 76 -14.87 -1.63 -2.39
C HIS A 76 -13.93 -0.49 -2.03
N GLU A 77 -14.09 0.06 -0.83
CA GLU A 77 -13.24 1.16 -0.37
C GLU A 77 -11.78 0.72 -0.36
N ASN A 78 -11.56 -0.53 0.00
CA ASN A 78 -10.20 -1.08 0.05
C ASN A 78 -9.70 -1.45 -1.34
N VAL A 79 -10.55 -2.18 -2.08
CA VAL A 79 -10.20 -2.61 -3.45
C VAL A 79 -9.65 -1.45 -4.28
N ASP A 80 -10.51 -0.50 -4.62
CA ASP A 80 -10.11 0.65 -5.42
C ASP A 80 -8.93 1.38 -4.80
N ASP A 81 -9.07 1.76 -3.54
CA ASP A 81 -8.01 2.48 -2.83
C ASP A 81 -6.71 1.69 -2.83
N MET A 82 -6.81 0.37 -2.93
CA MET A 82 -5.62 -0.48 -2.95
C MET A 82 -4.74 -0.15 -4.14
N ARG A 83 -5.32 -0.21 -5.33
CA ARG A 83 -4.60 0.09 -6.56
C ARG A 83 -3.95 1.46 -6.47
N SER A 84 -4.54 2.34 -5.67
CA SER A 84 -4.03 3.69 -5.50
C SER A 84 -2.64 3.65 -4.84
N ALA A 85 -2.47 2.72 -3.92
CA ALA A 85 -1.21 2.57 -3.21
C ALA A 85 -0.08 2.25 -4.19
N ILE A 86 -0.33 1.30 -5.09
CA ILE A 86 0.66 0.90 -6.08
C ILE A 86 1.02 2.07 -6.99
N THR A 87 0.07 2.98 -7.18
CA THR A 87 0.29 4.15 -8.02
C THR A 87 1.45 4.98 -7.48
N ASP A 88 1.53 5.06 -6.17
CA ASP A 88 2.60 5.81 -5.51
C ASP A 88 3.84 4.93 -5.32
N TRP A 89 3.61 3.68 -4.95
CA TRP A 89 4.69 2.73 -4.74
C TRP A 89 5.42 2.45 -6.05
N SER A 90 4.65 2.13 -7.09
CA SER A 90 5.22 1.85 -8.40
C SER A 90 6.02 3.05 -8.90
N ASP A 91 5.42 4.23 -8.79
CA ASP A 91 6.08 5.46 -9.22
C ASP A 91 7.36 5.69 -8.42
N MET A 92 7.34 5.30 -7.15
CA MET A 92 8.50 5.46 -6.29
C MET A 92 9.62 4.53 -6.71
N ARG A 93 9.26 3.32 -7.13
CA ARG A 93 10.24 2.33 -7.57
C ARG A 93 11.16 2.91 -8.63
N GLU A 94 10.58 3.63 -9.58
CA GLU A 94 11.35 4.25 -10.66
C GLU A 94 11.95 5.58 -10.21
N ALA A 95 11.21 6.29 -9.37
CA ALA A 95 11.67 7.59 -8.86
C ALA A 95 12.83 7.43 -7.89
N LEU A 96 12.59 6.70 -6.80
CA LEU A 96 13.60 6.48 -5.79
C LEU A 96 14.87 5.89 -6.40
N GLN A 97 14.71 4.90 -7.27
CA GLN A 97 15.85 4.26 -7.92
C GLN A 97 16.68 5.28 -8.68
N HIS A 98 16.01 6.12 -9.47
CA HIS A 98 16.69 7.14 -10.25
C HIS A 98 17.35 8.17 -9.34
N ALA A 99 16.63 8.57 -8.29
CA ALA A 99 17.14 9.56 -7.36
C ALA A 99 18.30 8.99 -6.53
N MET A 100 18.20 7.70 -6.19
CA MET A 100 19.23 7.04 -5.41
C MET A 100 20.59 7.16 -6.09
N GLY A 101 20.63 6.84 -7.37
CA GLY A 101 21.88 6.92 -8.12
C GLY A 101 21.87 6.02 -9.35
N ILE A 102 20.74 5.96 -10.04
CA ILE A 102 20.61 5.14 -11.24
C ILE A 102 19.96 5.93 -12.37
N HIS A 103 20.19 5.48 -13.60
CA HIS A 103 19.61 6.14 -14.77
C HIS A 103 18.76 5.17 -15.58
N ALA A 104 17.45 5.35 -15.51
CA ALA A 104 16.52 4.50 -16.23
C ALA A 104 16.23 5.05 -17.63
N ASP A 105 15.94 4.16 -18.56
CA ASP A 105 15.64 4.57 -19.93
C ASP A 105 14.69 3.59 -20.60
N ILE A 106 13.39 3.79 -20.37
CA ILE A 106 12.37 2.93 -20.95
C ILE A 106 11.33 3.74 -21.72
N ASP A 2 -23.47 -4.36 -4.45
CA ASP A 2 -22.67 -5.60 -4.49
C ASP A 2 -21.18 -5.32 -4.29
N ASN A 3 -20.44 -6.31 -3.81
CA ASN A 3 -19.02 -6.16 -3.56
C ASN A 3 -18.24 -7.33 -4.14
N VAL A 4 -16.92 -7.31 -3.95
CA VAL A 4 -16.06 -8.38 -4.45
C VAL A 4 -16.07 -9.56 -3.51
N THR A 5 -15.49 -10.68 -3.95
CA THR A 5 -15.43 -11.89 -3.14
C THR A 5 -14.43 -11.74 -2.00
N SER A 6 -14.76 -12.35 -0.86
CA SER A 6 -13.89 -12.29 0.31
C SER A 6 -12.44 -12.62 -0.07
N SER A 7 -12.28 -13.60 -0.94
CA SER A 7 -10.96 -14.01 -1.40
C SER A 7 -10.28 -12.86 -2.14
N GLN A 8 -11.08 -12.04 -2.81
CA GLN A 8 -10.56 -10.90 -3.55
C GLN A 8 -10.12 -9.79 -2.61
N LEU A 9 -10.85 -9.62 -1.52
CA LEU A 9 -10.52 -8.59 -0.54
C LEU A 9 -9.06 -8.72 -0.11
N LEU A 10 -8.67 -9.94 0.24
CA LEU A 10 -7.30 -10.21 0.65
C LEU A 10 -6.40 -10.37 -0.56
N SER A 11 -6.98 -10.76 -1.70
CA SER A 11 -6.22 -10.94 -2.93
C SER A 11 -5.51 -9.65 -3.32
N VAL A 12 -6.19 -8.53 -3.11
CA VAL A 12 -5.62 -7.22 -3.43
C VAL A 12 -4.69 -6.73 -2.33
N ARG A 13 -5.02 -7.05 -1.09
CA ARG A 13 -4.18 -6.63 0.04
C ARG A 13 -2.84 -7.36 0.01
N HIS A 14 -2.82 -8.53 -0.61
CA HIS A 14 -1.60 -9.32 -0.72
C HIS A 14 -0.69 -8.77 -1.81
N GLN A 15 -1.29 -8.33 -2.90
CA GLN A 15 -0.54 -7.78 -4.02
C GLN A 15 -0.11 -6.34 -3.76
N LEU A 16 -0.92 -5.62 -2.98
CA LEU A 16 -0.62 -4.23 -2.65
C LEU A 16 0.48 -4.14 -1.60
N ALA A 17 0.16 -4.59 -0.38
CA ALA A 17 1.13 -4.57 0.72
C ALA A 17 2.50 -5.07 0.28
N GLU A 18 2.50 -6.17 -0.48
CA GLU A 18 3.74 -6.75 -0.97
C GLU A 18 4.56 -5.72 -1.76
N SER A 19 3.87 -4.99 -2.63
CA SER A 19 4.53 -3.98 -3.46
C SER A 19 4.86 -2.74 -2.63
N ALA A 20 4.15 -2.55 -1.53
CA ALA A 20 4.38 -1.39 -0.66
C ALA A 20 5.61 -1.61 0.22
N GLY A 21 5.76 -0.75 1.22
CA GLY A 21 6.88 -0.82 2.14
C GLY A 21 8.18 -1.31 1.50
N LEU A 22 9.07 -0.38 1.18
CA LEU A 22 10.35 -0.72 0.57
C LEU A 22 11.06 -1.81 1.37
N PRO A 23 11.87 -2.64 0.69
CA PRO A 23 12.61 -3.73 1.34
C PRO A 23 13.58 -3.22 2.40
N ARG A 24 14.74 -2.73 1.96
CA ARG A 24 15.75 -2.22 2.89
C ARG A 24 16.53 -1.08 2.25
N ASP A 25 17.36 -1.40 1.26
CA ASP A 25 18.17 -0.41 0.57
C ASP A 25 17.31 0.73 0.05
N GLN A 26 16.14 0.40 -0.47
CA GLN A 26 15.23 1.40 -1.00
C GLN A 26 14.78 2.37 0.08
N HIS A 27 14.77 1.90 1.33
CA HIS A 27 14.37 2.73 2.46
C HIS A 27 15.53 3.59 2.94
N GLU A 28 16.70 2.98 3.06
CA GLU A 28 17.90 3.68 3.52
C GLU A 28 18.13 4.96 2.71
N PHE A 29 17.63 4.99 1.48
CA PHE A 29 17.79 6.15 0.62
C PHE A 29 16.70 7.18 0.89
N VAL A 30 15.45 6.77 0.72
CA VAL A 30 14.31 7.65 0.92
C VAL A 30 14.21 8.18 2.36
N SER A 31 14.99 7.61 3.28
CA SER A 31 14.94 8.04 4.67
C SER A 31 16.29 8.60 5.14
N SER A 32 17.38 8.01 4.69
CA SER A 32 18.71 8.45 5.10
C SER A 32 19.39 9.33 4.04
N GLN A 33 18.80 9.40 2.84
CA GLN A 33 19.38 10.19 1.76
C GLN A 33 18.39 11.22 1.23
N ALA A 34 17.34 10.74 0.58
CA ALA A 34 16.31 11.61 -0.01
C ALA A 34 16.00 12.81 0.89
N PRO A 35 15.59 13.94 0.28
CA PRO A 35 15.26 15.16 1.02
C PRO A 35 13.98 15.02 1.84
N GLN A 36 13.82 15.90 2.83
CA GLN A 36 12.65 15.88 3.69
C GLN A 36 11.36 15.83 2.87
N SER A 37 11.34 16.57 1.77
CA SER A 37 10.17 16.61 0.90
C SER A 37 9.81 15.21 0.41
N LEU A 38 10.83 14.42 0.10
CA LEU A 38 10.62 13.06 -0.38
C LEU A 38 10.19 12.14 0.76
N ARG A 39 10.73 12.39 1.95
CA ARG A 39 10.40 11.59 3.13
C ARG A 39 8.97 11.85 3.58
N ASN A 40 8.52 13.09 3.41
CA ASN A 40 7.17 13.48 3.80
C ASN A 40 6.14 12.68 3.00
N ARG A 41 6.32 12.61 1.69
CA ARG A 41 5.40 11.89 0.82
C ARG A 41 5.53 10.37 1.04
N TYR A 42 6.70 9.94 1.47
CA TYR A 42 6.95 8.52 1.71
C TYR A 42 5.92 7.94 2.67
N ASN A 43 6.02 8.32 3.94
CA ASN A 43 5.09 7.83 4.95
C ASN A 43 3.65 8.19 4.61
N ASN A 44 3.49 9.25 3.81
CA ASN A 44 2.16 9.69 3.40
C ASN A 44 1.45 8.64 2.57
N LEU A 45 2.01 8.33 1.39
CA LEU A 45 1.42 7.35 0.50
C LEU A 45 1.24 6.01 1.21
N TYR A 46 2.11 5.72 2.18
CA TYR A 46 2.03 4.48 2.92
C TYR A 46 0.95 4.56 3.99
N SER A 47 0.76 5.75 4.55
CA SER A 47 -0.25 5.95 5.59
C SER A 47 -1.59 5.39 5.13
N HIS A 48 -1.95 5.68 3.88
CA HIS A 48 -3.20 5.19 3.32
C HIS A 48 -3.07 3.73 2.90
N THR A 49 -1.84 3.31 2.62
CA THR A 49 -1.59 1.93 2.20
C THR A 49 -1.69 0.97 3.39
N GLN A 50 -1.06 1.35 4.49
CA GLN A 50 -1.07 0.53 5.69
C GLN A 50 -2.46 0.46 6.31
N ARG A 51 -3.28 1.48 6.05
CA ARG A 51 -4.63 1.51 6.59
C ARG A 51 -5.66 0.95 5.62
N THR A 52 -5.42 1.13 4.32
CA THR A 52 -6.33 0.62 3.29
C THR A 52 -6.38 -0.90 3.31
N LEU A 53 -5.20 -1.53 3.34
CA LEU A 53 -5.11 -2.98 3.36
C LEU A 53 -5.84 -3.56 4.57
N ASP A 54 -5.72 -2.88 5.71
CA ASP A 54 -6.38 -3.32 6.93
C ASP A 54 -7.89 -3.42 6.71
N MET A 55 -8.44 -2.40 6.06
CA MET A 55 -9.88 -2.36 5.78
C MET A 55 -10.29 -3.58 4.96
N ALA A 56 -9.34 -4.12 4.20
CA ALA A 56 -9.61 -5.29 3.36
C ALA A 56 -9.50 -6.57 4.18
N ASP A 57 -8.67 -6.54 5.22
CA ASP A 57 -8.47 -7.70 6.08
C ASP A 57 -9.45 -7.69 7.26
N MET A 58 -10.68 -7.27 6.99
CA MET A 58 -11.71 -7.22 8.03
C MET A 58 -12.99 -7.88 7.55
N GLN A 59 -13.39 -7.56 6.34
CA GLN A 59 -14.62 -8.12 5.75
C GLN A 59 -14.75 -9.61 6.02
N HIS A 60 -13.62 -10.31 6.13
CA HIS A 60 -13.64 -11.74 6.40
C HIS A 60 -14.05 -12.02 7.84
N ARG A 61 -15.29 -11.66 8.18
CA ARG A 61 -15.80 -11.87 9.53
C ARG A 61 -16.07 -13.36 9.79
N TYR A 62 -16.21 -14.13 8.72
CA TYR A 62 -16.47 -15.56 8.84
C TYR A 62 -15.19 -16.36 8.63
N MET A 63 -14.36 -15.92 7.68
CA MET A 63 -13.11 -16.61 7.39
C MET A 63 -12.12 -16.45 8.53
N THR A 64 -11.57 -15.25 8.68
CA THR A 64 -10.60 -14.96 9.73
C THR A 64 -11.24 -14.15 10.85
N GLY A 65 -10.56 -14.11 12.00
CA GLY A 65 -11.08 -13.36 13.13
C GLY A 65 -10.53 -11.96 13.21
N ALA A 66 -10.95 -11.11 12.27
CA ALA A 66 -10.48 -9.73 12.24
C ALA A 66 -10.91 -8.98 13.49
N SER A 67 -12.22 -8.86 13.68
CA SER A 67 -12.76 -8.16 14.85
C SER A 67 -14.28 -8.23 14.86
N GLY A 68 -14.89 -7.62 15.87
CA GLY A 68 -16.33 -7.64 15.99
C GLY A 68 -16.93 -6.24 16.04
N ILE A 69 -16.73 -5.48 14.97
CA ILE A 69 -17.25 -4.12 14.90
C ILE A 69 -18.19 -3.96 13.72
N ASN A 70 -18.94 -2.86 13.71
CA ASN A 70 -19.89 -2.57 12.64
C ASN A 70 -19.18 -2.50 11.30
N PRO A 71 -19.93 -2.54 10.19
CA PRO A 71 -19.37 -2.47 8.84
C PRO A 71 -19.19 -1.04 8.35
N GLY A 72 -18.73 -0.16 9.25
CA GLY A 72 -18.51 1.24 8.92
C GLY A 72 -18.36 1.53 7.44
N MET A 73 -17.43 0.82 6.80
CA MET A 73 -17.18 1.00 5.38
C MET A 73 -17.65 -0.21 4.58
N LEU A 74 -17.48 -0.14 3.25
CA LEU A 74 -17.88 -1.23 2.37
C LEU A 74 -16.68 -2.04 1.92
N PRO A 75 -16.87 -3.35 1.66
CA PRO A 75 -15.79 -4.24 1.22
C PRO A 75 -15.00 -3.68 0.05
N HIS A 76 -15.62 -2.80 -0.72
CA HIS A 76 -14.95 -2.20 -1.88
C HIS A 76 -14.20 -0.93 -1.51
N GLU A 77 -14.40 -0.45 -0.28
CA GLU A 77 -13.72 0.76 0.18
C GLU A 77 -12.24 0.49 0.39
N ASN A 78 -11.92 -0.72 0.81
CA ASN A 78 -10.54 -1.11 1.06
C ASN A 78 -9.79 -1.33 -0.24
N VAL A 79 -10.44 -1.98 -1.21
CA VAL A 79 -9.81 -2.25 -2.50
C VAL A 79 -9.54 -0.95 -3.26
N ASP A 80 -10.46 0.01 -3.13
CA ASP A 80 -10.31 1.29 -3.81
C ASP A 80 -9.06 2.03 -3.32
N ASP A 81 -8.95 2.17 -2.01
CA ASP A 81 -7.80 2.85 -1.41
C ASP A 81 -6.53 2.04 -1.62
N MET A 82 -6.68 0.73 -1.78
CA MET A 82 -5.54 -0.15 -2.00
C MET A 82 -4.82 0.18 -3.30
N ARG A 83 -5.51 0.01 -4.42
CA ARG A 83 -4.95 0.30 -5.72
C ARG A 83 -4.31 1.69 -5.75
N SER A 84 -4.86 2.59 -4.95
CA SER A 84 -4.34 3.95 -4.87
C SER A 84 -2.90 3.95 -4.37
N ALA A 85 -2.61 3.04 -3.44
CA ALA A 85 -1.27 2.92 -2.89
C ALA A 85 -0.26 2.59 -3.98
N ILE A 86 -0.56 1.55 -4.76
CA ILE A 86 0.32 1.12 -5.83
C ILE A 86 0.59 2.28 -6.80
N THR A 87 -0.39 3.18 -6.94
CA THR A 87 -0.25 4.31 -7.83
C THR A 87 0.94 5.17 -7.42
N ASP A 88 1.13 5.33 -6.11
CA ASP A 88 2.23 6.11 -5.58
C ASP A 88 3.47 5.24 -5.40
N TRP A 89 3.26 4.02 -4.93
CA TRP A 89 4.36 3.08 -4.71
C TRP A 89 4.99 2.68 -6.03
N SER A 90 4.15 2.39 -7.03
CA SER A 90 4.63 2.00 -8.35
C SER A 90 5.44 3.14 -8.96
N ASP A 91 4.87 4.33 -8.95
CA ASP A 91 5.54 5.51 -9.48
C ASP A 91 6.84 5.76 -8.74
N MET A 92 6.84 5.45 -7.45
CA MET A 92 8.02 5.63 -6.62
C MET A 92 9.08 4.59 -6.95
N ARG A 93 8.64 3.38 -7.27
CA ARG A 93 9.55 2.30 -7.61
C ARG A 93 10.55 2.75 -8.69
N GLU A 94 10.03 3.45 -9.70
CA GLU A 94 10.87 3.94 -10.78
C GLU A 94 11.57 5.24 -10.40
N ALA A 95 10.83 6.13 -9.73
CA ALA A 95 11.37 7.41 -9.30
C ALA A 95 12.49 7.23 -8.27
N LEU A 96 12.17 6.57 -7.17
CA LEU A 96 13.14 6.32 -6.10
C LEU A 96 14.39 5.65 -6.66
N GLN A 97 14.21 4.65 -7.51
CA GLN A 97 15.33 3.94 -8.11
C GLN A 97 16.25 4.90 -8.85
N HIS A 98 15.67 5.76 -9.68
CA HIS A 98 16.44 6.73 -10.45
C HIS A 98 17.19 7.68 -9.52
N ALA A 99 16.47 8.29 -8.58
CA ALA A 99 17.07 9.23 -7.63
C ALA A 99 18.18 8.56 -6.82
N MET A 100 17.94 7.31 -6.42
CA MET A 100 18.91 6.56 -5.63
C MET A 100 20.25 6.50 -6.34
N GLY A 101 20.23 6.18 -7.63
CA GLY A 101 21.45 6.09 -8.40
C GLY A 101 21.32 5.14 -9.57
N ILE A 102 20.21 5.21 -10.28
CA ILE A 102 19.97 4.35 -11.43
C ILE A 102 19.42 5.14 -12.61
N HIS A 103 19.56 4.58 -13.80
CA HIS A 103 19.08 5.23 -15.01
C HIS A 103 18.30 4.26 -15.90
N ALA A 104 17.01 4.50 -16.04
CA ALA A 104 16.16 3.64 -16.87
C ALA A 104 15.77 4.32 -18.17
N ASP A 105 15.61 3.54 -19.22
CA ASP A 105 15.25 4.06 -20.53
C ASP A 105 14.43 3.05 -21.33
N ILE A 106 13.11 3.14 -21.20
CA ILE A 106 12.22 2.24 -21.91
C ILE A 106 11.52 2.94 -23.08
N ASP A 2 -22.97 -8.45 -3.16
CA ASP A 2 -23.00 -7.24 -4.02
C ASP A 2 -21.58 -6.75 -4.31
N ASN A 3 -20.68 -6.97 -3.35
CA ASN A 3 -19.29 -6.54 -3.50
C ASN A 3 -18.42 -7.71 -3.97
N VAL A 4 -17.12 -7.44 -4.09
CA VAL A 4 -16.18 -8.46 -4.52
C VAL A 4 -16.15 -9.63 -3.55
N THR A 5 -15.83 -10.81 -4.06
CA THR A 5 -15.77 -12.02 -3.23
C THR A 5 -14.82 -11.83 -2.04
N SER A 6 -14.94 -12.70 -1.05
CA SER A 6 -14.09 -12.64 0.14
C SER A 6 -12.65 -12.90 -0.24
N SER A 7 -12.44 -13.83 -1.16
CA SER A 7 -11.10 -14.18 -1.62
C SER A 7 -10.44 -13.00 -2.32
N GLN A 8 -11.25 -12.18 -2.97
CA GLN A 8 -10.74 -11.01 -3.68
C GLN A 8 -10.31 -9.92 -2.70
N LEU A 9 -11.07 -9.78 -1.61
CA LEU A 9 -10.75 -8.78 -0.60
C LEU A 9 -9.32 -8.93 -0.14
N LEU A 10 -8.94 -10.16 0.19
CA LEU A 10 -7.58 -10.45 0.62
C LEU A 10 -6.65 -10.59 -0.57
N SER A 11 -7.22 -10.91 -1.74
CA SER A 11 -6.43 -11.06 -2.96
C SER A 11 -5.61 -9.81 -3.24
N VAL A 12 -6.25 -8.65 -3.14
CA VAL A 12 -5.57 -7.39 -3.39
C VAL A 12 -4.72 -6.98 -2.19
N ARG A 13 -5.24 -7.18 -0.99
CA ARG A 13 -4.50 -6.84 0.22
C ARG A 13 -3.19 -7.63 0.28
N HIS A 14 -3.14 -8.74 -0.45
CA HIS A 14 -1.95 -9.58 -0.48
C HIS A 14 -0.93 -9.01 -1.46
N GLN A 15 -1.43 -8.45 -2.56
CA GLN A 15 -0.57 -7.87 -3.59
C GLN A 15 -0.15 -6.45 -3.19
N LEU A 16 -1.08 -5.72 -2.58
CA LEU A 16 -0.82 -4.35 -2.15
C LEU A 16 0.14 -4.33 -0.96
N ALA A 17 -0.26 -5.00 0.12
CA ALA A 17 0.56 -5.05 1.33
C ALA A 17 2.01 -5.46 1.01
N GLU A 18 2.17 -6.61 0.36
CA GLU A 18 3.49 -7.11 0.00
C GLU A 18 4.29 -6.06 -0.77
N SER A 19 3.68 -5.50 -1.79
CA SER A 19 4.34 -4.48 -2.61
C SER A 19 4.65 -3.24 -1.78
N ALA A 20 3.86 -3.00 -0.74
CA ALA A 20 4.05 -1.84 0.13
C ALA A 20 5.21 -2.06 1.09
N GLY A 21 6.43 -1.90 0.59
CA GLY A 21 7.61 -2.09 1.42
C GLY A 21 8.90 -2.04 0.62
N LEU A 22 9.90 -1.34 1.15
CA LEU A 22 11.18 -1.23 0.47
C LEU A 22 12.11 -2.38 0.87
N PRO A 23 12.80 -3.00 -0.09
CA PRO A 23 13.72 -4.11 0.18
C PRO A 23 14.78 -3.75 1.21
N ARG A 24 15.81 -3.02 0.79
CA ARG A 24 16.89 -2.61 1.69
C ARG A 24 17.47 -1.26 1.30
N ASP A 25 18.20 -1.24 0.18
CA ASP A 25 18.82 -0.02 -0.31
C ASP A 25 17.79 1.08 -0.57
N GLN A 26 16.62 0.68 -1.06
CA GLN A 26 15.55 1.62 -1.35
C GLN A 26 15.26 2.53 -0.17
N HIS A 27 15.56 2.03 1.03
CA HIS A 27 15.32 2.81 2.26
C HIS A 27 16.55 3.65 2.62
N GLU A 28 17.72 3.09 2.40
CA GLU A 28 18.98 3.78 2.71
C GLU A 28 19.05 5.14 2.01
N PHE A 29 18.31 5.29 0.92
CA PHE A 29 18.31 6.54 0.16
C PHE A 29 17.10 7.40 0.52
N VAL A 30 15.91 6.86 0.34
CA VAL A 30 14.68 7.58 0.63
C VAL A 30 14.62 8.09 2.07
N SER A 31 15.47 7.55 2.94
CA SER A 31 15.47 7.95 4.35
C SER A 31 16.79 8.60 4.76
N SER A 32 17.90 8.11 4.20
CA SER A 32 19.22 8.63 4.55
C SER A 32 19.75 9.63 3.50
N GLN A 33 19.07 9.73 2.37
CA GLN A 33 19.51 10.63 1.31
C GLN A 33 18.39 11.56 0.85
N ALA A 34 17.34 10.99 0.29
CA ALA A 34 16.19 11.75 -0.21
C ALA A 34 15.82 12.89 0.74
N PRO A 35 15.26 13.98 0.17
CA PRO A 35 14.85 15.16 0.96
C PRO A 35 13.59 14.89 1.79
N GLN A 36 13.39 15.72 2.81
CA GLN A 36 12.22 15.59 3.68
C GLN A 36 10.94 15.41 2.86
N SER A 37 10.84 16.14 1.76
CA SER A 37 9.67 16.06 0.89
C SER A 37 9.43 14.63 0.45
N LEU A 38 10.51 13.90 0.19
CA LEU A 38 10.44 12.51 -0.24
C LEU A 38 10.09 11.61 0.94
N ARG A 39 10.68 11.92 2.10
CA ARG A 39 10.43 11.13 3.30
C ARG A 39 9.01 11.36 3.83
N ASN A 40 8.50 12.57 3.63
CA ASN A 40 7.15 12.90 4.07
C ASN A 40 6.12 12.03 3.38
N ARG A 41 6.20 11.94 2.06
CA ARG A 41 5.27 11.12 1.28
C ARG A 41 5.50 9.64 1.52
N TYR A 42 6.73 9.28 1.88
CA TYR A 42 7.08 7.89 2.14
C TYR A 42 6.13 7.26 3.15
N ASN A 43 5.99 7.91 4.30
CA ASN A 43 5.11 7.41 5.36
C ASN A 43 3.65 7.76 5.07
N ASN A 44 3.44 8.86 4.34
CA ASN A 44 2.10 9.30 4.00
C ASN A 44 1.38 8.26 3.14
N LEU A 45 1.93 7.99 1.97
CA LEU A 45 1.34 7.02 1.04
C LEU A 45 1.18 5.66 1.72
N TYR A 46 2.19 5.25 2.48
CA TYR A 46 2.14 3.96 3.17
C TYR A 46 1.12 3.99 4.30
N SER A 47 0.89 5.17 4.87
CA SER A 47 -0.06 5.32 5.95
C SER A 47 -1.43 4.79 5.53
N HIS A 48 -1.84 5.13 4.32
CA HIS A 48 -3.13 4.67 3.78
C HIS A 48 -3.07 3.19 3.43
N THR A 49 -1.87 2.71 3.12
CA THR A 49 -1.70 1.30 2.76
C THR A 49 -1.84 0.40 3.98
N GLN A 50 -1.36 0.88 5.12
CA GLN A 50 -1.42 0.12 6.36
C GLN A 50 -2.84 0.09 6.93
N ARG A 51 -3.64 1.08 6.58
CA ARG A 51 -5.02 1.16 7.07
C ARG A 51 -6.01 0.62 6.05
N THR A 52 -5.64 0.67 4.78
CA THR A 52 -6.52 0.19 3.72
C THR A 52 -6.60 -1.34 3.71
N LEU A 53 -5.45 -2.00 3.78
CA LEU A 53 -5.41 -3.46 3.79
C LEU A 53 -6.24 -4.02 4.94
N ASP A 54 -6.20 -3.33 6.08
CA ASP A 54 -6.95 -3.75 7.26
C ASP A 54 -8.43 -3.89 6.93
N MET A 55 -8.98 -2.89 6.27
CA MET A 55 -10.39 -2.91 5.90
C MET A 55 -10.68 -4.03 4.89
N ALA A 56 -9.63 -4.45 4.17
CA ALA A 56 -9.77 -5.50 3.18
C ALA A 56 -9.86 -6.87 3.84
N ASP A 57 -9.06 -7.09 4.88
CA ASP A 57 -9.06 -8.35 5.60
C ASP A 57 -10.04 -8.33 6.77
N MET A 58 -11.21 -7.74 6.55
CA MET A 58 -12.23 -7.65 7.58
C MET A 58 -13.59 -8.12 7.06
N GLN A 59 -13.91 -7.74 5.83
CA GLN A 59 -15.18 -8.11 5.21
C GLN A 59 -15.45 -9.62 5.30
N HIS A 60 -14.39 -10.41 5.43
CA HIS A 60 -14.52 -11.85 5.52
C HIS A 60 -15.32 -12.23 6.76
N ARG A 61 -15.19 -13.48 7.19
CA ARG A 61 -15.91 -13.95 8.37
C ARG A 61 -14.97 -14.68 9.33
N TYR A 62 -14.43 -15.81 8.88
CA TYR A 62 -13.51 -16.60 9.70
C TYR A 62 -12.09 -16.10 9.56
N MET A 63 -11.68 -15.79 8.34
CA MET A 63 -10.33 -15.30 8.07
C MET A 63 -10.04 -14.05 8.89
N THR A 64 -11.08 -13.34 9.30
CA THR A 64 -10.93 -12.13 10.09
C THR A 64 -12.01 -12.05 11.17
N GLY A 65 -12.00 -10.96 11.93
CA GLY A 65 -12.98 -10.79 12.98
C GLY A 65 -14.18 -9.98 12.53
N ALA A 66 -15.31 -10.65 12.35
CA ALA A 66 -16.53 -10.00 11.91
C ALA A 66 -17.39 -9.57 13.09
N SER A 67 -16.74 -9.17 14.18
CA SER A 67 -17.45 -8.73 15.37
C SER A 67 -17.40 -7.20 15.50
N GLY A 68 -16.74 -6.69 16.53
CA GLY A 68 -16.64 -5.26 16.71
C GLY A 68 -15.75 -4.60 15.68
N ILE A 69 -16.21 -4.59 14.42
CA ILE A 69 -15.45 -3.99 13.34
C ILE A 69 -15.75 -2.51 13.20
N ASN A 70 -15.16 -1.87 12.19
CA ASN A 70 -15.36 -0.45 11.95
C ASN A 70 -16.85 -0.11 11.86
N PRO A 71 -17.19 1.19 11.91
CA PRO A 71 -18.59 1.64 11.85
C PRO A 71 -19.20 1.42 10.46
N GLY A 72 -19.18 0.18 10.00
CA GLY A 72 -19.75 -0.14 8.70
C GLY A 72 -18.99 0.51 7.56
N MET A 73 -18.55 -0.31 6.60
CA MET A 73 -17.80 0.19 5.45
C MET A 73 -18.02 -0.71 4.24
N LEU A 74 -17.89 -0.14 3.05
CA LEU A 74 -18.07 -0.90 1.82
C LEU A 74 -16.84 -1.76 1.51
N PRO A 75 -17.04 -3.05 1.20
CA PRO A 75 -15.93 -3.97 0.89
C PRO A 75 -15.06 -3.48 -0.26
N HIS A 76 -15.60 -2.57 -1.06
CA HIS A 76 -14.87 -2.03 -2.20
C HIS A 76 -13.99 -0.85 -1.79
N GLU A 77 -14.34 -0.21 -0.67
CA GLU A 77 -13.59 0.93 -0.17
C GLU A 77 -12.10 0.58 -0.02
N ASN A 78 -11.83 -0.50 0.70
CA ASN A 78 -10.45 -0.95 0.92
C ASN A 78 -9.78 -1.28 -0.41
N VAL A 79 -10.57 -1.76 -1.36
CA VAL A 79 -10.06 -2.12 -2.68
C VAL A 79 -9.57 -0.89 -3.43
N ASP A 80 -10.47 0.04 -3.69
CA ASP A 80 -10.12 1.27 -4.41
C ASP A 80 -8.97 2.00 -3.71
N ASP A 81 -8.96 1.92 -2.38
CA ASP A 81 -7.91 2.57 -1.60
C ASP A 81 -6.61 1.80 -1.71
N MET A 82 -6.71 0.47 -1.79
CA MET A 82 -5.54 -0.38 -1.90
C MET A 82 -4.75 -0.04 -3.16
N ARG A 83 -5.45 0.02 -4.29
CA ARG A 83 -4.83 0.34 -5.57
C ARG A 83 -4.17 1.71 -5.50
N SER A 84 -4.74 2.59 -4.70
CA SER A 84 -4.22 3.95 -4.55
C SER A 84 -2.79 3.90 -4.01
N ALA A 85 -2.52 2.93 -3.15
CA ALA A 85 -1.19 2.77 -2.57
C ALA A 85 -0.16 2.46 -3.64
N ILE A 86 -0.48 1.48 -4.49
CA ILE A 86 0.41 1.08 -5.57
C ILE A 86 0.67 2.25 -6.52
N THR A 87 -0.29 3.16 -6.62
CA THR A 87 -0.16 4.33 -7.47
C THR A 87 1.04 5.16 -7.05
N ASP A 88 1.20 5.32 -5.74
CA ASP A 88 2.32 6.08 -5.19
C ASP A 88 3.56 5.20 -5.05
N TRP A 89 3.34 3.97 -4.60
CA TRP A 89 4.43 3.02 -4.43
C TRP A 89 5.09 2.71 -5.78
N SER A 90 4.27 2.39 -6.76
CA SER A 90 4.77 2.10 -8.10
C SER A 90 5.55 3.28 -8.66
N ASP A 91 4.97 4.47 -8.53
CA ASP A 91 5.62 5.69 -9.00
C ASP A 91 6.96 5.90 -8.29
N MET A 92 7.02 5.46 -7.04
CA MET A 92 8.24 5.60 -6.25
C MET A 92 9.33 4.68 -6.78
N ARG A 93 8.94 3.46 -7.16
CA ARG A 93 9.88 2.48 -7.70
C ARG A 93 10.71 3.10 -8.83
N GLU A 94 10.05 3.86 -9.68
CA GLU A 94 10.72 4.50 -10.81
C GLU A 94 11.41 5.80 -10.37
N ALA A 95 10.70 6.59 -9.58
CA ALA A 95 11.23 7.87 -9.10
C ALA A 95 12.43 7.64 -8.17
N LEU A 96 12.21 6.91 -7.08
CA LEU A 96 13.25 6.63 -6.11
C LEU A 96 14.48 6.03 -6.80
N GLN A 97 14.25 5.07 -7.69
CA GLN A 97 15.34 4.43 -8.42
C GLN A 97 16.17 5.45 -9.19
N HIS A 98 15.49 6.33 -9.91
CA HIS A 98 16.16 7.37 -10.69
C HIS A 98 16.82 8.39 -9.79
N ALA A 99 16.13 8.75 -8.71
CA ALA A 99 16.66 9.73 -7.76
C ALA A 99 17.85 9.17 -7.00
N MET A 100 17.79 7.88 -6.67
CA MET A 100 18.87 7.23 -5.94
C MET A 100 20.21 7.40 -6.67
N GLY A 101 20.20 7.12 -7.96
CA GLY A 101 21.42 7.25 -8.75
C GLY A 101 21.41 6.36 -9.97
N ILE A 102 20.27 6.30 -10.66
CA ILE A 102 20.13 5.48 -11.85
C ILE A 102 19.40 6.24 -12.95
N HIS A 103 19.61 5.81 -14.20
CA HIS A 103 18.97 6.45 -15.35
C HIS A 103 18.30 5.42 -16.24
N ALA A 104 17.04 5.67 -16.58
CA ALA A 104 16.29 4.76 -17.43
C ALA A 104 16.71 4.90 -18.89
N ASP A 105 16.72 3.77 -19.62
CA ASP A 105 17.11 3.77 -21.02
C ASP A 105 16.16 2.91 -21.84
N ILE A 106 15.06 3.50 -22.28
CA ILE A 106 14.06 2.80 -23.08
C ILE A 106 13.82 3.50 -24.41
N ASP A 2 -22.38 -7.15 -6.36
CA ASP A 2 -22.23 -5.72 -5.97
C ASP A 2 -20.78 -5.39 -5.62
N ASN A 3 -20.14 -6.30 -4.87
CA ASN A 3 -18.76 -6.12 -4.46
C ASN A 3 -17.91 -7.29 -4.89
N VAL A 4 -16.63 -7.25 -4.53
CA VAL A 4 -15.70 -8.33 -4.88
C VAL A 4 -15.77 -9.47 -3.86
N THR A 5 -15.42 -10.66 -4.31
CA THR A 5 -15.45 -11.84 -3.44
C THR A 5 -14.55 -11.65 -2.23
N SER A 6 -14.82 -12.40 -1.17
CA SER A 6 -14.03 -12.32 0.06
C SER A 6 -12.56 -12.64 -0.23
N SER A 7 -12.34 -13.63 -1.09
CA SER A 7 -10.99 -14.04 -1.45
C SER A 7 -10.29 -12.95 -2.26
N GLN A 8 -11.08 -12.13 -2.95
CA GLN A 8 -10.54 -11.06 -3.76
C GLN A 8 -10.14 -9.87 -2.89
N LEU A 9 -10.97 -9.56 -1.89
CA LEU A 9 -10.69 -8.45 -0.99
C LEU A 9 -9.29 -8.58 -0.41
N LEU A 10 -8.95 -9.80 0.02
CA LEU A 10 -7.64 -10.08 0.57
C LEU A 10 -6.62 -10.28 -0.55
N SER A 11 -7.09 -10.78 -1.69
CA SER A 11 -6.21 -11.02 -2.84
C SER A 11 -5.45 -9.75 -3.21
N VAL A 12 -6.17 -8.64 -3.31
CA VAL A 12 -5.55 -7.37 -3.66
C VAL A 12 -4.70 -6.84 -2.51
N ARG A 13 -5.18 -7.03 -1.28
CA ARG A 13 -4.45 -6.57 -0.11
C ARG A 13 -3.09 -7.27 -0.02
N HIS A 14 -3.01 -8.46 -0.61
CA HIS A 14 -1.78 -9.23 -0.60
C HIS A 14 -0.78 -8.62 -1.58
N GLN A 15 -1.29 -8.12 -2.71
CA GLN A 15 -0.44 -7.51 -3.72
C GLN A 15 -0.13 -6.06 -3.37
N LEU A 16 -1.08 -5.41 -2.70
CA LEU A 16 -0.91 -4.01 -2.29
C LEU A 16 0.03 -3.91 -1.10
N ALA A 17 -0.41 -4.42 0.05
CA ALA A 17 0.41 -4.40 1.26
C ALA A 17 1.84 -4.85 0.99
N GLU A 18 1.98 -5.96 0.26
CA GLU A 18 3.30 -6.48 -0.06
C GLU A 18 4.14 -5.44 -0.78
N SER A 19 3.67 -5.01 -1.94
CA SER A 19 4.38 -4.00 -2.73
C SER A 19 4.54 -2.71 -1.93
N ALA A 20 3.64 -2.48 -1.00
CA ALA A 20 3.68 -1.27 -0.16
C ALA A 20 4.81 -1.35 0.86
N GLY A 21 6.04 -1.41 0.38
CA GLY A 21 7.18 -1.48 1.27
C GLY A 21 8.49 -1.66 0.52
N LEU A 22 9.34 -0.65 0.57
CA LEU A 22 10.64 -0.71 -0.10
C LEU A 22 11.47 -1.87 0.45
N PRO A 23 12.31 -2.49 -0.40
CA PRO A 23 13.15 -3.63 0.00
C PRO A 23 14.12 -3.26 1.12
N ARG A 24 15.27 -2.69 0.76
CA ARG A 24 16.27 -2.29 1.75
C ARG A 24 17.04 -1.05 1.29
N ASP A 25 17.87 -1.22 0.28
CA ASP A 25 18.68 -0.11 -0.24
C ASP A 25 17.79 1.09 -0.57
N GLN A 26 16.59 0.82 -1.05
CA GLN A 26 15.65 1.88 -1.41
C GLN A 26 15.30 2.73 -0.18
N HIS A 27 15.25 2.09 0.98
CA HIS A 27 14.94 2.78 2.22
C HIS A 27 16.12 3.59 2.71
N GLU A 28 17.31 3.02 2.60
CA GLU A 28 18.54 3.69 3.03
C GLU A 28 18.75 5.00 2.29
N PHE A 29 18.09 5.15 1.15
CA PHE A 29 18.22 6.35 0.34
C PHE A 29 17.06 7.33 0.61
N VAL A 30 15.86 6.79 0.78
CA VAL A 30 14.69 7.62 1.01
C VAL A 30 14.61 8.14 2.45
N SER A 31 15.47 7.63 3.32
CA SER A 31 15.45 8.05 4.72
C SER A 31 16.80 8.65 5.17
N SER A 32 17.89 8.03 4.74
CA SER A 32 19.23 8.49 5.12
C SER A 32 19.79 9.51 4.13
N GLN A 33 19.14 9.69 2.99
CA GLN A 33 19.62 10.63 1.98
C GLN A 33 18.52 11.58 1.52
N ALA A 34 17.47 11.03 0.93
CA ALA A 34 16.35 11.83 0.43
C ALA A 34 15.94 12.93 1.41
N PRO A 35 15.41 14.05 0.89
CA PRO A 35 14.98 15.17 1.73
C PRO A 35 13.71 14.87 2.51
N GLN A 36 13.47 15.64 3.56
CA GLN A 36 12.29 15.45 4.40
C GLN A 36 11.03 15.29 3.56
N SER A 37 10.91 16.11 2.52
CA SER A 37 9.75 16.06 1.63
C SER A 37 9.57 14.65 1.07
N LEU A 38 10.67 13.94 0.89
CA LEU A 38 10.64 12.59 0.37
C LEU A 38 10.39 11.58 1.49
N ARG A 39 10.83 11.91 2.69
CA ARG A 39 10.66 11.03 3.85
C ARG A 39 9.22 11.10 4.38
N ASN A 40 8.72 12.31 4.60
CA ASN A 40 7.37 12.49 5.12
C ASN A 40 6.34 11.91 4.15
N ARG A 41 6.57 12.10 2.85
CA ARG A 41 5.65 11.60 1.84
C ARG A 41 5.69 10.07 1.78
N TYR A 42 6.84 9.50 2.17
CA TYR A 42 7.01 8.04 2.16
C TYR A 42 5.97 7.38 3.06
N ASN A 43 5.97 7.74 4.34
CA ASN A 43 5.03 7.17 5.29
C ASN A 43 3.62 7.69 5.05
N ASN A 44 3.51 8.89 4.49
CA ASN A 44 2.21 9.48 4.21
C ASN A 44 1.38 8.58 3.30
N LEU A 45 1.88 8.32 2.10
CA LEU A 45 1.17 7.47 1.14
C LEU A 45 0.89 6.10 1.74
N TYR A 46 1.81 5.61 2.56
CA TYR A 46 1.65 4.31 3.19
C TYR A 46 0.62 4.37 4.32
N SER A 47 0.56 5.52 4.99
CA SER A 47 -0.39 5.70 6.09
C SER A 47 -1.81 5.37 5.64
N HIS A 48 -2.12 5.73 4.39
CA HIS A 48 -3.44 5.46 3.83
C HIS A 48 -3.51 4.04 3.31
N THR A 49 -2.35 3.47 2.96
CA THR A 49 -2.29 2.11 2.45
C THR A 49 -2.54 1.09 3.56
N GLN A 50 -1.95 1.33 4.72
CA GLN A 50 -2.11 0.42 5.86
C GLN A 50 -3.54 0.45 6.39
N ARG A 51 -4.12 1.64 6.46
CA ARG A 51 -5.48 1.79 6.96
C ARG A 51 -6.51 1.31 5.93
N THR A 52 -6.10 1.24 4.67
CA THR A 52 -6.99 0.79 3.60
C THR A 52 -7.09 -0.73 3.57
N LEU A 53 -5.94 -1.40 3.53
CA LEU A 53 -5.91 -2.86 3.48
C LEU A 53 -6.68 -3.45 4.66
N ASP A 54 -6.61 -2.78 5.81
CA ASP A 54 -7.29 -3.22 7.02
C ASP A 54 -8.79 -3.40 6.76
N MET A 55 -9.30 -2.69 5.76
CA MET A 55 -10.72 -2.77 5.41
C MET A 55 -11.02 -4.00 4.56
N ALA A 56 -9.98 -4.77 4.25
CA ALA A 56 -10.15 -5.97 3.43
C ALA A 56 -9.89 -7.25 4.23
N ASP A 57 -9.08 -7.12 5.28
CA ASP A 57 -8.74 -8.26 6.13
C ASP A 57 -9.65 -8.33 7.35
N MET A 58 -10.91 -7.95 7.18
CA MET A 58 -11.87 -7.97 8.28
C MET A 58 -13.17 -8.67 7.88
N GLN A 59 -13.74 -8.24 6.76
CA GLN A 59 -15.01 -8.79 6.27
C GLN A 59 -15.10 -10.29 6.50
N HIS A 60 -14.30 -11.06 5.76
CA HIS A 60 -14.28 -12.52 5.89
C HIS A 60 -13.82 -12.95 7.28
N ARG A 61 -14.65 -12.73 8.28
CA ARG A 61 -14.31 -13.09 9.66
C ARG A 61 -13.89 -14.55 9.74
N TYR A 62 -14.46 -15.39 8.89
CA TYR A 62 -14.13 -16.81 8.87
C TYR A 62 -12.64 -17.01 8.65
N MET A 63 -12.11 -16.38 7.61
CA MET A 63 -10.70 -16.48 7.29
C MET A 63 -9.86 -15.56 8.16
N THR A 64 -10.42 -14.40 8.50
CA THR A 64 -9.72 -13.43 9.34
C THR A 64 -10.60 -12.22 9.65
N GLY A 65 -10.55 -11.77 10.91
CA GLY A 65 -11.34 -10.63 11.32
C GLY A 65 -12.04 -10.84 12.63
N ALA A 66 -13.23 -11.45 12.56
CA ALA A 66 -14.05 -11.76 13.74
C ALA A 66 -13.74 -10.90 14.96
N SER A 67 -13.42 -9.62 14.73
CA SER A 67 -13.11 -8.70 15.82
C SER A 67 -13.81 -7.35 15.61
N GLY A 68 -13.69 -6.47 16.58
CA GLY A 68 -14.31 -5.16 16.48
C GLY A 68 -13.88 -4.41 15.24
N ILE A 69 -14.68 -4.51 14.18
CA ILE A 69 -14.36 -3.85 12.92
C ILE A 69 -14.84 -2.40 12.93
N ASN A 70 -14.70 -1.74 11.78
CA ASN A 70 -15.11 -0.34 11.64
C ASN A 70 -16.63 -0.22 11.68
N PRO A 71 -17.15 1.01 11.85
CA PRO A 71 -18.59 1.27 11.89
C PRO A 71 -19.27 1.06 10.54
N GLY A 72 -19.12 -0.15 9.98
CA GLY A 72 -19.71 -0.45 8.69
C GLY A 72 -19.08 0.32 7.56
N MET A 73 -18.62 -0.39 6.54
CA MET A 73 -17.99 0.24 5.39
C MET A 73 -18.30 -0.55 4.11
N LEU A 74 -17.99 0.05 2.96
CA LEU A 74 -18.22 -0.59 1.68
C LEU A 74 -17.12 -1.59 1.35
N PRO A 75 -17.47 -2.82 0.95
CA PRO A 75 -16.48 -3.85 0.62
C PRO A 75 -15.57 -3.44 -0.53
N HIS A 76 -15.99 -2.43 -1.30
CA HIS A 76 -15.20 -1.96 -2.43
C HIS A 76 -14.32 -0.77 -2.04
N GLU A 77 -14.57 -0.19 -0.87
CA GLU A 77 -13.80 0.95 -0.40
C GLU A 77 -12.33 0.57 -0.25
N ASN A 78 -12.08 -0.71 0.03
CA ASN A 78 -10.72 -1.20 0.20
C ASN A 78 -10.03 -1.41 -1.15
N VAL A 79 -10.66 -2.19 -2.03
CA VAL A 79 -10.09 -2.47 -3.34
C VAL A 79 -9.77 -1.19 -4.11
N ASP A 80 -10.71 -0.25 -4.10
CA ASP A 80 -10.53 1.01 -4.79
C ASP A 80 -9.35 1.77 -4.22
N ASP A 81 -9.36 1.99 -2.91
CA ASP A 81 -8.29 2.70 -2.22
C ASP A 81 -6.98 1.93 -2.31
N MET A 82 -7.06 0.62 -2.53
CA MET A 82 -5.88 -0.22 -2.63
C MET A 82 -5.06 0.13 -3.87
N ARG A 83 -5.68 -0.05 -5.03
CA ARG A 83 -5.02 0.26 -6.30
C ARG A 83 -4.45 1.67 -6.29
N SER A 84 -5.05 2.54 -5.48
CA SER A 84 -4.60 3.92 -5.38
C SER A 84 -3.21 3.97 -4.74
N ALA A 85 -2.97 3.10 -3.76
CA ALA A 85 -1.69 3.05 -3.08
C ALA A 85 -0.57 2.73 -4.07
N ILE A 86 -0.79 1.73 -4.90
CA ILE A 86 0.20 1.33 -5.90
C ILE A 86 0.52 2.49 -6.84
N THR A 87 -0.44 3.37 -7.05
CA THR A 87 -0.25 4.52 -7.92
C THR A 87 0.86 5.40 -7.39
N ASP A 88 0.92 5.54 -6.07
CA ASP A 88 1.94 6.36 -5.43
C ASP A 88 3.21 5.54 -5.21
N TRP A 89 3.03 4.29 -4.77
CA TRP A 89 4.15 3.39 -4.53
C TRP A 89 4.88 3.10 -5.83
N SER A 90 4.13 2.71 -6.85
CA SER A 90 4.71 2.40 -8.16
C SER A 90 5.51 3.59 -8.68
N ASP A 91 4.92 4.78 -8.55
CA ASP A 91 5.56 6.00 -9.01
C ASP A 91 6.90 6.20 -8.30
N MET A 92 6.96 5.81 -7.04
CA MET A 92 8.18 5.94 -6.25
C MET A 92 9.23 4.93 -6.71
N ARG A 93 8.77 3.76 -7.16
CA ARG A 93 9.67 2.73 -7.64
C ARG A 93 10.58 3.26 -8.73
N GLU A 94 10.02 4.06 -9.63
CA GLU A 94 10.78 4.65 -10.73
C GLU A 94 11.49 5.92 -10.28
N ALA A 95 10.79 6.75 -9.53
CA ALA A 95 11.35 8.01 -9.04
C ALA A 95 12.50 7.75 -8.07
N LEU A 96 12.22 7.00 -7.01
CA LEU A 96 13.23 6.68 -6.00
C LEU A 96 14.44 6.01 -6.63
N GLN A 97 14.19 5.08 -7.54
CA GLN A 97 15.26 4.36 -8.23
C GLN A 97 16.15 5.33 -9.00
N HIS A 98 15.52 6.25 -9.72
CA HIS A 98 16.25 7.24 -10.50
C HIS A 98 16.99 8.22 -9.60
N ALA A 99 16.25 8.81 -8.66
CA ALA A 99 16.83 9.77 -7.72
C ALA A 99 18.00 9.16 -6.97
N MET A 100 17.93 7.86 -6.72
CA MET A 100 18.98 7.15 -6.01
C MET A 100 20.27 7.11 -6.84
N GLY A 101 20.10 7.07 -8.16
CA GLY A 101 21.25 7.02 -9.05
C GLY A 101 21.19 5.86 -10.01
N ILE A 102 20.00 5.56 -10.52
CA ILE A 102 19.81 4.47 -11.46
C ILE A 102 19.06 4.93 -12.70
N HIS A 103 19.22 4.19 -13.79
CA HIS A 103 18.56 4.52 -15.04
C HIS A 103 17.82 3.32 -15.62
N ALA A 104 16.56 3.52 -15.97
CA ALA A 104 15.74 2.44 -16.53
C ALA A 104 15.26 2.79 -17.94
N ASP A 105 15.12 1.77 -18.78
CA ASP A 105 14.67 1.97 -20.15
C ASP A 105 13.90 0.75 -20.65
N ILE A 106 12.64 0.65 -20.25
CA ILE A 106 11.80 -0.48 -20.67
C ILE A 106 12.26 -1.77 -20.01
N ASP A 2 -24.61 -6.56 -4.09
CA ASP A 2 -23.72 -7.67 -3.66
C ASP A 2 -22.29 -7.18 -3.49
N ASN A 3 -21.54 -7.84 -2.61
CA ASN A 3 -20.15 -7.48 -2.35
C ASN A 3 -19.20 -8.43 -3.08
N VAL A 4 -18.05 -7.90 -3.49
CA VAL A 4 -17.04 -8.71 -4.19
C VAL A 4 -16.71 -9.97 -3.40
N THR A 5 -16.18 -10.96 -4.09
CA THR A 5 -15.81 -12.23 -3.46
C THR A 5 -14.80 -12.00 -2.35
N SER A 6 -14.96 -12.73 -1.25
CA SER A 6 -14.06 -12.61 -0.11
C SER A 6 -12.60 -12.80 -0.53
N SER A 7 -12.40 -13.62 -1.55
CA SER A 7 -11.05 -13.88 -2.05
C SER A 7 -10.51 -12.67 -2.79
N GLN A 8 -11.41 -11.90 -3.39
CA GLN A 8 -11.01 -10.71 -4.14
C GLN A 8 -10.57 -9.61 -3.17
N LEU A 9 -11.30 -9.46 -2.07
CA LEU A 9 -10.96 -8.48 -1.07
C LEU A 9 -9.54 -8.70 -0.56
N LEU A 10 -9.24 -9.97 -0.27
CA LEU A 10 -7.91 -10.33 0.21
C LEU A 10 -6.92 -10.47 -0.95
N SER A 11 -7.44 -10.53 -2.17
CA SER A 11 -6.59 -10.66 -3.35
C SER A 11 -5.79 -9.37 -3.57
N VAL A 12 -6.36 -8.25 -3.15
CA VAL A 12 -5.71 -6.96 -3.30
C VAL A 12 -4.86 -6.61 -2.09
N ARG A 13 -5.35 -6.95 -0.90
CA ARG A 13 -4.59 -6.67 0.32
C ARG A 13 -3.26 -7.43 0.29
N HIS A 14 -3.25 -8.56 -0.42
CA HIS A 14 -2.05 -9.37 -0.54
C HIS A 14 -1.12 -8.80 -1.61
N GLN A 15 -1.71 -8.34 -2.71
CA GLN A 15 -0.92 -7.76 -3.80
C GLN A 15 -0.39 -6.38 -3.41
N LEU A 16 -1.20 -5.62 -2.68
CA LEU A 16 -0.80 -4.29 -2.25
C LEU A 16 0.32 -4.37 -1.22
N ALA A 17 0.03 -4.98 -0.07
CA ALA A 17 1.01 -5.13 0.99
C ALA A 17 2.32 -5.70 0.46
N GLU A 18 2.22 -6.53 -0.58
CA GLU A 18 3.39 -7.14 -1.18
C GLU A 18 4.35 -6.08 -1.71
N SER A 19 3.80 -5.09 -2.41
CA SER A 19 4.60 -4.00 -2.95
C SER A 19 4.78 -2.89 -1.93
N ALA A 20 3.81 -2.75 -1.03
CA ALA A 20 3.86 -1.73 0.00
C ALA A 20 4.86 -2.11 1.09
N GLY A 21 6.13 -2.18 0.72
CA GLY A 21 7.17 -2.54 1.68
C GLY A 21 8.56 -2.22 1.17
N LEU A 22 9.29 -1.39 1.89
CA LEU A 22 10.64 -1.01 1.51
C LEU A 22 11.63 -2.15 1.78
N PRO A 23 12.41 -2.56 0.77
CA PRO A 23 13.39 -3.63 0.93
C PRO A 23 14.52 -3.27 1.89
N ARG A 24 15.58 -2.65 1.38
CA ARG A 24 16.70 -2.25 2.21
C ARG A 24 17.37 -0.97 1.68
N ASP A 25 18.06 -1.11 0.56
CA ASP A 25 18.74 0.04 -0.05
C ASP A 25 17.75 1.15 -0.42
N GLN A 26 16.63 0.77 -0.99
CA GLN A 26 15.60 1.74 -1.39
C GLN A 26 15.23 2.65 -0.23
N HIS A 27 15.33 2.13 0.99
CA HIS A 27 15.00 2.90 2.18
C HIS A 27 16.22 3.69 2.67
N GLU A 28 17.38 3.07 2.56
CA GLU A 28 18.63 3.70 2.99
C GLU A 28 18.84 5.05 2.30
N PHE A 29 18.19 5.24 1.15
CA PHE A 29 18.31 6.48 0.40
C PHE A 29 17.18 7.45 0.74
N VAL A 30 15.95 6.99 0.55
CA VAL A 30 14.78 7.81 0.82
C VAL A 30 14.67 8.24 2.28
N SER A 31 15.47 7.62 3.15
CA SER A 31 15.44 7.96 4.57
C SER A 31 16.77 8.50 5.08
N SER A 32 17.87 8.00 4.51
CA SER A 32 19.20 8.44 4.92
C SER A 32 19.83 9.41 3.93
N GLN A 33 19.21 9.56 2.75
CA GLN A 33 19.75 10.45 1.73
C GLN A 33 18.72 11.49 1.29
N ALA A 34 17.66 11.04 0.66
CA ALA A 34 16.59 11.92 0.17
C ALA A 34 16.24 13.00 1.19
N PRO A 35 15.74 14.16 0.70
CA PRO A 35 15.36 15.28 1.56
C PRO A 35 14.16 14.97 2.45
N GLN A 36 14.00 15.75 3.52
CA GLN A 36 12.89 15.55 4.44
C GLN A 36 11.55 15.55 3.71
N SER A 37 11.46 16.37 2.66
CA SER A 37 10.24 16.46 1.87
C SER A 37 9.86 15.10 1.30
N LEU A 38 10.86 14.35 0.84
CA LEU A 38 10.63 13.03 0.28
C LEU A 38 10.25 12.04 1.37
N ARG A 39 10.76 12.27 2.58
CA ARG A 39 10.48 11.39 3.71
C ARG A 39 9.05 11.61 4.23
N ASN A 40 8.57 12.85 4.12
CA ASN A 40 7.23 13.19 4.57
C ASN A 40 6.18 12.41 3.78
N ARG A 41 6.36 12.38 2.46
CA ARG A 41 5.43 11.68 1.59
C ARG A 41 5.58 10.17 1.71
N TYR A 42 6.77 9.74 2.14
CA TYR A 42 7.05 8.31 2.30
C TYR A 42 6.05 7.65 3.24
N ASN A 43 5.97 8.17 4.47
CA ASN A 43 5.05 7.62 5.46
C ASN A 43 3.61 7.98 5.14
N ASN A 44 3.42 9.11 4.45
CA ASN A 44 2.08 9.56 4.08
C ASN A 44 1.38 8.54 3.19
N LEU A 45 1.97 8.25 2.03
CA LEU A 45 1.39 7.30 1.09
C LEU A 45 1.13 5.95 1.76
N TYR A 46 2.11 5.48 2.53
CA TYR A 46 1.97 4.21 3.22
C TYR A 46 0.93 4.29 4.33
N SER A 47 0.69 5.50 4.83
CA SER A 47 -0.28 5.70 5.89
C SER A 47 -1.66 5.18 5.47
N HIS A 48 -2.10 5.61 4.29
CA HIS A 48 -3.40 5.19 3.77
C HIS A 48 -3.35 3.74 3.29
N THR A 49 -2.15 3.24 3.03
CA THR A 49 -1.97 1.87 2.55
C THR A 49 -2.21 0.88 3.69
N GLN A 50 -1.63 1.16 4.85
CA GLN A 50 -1.77 0.30 6.01
C GLN A 50 -3.23 0.20 6.46
N ARG A 51 -3.91 1.34 6.48
CA ARG A 51 -5.31 1.38 6.90
C ARG A 51 -6.23 0.76 5.85
N THR A 52 -5.83 0.86 4.58
CA THR A 52 -6.63 0.30 3.49
C THR A 52 -6.60 -1.22 3.51
N LEU A 53 -5.41 -1.78 3.71
CA LEU A 53 -5.25 -3.24 3.76
C LEU A 53 -6.17 -3.86 4.82
N ASP A 54 -6.54 -3.07 5.82
CA ASP A 54 -7.40 -3.54 6.89
C ASP A 54 -8.82 -3.81 6.36
N MET A 55 -9.38 -2.81 5.68
CA MET A 55 -10.73 -2.95 5.13
C MET A 55 -10.83 -4.17 4.23
N ALA A 56 -9.70 -4.58 3.67
CA ALA A 56 -9.66 -5.74 2.79
C ALA A 56 -9.38 -7.02 3.58
N ASP A 57 -9.44 -6.92 4.91
CA ASP A 57 -9.20 -8.07 5.77
C ASP A 57 -10.12 -8.03 6.99
N MET A 58 -11.41 -7.79 6.74
CA MET A 58 -12.39 -7.72 7.82
C MET A 58 -13.59 -8.61 7.52
N GLN A 59 -14.25 -8.36 6.40
CA GLN A 59 -15.43 -9.12 5.99
C GLN A 59 -15.24 -10.63 6.21
N HIS A 60 -14.00 -11.09 6.11
CA HIS A 60 -13.70 -12.51 6.29
C HIS A 60 -13.81 -12.91 7.74
N ARG A 61 -15.04 -12.96 8.24
CA ARG A 61 -15.29 -13.33 9.64
C ARG A 61 -14.62 -14.66 10.00
N TYR A 62 -14.33 -15.48 8.99
CA TYR A 62 -13.70 -16.78 9.23
C TYR A 62 -12.19 -16.72 9.03
N MET A 63 -11.73 -15.85 8.15
CA MET A 63 -10.30 -15.72 7.86
C MET A 63 -9.65 -14.63 8.71
N THR A 64 -10.44 -13.70 9.21
CA THR A 64 -9.91 -12.62 10.03
C THR A 64 -10.82 -12.35 11.24
N GLY A 65 -10.68 -11.16 11.83
CA GLY A 65 -11.48 -10.82 12.99
C GLY A 65 -12.74 -10.05 12.63
N ALA A 66 -13.89 -10.70 12.79
CA ALA A 66 -15.17 -10.07 12.48
C ALA A 66 -15.83 -9.53 13.74
N SER A 67 -15.02 -9.03 14.67
CA SER A 67 -15.53 -8.48 15.91
C SER A 67 -15.59 -6.95 15.85
N GLY A 68 -14.78 -6.27 16.68
CA GLY A 68 -14.79 -4.82 16.67
C GLY A 68 -14.25 -4.24 15.38
N ILE A 69 -15.03 -4.34 14.31
CA ILE A 69 -14.62 -3.82 13.01
C ILE A 69 -14.90 -2.33 12.91
N ASN A 70 -14.65 -1.77 11.72
CA ASN A 70 -14.88 -0.36 11.48
C ASN A 70 -16.37 -0.03 11.51
N PRO A 71 -16.72 1.26 11.57
CA PRO A 71 -18.12 1.71 11.59
C PRO A 71 -18.79 1.53 10.22
N GLY A 72 -18.81 0.29 9.73
CA GLY A 72 -19.43 0.02 8.44
C GLY A 72 -18.57 0.48 7.28
N MET A 73 -18.27 -0.43 6.36
CA MET A 73 -17.45 -0.10 5.20
C MET A 73 -17.96 -0.82 3.95
N LEU A 74 -17.59 -0.30 2.78
CA LEU A 74 -18.01 -0.90 1.52
C LEU A 74 -16.99 -1.95 1.07
N PRO A 75 -17.44 -2.91 0.23
CA PRO A 75 -16.56 -3.98 -0.26
C PRO A 75 -15.52 -3.49 -1.25
N HIS A 76 -15.95 -2.69 -2.22
CA HIS A 76 -15.05 -2.17 -3.24
C HIS A 76 -14.20 -1.01 -2.69
N GLU A 77 -14.52 -0.54 -1.49
CA GLU A 77 -13.78 0.55 -0.88
C GLU A 77 -12.30 0.19 -0.76
N ASN A 78 -12.02 -0.92 -0.10
CA ASN A 78 -10.65 -1.37 0.09
C ASN A 78 -9.98 -1.62 -1.25
N VAL A 79 -10.66 -2.37 -2.12
CA VAL A 79 -10.13 -2.69 -3.45
C VAL A 79 -9.68 -1.43 -4.18
N ASP A 80 -10.60 -0.50 -4.38
CA ASP A 80 -10.30 0.74 -5.08
C ASP A 80 -9.13 1.48 -4.42
N ASP A 81 -9.24 1.67 -3.11
CA ASP A 81 -8.20 2.36 -2.36
C ASP A 81 -6.89 1.58 -2.38
N MET A 82 -6.98 0.26 -2.59
CA MET A 82 -5.80 -0.59 -2.64
C MET A 82 -4.89 -0.18 -3.80
N ARG A 83 -5.44 -0.22 -5.00
CA ARG A 83 -4.70 0.15 -6.21
C ARG A 83 -4.13 1.56 -6.06
N SER A 84 -4.81 2.39 -5.26
CA SER A 84 -4.37 3.76 -5.03
C SER A 84 -2.97 3.78 -4.42
N ALA A 85 -2.72 2.86 -3.50
CA ALA A 85 -1.42 2.77 -2.84
C ALA A 85 -0.33 2.43 -3.85
N ILE A 86 -0.67 1.59 -4.83
CA ILE A 86 0.29 1.20 -5.86
C ILE A 86 0.67 2.39 -6.73
N THR A 87 -0.28 3.30 -6.93
CA THR A 87 -0.03 4.49 -7.74
C THR A 87 1.14 5.28 -7.17
N ASP A 88 1.06 5.58 -5.88
CA ASP A 88 2.11 6.32 -5.20
C ASP A 88 3.36 5.46 -5.04
N TRP A 89 3.16 4.24 -4.55
CA TRP A 89 4.28 3.30 -4.36
C TRP A 89 5.00 3.04 -5.67
N SER A 90 4.27 2.56 -6.67
CA SER A 90 4.84 2.28 -7.98
C SER A 90 5.60 3.49 -8.51
N ASP A 91 5.01 4.66 -8.34
CA ASP A 91 5.63 5.90 -8.80
C ASP A 91 6.97 6.11 -8.09
N MET A 92 7.05 5.66 -6.84
CA MET A 92 8.27 5.80 -6.05
C MET A 92 9.32 4.80 -6.52
N ARG A 93 8.89 3.60 -6.87
CA ARG A 93 9.80 2.55 -7.34
C ARG A 93 10.72 3.08 -8.43
N GLU A 94 10.15 3.86 -9.35
CA GLU A 94 10.92 4.42 -10.45
C GLU A 94 11.59 5.73 -10.03
N ALA A 95 10.87 6.54 -9.26
CA ALA A 95 11.40 7.82 -8.79
C ALA A 95 12.60 7.61 -7.88
N LEU A 96 12.39 6.85 -6.80
CA LEU A 96 13.46 6.58 -5.84
C LEU A 96 14.65 5.93 -6.53
N GLN A 97 14.37 4.95 -7.37
CA GLN A 97 15.42 4.24 -8.10
C GLN A 97 16.26 5.19 -8.93
N HIS A 98 15.58 6.07 -9.67
CA HIS A 98 16.26 7.05 -10.52
C HIS A 98 17.02 8.06 -9.66
N ALA A 99 16.39 8.52 -8.59
CA ALA A 99 17.01 9.49 -7.69
C ALA A 99 18.23 8.90 -7.01
N MET A 100 18.13 7.63 -6.61
CA MET A 100 19.23 6.95 -5.94
C MET A 100 20.48 6.95 -6.81
N GLY A 101 20.31 6.65 -8.09
CA GLY A 101 21.43 6.62 -9.00
C GLY A 101 21.23 5.65 -10.15
N ILE A 102 20.05 5.68 -10.75
CA ILE A 102 19.73 4.79 -11.86
C ILE A 102 19.10 5.56 -13.01
N HIS A 103 19.17 4.99 -14.22
CA HIS A 103 18.61 5.62 -15.40
C HIS A 103 17.78 4.63 -16.20
N ALA A 104 16.55 5.01 -16.54
CA ALA A 104 15.66 4.15 -17.30
C ALA A 104 15.78 4.44 -18.80
N ASP A 105 15.57 3.41 -19.61
CA ASP A 105 15.65 3.55 -21.06
C ASP A 105 14.72 2.56 -21.75
N ILE A 106 13.44 2.91 -21.80
CA ILE A 106 12.44 2.05 -22.43
C ILE A 106 12.21 0.78 -21.62
N ASP A 2 -21.26 -5.53 -8.37
CA ASP A 2 -21.20 -6.14 -7.01
C ASP A 2 -19.78 -6.09 -6.46
N ASN A 3 -19.61 -6.60 -5.24
CA ASN A 3 -18.30 -6.61 -4.59
C ASN A 3 -17.50 -7.84 -5.01
N VAL A 4 -16.32 -7.99 -4.43
CA VAL A 4 -15.45 -9.13 -4.73
C VAL A 4 -15.68 -10.27 -3.72
N THR A 5 -15.16 -11.44 -4.04
CA THR A 5 -15.31 -12.60 -3.17
C THR A 5 -14.43 -12.48 -1.93
N SER A 6 -14.76 -13.24 -0.89
CA SER A 6 -14.01 -13.22 0.36
C SER A 6 -12.55 -13.58 0.11
N SER A 7 -12.33 -14.54 -0.80
CA SER A 7 -10.98 -14.98 -1.12
C SER A 7 -10.20 -13.86 -1.82
N GLN A 8 -10.91 -13.03 -2.57
CA GLN A 8 -10.28 -11.93 -3.30
C GLN A 8 -10.01 -10.76 -2.35
N LEU A 9 -10.90 -10.56 -1.38
CA LEU A 9 -10.74 -9.48 -0.42
C LEU A 9 -9.36 -9.55 0.22
N LEU A 10 -8.99 -10.73 0.67
CA LEU A 10 -7.69 -10.94 1.28
C LEU A 10 -6.60 -11.07 0.21
N SER A 11 -7.00 -11.46 -0.99
CA SER A 11 -6.05 -11.60 -2.09
C SER A 11 -5.45 -10.26 -2.48
N VAL A 12 -6.22 -9.20 -2.28
CA VAL A 12 -5.77 -7.86 -2.63
C VAL A 12 -4.91 -7.27 -1.51
N ARG A 13 -5.31 -7.49 -0.25
CA ARG A 13 -4.55 -6.98 0.88
C ARG A 13 -3.21 -7.71 1.01
N HIS A 14 -3.12 -8.90 0.40
CA HIS A 14 -1.90 -9.68 0.45
C HIS A 14 -0.91 -9.19 -0.60
N GLN A 15 -1.43 -8.77 -1.75
CA GLN A 15 -0.59 -8.28 -2.85
C GLN A 15 -0.14 -6.83 -2.60
N LEU A 16 -1.02 -6.05 -1.98
CA LEU A 16 -0.72 -4.65 -1.69
C LEU A 16 0.22 -4.52 -0.50
N ALA A 17 -0.12 -5.21 0.59
CA ALA A 17 0.70 -5.18 1.81
C ALA A 17 2.15 -5.52 1.50
N GLU A 18 2.36 -6.62 0.79
CA GLU A 18 3.70 -7.06 0.44
C GLU A 18 4.41 -6.01 -0.41
N SER A 19 3.73 -5.53 -1.45
CA SER A 19 4.29 -4.52 -2.33
C SER A 19 4.53 -3.21 -1.59
N ALA A 20 3.72 -2.97 -0.55
CA ALA A 20 3.85 -1.75 0.24
C ALA A 20 5.14 -1.77 1.07
N GLY A 21 6.28 -1.68 0.38
CA GLY A 21 7.55 -1.68 1.07
C GLY A 21 8.73 -1.70 0.11
N LEU A 22 9.70 -0.83 0.36
CA LEU A 22 10.88 -0.75 -0.50
C LEU A 22 11.72 -2.01 -0.38
N PRO A 23 12.44 -2.40 -1.46
CA PRO A 23 13.27 -3.60 -1.48
C PRO A 23 14.38 -3.54 -0.43
N ARG A 24 15.45 -2.81 -0.72
CA ARG A 24 16.57 -2.69 0.22
C ARG A 24 17.26 -1.33 0.12
N ASP A 25 18.10 -1.16 -0.89
CA ASP A 25 18.83 0.09 -1.08
C ASP A 25 17.88 1.28 -1.20
N GLN A 26 16.70 1.03 -1.76
CA GLN A 26 15.71 2.09 -1.94
C GLN A 26 15.48 2.85 -0.63
N HIS A 27 15.57 2.14 0.49
CA HIS A 27 15.37 2.74 1.79
C HIS A 27 16.60 3.53 2.24
N GLU A 28 17.78 2.94 2.02
CA GLU A 28 19.03 3.57 2.39
C GLU A 28 19.16 4.96 1.76
N PHE A 29 18.43 5.20 0.68
CA PHE A 29 18.47 6.48 -0.01
C PHE A 29 17.35 7.41 0.48
N VAL A 30 16.13 6.90 0.47
CA VAL A 30 14.97 7.68 0.90
C VAL A 30 14.97 7.95 2.40
N SER A 31 15.87 7.29 3.14
CA SER A 31 15.92 7.47 4.59
C SER A 31 17.27 7.99 5.06
N SER A 32 18.33 7.60 4.37
CA SER A 32 19.68 8.02 4.75
C SER A 32 20.21 9.17 3.90
N GLN A 33 19.49 9.50 2.82
CA GLN A 33 19.92 10.59 1.95
C GLN A 33 18.80 11.58 1.66
N ALA A 34 17.73 11.09 1.03
CA ALA A 34 16.58 11.94 0.68
C ALA A 34 16.22 12.89 1.82
N PRO A 35 15.66 14.06 1.49
CA PRO A 35 15.26 15.07 2.48
C PRO A 35 13.98 14.69 3.21
N GLN A 36 13.76 15.29 4.37
CA GLN A 36 12.57 15.02 5.16
C GLN A 36 11.30 15.13 4.32
N SER A 37 11.34 15.98 3.31
CA SER A 37 10.20 16.17 2.42
C SER A 37 9.86 14.87 1.70
N LEU A 38 10.88 14.19 1.20
CA LEU A 38 10.69 12.93 0.50
C LEU A 38 10.22 11.85 1.46
N ARG A 39 10.66 11.94 2.70
CA ARG A 39 10.27 10.97 3.72
C ARG A 39 8.85 11.23 4.21
N ASN A 40 8.46 12.50 4.25
CA ASN A 40 7.13 12.88 4.69
C ASN A 40 6.06 12.24 3.80
N ARG A 41 6.28 12.31 2.49
CA ARG A 41 5.34 11.73 1.54
C ARG A 41 5.38 10.20 1.58
N TYR A 42 6.53 9.66 1.96
CA TYR A 42 6.70 8.21 2.05
C TYR A 42 5.66 7.59 2.98
N ASN A 43 5.48 8.20 4.15
CA ASN A 43 4.52 7.71 5.12
C ASN A 43 3.09 8.02 4.68
N ASN A 44 2.93 9.11 3.93
CA ASN A 44 1.62 9.51 3.44
C ASN A 44 0.98 8.40 2.61
N LEU A 45 1.60 8.10 1.47
CA LEU A 45 1.09 7.05 0.58
C LEU A 45 0.89 5.75 1.35
N TYR A 46 1.85 5.43 2.23
CA TYR A 46 1.77 4.22 3.03
C TYR A 46 0.63 4.30 4.04
N SER A 47 0.34 5.52 4.49
CA SER A 47 -0.73 5.73 5.46
C SER A 47 -2.04 5.14 4.94
N HIS A 48 -2.24 5.27 3.62
CA HIS A 48 -3.44 4.75 2.99
C HIS A 48 -3.31 3.24 2.75
N THR A 49 -2.07 2.76 2.68
CA THR A 49 -1.81 1.34 2.46
C THR A 49 -2.04 0.54 3.74
N GLN A 50 -1.73 1.16 4.88
CA GLN A 50 -1.89 0.51 6.17
C GLN A 50 -3.36 0.46 6.58
N ARG A 51 -4.13 1.45 6.15
CA ARG A 51 -5.55 1.51 6.49
C ARG A 51 -6.39 0.70 5.50
N THR A 52 -6.00 0.75 4.22
CA THR A 52 -6.71 0.00 3.19
C THR A 52 -6.67 -1.49 3.46
N LEU A 53 -5.49 -1.99 3.82
CA LEU A 53 -5.31 -3.42 4.11
C LEU A 53 -6.24 -3.84 5.24
N ASP A 54 -6.26 -3.06 6.31
CA ASP A 54 -7.10 -3.36 7.47
C ASP A 54 -8.56 -3.52 7.04
N MET A 55 -9.02 -2.63 6.16
CA MET A 55 -10.39 -2.68 5.66
C MET A 55 -10.60 -3.90 4.78
N ALA A 56 -9.53 -4.34 4.12
CA ALA A 56 -9.60 -5.50 3.25
C ALA A 56 -9.86 -6.78 4.05
N ASP A 57 -9.04 -7.00 5.08
CA ASP A 57 -9.17 -8.18 5.93
C ASP A 57 -10.15 -7.91 7.08
N MET A 58 -11.30 -7.35 6.74
CA MET A 58 -12.32 -7.05 7.74
C MET A 58 -13.68 -7.58 7.31
N GLN A 59 -14.04 -7.31 6.06
CA GLN A 59 -15.32 -7.75 5.51
C GLN A 59 -15.55 -9.24 5.72
N HIS A 60 -14.47 -9.99 5.87
CA HIS A 60 -14.57 -11.44 6.08
C HIS A 60 -15.19 -11.74 7.44
N ARG A 61 -16.48 -11.48 7.57
CA ARG A 61 -17.19 -11.72 8.82
C ARG A 61 -17.05 -13.17 9.27
N TYR A 62 -16.84 -14.07 8.31
CA TYR A 62 -16.71 -15.49 8.61
C TYR A 62 -15.25 -15.94 8.63
N MET A 63 -14.39 -15.28 7.86
CA MET A 63 -12.97 -15.63 7.80
C MET A 63 -12.14 -14.84 8.80
N THR A 64 -12.37 -13.53 8.89
CA THR A 64 -11.62 -12.69 9.81
C THR A 64 -12.45 -12.30 11.03
N GLY A 65 -11.98 -11.30 11.77
CA GLY A 65 -12.69 -10.86 12.95
C GLY A 65 -13.63 -9.69 12.68
N ALA A 66 -14.91 -10.00 12.53
CA ALA A 66 -15.93 -8.97 12.28
C ALA A 66 -16.49 -8.40 13.58
N SER A 67 -15.63 -8.29 14.60
CA SER A 67 -16.06 -7.77 15.90
C SER A 67 -15.65 -6.30 16.03
N GLY A 68 -14.75 -5.99 16.96
CA GLY A 68 -14.33 -4.61 17.14
C GLY A 68 -13.59 -4.07 15.93
N ILE A 69 -14.35 -3.76 14.88
CA ILE A 69 -13.78 -3.24 13.65
C ILE A 69 -14.34 -1.86 13.33
N ASN A 70 -13.96 -1.33 12.17
CA ASN A 70 -14.43 -0.02 11.73
C ASN A 70 -15.96 0.04 11.71
N PRO A 71 -16.54 1.25 11.64
CA PRO A 71 -18.00 1.43 11.62
C PRO A 71 -18.63 0.95 10.31
N GLY A 72 -18.39 -0.32 9.97
CA GLY A 72 -18.96 -0.86 8.76
C GLY A 72 -18.46 -0.17 7.51
N MET A 73 -17.91 -0.94 6.58
CA MET A 73 -17.39 -0.38 5.34
C MET A 73 -17.73 -1.28 4.15
N LEU A 74 -17.72 -0.71 2.95
CA LEU A 74 -18.04 -1.46 1.74
C LEU A 74 -16.90 -2.42 1.39
N PRO A 75 -17.23 -3.67 1.01
CA PRO A 75 -16.22 -4.68 0.65
C PRO A 75 -15.30 -4.22 -0.47
N HIS A 76 -15.74 -3.21 -1.23
CA HIS A 76 -14.94 -2.69 -2.33
C HIS A 76 -14.17 -1.43 -1.93
N GLU A 77 -14.47 -0.90 -0.75
CA GLU A 77 -13.78 0.30 -0.27
C GLU A 77 -12.29 0.03 -0.05
N ASN A 78 -11.98 -1.23 0.27
CA ASN A 78 -10.60 -1.63 0.50
C ASN A 78 -9.84 -1.82 -0.80
N VAL A 79 -10.40 -2.61 -1.71
CA VAL A 79 -9.77 -2.87 -3.00
C VAL A 79 -9.52 -1.57 -3.76
N ASP A 80 -10.36 -0.57 -3.51
CA ASP A 80 -10.22 0.73 -4.17
C ASP A 80 -8.96 1.43 -3.69
N ASP A 81 -8.86 1.63 -2.38
CA ASP A 81 -7.69 2.28 -1.79
C ASP A 81 -6.46 1.40 -1.95
N MET A 82 -6.68 0.11 -2.19
CA MET A 82 -5.60 -0.84 -2.37
C MET A 82 -4.70 -0.43 -3.55
N ARG A 83 -5.28 -0.48 -4.75
CA ARG A 83 -4.54 -0.11 -5.95
C ARG A 83 -3.99 1.30 -5.84
N SER A 84 -4.67 2.13 -5.04
CA SER A 84 -4.24 3.51 -4.83
C SER A 84 -2.83 3.56 -4.25
N ALA A 85 -2.51 2.57 -3.42
CA ALA A 85 -1.19 2.50 -2.80
C ALA A 85 -0.12 2.14 -3.83
N ILE A 86 -0.42 1.16 -4.67
CA ILE A 86 0.51 0.73 -5.69
C ILE A 86 0.84 1.86 -6.67
N THR A 87 -0.16 2.71 -6.93
CA THR A 87 0.04 3.84 -7.83
C THR A 87 1.17 4.72 -7.30
N ASP A 88 1.08 5.07 -6.03
CA ASP A 88 2.09 5.91 -5.39
C ASP A 88 3.37 5.11 -5.16
N TRP A 89 3.22 3.90 -4.63
CA TRP A 89 4.37 3.03 -4.35
C TRP A 89 5.12 2.73 -5.64
N SER A 90 4.41 2.21 -6.64
CA SER A 90 5.02 1.87 -7.92
C SER A 90 5.77 3.07 -8.49
N ASP A 91 5.16 4.25 -8.39
CA ASP A 91 5.78 5.47 -8.89
C ASP A 91 7.10 5.73 -8.17
N MET A 92 7.13 5.44 -6.87
CA MET A 92 8.33 5.64 -6.07
C MET A 92 9.46 4.75 -6.57
N ARG A 93 9.12 3.54 -7.00
CA ARG A 93 10.10 2.60 -7.51
C ARG A 93 10.91 3.23 -8.65
N GLU A 94 10.22 3.92 -9.54
CA GLU A 94 10.87 4.57 -10.67
C GLU A 94 11.47 5.91 -10.26
N ALA A 95 10.69 6.71 -9.55
CA ALA A 95 11.15 8.03 -9.10
C ALA A 95 12.32 7.89 -8.13
N LEU A 96 12.08 7.19 -7.02
CA LEU A 96 13.12 6.99 -6.01
C LEU A 96 14.39 6.42 -6.62
N GLN A 97 14.22 5.51 -7.59
CA GLN A 97 15.36 4.90 -8.25
C GLN A 97 16.19 5.94 -9.00
N HIS A 98 15.50 6.79 -9.76
CA HIS A 98 16.16 7.83 -10.53
C HIS A 98 16.94 8.78 -9.62
N ALA A 99 16.28 9.28 -8.59
CA ALA A 99 16.90 10.19 -7.64
C ALA A 99 18.08 9.51 -6.95
N MET A 100 17.98 8.20 -6.74
CA MET A 100 19.04 7.44 -6.10
C MET A 100 20.31 7.47 -6.93
N GLY A 101 20.16 7.23 -8.23
CA GLY A 101 21.31 7.24 -9.13
C GLY A 101 21.12 6.31 -10.31
N ILE A 102 19.91 6.32 -10.87
CA ILE A 102 19.61 5.48 -12.03
C ILE A 102 18.94 6.28 -13.14
N HIS A 103 19.01 5.76 -14.36
CA HIS A 103 18.41 6.43 -15.51
C HIS A 103 17.71 5.43 -16.42
N ALA A 104 16.38 5.47 -16.42
CA ALA A 104 15.60 4.56 -17.25
C ALA A 104 15.75 4.89 -18.73
N ASP A 105 15.55 3.90 -19.59
CA ASP A 105 15.67 4.08 -21.02
C ASP A 105 14.59 3.29 -21.77
N ILE A 106 13.42 3.90 -21.91
CA ILE A 106 12.32 3.27 -22.60
C ILE A 106 11.80 4.13 -23.76
N ASP A 2 -22.23 -7.64 -6.19
CA ASP A 2 -21.77 -6.68 -7.21
C ASP A 2 -20.28 -6.36 -7.04
N ASN A 3 -19.80 -6.45 -5.80
CA ASN A 3 -18.40 -6.17 -5.50
C ASN A 3 -17.53 -7.40 -5.76
N VAL A 4 -16.24 -7.27 -5.47
CA VAL A 4 -15.30 -8.36 -5.67
C VAL A 4 -15.52 -9.47 -4.66
N THR A 5 -14.99 -10.65 -4.94
CA THR A 5 -15.13 -11.80 -4.05
C THR A 5 -14.26 -11.64 -2.81
N SER A 6 -14.49 -12.52 -1.83
CA SER A 6 -13.72 -12.50 -0.60
C SER A 6 -12.25 -12.76 -0.86
N SER A 7 -11.97 -13.68 -1.79
CA SER A 7 -10.60 -14.02 -2.15
C SER A 7 -9.91 -12.83 -2.81
N GLN A 8 -10.67 -12.07 -3.57
CA GLN A 8 -10.13 -10.89 -4.25
C GLN A 8 -9.85 -9.77 -3.25
N LEU A 9 -10.74 -9.63 -2.26
CA LEU A 9 -10.57 -8.61 -1.23
C LEU A 9 -9.18 -8.72 -0.60
N LEU A 10 -8.82 -9.94 -0.23
CA LEU A 10 -7.52 -10.18 0.37
C LEU A 10 -6.44 -10.29 -0.69
N SER A 11 -6.84 -10.52 -1.94
CA SER A 11 -5.90 -10.63 -3.05
C SER A 11 -5.34 -9.26 -3.41
N VAL A 12 -6.10 -8.22 -3.09
CA VAL A 12 -5.68 -6.85 -3.37
C VAL A 12 -4.82 -6.30 -2.24
N ARG A 13 -5.16 -6.69 -1.03
CA ARG A 13 -4.42 -6.25 0.14
C ARG A 13 -3.09 -7.00 0.24
N HIS A 14 -3.09 -8.24 -0.26
CA HIS A 14 -1.89 -9.06 -0.25
C HIS A 14 -0.88 -8.52 -1.26
N GLN A 15 -1.39 -8.04 -2.40
CA GLN A 15 -0.55 -7.50 -3.44
C GLN A 15 -0.07 -6.08 -3.08
N LEU A 16 -0.90 -5.37 -2.33
CA LEU A 16 -0.58 -4.00 -1.93
C LEU A 16 0.35 -3.99 -0.72
N ALA A 17 0.00 -4.75 0.32
CA ALA A 17 0.80 -4.83 1.52
C ALA A 17 2.25 -5.21 1.20
N GLU A 18 2.40 -6.22 0.35
CA GLU A 18 3.72 -6.69 -0.05
C GLU A 18 4.52 -5.57 -0.70
N SER A 19 3.89 -4.86 -1.64
CA SER A 19 4.54 -3.76 -2.35
C SER A 19 4.75 -2.57 -1.42
N ALA A 20 3.88 -2.46 -0.40
CA ALA A 20 3.96 -1.36 0.55
C ALA A 20 5.14 -1.55 1.50
N GLY A 21 6.35 -1.33 0.99
CA GLY A 21 7.53 -1.48 1.81
C GLY A 21 8.82 -1.49 0.99
N LEU A 22 9.86 -0.88 1.53
CA LEU A 22 11.15 -0.82 0.84
C LEU A 22 11.87 -2.16 0.91
N PRO A 23 12.21 -2.76 -0.24
CA PRO A 23 12.91 -4.05 -0.28
C PRO A 23 14.16 -4.06 0.59
N ARG A 24 15.19 -3.32 0.18
CA ARG A 24 16.43 -3.27 0.94
C ARG A 24 17.12 -1.90 0.81
N ASP A 25 17.83 -1.70 -0.30
CA ASP A 25 18.54 -0.45 -0.54
C ASP A 25 17.58 0.72 -0.71
N GLN A 26 16.37 0.42 -1.19
CA GLN A 26 15.36 1.46 -1.40
C GLN A 26 15.19 2.33 -0.16
N HIS A 27 15.40 1.73 1.01
CA HIS A 27 15.26 2.45 2.27
C HIS A 27 16.50 3.30 2.56
N GLU A 28 17.67 2.66 2.49
CA GLU A 28 18.94 3.34 2.75
C GLU A 28 19.03 4.70 2.07
N PHE A 29 18.33 4.86 0.94
CA PHE A 29 18.35 6.11 0.20
C PHE A 29 17.19 7.02 0.62
N VAL A 30 15.97 6.53 0.45
CA VAL A 30 14.78 7.31 0.79
C VAL A 30 14.74 7.72 2.26
N SER A 31 15.59 7.11 3.09
CA SER A 31 15.60 7.43 4.51
C SER A 31 16.95 8.00 4.96
N SER A 32 18.03 7.63 4.28
CA SER A 32 19.36 8.10 4.65
C SER A 32 19.94 9.06 3.60
N GLN A 33 19.29 9.17 2.45
CA GLN A 33 19.78 10.05 1.40
C GLN A 33 18.72 11.06 0.96
N ALA A 34 17.63 10.56 0.38
CA ALA A 34 16.54 11.41 -0.10
C ALA A 34 16.24 12.55 0.87
N PRO A 35 15.76 13.70 0.34
CA PRO A 35 15.43 14.87 1.16
C PRO A 35 14.12 14.69 1.92
N GLN A 36 13.93 15.49 2.97
CA GLN A 36 12.72 15.42 3.78
C GLN A 36 11.46 15.40 2.89
N SER A 37 11.56 16.02 1.72
CA SER A 37 10.44 16.07 0.79
C SER A 37 9.99 14.66 0.41
N LEU A 38 10.97 13.82 0.07
CA LEU A 38 10.69 12.45 -0.32
C LEU A 38 10.40 11.59 0.90
N ARG A 39 10.98 11.96 2.04
CA ARG A 39 10.79 11.22 3.28
C ARG A 39 9.42 11.48 3.88
N ASN A 40 9.06 12.75 4.05
CA ASN A 40 7.78 13.10 4.63
C ASN A 40 6.62 12.51 3.82
N ARG A 41 6.80 12.41 2.51
CA ARG A 41 5.77 11.84 1.65
C ARG A 41 5.69 10.33 1.80
N TYR A 42 6.83 9.72 2.16
CA TYR A 42 6.91 8.28 2.34
C TYR A 42 5.88 7.81 3.37
N ASN A 43 5.88 8.46 4.53
CA ASN A 43 4.95 8.10 5.60
C ASN A 43 3.51 8.41 5.20
N ASN A 44 3.34 9.48 4.42
CA ASN A 44 2.01 9.89 3.97
C ASN A 44 1.36 8.80 3.13
N LEU A 45 1.98 8.47 2.00
CA LEU A 45 1.46 7.45 1.11
C LEU A 45 1.29 6.12 1.84
N TYR A 46 2.23 5.81 2.73
CA TYR A 46 2.17 4.57 3.49
C TYR A 46 1.10 4.64 4.58
N SER A 47 0.85 5.84 5.08
CA SER A 47 -0.17 6.04 6.12
C SER A 47 -1.50 5.44 5.68
N HIS A 48 -1.88 5.70 4.44
CA HIS A 48 -3.14 5.18 3.91
C HIS A 48 -3.02 3.68 3.63
N THR A 49 -1.85 3.26 3.16
CA THR A 49 -1.61 1.85 2.86
C THR A 49 -1.92 0.98 4.08
N GLN A 50 -1.58 1.48 5.26
CA GLN A 50 -1.81 0.75 6.49
C GLN A 50 -3.30 0.63 6.80
N ARG A 51 -3.98 1.77 6.90
CA ARG A 51 -5.41 1.79 7.19
C ARG A 51 -6.21 1.14 6.06
N THR A 52 -5.69 1.21 4.84
CA THR A 52 -6.35 0.63 3.69
C THR A 52 -6.40 -0.90 3.81
N LEU A 53 -5.23 -1.50 3.95
CA LEU A 53 -5.13 -2.95 4.08
C LEU A 53 -6.04 -3.48 5.19
N ASP A 54 -6.20 -2.67 6.24
CA ASP A 54 -7.04 -3.05 7.36
C ASP A 54 -8.49 -3.24 6.93
N MET A 55 -8.94 -2.38 6.02
CA MET A 55 -10.31 -2.45 5.51
C MET A 55 -10.51 -3.68 4.63
N ALA A 56 -9.44 -4.10 3.96
CA ALA A 56 -9.50 -5.27 3.09
C ALA A 56 -9.39 -6.56 3.89
N ASP A 57 -8.60 -6.53 4.96
CA ASP A 57 -8.42 -7.71 5.81
C ASP A 57 -9.42 -7.69 6.97
N MET A 58 -10.66 -7.30 6.67
CA MET A 58 -11.71 -7.24 7.68
C MET A 58 -12.97 -7.96 7.21
N GLN A 59 -13.32 -7.76 5.94
CA GLN A 59 -14.50 -8.36 5.34
C GLN A 59 -14.63 -9.85 5.72
N HIS A 60 -13.50 -10.50 5.97
CA HIS A 60 -13.50 -11.90 6.33
C HIS A 60 -13.70 -12.08 7.84
N ARG A 61 -14.75 -11.47 8.37
CA ARG A 61 -15.04 -11.56 9.79
C ARG A 61 -15.23 -13.02 10.21
N TYR A 62 -15.75 -13.83 9.30
CA TYR A 62 -15.98 -15.24 9.57
C TYR A 62 -14.66 -16.00 9.62
N MET A 63 -13.89 -15.92 8.55
CA MET A 63 -12.60 -16.60 8.47
C MET A 63 -11.65 -16.06 9.55
N THR A 64 -11.35 -14.77 9.47
CA THR A 64 -10.45 -14.13 10.43
C THR A 64 -11.21 -13.15 11.30
N GLY A 65 -10.78 -13.01 12.55
CA GLY A 65 -11.43 -12.10 13.46
C GLY A 65 -10.76 -10.74 13.50
N ALA A 66 -11.05 -9.92 12.51
CA ALA A 66 -10.47 -8.58 12.43
C ALA A 66 -10.74 -7.78 13.70
N SER A 67 -11.98 -7.36 13.89
CA SER A 67 -12.36 -6.60 15.07
C SER A 67 -13.85 -6.25 15.04
N GLY A 68 -14.25 -5.29 15.87
CA GLY A 68 -15.64 -4.89 15.92
C GLY A 68 -15.85 -3.49 15.36
N ILE A 69 -15.87 -3.38 14.03
CA ILE A 69 -16.06 -2.11 13.37
C ILE A 69 -17.52 -1.91 12.96
N ASN A 70 -17.77 -0.87 12.17
CA ASN A 70 -19.12 -0.57 11.70
C ASN A 70 -19.79 -1.84 11.16
N PRO A 71 -21.10 -1.77 10.85
CA PRO A 71 -21.85 -2.92 10.33
C PRO A 71 -21.37 -3.37 8.95
N GLY A 72 -20.08 -3.66 8.83
CA GLY A 72 -19.54 -4.11 7.56
C GLY A 72 -19.52 -3.02 6.51
N MET A 73 -18.33 -2.67 6.04
CA MET A 73 -18.16 -1.65 5.01
C MET A 73 -18.23 -2.29 3.62
N LEU A 74 -18.40 -1.46 2.60
CA LEU A 74 -18.47 -1.97 1.24
C LEU A 74 -17.14 -2.62 0.83
N PRO A 75 -17.20 -3.86 0.32
CA PRO A 75 -15.99 -4.60 -0.09
C PRO A 75 -15.17 -3.92 -1.18
N HIS A 76 -15.71 -2.85 -1.76
CA HIS A 76 -14.99 -2.13 -2.81
C HIS A 76 -14.28 -0.89 -2.29
N GLU A 77 -14.55 -0.54 -1.03
CA GLU A 77 -13.92 0.62 -0.42
C GLU A 77 -12.41 0.42 -0.30
N ASN A 78 -12.01 -0.69 0.29
CA ASN A 78 -10.60 -1.01 0.46
C ASN A 78 -9.91 -1.19 -0.89
N VAL A 79 -10.66 -1.72 -1.85
CA VAL A 79 -10.12 -1.95 -3.20
C VAL A 79 -9.57 -0.66 -3.79
N ASP A 80 -10.46 0.28 -4.08
CA ASP A 80 -10.06 1.56 -4.67
C ASP A 80 -8.96 2.22 -3.84
N ASP A 81 -9.08 2.11 -2.52
CA ASP A 81 -8.10 2.69 -1.62
C ASP A 81 -6.77 1.94 -1.69
N MET A 82 -6.85 0.64 -1.98
CA MET A 82 -5.66 -0.20 -2.08
C MET A 82 -4.74 0.33 -3.19
N ARG A 83 -5.28 0.39 -4.39
CA ARG A 83 -4.54 0.89 -5.55
C ARG A 83 -3.98 2.28 -5.27
N SER A 84 -4.65 3.03 -4.41
CA SER A 84 -4.22 4.36 -4.05
C SER A 84 -2.80 4.32 -3.49
N ALA A 85 -2.54 3.31 -2.65
CA ALA A 85 -1.23 3.15 -2.05
C ALA A 85 -0.19 2.79 -3.11
N ILE A 86 -0.51 1.80 -3.93
CA ILE A 86 0.40 1.37 -4.99
C ILE A 86 0.65 2.49 -5.99
N THR A 87 -0.32 3.40 -6.09
CA THR A 87 -0.21 4.53 -7.00
C THR A 87 0.99 5.39 -6.62
N ASP A 88 1.17 5.58 -5.31
CA ASP A 88 2.28 6.38 -4.80
C ASP A 88 3.53 5.51 -4.67
N TRP A 89 3.35 4.28 -4.21
CA TRP A 89 4.46 3.35 -4.05
C TRP A 89 5.07 3.01 -5.40
N SER A 90 4.22 2.68 -6.37
CA SER A 90 4.68 2.34 -7.71
C SER A 90 5.50 3.48 -8.29
N ASP A 91 4.94 4.69 -8.24
CA ASP A 91 5.64 5.87 -8.74
C ASP A 91 6.98 6.04 -8.04
N MET A 92 7.04 5.59 -6.79
CA MET A 92 8.26 5.69 -6.01
C MET A 92 9.32 4.75 -6.56
N ARG A 93 8.92 3.53 -6.88
CA ARG A 93 9.84 2.54 -7.44
C ARG A 93 10.66 3.13 -8.58
N GLU A 94 10.00 3.95 -9.40
CA GLU A 94 10.66 4.59 -10.54
C GLU A 94 11.39 5.84 -10.09
N ALA A 95 10.75 6.62 -9.22
CA ALA A 95 11.34 7.86 -8.72
C ALA A 95 12.56 7.57 -7.86
N LEU A 96 12.34 6.83 -6.77
CA LEU A 96 13.41 6.47 -5.85
C LEU A 96 14.60 5.88 -6.60
N GLN A 97 14.31 4.96 -7.52
CA GLN A 97 15.35 4.31 -8.30
C GLN A 97 16.08 5.32 -9.17
N HIS A 98 15.33 6.25 -9.76
CA HIS A 98 15.91 7.28 -10.61
C HIS A 98 16.74 8.26 -9.79
N ALA A 99 16.16 8.74 -8.70
CA ALA A 99 16.85 9.69 -7.83
C ALA A 99 18.15 9.11 -7.29
N MET A 100 18.08 7.89 -6.76
CA MET A 100 19.25 7.21 -6.21
C MET A 100 20.39 7.19 -7.23
N GLY A 101 20.04 7.07 -8.51
CA GLY A 101 21.04 7.04 -9.56
C GLY A 101 20.85 5.86 -10.50
N ILE A 102 19.62 5.64 -10.94
CA ILE A 102 19.31 4.55 -11.85
C ILE A 102 18.49 5.04 -13.04
N HIS A 103 18.51 4.27 -14.12
CA HIS A 103 17.77 4.62 -15.33
C HIS A 103 16.93 3.44 -15.82
N ALA A 104 15.65 3.71 -16.07
CA ALA A 104 14.74 2.68 -16.53
C ALA A 104 13.87 3.20 -17.68
N ASP A 105 13.45 2.28 -18.55
CA ASP A 105 12.62 2.63 -19.70
C ASP A 105 11.48 1.63 -19.89
N ILE A 106 10.39 1.82 -19.15
CA ILE A 106 9.24 0.94 -19.24
C ILE A 106 8.19 1.49 -20.19
N ASP A 2 -23.70 -5.25 -5.11
CA ASP A 2 -22.85 -6.46 -5.15
C ASP A 2 -21.38 -6.11 -5.19
N ASN A 3 -20.61 -6.60 -4.23
CA ASN A 3 -19.19 -6.33 -4.16
C ASN A 3 -18.37 -7.58 -4.48
N VAL A 4 -17.06 -7.42 -4.55
CA VAL A 4 -16.16 -8.53 -4.85
C VAL A 4 -16.33 -9.67 -3.85
N THR A 5 -15.58 -10.75 -4.04
CA THR A 5 -15.65 -11.90 -3.14
C THR A 5 -14.79 -11.69 -1.91
N SER A 6 -15.03 -12.49 -0.88
CA SER A 6 -14.26 -12.40 0.35
C SER A 6 -12.78 -12.68 0.08
N SER A 7 -12.53 -13.69 -0.75
CA SER A 7 -11.16 -14.06 -1.09
C SER A 7 -10.51 -12.95 -1.91
N GLN A 8 -11.34 -12.14 -2.57
CA GLN A 8 -10.83 -11.05 -3.38
C GLN A 8 -10.40 -9.88 -2.50
N LEU A 9 -11.18 -9.61 -1.46
CA LEU A 9 -10.88 -8.53 -0.53
C LEU A 9 -9.45 -8.67 -0.02
N LEU A 10 -9.10 -9.90 0.37
CA LEU A 10 -7.77 -10.18 0.87
C LEU A 10 -6.79 -10.38 -0.30
N SER A 11 -7.32 -10.79 -1.45
CA SER A 11 -6.49 -11.01 -2.63
C SER A 11 -5.76 -9.73 -3.02
N VAL A 12 -6.47 -8.60 -2.90
CA VAL A 12 -5.89 -7.31 -3.24
C VAL A 12 -4.99 -6.81 -2.12
N ARG A 13 -5.36 -7.13 -0.89
CA ARG A 13 -4.56 -6.71 0.27
C ARG A 13 -3.22 -7.43 0.28
N HIS A 14 -3.20 -8.64 -0.28
CA HIS A 14 -1.98 -9.44 -0.33
C HIS A 14 -1.01 -8.86 -1.35
N GLN A 15 -1.55 -8.38 -2.47
CA GLN A 15 -0.72 -7.80 -3.53
C GLN A 15 -0.31 -6.37 -3.19
N LEU A 16 -1.16 -5.67 -2.44
CA LEU A 16 -0.90 -4.29 -2.04
C LEU A 16 0.11 -4.25 -0.89
N ALA A 17 -0.32 -4.72 0.28
CA ALA A 17 0.54 -4.75 1.47
C ALA A 17 1.94 -5.26 1.15
N GLU A 18 2.01 -6.38 0.44
CA GLU A 18 3.30 -6.97 0.07
C GLU A 18 4.18 -5.95 -0.64
N SER A 19 3.68 -5.41 -1.75
CA SER A 19 4.43 -4.43 -2.52
C SER A 19 4.71 -3.18 -1.70
N ALA A 20 3.82 -2.89 -0.74
CA ALA A 20 3.97 -1.73 0.12
C ALA A 20 5.12 -1.89 1.09
N GLY A 21 6.34 -1.97 0.55
CA GLY A 21 7.52 -2.13 1.39
C GLY A 21 8.79 -2.20 0.57
N LEU A 22 9.62 -1.15 0.65
CA LEU A 22 10.88 -1.12 -0.07
C LEU A 22 11.79 -2.26 0.35
N PRO A 23 12.60 -2.79 -0.57
CA PRO A 23 13.51 -3.90 -0.28
C PRO A 23 14.54 -3.55 0.80
N ARG A 24 15.62 -2.88 0.40
CA ARG A 24 16.66 -2.48 1.34
C ARG A 24 17.33 -1.18 0.92
N ASP A 25 18.06 -1.23 -0.18
CA ASP A 25 18.75 -0.05 -0.70
C ASP A 25 17.76 1.08 -1.00
N GLN A 26 16.58 0.71 -1.46
CA GLN A 26 15.55 1.68 -1.78
C GLN A 26 15.21 2.55 -0.57
N HIS A 27 15.18 1.92 0.60
CA HIS A 27 14.87 2.62 1.84
C HIS A 27 16.09 3.39 2.36
N GLU A 28 17.26 2.82 2.14
CA GLU A 28 18.51 3.45 2.58
C GLU A 28 18.70 4.82 1.95
N PHE A 29 17.99 5.07 0.86
CA PHE A 29 18.10 6.35 0.15
C PHE A 29 16.95 7.29 0.54
N VAL A 30 15.73 6.78 0.49
CA VAL A 30 14.55 7.57 0.80
C VAL A 30 14.51 7.99 2.28
N SER A 31 15.40 7.43 3.10
CA SER A 31 15.41 7.76 4.52
C SER A 31 16.78 8.27 4.97
N SER A 32 17.85 7.68 4.42
CA SER A 32 19.20 8.07 4.80
C SER A 32 19.77 9.15 3.88
N GLN A 33 19.08 9.43 2.78
CA GLN A 33 19.56 10.44 1.83
C GLN A 33 18.47 11.45 1.48
N ALA A 34 17.40 10.96 0.84
CA ALA A 34 16.28 11.80 0.43
C ALA A 34 15.92 12.84 1.50
N PRO A 35 15.40 14.00 1.06
CA PRO A 35 15.00 15.08 1.98
C PRO A 35 13.73 14.76 2.74
N GLN A 36 13.52 15.46 3.85
CA GLN A 36 12.33 15.26 4.69
C GLN A 36 11.06 15.27 3.84
N SER A 37 11.10 15.99 2.72
CA SER A 37 9.95 16.08 1.83
C SER A 37 9.58 14.71 1.29
N LEU A 38 10.59 13.98 0.83
CA LEU A 38 10.38 12.64 0.28
C LEU A 38 10.20 11.63 1.41
N ARG A 39 10.87 11.87 2.53
CA ARG A 39 10.78 10.98 3.68
C ARG A 39 9.35 10.93 4.22
N ASN A 40 8.78 12.09 4.50
CA ASN A 40 7.41 12.16 5.01
C ASN A 40 6.44 11.55 4.01
N ARG A 41 6.77 11.67 2.73
CA ARG A 41 5.95 11.11 1.66
C ARG A 41 5.96 9.59 1.74
N TYR A 42 7.08 9.05 2.21
CA TYR A 42 7.24 7.60 2.35
C TYR A 42 6.18 7.02 3.29
N ASN A 43 6.15 7.53 4.51
CA ASN A 43 5.19 7.08 5.51
C ASN A 43 3.79 7.60 5.21
N ASN A 44 3.72 8.76 4.57
CA ASN A 44 2.44 9.36 4.21
C ASN A 44 1.64 8.45 3.29
N LEU A 45 2.20 8.17 2.12
CA LEU A 45 1.55 7.31 1.13
C LEU A 45 1.25 5.94 1.72
N TYR A 46 2.18 5.44 2.56
CA TYR A 46 2.01 4.14 3.18
C TYR A 46 0.97 4.21 4.30
N SER A 47 0.88 5.36 4.95
CA SER A 47 -0.07 5.54 6.05
C SER A 47 -1.48 5.15 5.59
N HIS A 48 -1.83 5.56 4.38
CA HIS A 48 -3.13 5.25 3.82
C HIS A 48 -3.20 3.79 3.39
N THR A 49 -2.05 3.25 2.96
CA THR A 49 -1.97 1.86 2.52
C THR A 49 -2.26 0.91 3.68
N GLN A 50 -1.71 1.22 4.84
CA GLN A 50 -1.89 0.38 6.03
C GLN A 50 -3.37 0.32 6.43
N ARG A 51 -3.99 1.48 6.58
CA ARG A 51 -5.39 1.55 6.99
C ARG A 51 -6.31 0.97 5.91
N THR A 52 -5.96 1.18 4.64
CA THR A 52 -6.76 0.67 3.54
C THR A 52 -6.92 -0.85 3.61
N LEU A 53 -5.79 -1.55 3.65
CA LEU A 53 -5.81 -3.01 3.72
C LEU A 53 -6.61 -3.49 4.92
N ASP A 54 -6.55 -2.73 6.01
CA ASP A 54 -7.27 -3.07 7.23
C ASP A 54 -8.77 -3.20 6.94
N MET A 55 -9.25 -2.38 5.99
CA MET A 55 -10.65 -2.40 5.61
C MET A 55 -10.95 -3.60 4.70
N ALA A 56 -9.92 -4.05 3.98
CA ALA A 56 -10.06 -5.18 3.08
C ALA A 56 -9.95 -6.49 3.84
N ASP A 57 -9.06 -6.53 4.81
CA ASP A 57 -8.85 -7.72 5.62
C ASP A 57 -9.71 -7.67 6.89
N MET A 58 -10.97 -7.31 6.71
CA MET A 58 -11.90 -7.21 7.84
C MET A 58 -13.20 -7.96 7.55
N GLN A 59 -13.69 -7.81 6.32
CA GLN A 59 -14.93 -8.46 5.90
C GLN A 59 -14.93 -9.95 6.28
N HIS A 60 -13.74 -10.53 6.35
CA HIS A 60 -13.60 -11.94 6.70
C HIS A 60 -13.68 -12.14 8.21
N ARG A 61 -14.81 -11.75 8.79
CA ARG A 61 -15.02 -11.87 10.23
C ARG A 61 -14.91 -13.33 10.67
N TYR A 62 -15.27 -14.24 9.78
CA TYR A 62 -15.23 -15.67 10.07
C TYR A 62 -13.82 -16.22 9.90
N MET A 63 -13.25 -16.02 8.72
CA MET A 63 -11.90 -16.50 8.42
C MET A 63 -10.89 -15.91 9.40
N THR A 64 -10.73 -14.59 9.36
CA THR A 64 -9.78 -13.91 10.24
C THR A 64 -10.52 -13.09 11.29
N GLY A 65 -9.88 -12.90 12.44
CA GLY A 65 -10.50 -12.12 13.50
C GLY A 65 -10.08 -10.67 13.49
N ALA A 66 -10.55 -9.93 12.49
CA ALA A 66 -10.22 -8.52 12.35
C ALA A 66 -10.67 -7.73 13.57
N SER A 67 -11.98 -7.66 13.78
CA SER A 67 -12.54 -6.94 14.92
C SER A 67 -14.04 -7.19 15.03
N GLY A 68 -14.71 -6.35 15.83
CA GLY A 68 -16.13 -6.50 16.01
C GLY A 68 -16.87 -5.18 15.94
N ILE A 69 -16.93 -4.60 14.75
CA ILE A 69 -17.61 -3.32 14.55
C ILE A 69 -18.52 -3.38 13.34
N ASN A 70 -19.43 -2.40 13.25
CA ASN A 70 -20.36 -2.32 12.13
C ASN A 70 -19.63 -2.37 10.80
N PRO A 71 -20.37 -2.52 9.68
CA PRO A 71 -19.79 -2.58 8.34
C PRO A 71 -19.61 -1.20 7.72
N GLY A 72 -19.41 -0.20 8.58
CA GLY A 72 -19.21 1.19 8.14
C GLY A 72 -18.76 1.33 6.69
N MET A 73 -17.70 0.62 6.33
CA MET A 73 -17.17 0.68 4.97
C MET A 73 -17.59 -0.54 4.16
N LEU A 74 -17.73 -0.36 2.85
CA LEU A 74 -18.12 -1.45 1.96
C LEU A 74 -16.88 -2.14 1.37
N PRO A 75 -16.93 -3.47 1.22
CA PRO A 75 -15.81 -4.25 0.68
C PRO A 75 -15.22 -3.69 -0.62
N HIS A 76 -15.95 -2.78 -1.27
CA HIS A 76 -15.47 -2.20 -2.52
C HIS A 76 -14.69 -0.90 -2.29
N GLU A 77 -14.71 -0.40 -1.05
CA GLU A 77 -14.00 0.83 -0.73
C GLU A 77 -12.52 0.57 -0.54
N ASN A 78 -12.20 -0.48 0.22
CA ASN A 78 -10.82 -0.83 0.49
C ASN A 78 -10.08 -1.21 -0.80
N VAL A 79 -10.75 -1.95 -1.68
CA VAL A 79 -10.15 -2.35 -2.94
C VAL A 79 -9.75 -1.14 -3.77
N ASP A 80 -10.64 -0.15 -3.85
CA ASP A 80 -10.37 1.06 -4.60
C ASP A 80 -9.23 1.84 -3.97
N ASP A 81 -9.23 1.90 -2.64
CA ASP A 81 -8.20 2.61 -1.91
C ASP A 81 -6.88 1.83 -1.93
N MET A 82 -6.98 0.52 -2.06
CA MET A 82 -5.80 -0.33 -2.10
C MET A 82 -4.98 -0.07 -3.36
N ARG A 83 -5.61 -0.25 -4.52
CA ARG A 83 -4.94 -0.02 -5.79
C ARG A 83 -4.36 1.39 -5.84
N SER A 84 -4.99 2.31 -5.12
CA SER A 84 -4.53 3.68 -5.08
C SER A 84 -3.13 3.76 -4.48
N ALA A 85 -2.88 2.93 -3.47
CA ALA A 85 -1.59 2.89 -2.80
C ALA A 85 -0.48 2.56 -3.80
N ILE A 86 -0.75 1.59 -4.67
CA ILE A 86 0.22 1.19 -5.68
C ILE A 86 0.54 2.36 -6.62
N THR A 87 -0.42 3.26 -6.78
CA THR A 87 -0.22 4.43 -7.64
C THR A 87 0.93 5.27 -7.13
N ASP A 88 0.99 5.43 -5.81
CA ASP A 88 2.06 6.21 -5.19
C ASP A 88 3.31 5.36 -5.02
N TRP A 89 3.12 4.10 -4.64
CA TRP A 89 4.22 3.17 -4.44
C TRP A 89 4.92 2.88 -5.77
N SER A 90 4.13 2.55 -6.79
CA SER A 90 4.67 2.25 -8.11
C SER A 90 5.55 3.40 -8.60
N ASP A 91 5.03 4.62 -8.45
CA ASP A 91 5.76 5.81 -8.88
C ASP A 91 7.09 5.90 -8.14
N MET A 92 7.10 5.47 -6.89
CA MET A 92 8.31 5.50 -6.08
C MET A 92 9.36 4.56 -6.64
N ARG A 93 8.91 3.42 -7.15
CA ARG A 93 9.83 2.43 -7.73
C ARG A 93 10.70 3.06 -8.81
N GLU A 94 10.06 3.79 -9.72
CA GLU A 94 10.78 4.45 -10.80
C GLU A 94 11.36 5.78 -10.34
N ALA A 95 10.56 6.54 -9.58
CA ALA A 95 10.99 7.83 -9.08
C ALA A 95 12.16 7.70 -8.11
N LEU A 96 11.94 6.96 -7.02
CA LEU A 96 12.97 6.76 -6.01
C LEU A 96 14.24 6.18 -6.63
N GLN A 97 14.07 5.22 -7.53
CA GLN A 97 15.21 4.59 -8.20
C GLN A 97 16.02 5.62 -8.98
N HIS A 98 15.33 6.43 -9.78
CA HIS A 98 15.98 7.45 -10.58
C HIS A 98 16.73 8.44 -9.69
N ALA A 99 16.05 8.93 -8.66
CA ALA A 99 16.64 9.89 -7.73
C ALA A 99 17.87 9.29 -7.05
N MET A 100 17.81 8.00 -6.77
CA MET A 100 18.92 7.31 -6.11
C MET A 100 20.20 7.40 -6.95
N GLY A 101 20.03 7.40 -8.27
CA GLY A 101 21.17 7.49 -9.16
C GLY A 101 21.11 6.48 -10.30
N ILE A 102 19.92 6.31 -10.86
CA ILE A 102 19.73 5.38 -11.97
C ILE A 102 19.06 6.06 -13.16
N HIS A 103 19.28 5.50 -14.34
CA HIS A 103 18.70 6.06 -15.56
C HIS A 103 18.27 4.95 -16.52
N ALA A 104 17.00 4.99 -16.93
CA ALA A 104 16.47 3.99 -17.84
C ALA A 104 16.89 4.27 -19.27
N ASP A 105 17.07 3.20 -20.06
CA ASP A 105 17.48 3.34 -21.45
C ASP A 105 16.82 2.27 -22.31
N ILE A 106 15.63 2.58 -22.84
CA ILE A 106 14.90 1.65 -23.68
C ILE A 106 15.10 1.98 -25.16
N ASP A 2 -23.14 -7.28 -4.83
CA ASP A 2 -22.67 -7.75 -3.51
C ASP A 2 -21.19 -7.45 -3.31
N ASN A 3 -20.71 -7.65 -2.08
CA ASN A 3 -19.31 -7.40 -1.76
C ASN A 3 -18.40 -8.40 -2.49
N VAL A 4 -17.21 -7.95 -2.86
CA VAL A 4 -16.25 -8.79 -3.56
C VAL A 4 -15.96 -10.06 -2.76
N THR A 5 -15.53 -11.11 -3.45
CA THR A 5 -15.23 -12.39 -2.81
C THR A 5 -14.17 -12.22 -1.72
N SER A 6 -14.25 -13.06 -0.69
CA SER A 6 -13.29 -13.01 0.41
C SER A 6 -11.86 -13.12 -0.11
N SER A 7 -11.67 -13.92 -1.15
CA SER A 7 -10.35 -14.11 -1.74
C SER A 7 -9.91 -12.83 -2.46
N GLN A 8 -10.89 -12.05 -2.91
CA GLN A 8 -10.61 -10.80 -3.60
C GLN A 8 -10.09 -9.74 -2.63
N LEU A 9 -10.75 -9.63 -1.48
CA LEU A 9 -10.36 -8.66 -0.48
C LEU A 9 -8.88 -8.83 -0.14
N LEU A 10 -8.48 -10.08 0.08
CA LEU A 10 -7.10 -10.40 0.40
C LEU A 10 -6.24 -10.45 -0.85
N SER A 11 -6.86 -10.71 -2.01
CA SER A 11 -6.13 -10.77 -3.27
C SER A 11 -5.43 -9.46 -3.56
N VAL A 12 -6.16 -8.35 -3.39
CA VAL A 12 -5.61 -7.02 -3.64
C VAL A 12 -4.66 -6.61 -2.54
N ARG A 13 -4.98 -6.98 -1.30
CA ARG A 13 -4.13 -6.63 -0.16
C ARG A 13 -2.79 -7.34 -0.27
N HIS A 14 -2.77 -8.48 -0.96
CA HIS A 14 -1.55 -9.24 -1.14
C HIS A 14 -0.64 -8.55 -2.13
N GLN A 15 -1.24 -7.94 -3.16
CA GLN A 15 -0.49 -7.25 -4.19
C GLN A 15 -0.08 -5.86 -3.70
N LEU A 16 -0.92 -5.26 -2.86
CA LEU A 16 -0.66 -3.93 -2.32
C LEU A 16 0.37 -3.99 -1.20
N ALA A 17 0.01 -4.63 -0.09
CA ALA A 17 0.91 -4.76 1.06
C ALA A 17 2.31 -5.20 0.63
N GLU A 18 2.36 -6.13 -0.31
CA GLU A 18 3.65 -6.63 -0.81
C GLU A 18 4.49 -5.49 -1.36
N SER A 19 3.95 -4.77 -2.34
CA SER A 19 4.67 -3.65 -2.95
C SER A 19 4.87 -2.53 -1.94
N ALA A 20 3.96 -2.41 -0.99
CA ALA A 20 4.04 -1.38 0.04
C ALA A 20 5.15 -1.69 1.04
N GLY A 21 6.38 -1.61 0.58
CA GLY A 21 7.52 -1.90 1.45
C GLY A 21 8.84 -1.76 0.73
N LEU A 22 9.86 -1.30 1.45
CA LEU A 22 11.18 -1.13 0.88
C LEU A 22 12.14 -2.23 1.36
N PRO A 23 12.91 -2.83 0.44
CA PRO A 23 13.86 -3.89 0.78
C PRO A 23 14.92 -3.43 1.78
N ARG A 24 15.92 -2.71 1.28
CA ARG A 24 17.00 -2.20 2.14
C ARG A 24 17.53 -0.87 1.62
N ASP A 25 18.17 -0.91 0.45
CA ASP A 25 18.74 0.30 -0.14
C ASP A 25 17.66 1.33 -0.44
N GLN A 26 16.47 0.84 -0.81
CA GLN A 26 15.35 1.72 -1.13
C GLN A 26 15.00 2.61 0.07
N HIS A 27 15.02 2.03 1.25
CA HIS A 27 14.71 2.77 2.47
C HIS A 27 15.91 3.60 2.93
N GLU A 28 17.07 2.96 2.96
CA GLU A 28 18.30 3.64 3.38
C GLU A 28 18.54 4.91 2.57
N PHE A 29 17.96 4.98 1.38
CA PHE A 29 18.11 6.14 0.52
C PHE A 29 17.02 7.17 0.79
N VAL A 30 15.76 6.72 0.75
CA VAL A 30 14.62 7.60 0.97
C VAL A 30 14.54 8.11 2.41
N SER A 31 15.35 7.55 3.31
CA SER A 31 15.32 7.95 4.72
C SER A 31 16.67 8.48 5.19
N SER A 32 17.76 7.85 4.75
CA SER A 32 19.09 8.26 5.16
C SER A 32 19.73 9.23 4.19
N GLN A 33 19.12 9.43 3.02
CA GLN A 33 19.68 10.34 2.02
C GLN A 33 18.64 11.36 1.55
N ALA A 34 17.57 10.86 0.94
CA ALA A 34 16.51 11.72 0.42
C ALA A 34 16.16 12.85 1.39
N PRO A 35 15.72 14.00 0.85
CA PRO A 35 15.35 15.17 1.66
C PRO A 35 14.05 14.96 2.43
N GLN A 36 13.85 15.76 3.47
CA GLN A 36 12.64 15.66 4.29
C GLN A 36 11.39 15.66 3.43
N SER A 37 11.44 16.36 2.30
CA SER A 37 10.31 16.42 1.39
C SER A 37 9.94 15.04 0.87
N LEU A 38 10.96 14.27 0.48
CA LEU A 38 10.74 12.92 -0.02
C LEU A 38 10.24 12.00 1.09
N ARG A 39 10.72 12.24 2.31
CA ARG A 39 10.32 11.44 3.45
C ARG A 39 8.87 11.72 3.83
N ASN A 40 8.44 12.96 3.62
CA ASN A 40 7.07 13.35 3.94
C ASN A 40 6.07 12.52 3.16
N ARG A 41 6.31 12.40 1.85
CA ARG A 41 5.42 11.63 0.98
C ARG A 41 5.61 10.13 1.21
N TYR A 42 6.78 9.74 1.68
CA TYR A 42 7.09 8.33 1.93
C TYR A 42 6.05 7.71 2.86
N ASN A 43 5.97 8.22 4.08
CA ASN A 43 5.02 7.71 5.06
C ASN A 43 3.59 8.05 4.69
N ASN A 44 3.40 9.18 3.99
CA ASN A 44 2.08 9.61 3.58
C ASN A 44 1.39 8.55 2.72
N LEU A 45 1.96 8.27 1.56
CA LEU A 45 1.41 7.28 0.64
C LEU A 45 1.19 5.94 1.34
N TYR A 46 2.14 5.56 2.19
CA TYR A 46 2.04 4.30 2.91
C TYR A 46 1.00 4.38 4.03
N SER A 47 0.81 5.57 4.57
CA SER A 47 -0.16 5.77 5.64
C SER A 47 -1.52 5.19 5.25
N HIS A 48 -2.01 5.59 4.08
CA HIS A 48 -3.28 5.12 3.58
C HIS A 48 -3.21 3.62 3.29
N THR A 49 -2.06 3.18 2.78
CA THR A 49 -1.86 1.77 2.46
C THR A 49 -2.12 0.89 3.67
N GLN A 50 -1.53 1.26 4.80
CA GLN A 50 -1.69 0.51 6.04
C GLN A 50 -3.16 0.44 6.44
N ARG A 51 -3.90 1.48 6.10
CA ARG A 51 -5.32 1.54 6.44
C ARG A 51 -6.17 0.85 5.37
N THR A 52 -5.71 0.91 4.13
CA THR A 52 -6.43 0.30 3.01
C THR A 52 -6.53 -1.22 3.19
N LEU A 53 -5.40 -1.86 3.44
CA LEU A 53 -5.37 -3.30 3.63
C LEU A 53 -6.20 -3.70 4.85
N ASP A 54 -6.28 -2.80 5.83
CA ASP A 54 -7.03 -3.06 7.05
C ASP A 54 -8.50 -3.35 6.73
N MET A 55 -9.16 -2.38 6.10
CA MET A 55 -10.56 -2.53 5.73
C MET A 55 -10.77 -3.77 4.86
N ALA A 56 -9.72 -4.16 4.14
CA ALA A 56 -9.78 -5.32 3.27
C ALA A 56 -9.83 -6.62 4.08
N ASP A 57 -8.86 -6.79 4.97
CA ASP A 57 -8.81 -7.98 5.81
C ASP A 57 -9.74 -7.87 7.02
N MET A 58 -11.00 -7.51 6.76
CA MET A 58 -11.98 -7.36 7.82
C MET A 58 -13.26 -8.11 7.48
N GLN A 59 -13.75 -7.89 6.26
CA GLN A 59 -14.98 -8.53 5.79
C GLN A 59 -14.87 -10.05 5.79
N HIS A 60 -13.65 -10.57 5.86
CA HIS A 60 -13.43 -12.02 5.86
C HIS A 60 -14.00 -12.66 7.14
N ARG A 61 -15.31 -12.71 7.22
CA ARG A 61 -15.98 -13.31 8.38
C ARG A 61 -15.50 -14.74 8.62
N TYR A 62 -14.98 -15.37 7.57
CA TYR A 62 -14.51 -16.75 7.67
C TYR A 62 -12.98 -16.82 7.82
N MET A 63 -12.28 -15.85 7.22
CA MET A 63 -10.82 -15.83 7.29
C MET A 63 -10.34 -15.01 8.48
N THR A 64 -10.83 -13.78 8.62
CA THR A 64 -10.42 -12.91 9.72
C THR A 64 -11.57 -12.70 10.70
N GLY A 65 -11.43 -11.70 11.57
CA GLY A 65 -12.46 -11.41 12.54
C GLY A 65 -13.42 -10.34 12.08
N ALA A 66 -14.60 -10.76 11.63
CA ALA A 66 -15.62 -9.83 11.15
C ALA A 66 -16.59 -9.45 12.26
N SER A 67 -16.08 -9.36 13.49
CA SER A 67 -16.90 -9.01 14.64
C SER A 67 -16.73 -7.52 14.98
N GLY A 68 -16.16 -7.23 16.17
CA GLY A 68 -15.97 -5.84 16.56
C GLY A 68 -15.01 -5.11 15.65
N ILE A 69 -15.50 -4.74 14.46
CA ILE A 69 -14.70 -4.03 13.49
C ILE A 69 -15.25 -2.63 13.22
N ASN A 70 -14.64 -1.92 12.27
CA ASN A 70 -15.07 -0.58 11.91
C ASN A 70 -16.59 -0.52 11.74
N PRO A 71 -17.16 0.70 11.67
CA PRO A 71 -18.61 0.89 11.51
C PRO A 71 -19.10 0.47 10.12
N GLY A 72 -18.79 -0.77 9.73
CA GLY A 72 -19.22 -1.28 8.44
C GLY A 72 -19.03 -0.28 7.31
N MET A 73 -17.82 -0.24 6.75
CA MET A 73 -17.52 0.67 5.66
C MET A 73 -17.87 0.03 4.31
N LEU A 74 -17.64 0.76 3.23
CA LEU A 74 -17.94 0.26 1.90
C LEU A 74 -17.14 -1.01 1.62
N PRO A 75 -17.80 -2.06 1.08
CA PRO A 75 -17.15 -3.33 0.78
C PRO A 75 -15.95 -3.18 -0.16
N HIS A 76 -15.95 -2.10 -0.94
CA HIS A 76 -14.87 -1.86 -1.89
C HIS A 76 -13.92 -0.77 -1.41
N GLU A 77 -14.28 -0.08 -0.33
CA GLU A 77 -13.44 0.99 0.22
C GLU A 77 -12.02 0.50 0.44
N ASN A 78 -11.88 -0.79 0.73
CA ASN A 78 -10.56 -1.38 0.96
C ASN A 78 -9.82 -1.65 -0.34
N VAL A 79 -10.47 -2.37 -1.24
CA VAL A 79 -9.87 -2.71 -2.53
C VAL A 79 -9.60 -1.47 -3.36
N ASP A 80 -10.59 -0.58 -3.43
CA ASP A 80 -10.45 0.65 -4.20
C ASP A 80 -9.27 1.49 -3.69
N ASP A 81 -9.31 1.80 -2.40
CA ASP A 81 -8.25 2.59 -1.79
C ASP A 81 -6.90 1.87 -1.86
N MET A 82 -6.95 0.54 -1.94
CA MET A 82 -5.73 -0.25 -2.03
C MET A 82 -4.98 0.06 -3.31
N ARG A 83 -5.68 0.03 -4.43
CA ARG A 83 -5.08 0.31 -5.73
C ARG A 83 -4.46 1.70 -5.73
N SER A 84 -5.03 2.60 -4.95
CA SER A 84 -4.54 3.97 -4.85
C SER A 84 -3.13 3.99 -4.28
N ALA A 85 -2.87 3.14 -3.30
CA ALA A 85 -1.56 3.06 -2.68
C ALA A 85 -0.48 2.73 -3.71
N ILE A 86 -0.76 1.75 -4.55
CA ILE A 86 0.19 1.35 -5.58
C ILE A 86 0.46 2.49 -6.56
N THR A 87 -0.52 3.37 -6.71
CA THR A 87 -0.38 4.52 -7.60
C THR A 87 0.81 5.38 -7.18
N ASP A 88 0.95 5.57 -5.87
CA ASP A 88 2.05 6.35 -5.33
C ASP A 88 3.30 5.49 -5.18
N TRP A 89 3.11 4.27 -4.71
CA TRP A 89 4.22 3.34 -4.52
C TRP A 89 4.87 3.01 -5.86
N SER A 90 4.05 2.68 -6.85
CA SER A 90 4.54 2.35 -8.18
C SER A 90 5.38 3.49 -8.74
N ASP A 91 4.84 4.71 -8.67
CA ASP A 91 5.53 5.89 -9.15
C ASP A 91 6.84 6.07 -8.41
N MET A 92 6.86 5.66 -7.14
CA MET A 92 8.06 5.77 -6.32
C MET A 92 9.10 4.75 -6.75
N ARG A 93 8.64 3.59 -7.21
CA ARG A 93 9.53 2.53 -7.66
C ARG A 93 10.48 3.07 -8.74
N GLU A 94 9.93 3.83 -9.67
CA GLU A 94 10.74 4.41 -10.75
C GLU A 94 11.40 5.70 -10.31
N ALA A 95 10.70 6.47 -9.47
CA ALA A 95 11.22 7.74 -8.97
C ALA A 95 12.37 7.50 -8.00
N LEU A 96 12.09 6.78 -6.91
CA LEU A 96 13.10 6.49 -5.90
C LEU A 96 14.33 5.84 -6.53
N GLN A 97 14.10 4.87 -7.42
CA GLN A 97 15.20 4.18 -8.08
C GLN A 97 16.07 5.16 -8.87
N HIS A 98 15.44 6.00 -9.68
CA HIS A 98 16.15 6.98 -10.49
C HIS A 98 16.97 7.91 -9.60
N ALA A 99 16.33 8.47 -8.59
CA ALA A 99 17.01 9.39 -7.67
C ALA A 99 18.14 8.69 -6.93
N MET A 100 17.91 7.44 -6.53
CA MET A 100 18.91 6.67 -5.82
C MET A 100 20.18 6.52 -6.65
N GLY A 101 20.01 6.44 -7.96
CA GLY A 101 21.15 6.30 -8.85
C GLY A 101 20.93 5.25 -9.92
N ILE A 102 19.72 5.20 -10.46
CA ILE A 102 19.38 4.24 -11.50
C ILE A 102 18.88 4.94 -12.76
N HIS A 103 19.01 4.26 -13.89
CA HIS A 103 18.57 4.82 -15.17
C HIS A 103 17.68 3.84 -15.92
N ALA A 104 16.58 4.36 -16.47
CA ALA A 104 15.64 3.53 -17.22
C ALA A 104 15.88 3.65 -18.72
N ASP A 105 15.53 2.60 -19.46
CA ASP A 105 15.70 2.59 -20.91
C ASP A 105 14.57 1.82 -21.58
N ILE A 106 13.49 2.52 -21.92
CA ILE A 106 12.36 1.91 -22.57
C ILE A 106 11.89 2.72 -23.77
N ASP A 2 -22.86 -8.27 -4.88
CA ASP A 2 -22.45 -7.10 -5.72
C ASP A 2 -20.97 -6.80 -5.58
N ASN A 3 -20.42 -7.11 -4.41
CA ASN A 3 -19.00 -6.87 -4.14
C ASN A 3 -18.17 -8.06 -4.58
N VAL A 4 -16.86 -7.97 -4.33
CA VAL A 4 -15.94 -9.05 -4.70
C VAL A 4 -15.90 -10.12 -3.60
N THR A 5 -15.61 -11.36 -4.00
CA THR A 5 -15.55 -12.47 -3.07
C THR A 5 -14.49 -12.23 -1.99
N SER A 6 -14.61 -12.95 -0.88
CA SER A 6 -13.65 -12.82 0.22
C SER A 6 -12.24 -13.17 -0.23
N SER A 7 -12.14 -14.05 -1.21
CA SER A 7 -10.85 -14.46 -1.74
C SER A 7 -10.17 -13.31 -2.48
N GLN A 8 -10.97 -12.51 -3.17
CA GLN A 8 -10.46 -11.37 -3.90
C GLN A 8 -10.13 -10.21 -2.97
N LEU A 9 -10.92 -10.09 -1.89
CA LEU A 9 -10.70 -9.04 -0.91
C LEU A 9 -9.26 -9.06 -0.43
N LEU A 10 -8.80 -10.26 -0.06
CA LEU A 10 -7.44 -10.45 0.39
C LEU A 10 -6.48 -10.54 -0.79
N SER A 11 -7.01 -10.89 -1.96
CA SER A 11 -6.19 -11.00 -3.16
C SER A 11 -5.51 -9.69 -3.48
N VAL A 12 -6.25 -8.59 -3.35
CA VAL A 12 -5.70 -7.27 -3.61
C VAL A 12 -4.83 -6.79 -2.45
N ARG A 13 -5.32 -7.02 -1.22
CA ARG A 13 -4.57 -6.61 -0.04
C ARG A 13 -3.23 -7.33 0.02
N HIS A 14 -3.16 -8.50 -0.61
CA HIS A 14 -1.93 -9.28 -0.63
C HIS A 14 -0.93 -8.70 -1.63
N GLN A 15 -1.45 -8.17 -2.74
CA GLN A 15 -0.61 -7.60 -3.77
C GLN A 15 -0.26 -6.14 -3.45
N LEU A 16 -1.14 -5.47 -2.72
CA LEU A 16 -0.92 -4.08 -2.34
C LEU A 16 0.03 -3.97 -1.16
N ALA A 17 -0.32 -4.66 -0.07
CA ALA A 17 0.50 -4.64 1.14
C ALA A 17 1.93 -5.09 0.83
N GLU A 18 2.06 -6.22 0.16
CA GLU A 18 3.37 -6.76 -0.19
C GLU A 18 4.17 -5.75 -0.99
N SER A 19 3.52 -5.12 -1.96
CA SER A 19 4.17 -4.12 -2.81
C SER A 19 4.35 -2.81 -2.06
N ALA A 20 3.52 -2.59 -1.03
CA ALA A 20 3.59 -1.38 -0.23
C ALA A 20 4.86 -1.35 0.62
N GLY A 21 6.01 -1.23 -0.04
CA GLY A 21 7.27 -1.21 0.67
C GLY A 21 8.46 -1.26 -0.27
N LEU A 22 9.66 -1.11 0.29
CA LEU A 22 10.88 -1.15 -0.50
C LEU A 22 11.70 -2.41 -0.20
N PRO A 23 12.58 -2.81 -1.12
CA PRO A 23 13.41 -4.01 -0.94
C PRO A 23 14.43 -3.84 0.19
N ARG A 24 15.52 -3.11 -0.09
CA ARG A 24 16.55 -2.89 0.92
C ARG A 24 17.22 -1.53 0.74
N ASP A 25 18.10 -1.44 -0.26
CA ASP A 25 18.82 -0.21 -0.54
C ASP A 25 17.86 0.95 -0.81
N GLN A 26 16.79 0.66 -1.55
CA GLN A 26 15.80 1.68 -1.88
C GLN A 26 15.28 2.38 -0.62
N HIS A 27 15.31 1.67 0.50
CA HIS A 27 14.85 2.23 1.77
C HIS A 27 15.97 3.01 2.47
N GLU A 28 17.17 2.45 2.42
CA GLU A 28 18.32 3.09 3.06
C GLU A 28 18.62 4.46 2.45
N PHE A 29 18.07 4.71 1.26
CA PHE A 29 18.29 5.98 0.59
C PHE A 29 17.14 6.95 0.82
N VAL A 30 15.92 6.43 0.90
CA VAL A 30 14.74 7.27 1.11
C VAL A 30 14.57 7.70 2.56
N SER A 31 15.35 7.11 3.46
CA SER A 31 15.25 7.46 4.88
C SER A 31 16.58 7.94 5.45
N SER A 32 17.67 7.28 5.07
CA SER A 32 19.00 7.63 5.56
C SER A 32 19.66 8.71 4.71
N GLN A 33 19.06 9.04 3.55
CA GLN A 33 19.63 10.05 2.67
C GLN A 33 18.59 11.07 2.22
N ALA A 34 17.56 10.60 1.54
CA ALA A 34 16.50 11.48 1.05
C ALA A 34 16.05 12.51 2.10
N PRO A 35 15.59 13.68 1.65
CA PRO A 35 15.14 14.76 2.55
C PRO A 35 13.76 14.49 3.13
N GLN A 36 13.45 15.16 4.23
CA GLN A 36 12.16 15.00 4.89
C GLN A 36 11.00 15.09 3.88
N SER A 37 11.22 15.87 2.82
CA SER A 37 10.20 16.04 1.79
C SER A 37 9.88 14.70 1.13
N LEU A 38 10.93 13.95 0.81
CA LEU A 38 10.78 12.64 0.19
C LEU A 38 10.20 11.64 1.18
N ARG A 39 10.57 11.80 2.45
CA ARG A 39 10.08 10.90 3.50
C ARG A 39 8.64 11.21 3.85
N ASN A 40 8.26 12.49 3.75
CA ASN A 40 6.91 12.92 4.05
C ASN A 40 5.90 12.19 3.17
N ARG A 41 6.18 12.13 1.88
CA ARG A 41 5.30 11.47 0.93
C ARG A 41 5.37 9.94 1.09
N TYR A 42 6.55 9.45 1.44
CA TYR A 42 6.76 8.02 1.63
C TYR A 42 5.83 7.47 2.71
N ASN A 43 5.90 8.07 3.91
CA ASN A 43 5.08 7.64 5.03
C ASN A 43 3.61 7.99 4.79
N ASN A 44 3.37 9.08 4.05
CA ASN A 44 2.02 9.53 3.76
C ASN A 44 1.28 8.50 2.91
N LEU A 45 1.85 8.20 1.74
CA LEU A 45 1.23 7.24 0.83
C LEU A 45 1.07 5.86 1.50
N TYR A 46 2.00 5.54 2.39
CA TYR A 46 1.96 4.26 3.09
C TYR A 46 0.94 4.29 4.23
N SER A 47 0.74 5.47 4.81
CA SER A 47 -0.20 5.62 5.91
C SER A 47 -1.58 5.10 5.51
N HIS A 48 -2.09 5.62 4.39
CA HIS A 48 -3.40 5.21 3.89
C HIS A 48 -3.37 3.73 3.51
N THR A 49 -2.24 3.29 2.94
CA THR A 49 -2.10 1.90 2.53
C THR A 49 -2.34 0.96 3.70
N GLN A 50 -1.78 1.30 4.86
CA GLN A 50 -1.94 0.49 6.06
C GLN A 50 -3.42 0.34 6.42
N ARG A 51 -4.18 1.41 6.20
CA ARG A 51 -5.60 1.40 6.49
C ARG A 51 -6.39 0.76 5.36
N THR A 52 -5.95 0.99 4.12
CA THR A 52 -6.62 0.43 2.95
C THR A 52 -6.71 -1.08 3.05
N LEU A 53 -5.59 -1.71 3.39
CA LEU A 53 -5.54 -3.17 3.52
C LEU A 53 -6.37 -3.63 4.71
N ASP A 54 -6.34 -2.86 5.78
CA ASP A 54 -7.08 -3.18 6.99
C ASP A 54 -8.56 -3.42 6.67
N MET A 55 -9.13 -2.54 5.87
CA MET A 55 -10.53 -2.65 5.47
C MET A 55 -10.76 -3.89 4.61
N ALA A 56 -9.71 -4.30 3.90
CA ALA A 56 -9.80 -5.48 3.03
C ALA A 56 -9.88 -6.76 3.86
N ASP A 57 -8.84 -7.01 4.66
CA ASP A 57 -8.80 -8.20 5.50
C ASP A 57 -9.58 -7.98 6.80
N MET A 58 -10.86 -7.63 6.66
CA MET A 58 -11.71 -7.38 7.81
C MET A 58 -13.03 -8.15 7.68
N GLN A 59 -13.66 -8.04 6.52
CA GLN A 59 -14.93 -8.71 6.25
C GLN A 59 -14.84 -10.22 6.49
N HIS A 60 -13.62 -10.76 6.40
CA HIS A 60 -13.41 -12.18 6.60
C HIS A 60 -13.69 -12.58 8.05
N ARG A 61 -14.95 -12.57 8.43
CA ARG A 61 -15.37 -12.92 9.79
C ARG A 61 -14.76 -14.26 10.23
N TYR A 62 -14.44 -15.11 9.26
CA TYR A 62 -13.86 -16.42 9.57
C TYR A 62 -12.33 -16.37 9.61
N MET A 63 -11.73 -15.65 8.68
CA MET A 63 -10.28 -15.52 8.61
C MET A 63 -9.76 -14.47 9.58
N THR A 64 -10.30 -13.26 9.49
CA THR A 64 -9.87 -12.16 10.35
C THR A 64 -10.92 -11.85 11.40
N GLY A 65 -10.75 -10.74 12.10
CA GLY A 65 -11.69 -10.35 13.14
C GLY A 65 -12.73 -9.37 12.63
N ALA A 66 -13.91 -9.90 12.31
CA ALA A 66 -15.01 -9.07 11.81
C ALA A 66 -15.94 -8.64 12.94
N SER A 67 -15.36 -8.40 14.12
CA SER A 67 -16.13 -7.98 15.29
C SER A 67 -16.04 -6.47 15.48
N GLY A 68 -15.42 -6.04 16.59
CA GLY A 68 -15.30 -4.62 16.85
C GLY A 68 -14.52 -3.88 15.77
N ILE A 69 -15.19 -3.61 14.66
CA ILE A 69 -14.57 -2.91 13.54
C ILE A 69 -15.26 -1.57 13.28
N ASN A 70 -14.85 -0.89 12.22
CA ASN A 70 -15.43 0.39 11.84
C ASN A 70 -16.95 0.29 11.77
N PRO A 71 -17.64 1.44 11.71
CA PRO A 71 -19.11 1.49 11.63
C PRO A 71 -19.64 0.96 10.30
N GLY A 72 -19.28 -0.27 9.96
CA GLY A 72 -19.72 -0.87 8.71
C GLY A 72 -19.04 -0.25 7.50
N MET A 73 -18.41 -1.09 6.69
CA MET A 73 -17.71 -0.63 5.49
C MET A 73 -18.07 -1.49 4.29
N LEU A 74 -17.73 -1.02 3.10
CA LEU A 74 -18.01 -1.74 1.87
C LEU A 74 -16.78 -2.55 1.43
N PRO A 75 -16.98 -3.81 1.02
CA PRO A 75 -15.87 -4.67 0.58
C PRO A 75 -15.08 -4.07 -0.58
N HIS A 76 -15.71 -3.17 -1.32
CA HIS A 76 -15.05 -2.53 -2.45
C HIS A 76 -14.36 -1.22 -2.04
N GLU A 77 -14.62 -0.77 -0.81
CA GLU A 77 -14.01 0.46 -0.32
C GLU A 77 -12.52 0.25 -0.04
N ASN A 78 -12.16 -0.98 0.30
CA ASN A 78 -10.77 -1.33 0.59
C ASN A 78 -9.98 -1.51 -0.70
N VAL A 79 -10.53 -2.27 -1.63
CA VAL A 79 -9.87 -2.53 -2.90
C VAL A 79 -9.58 -1.23 -3.64
N ASP A 80 -10.55 -0.33 -3.67
CA ASP A 80 -10.39 0.96 -4.34
C ASP A 80 -9.24 1.74 -3.74
N ASP A 81 -9.24 1.88 -2.41
CA ASP A 81 -8.20 2.61 -1.72
C ASP A 81 -6.86 1.89 -1.83
N MET A 82 -6.91 0.57 -1.97
CA MET A 82 -5.70 -0.23 -2.10
C MET A 82 -4.94 0.14 -3.37
N ARG A 83 -5.67 0.20 -4.49
CA ARG A 83 -5.07 0.55 -5.77
C ARG A 83 -4.40 1.91 -5.70
N SER A 84 -4.96 2.79 -4.89
CA SER A 84 -4.41 4.14 -4.72
C SER A 84 -3.00 4.08 -4.19
N ALA A 85 -2.75 3.15 -3.28
CA ALA A 85 -1.43 2.99 -2.68
C ALA A 85 -0.38 2.67 -3.75
N ILE A 86 -0.74 1.79 -4.69
CA ILE A 86 0.18 1.40 -5.75
C ILE A 86 0.52 2.58 -6.65
N THR A 87 -0.42 3.51 -6.80
CA THR A 87 -0.19 4.69 -7.64
C THR A 87 1.04 5.46 -7.14
N ASP A 88 1.03 5.76 -5.85
CA ASP A 88 2.14 6.49 -5.24
C ASP A 88 3.38 5.60 -5.13
N TRP A 89 3.18 4.38 -4.64
CA TRP A 89 4.28 3.43 -4.49
C TRP A 89 4.94 3.13 -5.84
N SER A 90 4.12 2.71 -6.80
CA SER A 90 4.63 2.40 -8.14
C SER A 90 5.41 3.57 -8.71
N ASP A 91 4.83 4.76 -8.59
CA ASP A 91 5.47 5.98 -9.09
C ASP A 91 6.80 6.20 -8.39
N MET A 92 6.86 5.79 -7.11
CA MET A 92 8.08 5.95 -6.33
C MET A 92 9.13 4.95 -6.77
N ARG A 93 8.70 3.75 -7.15
CA ARG A 93 9.62 2.71 -7.59
C ARG A 93 10.54 3.25 -8.69
N GLU A 94 9.97 3.98 -9.64
CA GLU A 94 10.73 4.55 -10.74
C GLU A 94 11.43 5.84 -10.31
N ALA A 95 10.74 6.64 -9.51
CA ALA A 95 11.30 7.90 -9.02
C ALA A 95 12.47 7.66 -8.08
N LEU A 96 12.21 6.94 -6.99
CA LEU A 96 13.23 6.64 -6.00
C LEU A 96 14.48 6.06 -6.65
N GLN A 97 14.28 5.14 -7.60
CA GLN A 97 15.40 4.51 -8.30
C GLN A 97 16.25 5.56 -9.01
N HIS A 98 15.59 6.55 -9.61
CA HIS A 98 16.29 7.62 -10.31
C HIS A 98 17.12 8.46 -9.35
N ALA A 99 16.47 8.98 -8.31
CA ALA A 99 17.14 9.80 -7.32
C ALA A 99 18.23 9.01 -6.61
N MET A 100 18.04 7.70 -6.50
CA MET A 100 19.02 6.83 -5.84
C MET A 100 20.34 6.82 -6.60
N GLY A 101 20.26 6.94 -7.93
CA GLY A 101 21.45 6.94 -8.75
C GLY A 101 21.37 5.98 -9.91
N ILE A 102 20.19 5.85 -10.49
CA ILE A 102 19.99 4.95 -11.63
C ILE A 102 19.20 5.65 -12.74
N HIS A 103 19.31 5.12 -13.95
CA HIS A 103 18.62 5.69 -15.10
C HIS A 103 17.92 4.61 -15.91
N ALA A 104 16.66 4.85 -16.26
CA ALA A 104 15.89 3.90 -17.04
C ALA A 104 15.91 4.24 -18.52
N ASP A 105 15.93 3.21 -19.36
CA ASP A 105 15.97 3.40 -20.81
C ASP A 105 15.08 2.38 -21.51
N ILE A 106 13.80 2.72 -21.67
CA ILE A 106 12.85 1.83 -22.33
C ILE A 106 12.00 2.59 -23.33
N ASP A 2 -23.18 -7.26 -3.45
CA ASP A 2 -22.98 -7.06 -1.99
C ASP A 2 -21.52 -6.76 -1.68
N ASN A 3 -20.67 -7.78 -1.73
CA ASN A 3 -19.26 -7.62 -1.45
C ASN A 3 -18.41 -8.49 -2.37
N VAL A 4 -17.34 -7.91 -2.92
CA VAL A 4 -16.45 -8.64 -3.83
C VAL A 4 -16.09 -10.01 -3.27
N THR A 5 -15.45 -10.83 -4.10
CA THR A 5 -15.04 -12.17 -3.69
C THR A 5 -14.13 -12.11 -2.46
N SER A 6 -14.50 -12.86 -1.43
CA SER A 6 -13.72 -12.89 -0.19
C SER A 6 -12.22 -13.08 -0.48
N SER A 7 -11.92 -13.84 -1.51
CA SER A 7 -10.53 -14.09 -1.88
C SER A 7 -9.91 -12.82 -2.47
N GLN A 8 -10.73 -12.04 -3.15
CA GLN A 8 -10.27 -10.79 -3.75
C GLN A 8 -9.85 -9.80 -2.69
N LEU A 9 -10.65 -9.70 -1.62
CA LEU A 9 -10.35 -8.80 -0.53
C LEU A 9 -8.95 -9.05 -0.01
N LEU A 10 -8.65 -10.31 0.28
CA LEU A 10 -7.34 -10.70 0.77
C LEU A 10 -6.33 -10.83 -0.37
N SER A 11 -6.83 -10.94 -1.60
CA SER A 11 -5.95 -11.07 -2.76
C SER A 11 -5.16 -9.79 -3.00
N VAL A 12 -5.77 -8.66 -2.68
CA VAL A 12 -5.12 -7.37 -2.88
C VAL A 12 -4.29 -6.98 -1.66
N ARG A 13 -4.79 -7.29 -0.47
CA ARG A 13 -4.06 -6.97 0.75
C ARG A 13 -2.74 -7.72 0.80
N HIS A 14 -2.68 -8.85 0.09
CA HIS A 14 -1.47 -9.65 0.04
C HIS A 14 -0.51 -9.11 -1.03
N GLN A 15 -1.09 -8.64 -2.13
CA GLN A 15 -0.28 -8.08 -3.22
C GLN A 15 0.10 -6.63 -2.95
N LEU A 16 -0.76 -5.92 -2.22
CA LEU A 16 -0.51 -4.53 -1.88
C LEU A 16 0.50 -4.41 -0.74
N ALA A 17 0.17 -5.00 0.40
CA ALA A 17 1.04 -4.97 1.57
C ALA A 17 2.45 -5.44 1.23
N GLU A 18 2.53 -6.52 0.46
CA GLU A 18 3.82 -7.07 0.07
C GLU A 18 4.67 -6.04 -0.67
N SER A 19 4.05 -5.35 -1.63
CA SER A 19 4.75 -4.32 -2.41
C SER A 19 4.95 -3.06 -1.57
N ALA A 20 4.07 -2.85 -0.60
CA ALA A 20 4.16 -1.66 0.26
C ALA A 20 5.39 -1.73 1.16
N GLY A 21 6.56 -1.52 0.58
CA GLY A 21 7.80 -1.56 1.35
C GLY A 21 9.02 -1.71 0.47
N LEU A 22 9.91 -0.72 0.54
CA LEU A 22 11.13 -0.74 -0.26
C LEU A 22 12.04 -1.88 0.18
N PRO A 23 12.84 -2.44 -0.76
CA PRO A 23 13.75 -3.55 -0.45
C PRO A 23 14.81 -3.18 0.59
N ARG A 24 15.87 -2.51 0.14
CA ARG A 24 16.94 -2.10 1.05
C ARG A 24 17.58 -0.80 0.57
N ASP A 25 18.28 -0.86 -0.55
CA ASP A 25 18.95 0.31 -1.10
C ASP A 25 17.94 1.40 -1.43
N GLN A 26 16.73 0.98 -1.82
CA GLN A 26 15.66 1.91 -2.16
C GLN A 26 15.28 2.76 -0.95
N HIS A 27 15.30 2.15 0.22
CA HIS A 27 14.96 2.85 1.45
C HIS A 27 16.15 3.63 2.01
N GLU A 28 17.33 3.02 1.90
CA GLU A 28 18.56 3.64 2.40
C GLU A 28 18.76 5.03 1.80
N PHE A 29 18.14 5.27 0.64
CA PHE A 29 18.27 6.55 -0.03
C PHE A 29 17.12 7.50 0.35
N VAL A 30 15.89 7.03 0.18
CA VAL A 30 14.72 7.84 0.47
C VAL A 30 14.59 8.15 1.97
N SER A 31 15.40 7.51 2.80
CA SER A 31 15.34 7.75 4.24
C SER A 31 16.66 8.24 4.82
N SER A 32 17.77 7.85 4.19
CA SER A 32 19.09 8.25 4.68
C SER A 32 19.74 9.30 3.78
N GLN A 33 19.14 9.57 2.62
CA GLN A 33 19.69 10.56 1.70
C GLN A 33 18.65 11.60 1.29
N ALA A 34 17.58 11.14 0.64
CA ALA A 34 16.51 12.03 0.18
C ALA A 34 16.14 13.08 1.23
N PRO A 35 15.69 14.26 0.77
CA PRO A 35 15.31 15.36 1.66
C PRO A 35 14.00 15.10 2.40
N GLN A 36 13.79 15.82 3.50
CA GLN A 36 12.58 15.67 4.29
C GLN A 36 11.33 15.72 3.43
N SER A 37 11.41 16.42 2.31
CA SER A 37 10.28 16.55 1.39
C SER A 37 9.86 15.17 0.87
N LEU A 38 10.84 14.39 0.44
CA LEU A 38 10.57 13.05 -0.08
C LEU A 38 10.31 12.07 1.06
N ARG A 39 10.95 12.30 2.20
CA ARG A 39 10.79 11.45 3.36
C ARG A 39 9.35 11.46 3.85
N ASN A 40 8.81 12.66 4.09
CA ASN A 40 7.44 12.80 4.56
C ASN A 40 6.47 12.19 3.54
N ARG A 41 6.85 12.27 2.27
CA ARG A 41 6.03 11.72 1.20
C ARG A 41 5.98 10.20 1.31
N TYR A 42 7.06 9.63 1.82
CA TYR A 42 7.16 8.18 1.99
C TYR A 42 6.06 7.67 2.91
N ASN A 43 6.11 8.08 4.17
CA ASN A 43 5.11 7.65 5.15
C ASN A 43 3.71 8.03 4.72
N ASN A 44 3.60 9.07 3.89
CA ASN A 44 2.31 9.53 3.40
C ASN A 44 1.57 8.42 2.66
N LEU A 45 2.09 8.04 1.50
CA LEU A 45 1.48 6.98 0.69
C LEU A 45 1.33 5.69 1.49
N TYR A 46 2.31 5.41 2.34
CA TYR A 46 2.28 4.20 3.15
C TYR A 46 1.23 4.31 4.25
N SER A 47 0.98 5.53 4.71
CA SER A 47 -0.01 5.78 5.75
C SER A 47 -1.36 5.19 5.36
N HIS A 48 -1.78 5.50 4.14
CA HIS A 48 -3.06 4.99 3.62
C HIS A 48 -2.96 3.51 3.30
N THR A 49 -1.74 3.03 3.09
CA THR A 49 -1.51 1.62 2.77
C THR A 49 -1.64 0.75 4.01
N GLN A 50 -1.18 1.27 5.14
CA GLN A 50 -1.24 0.54 6.40
C GLN A 50 -2.66 0.51 6.97
N ARG A 51 -3.48 1.48 6.56
CA ARG A 51 -4.86 1.56 7.04
C ARG A 51 -5.83 0.91 6.06
N THR A 52 -5.46 0.89 4.78
CA THR A 52 -6.31 0.30 3.75
C THR A 52 -6.28 -1.23 3.82
N LEU A 53 -5.10 -1.79 4.01
CA LEU A 53 -4.94 -3.25 4.08
C LEU A 53 -5.82 -3.84 5.18
N ASP A 54 -5.97 -3.10 6.27
CA ASP A 54 -6.78 -3.57 7.40
C ASP A 54 -8.23 -3.76 6.97
N MET A 55 -8.76 -2.81 6.20
CA MET A 55 -10.14 -2.87 5.73
C MET A 55 -10.36 -4.10 4.85
N ALA A 56 -9.28 -4.64 4.31
CA ALA A 56 -9.37 -5.82 3.45
C ALA A 56 -9.59 -7.09 4.28
N ASP A 57 -8.91 -7.17 5.42
CA ASP A 57 -9.03 -8.32 6.30
C ASP A 57 -10.18 -8.16 7.28
N MET A 58 -11.33 -7.69 6.78
CA MET A 58 -12.50 -7.49 7.61
C MET A 58 -13.73 -8.12 6.98
N GLN A 59 -13.90 -7.90 5.67
CA GLN A 59 -15.04 -8.42 4.93
C GLN A 59 -15.21 -9.93 5.13
N HIS A 60 -14.11 -10.63 5.40
CA HIS A 60 -14.17 -12.08 5.60
C HIS A 60 -14.94 -12.44 6.86
N ARG A 61 -16.26 -12.26 6.82
CA ARG A 61 -17.11 -12.56 7.96
C ARG A 61 -16.82 -13.94 8.54
N TYR A 62 -16.27 -14.83 7.73
CA TYR A 62 -15.95 -16.19 8.19
C TYR A 62 -14.48 -16.33 8.55
N MET A 63 -13.60 -15.94 7.65
CA MET A 63 -12.15 -16.05 7.88
C MET A 63 -11.68 -15.08 8.96
N THR A 64 -12.29 -13.90 9.01
CA THR A 64 -11.91 -12.90 10.01
C THR A 64 -13.07 -12.56 10.93
N GLY A 65 -12.88 -11.55 11.77
CA GLY A 65 -13.92 -11.15 12.70
C GLY A 65 -14.77 -10.00 12.18
N ALA A 66 -15.97 -10.33 11.70
CA ALA A 66 -16.88 -9.32 11.18
C ALA A 66 -17.91 -8.92 12.24
N SER A 67 -17.48 -8.90 13.49
CA SER A 67 -18.36 -8.54 14.61
C SER A 67 -18.13 -7.09 15.03
N GLY A 68 -17.63 -6.87 16.24
CA GLY A 68 -17.39 -5.52 16.71
C GLY A 68 -16.43 -4.75 15.83
N ILE A 69 -16.93 -4.26 14.70
CA ILE A 69 -16.11 -3.51 13.76
C ILE A 69 -16.70 -2.13 13.50
N ASN A 70 -16.08 -1.38 12.59
CA ASN A 70 -16.55 -0.05 12.23
C ASN A 70 -18.05 -0.06 11.90
N PRO A 71 -18.67 1.12 11.83
CA PRO A 71 -20.10 1.26 11.53
C PRO A 71 -20.40 0.93 10.06
N GLY A 72 -20.03 -0.26 9.61
CA GLY A 72 -20.27 -0.66 8.24
C GLY A 72 -19.25 -0.09 7.28
N MET A 73 -18.61 -0.97 6.51
CA MET A 73 -17.60 -0.55 5.54
C MET A 73 -17.87 -1.19 4.18
N LEU A 74 -17.60 -0.43 3.12
CA LEU A 74 -17.81 -0.92 1.76
C LEU A 74 -16.78 -2.00 1.41
N PRO A 75 -17.13 -2.92 0.51
CA PRO A 75 -16.24 -4.00 0.09
C PRO A 75 -15.10 -3.51 -0.81
N HIS A 76 -15.41 -2.58 -1.70
CA HIS A 76 -14.41 -2.05 -2.63
C HIS A 76 -13.59 -0.93 -1.97
N GLU A 77 -14.00 -0.49 -0.79
CA GLU A 77 -13.29 0.57 -0.07
C GLU A 77 -11.80 0.23 0.04
N ASN A 78 -11.50 -0.91 0.66
CA ASN A 78 -10.13 -1.35 0.83
C ASN A 78 -9.44 -1.53 -0.52
N VAL A 79 -10.14 -2.19 -1.45
CA VAL A 79 -9.60 -2.43 -2.78
C VAL A 79 -9.24 -1.12 -3.47
N ASP A 80 -10.12 -0.13 -3.37
CA ASP A 80 -9.89 1.17 -3.99
C ASP A 80 -8.58 1.77 -3.49
N ASP A 81 -8.45 1.89 -2.17
CA ASP A 81 -7.24 2.46 -1.57
C ASP A 81 -6.06 1.51 -1.76
N MET A 82 -6.34 0.23 -1.97
CA MET A 82 -5.29 -0.76 -2.16
C MET A 82 -4.41 -0.40 -3.35
N ARG A 83 -5.00 -0.43 -4.54
CA ARG A 83 -4.27 -0.11 -5.77
C ARG A 83 -3.67 1.30 -5.68
N SER A 84 -4.32 2.17 -4.93
CA SER A 84 -3.84 3.55 -4.77
C SER A 84 -2.45 3.55 -4.16
N ALA A 85 -2.19 2.61 -3.26
CA ALA A 85 -0.88 2.50 -2.62
C ALA A 85 0.18 2.11 -3.62
N ILE A 86 -0.12 1.08 -4.42
CA ILE A 86 0.82 0.62 -5.43
C ILE A 86 1.09 1.71 -6.47
N THR A 87 0.10 2.58 -6.66
CA THR A 87 0.24 3.68 -7.61
C THR A 87 1.41 4.58 -7.23
N ASP A 88 1.58 4.79 -5.93
CA ASP A 88 2.67 5.61 -5.42
C ASP A 88 3.92 4.76 -5.21
N TRP A 89 3.73 3.56 -4.67
CA TRP A 89 4.84 2.65 -4.43
C TRP A 89 5.51 2.27 -5.75
N SER A 90 4.70 1.85 -6.71
CA SER A 90 5.21 1.47 -8.03
C SER A 90 5.98 2.63 -8.66
N ASP A 91 5.35 3.80 -8.66
CA ASP A 91 5.97 5.00 -9.23
C ASP A 91 7.26 5.33 -8.49
N MET A 92 7.28 5.03 -7.19
CA MET A 92 8.45 5.28 -6.36
C MET A 92 9.63 4.43 -6.81
N ARG A 93 9.37 3.16 -7.08
CA ARG A 93 10.40 2.23 -7.52
C ARG A 93 11.16 2.81 -8.72
N GLU A 94 10.44 3.44 -9.62
CA GLU A 94 11.04 4.04 -10.81
C GLU A 94 11.61 5.42 -10.50
N ALA A 95 10.93 6.15 -9.61
CA ALA A 95 11.37 7.49 -9.23
C ALA A 95 12.61 7.43 -8.35
N LEU A 96 12.49 6.75 -7.20
CA LEU A 96 13.59 6.62 -6.26
C LEU A 96 14.84 6.08 -6.97
N GLN A 97 14.65 5.06 -7.80
CA GLN A 97 15.75 4.46 -8.53
C GLN A 97 16.47 5.50 -9.38
N HIS A 98 15.71 6.43 -9.94
CA HIS A 98 16.28 7.49 -10.77
C HIS A 98 17.01 8.52 -9.93
N ALA A 99 16.37 8.94 -8.83
CA ALA A 99 16.97 9.93 -7.93
C ALA A 99 18.20 9.35 -7.24
N MET A 100 18.16 8.07 -6.92
CA MET A 100 19.27 7.40 -6.26
C MET A 100 20.54 7.48 -7.10
N GLY A 101 20.40 7.11 -8.37
CA GLY A 101 21.54 7.15 -9.28
C GLY A 101 21.36 6.23 -10.47
N ILE A 102 20.17 6.25 -11.05
CA ILE A 102 19.86 5.41 -12.21
C ILE A 102 19.16 6.21 -13.30
N HIS A 103 19.23 5.71 -14.53
CA HIS A 103 18.59 6.38 -15.66
C HIS A 103 17.40 5.58 -16.17
N ALA A 104 16.26 6.25 -16.29
CA ALA A 104 15.04 5.61 -16.77
C ALA A 104 15.14 5.28 -18.25
N ASP A 105 14.38 4.27 -18.68
CA ASP A 105 14.38 3.86 -20.08
C ASP A 105 13.02 3.30 -20.48
N ILE A 106 12.08 4.19 -20.75
CA ILE A 106 10.73 3.79 -21.15
C ILE A 106 9.97 3.20 -19.98
N ASP A 2 -21.63 -4.56 -7.47
CA ASP A 2 -21.50 -5.36 -6.22
C ASP A 2 -20.05 -5.47 -5.78
N ASN A 3 -19.83 -6.06 -4.61
CA ASN A 3 -18.49 -6.22 -4.07
C ASN A 3 -17.83 -7.48 -4.62
N VAL A 4 -16.66 -7.81 -4.09
CA VAL A 4 -15.93 -8.99 -4.54
C VAL A 4 -16.03 -10.12 -3.52
N THR A 5 -15.40 -11.25 -3.82
CA THR A 5 -15.43 -12.40 -2.94
C THR A 5 -14.46 -12.23 -1.77
N SER A 6 -14.57 -13.11 -0.78
CA SER A 6 -13.70 -13.06 0.38
C SER A 6 -12.24 -13.30 -0.01
N SER A 7 -12.03 -14.19 -0.96
CA SER A 7 -10.69 -14.50 -1.44
C SER A 7 -10.07 -13.30 -2.13
N GLN A 8 -10.89 -12.59 -2.91
CA GLN A 8 -10.43 -11.41 -3.63
C GLN A 8 -10.10 -10.29 -2.65
N LEU A 9 -10.90 -10.17 -1.60
CA LEU A 9 -10.69 -9.14 -0.59
C LEU A 9 -9.25 -9.22 -0.06
N LEU A 10 -8.86 -10.42 0.33
CA LEU A 10 -7.51 -10.64 0.84
C LEU A 10 -6.51 -10.78 -0.31
N SER A 11 -7.02 -11.01 -1.52
CA SER A 11 -6.15 -11.17 -2.69
C SER A 11 -5.52 -9.83 -3.06
N VAL A 12 -6.22 -8.73 -2.74
CA VAL A 12 -5.72 -7.40 -3.06
C VAL A 12 -4.85 -6.87 -1.93
N ARG A 13 -5.22 -7.18 -0.69
CA ARG A 13 -4.46 -6.74 0.46
C ARG A 13 -3.13 -7.49 0.52
N HIS A 14 -3.12 -8.71 0.00
CA HIS A 14 -1.92 -9.52 -0.02
C HIS A 14 -0.96 -9.03 -1.10
N GLN A 15 -1.52 -8.59 -2.22
CA GLN A 15 -0.71 -8.10 -3.33
C GLN A 15 -0.31 -6.64 -3.11
N LEU A 16 -1.16 -5.89 -2.42
CA LEU A 16 -0.90 -4.48 -2.14
C LEU A 16 0.09 -4.33 -0.98
N ALA A 17 -0.25 -4.90 0.17
CA ALA A 17 0.61 -4.84 1.35
C ALA A 17 2.03 -5.34 1.03
N GLU A 18 2.11 -6.39 0.24
CA GLU A 18 3.39 -6.98 -0.14
C GLU A 18 4.26 -5.95 -0.87
N SER A 19 3.67 -5.29 -1.86
CA SER A 19 4.40 -4.29 -2.64
C SER A 19 4.63 -3.02 -1.81
N ALA A 20 3.73 -2.77 -0.87
CA ALA A 20 3.83 -1.59 -0.01
C ALA A 20 5.04 -1.70 0.91
N GLY A 21 6.23 -1.48 0.35
CA GLY A 21 7.44 -1.54 1.15
C GLY A 21 8.69 -1.67 0.29
N LEU A 22 9.66 -0.80 0.53
CA LEU A 22 10.91 -0.83 -0.23
C LEU A 22 11.76 -2.03 0.16
N PRO A 23 12.50 -2.60 -0.79
CA PRO A 23 13.36 -3.77 -0.54
C PRO A 23 14.42 -3.50 0.52
N ARG A 24 15.50 -2.83 0.12
CA ARG A 24 16.59 -2.52 1.05
C ARG A 24 17.26 -1.20 0.68
N ASP A 25 18.04 -1.22 -0.40
CA ASP A 25 18.73 -0.02 -0.86
C ASP A 25 17.75 1.10 -1.16
N GLN A 26 16.55 0.73 -1.58
CA GLN A 26 15.51 1.71 -1.90
C GLN A 26 15.14 2.53 -0.67
N HIS A 27 15.26 1.92 0.51
CA HIS A 27 14.94 2.59 1.75
C HIS A 27 16.13 3.39 2.27
N GLU A 28 17.33 2.83 2.10
CA GLU A 28 18.55 3.48 2.54
C GLU A 28 18.75 4.84 1.87
N PHE A 29 18.05 5.05 0.75
CA PHE A 29 18.16 6.31 0.02
C PHE A 29 17.06 7.28 0.44
N VAL A 30 15.81 6.85 0.32
CA VAL A 30 14.67 7.69 0.66
C VAL A 30 14.64 8.06 2.15
N SER A 31 15.48 7.42 2.96
CA SER A 31 15.50 7.69 4.39
C SER A 31 16.87 8.18 4.86
N SER A 32 17.93 7.58 4.35
CA SER A 32 19.29 7.95 4.75
C SER A 32 19.88 9.02 3.83
N GLN A 33 19.21 9.30 2.71
CA GLN A 33 19.72 10.31 1.77
C GLN A 33 18.66 11.36 1.46
N ALA A 34 17.56 10.94 0.85
CA ALA A 34 16.47 11.84 0.48
C ALA A 34 16.16 12.83 1.60
N PRO A 35 15.68 14.04 1.24
CA PRO A 35 15.33 15.08 2.21
C PRO A 35 14.06 14.75 2.98
N GLN A 36 13.90 15.40 4.14
CA GLN A 36 12.72 15.19 4.98
C GLN A 36 11.44 15.27 4.16
N SER A 37 11.46 16.08 3.12
CA SER A 37 10.30 16.26 2.26
C SER A 37 9.92 14.94 1.59
N LEU A 38 10.93 14.26 1.03
CA LEU A 38 10.70 12.98 0.36
C LEU A 38 10.24 11.93 1.36
N ARG A 39 10.68 12.05 2.60
CA ARG A 39 10.30 11.11 3.65
C ARG A 39 8.85 11.33 4.07
N ASN A 40 8.40 12.57 4.02
CA ASN A 40 7.04 12.91 4.41
C ASN A 40 6.03 12.17 3.53
N ARG A 41 6.24 12.22 2.22
CA ARG A 41 5.36 11.56 1.27
C ARG A 41 5.44 10.04 1.43
N TYR A 42 6.59 9.55 1.86
CA TYR A 42 6.79 8.12 2.06
C TYR A 42 5.77 7.55 3.02
N ASN A 43 5.79 8.02 4.26
CA ASN A 43 4.86 7.56 5.28
C ASN A 43 3.44 8.01 4.96
N ASN A 44 3.31 9.09 4.21
CA ASN A 44 2.00 9.62 3.84
C ASN A 44 1.22 8.62 3.00
N LEU A 45 1.76 8.27 1.83
CA LEU A 45 1.11 7.33 0.94
C LEU A 45 0.92 5.98 1.62
N TYR A 46 1.84 5.63 2.52
CA TYR A 46 1.75 4.36 3.24
C TYR A 46 0.75 4.45 4.37
N SER A 47 0.61 5.64 4.95
CA SER A 47 -0.33 5.85 6.06
C SER A 47 -1.74 5.42 5.64
N HIS A 48 -2.11 5.76 4.41
CA HIS A 48 -3.42 5.41 3.89
C HIS A 48 -3.43 3.97 3.39
N THR A 49 -2.25 3.45 3.06
CA THR A 49 -2.13 2.08 2.57
C THR A 49 -2.22 1.08 3.71
N GLN A 50 -1.58 1.41 4.82
CA GLN A 50 -1.58 0.53 6.00
C GLN A 50 -2.96 0.47 6.64
N ARG A 51 -3.70 1.57 6.56
CA ARG A 51 -5.04 1.64 7.15
C ARG A 51 -6.08 1.04 6.19
N THR A 52 -5.78 1.05 4.90
CA THR A 52 -6.69 0.51 3.90
C THR A 52 -6.62 -1.01 3.88
N LEU A 53 -5.40 -1.54 3.94
CA LEU A 53 -5.20 -2.99 3.91
C LEU A 53 -6.00 -3.66 5.03
N ASP A 54 -6.09 -3.00 6.17
CA ASP A 54 -6.82 -3.52 7.31
C ASP A 54 -8.30 -3.72 6.95
N MET A 55 -8.85 -2.75 6.22
CA MET A 55 -10.26 -2.81 5.80
C MET A 55 -10.51 -4.08 5.00
N ALA A 56 -9.55 -4.46 4.17
CA ALA A 56 -9.68 -5.65 3.34
C ALA A 56 -9.82 -6.89 4.21
N ASP A 57 -8.78 -7.18 4.99
CA ASP A 57 -8.79 -8.34 5.88
C ASP A 57 -9.48 -8.01 7.21
N MET A 58 -10.71 -7.50 7.12
CA MET A 58 -11.48 -7.15 8.31
C MET A 58 -12.75 -7.97 8.37
N GLN A 59 -13.47 -8.03 7.25
CA GLN A 59 -14.72 -8.78 7.18
C GLN A 59 -14.47 -10.27 7.38
N HIS A 60 -14.26 -11.01 6.28
CA HIS A 60 -14.02 -12.46 6.31
C HIS A 60 -14.46 -13.08 7.63
N ARG A 61 -15.77 -13.17 7.83
CA ARG A 61 -16.33 -13.73 9.05
C ARG A 61 -15.97 -15.22 9.20
N TYR A 62 -15.42 -15.81 8.14
CA TYR A 62 -15.05 -17.22 8.18
C TYR A 62 -13.59 -17.42 8.58
N MET A 63 -12.73 -16.45 8.28
CA MET A 63 -11.31 -16.58 8.62
C MET A 63 -10.85 -15.51 9.61
N THR A 64 -11.38 -14.30 9.49
CA THR A 64 -10.98 -13.23 10.40
C THR A 64 -12.13 -12.81 11.31
N GLY A 65 -11.92 -11.75 12.08
CA GLY A 65 -12.93 -11.27 12.99
C GLY A 65 -13.78 -10.16 12.39
N ALA A 66 -14.95 -10.51 11.91
CA ALA A 66 -15.87 -9.54 11.31
C ALA A 66 -16.83 -8.97 12.35
N SER A 67 -16.35 -8.82 13.58
CA SER A 67 -17.18 -8.28 14.66
C SER A 67 -16.89 -6.80 14.88
N GLY A 68 -16.33 -6.44 16.04
CA GLY A 68 -16.04 -5.04 16.33
C GLY A 68 -15.16 -4.40 15.27
N ILE A 69 -15.78 -3.97 14.18
CA ILE A 69 -15.06 -3.33 13.09
C ILE A 69 -15.36 -1.84 13.01
N ASN A 70 -14.76 -1.17 12.03
CA ASN A 70 -14.95 0.26 11.82
C ASN A 70 -16.45 0.59 11.84
N PRO A 71 -16.79 1.89 11.95
CA PRO A 71 -18.18 2.32 11.99
C PRO A 71 -18.80 2.45 10.59
N GLY A 72 -18.81 1.35 9.85
CA GLY A 72 -19.38 1.37 8.51
C GLY A 72 -18.32 1.47 7.42
N MET A 73 -18.35 0.52 6.49
CA MET A 73 -17.40 0.51 5.39
C MET A 73 -17.82 -0.50 4.32
N LEU A 74 -17.61 -0.12 3.05
CA LEU A 74 -17.97 -0.99 1.93
C LEU A 74 -16.86 -2.02 1.67
N PRO A 75 -17.24 -3.29 1.45
CA PRO A 75 -16.27 -4.37 1.20
C PRO A 75 -15.28 -4.03 0.08
N HIS A 76 -15.65 -3.08 -0.78
CA HIS A 76 -14.79 -2.68 -1.88
C HIS A 76 -13.99 -1.42 -1.56
N GLU A 77 -14.30 -0.77 -0.44
CA GLU A 77 -13.60 0.44 -0.04
C GLU A 77 -12.12 0.17 0.16
N ASN A 78 -11.79 -1.07 0.51
CA ASN A 78 -10.41 -1.47 0.73
C ASN A 78 -9.69 -1.74 -0.58
N VAL A 79 -10.28 -2.57 -1.42
CA VAL A 79 -9.68 -2.91 -2.72
C VAL A 79 -9.44 -1.65 -3.56
N ASP A 80 -10.43 -0.78 -3.61
CA ASP A 80 -10.31 0.46 -4.38
C ASP A 80 -9.19 1.34 -3.83
N ASP A 81 -9.13 1.46 -2.51
CA ASP A 81 -8.12 2.27 -1.86
C ASP A 81 -6.76 1.57 -1.89
N MET A 82 -6.79 0.23 -1.92
CA MET A 82 -5.55 -0.54 -1.96
C MET A 82 -4.81 -0.33 -3.27
N ARG A 83 -5.47 -0.68 -4.37
CA ARG A 83 -4.89 -0.52 -5.70
C ARG A 83 -4.32 0.89 -5.88
N SER A 84 -4.99 1.86 -5.27
CA SER A 84 -4.55 3.25 -5.35
C SER A 84 -3.16 3.40 -4.74
N ALA A 85 -2.89 2.63 -3.70
CA ALA A 85 -1.61 2.67 -3.02
C ALA A 85 -0.49 2.30 -3.98
N ILE A 86 -0.74 1.30 -4.82
CA ILE A 86 0.25 0.85 -5.79
C ILE A 86 0.57 1.97 -6.78
N THR A 87 -0.41 2.83 -7.04
CA THR A 87 -0.23 3.94 -7.96
C THR A 87 0.88 4.87 -7.46
N ASP A 88 0.93 5.05 -6.15
CA ASP A 88 1.94 5.89 -5.53
C ASP A 88 3.22 5.09 -5.30
N TRP A 89 3.07 3.87 -4.82
CA TRP A 89 4.21 3.00 -4.57
C TRP A 89 4.94 2.68 -5.87
N SER A 90 4.18 2.21 -6.86
CA SER A 90 4.75 1.88 -8.16
C SER A 90 5.52 3.07 -8.72
N ASP A 91 4.93 4.25 -8.62
CA ASP A 91 5.55 5.47 -9.12
C ASP A 91 6.87 5.72 -8.38
N MET A 92 6.91 5.32 -7.11
CA MET A 92 8.10 5.50 -6.29
C MET A 92 9.23 4.59 -6.79
N ARG A 93 8.87 3.39 -7.22
CA ARG A 93 9.84 2.44 -7.73
C ARG A 93 10.67 3.06 -8.86
N GLU A 94 10.00 3.80 -9.74
CA GLU A 94 10.66 4.45 -10.86
C GLU A 94 11.27 5.78 -10.43
N ALA A 95 10.52 6.54 -9.63
CA ALA A 95 10.99 7.84 -9.14
C ALA A 95 12.17 7.68 -8.19
N LEU A 96 11.95 6.95 -7.09
CA LEU A 96 12.99 6.73 -6.10
C LEU A 96 14.25 6.15 -6.75
N GLN A 97 14.07 5.20 -7.66
CA GLN A 97 15.18 4.58 -8.35
C GLN A 97 16.01 5.63 -9.10
N HIS A 98 15.33 6.47 -9.88
CA HIS A 98 16.01 7.51 -10.64
C HIS A 98 16.76 8.46 -9.71
N ALA A 99 16.05 8.97 -8.71
CA ALA A 99 16.66 9.90 -7.76
C ALA A 99 17.81 9.24 -7.00
N MET A 100 17.66 7.95 -6.72
CA MET A 100 18.69 7.20 -6.01
C MET A 100 20.02 7.25 -6.76
N GLY A 101 19.94 7.40 -8.08
CA GLY A 101 21.13 7.46 -8.90
C GLY A 101 21.06 6.55 -10.12
N ILE A 102 19.85 6.39 -10.66
CA ILE A 102 19.65 5.54 -11.83
C ILE A 102 19.00 6.32 -12.97
N HIS A 103 19.14 5.82 -14.19
CA HIS A 103 18.58 6.47 -15.35
C HIS A 103 17.94 5.46 -16.29
N ALA A 104 16.65 5.67 -16.58
CA ALA A 104 15.91 4.77 -17.46
C ALA A 104 16.51 4.76 -18.86
N ASP A 105 16.44 3.61 -19.52
CA ASP A 105 16.98 3.48 -20.87
C ASP A 105 16.10 2.56 -21.71
N ILE A 106 15.08 3.15 -22.35
CA ILE A 106 14.16 2.39 -23.18
C ILE A 106 14.01 3.04 -24.56
N ASP A 2 -23.60 -7.99 -1.98
CA ASP A 2 -23.37 -6.67 -1.34
C ASP A 2 -21.89 -6.34 -1.29
N ASN A 3 -21.07 -7.33 -0.95
CA ASN A 3 -19.63 -7.14 -0.88
C ASN A 3 -18.89 -8.14 -1.76
N VAL A 4 -17.82 -7.69 -2.40
CA VAL A 4 -17.03 -8.55 -3.28
C VAL A 4 -16.68 -9.87 -2.60
N THR A 5 -16.09 -10.79 -3.35
CA THR A 5 -15.71 -12.09 -2.82
C THR A 5 -14.61 -11.95 -1.76
N SER A 6 -14.69 -12.78 -0.73
CA SER A 6 -13.69 -12.75 0.35
C SER A 6 -12.28 -12.87 -0.19
N SER A 7 -12.13 -13.58 -1.31
CA SER A 7 -10.84 -13.77 -1.93
C SER A 7 -10.31 -12.46 -2.51
N GLN A 8 -11.21 -11.64 -3.01
CA GLN A 8 -10.84 -10.35 -3.60
C GLN A 8 -10.34 -9.39 -2.53
N LEU A 9 -11.03 -9.38 -1.38
CA LEU A 9 -10.63 -8.51 -0.28
C LEU A 9 -9.16 -8.73 0.06
N LEU A 10 -8.79 -9.99 0.23
CA LEU A 10 -7.42 -10.34 0.55
C LEU A 10 -6.55 -10.35 -0.72
N SER A 11 -7.19 -10.39 -1.89
CA SER A 11 -6.45 -10.39 -3.14
C SER A 11 -5.73 -9.06 -3.35
N VAL A 12 -6.28 -8.00 -2.78
CA VAL A 12 -5.70 -6.67 -2.91
C VAL A 12 -4.72 -6.39 -1.77
N ARG A 13 -5.07 -6.84 -0.57
CA ARG A 13 -4.20 -6.63 0.59
C ARG A 13 -2.90 -7.40 0.40
N HIS A 14 -2.95 -8.47 -0.39
CA HIS A 14 -1.76 -9.28 -0.65
C HIS A 14 -0.96 -8.68 -1.80
N GLN A 15 -1.66 -8.09 -2.77
CA GLN A 15 -1.00 -7.49 -3.93
C GLN A 15 -0.45 -6.10 -3.58
N LEU A 16 -1.18 -5.37 -2.73
CA LEU A 16 -0.75 -4.03 -2.34
C LEU A 16 0.45 -4.10 -1.40
N ALA A 17 0.24 -4.68 -0.22
CA ALA A 17 1.29 -4.81 0.77
C ALA A 17 2.58 -5.39 0.16
N GLU A 18 2.40 -6.32 -0.76
CA GLU A 18 3.54 -6.95 -1.43
C GLU A 18 4.41 -5.91 -2.12
N SER A 19 3.77 -5.03 -2.89
CA SER A 19 4.48 -3.98 -3.61
C SER A 19 4.86 -2.83 -2.68
N ALA A 20 4.07 -2.64 -1.64
CA ALA A 20 4.33 -1.58 -0.67
C ALA A 20 5.63 -1.82 0.07
N GLY A 21 5.81 -1.12 1.20
CA GLY A 21 7.02 -1.25 2.00
C GLY A 21 8.29 -1.50 1.21
N LEU A 22 9.10 -0.46 1.02
CA LEU A 22 10.35 -0.58 0.28
C LEU A 22 11.19 -1.75 0.81
N PRO A 23 12.19 -2.21 0.03
CA PRO A 23 13.04 -3.33 0.45
C PRO A 23 13.96 -2.98 1.62
N ARG A 24 15.13 -2.42 1.31
CA ARG A 24 16.09 -2.05 2.35
C ARG A 24 16.91 -0.82 1.94
N ASP A 25 17.75 -1.00 0.94
CA ASP A 25 18.60 0.09 0.45
C ASP A 25 17.76 1.28 0.02
N GLN A 26 16.60 1.02 -0.57
CA GLN A 26 15.71 2.08 -1.02
C GLN A 26 15.36 3.03 0.13
N HIS A 27 15.43 2.51 1.35
CA HIS A 27 15.12 3.32 2.53
C HIS A 27 16.31 4.18 2.94
N GLU A 28 17.51 3.58 2.88
CA GLU A 28 18.73 4.28 3.25
C GLU A 28 18.92 5.56 2.44
N PHE A 29 18.25 5.64 1.28
CA PHE A 29 18.35 6.80 0.42
C PHE A 29 17.18 7.76 0.63
N VAL A 30 15.97 7.22 0.59
CA VAL A 30 14.77 8.03 0.76
C VAL A 30 14.66 8.64 2.17
N SER A 31 15.51 8.20 3.08
CA SER A 31 15.47 8.71 4.46
C SER A 31 16.80 9.33 4.88
N SER A 32 17.90 8.73 4.45
CA SER A 32 19.22 9.23 4.81
C SER A 32 19.77 10.20 3.77
N GLN A 33 19.11 10.32 2.63
CA GLN A 33 19.57 11.22 1.57
C GLN A 33 18.45 12.11 1.05
N ALA A 34 17.42 11.49 0.47
CA ALA A 34 16.29 12.23 -0.10
C ALA A 34 15.84 13.37 0.81
N PRO A 35 15.27 14.44 0.22
CA PRO A 35 14.79 15.61 0.97
C PRO A 35 13.53 15.32 1.76
N GLN A 36 13.25 16.15 2.75
CA GLN A 36 12.06 15.99 3.60
C GLN A 36 10.82 15.73 2.76
N SER A 37 10.69 16.46 1.65
CA SER A 37 9.54 16.30 0.76
C SER A 37 9.39 14.85 0.32
N LEU A 38 10.53 14.18 0.14
CA LEU A 38 10.53 12.78 -0.28
C LEU A 38 10.32 11.86 0.92
N ARG A 39 10.77 12.32 2.08
CA ARG A 39 10.64 11.53 3.31
C ARG A 39 9.21 11.58 3.86
N ASN A 40 8.69 12.79 4.04
CA ASN A 40 7.33 12.94 4.57
C ASN A 40 6.31 12.27 3.66
N ARG A 41 6.54 12.32 2.36
CA ARG A 41 5.63 11.71 1.39
C ARG A 41 5.74 10.19 1.44
N TYR A 42 6.92 9.69 1.82
CA TYR A 42 7.16 8.26 1.91
C TYR A 42 6.15 7.59 2.84
N ASN A 43 6.16 8.03 4.10
CA ASN A 43 5.24 7.48 5.09
C ASN A 43 3.81 7.92 4.84
N ASN A 44 3.65 9.09 4.23
CA ASN A 44 2.33 9.63 3.93
C ASN A 44 1.54 8.67 3.05
N LEU A 45 2.03 8.46 1.83
CA LEU A 45 1.36 7.56 0.89
C LEU A 45 1.17 6.17 1.49
N TYR A 46 2.08 5.79 2.38
CA TYR A 46 1.99 4.48 3.02
C TYR A 46 0.96 4.49 4.14
N SER A 47 0.86 5.61 4.85
CA SER A 47 -0.09 5.74 5.95
C SER A 47 -1.48 5.28 5.49
N HIS A 48 -1.87 5.69 4.30
CA HIS A 48 -3.17 5.31 3.74
C HIS A 48 -3.14 3.85 3.31
N THR A 49 -1.98 3.41 2.84
CA THR A 49 -1.80 2.03 2.39
C THR A 49 -1.93 1.07 3.57
N GLN A 50 -1.11 1.30 4.59
CA GLN A 50 -1.12 0.45 5.79
C GLN A 50 -2.53 0.26 6.33
N ARG A 51 -3.34 1.31 6.24
CA ARG A 51 -4.71 1.27 6.71
C ARG A 51 -5.62 0.54 5.72
N THR A 52 -5.46 0.85 4.44
CA THR A 52 -6.27 0.23 3.39
C THR A 52 -6.14 -1.29 3.45
N LEU A 53 -5.00 -1.78 3.94
CA LEU A 53 -4.77 -3.22 4.05
C LEU A 53 -5.55 -3.80 5.22
N ASP A 54 -5.73 -3.00 6.26
CA ASP A 54 -6.47 -3.43 7.45
C ASP A 54 -7.92 -3.72 7.09
N MET A 55 -8.54 -2.78 6.38
CA MET A 55 -9.94 -2.92 5.97
C MET A 55 -10.11 -4.15 5.07
N ALA A 56 -9.02 -4.61 4.49
CA ALA A 56 -9.05 -5.77 3.61
C ALA A 56 -8.71 -7.06 4.35
N ASP A 57 -8.93 -7.06 5.67
CA ASP A 57 -8.66 -8.24 6.49
C ASP A 57 -9.70 -8.41 7.58
N MET A 58 -10.89 -7.83 7.36
CA MET A 58 -11.96 -7.91 8.35
C MET A 58 -13.29 -8.35 7.72
N GLN A 59 -13.52 -7.92 6.48
CA GLN A 59 -14.74 -8.27 5.76
C GLN A 59 -15.00 -9.77 5.76
N HIS A 60 -13.94 -10.56 5.93
CA HIS A 60 -14.07 -12.01 5.93
C HIS A 60 -14.77 -12.51 7.19
N ARG A 61 -16.07 -12.27 7.28
CA ARG A 61 -16.85 -12.69 8.42
C ARG A 61 -16.96 -14.22 8.48
N TYR A 62 -16.57 -14.89 7.41
CA TYR A 62 -16.65 -16.34 7.35
C TYR A 62 -15.29 -17.00 7.61
N MET A 63 -14.22 -16.33 7.20
CA MET A 63 -12.87 -16.87 7.37
C MET A 63 -12.15 -16.25 8.57
N THR A 64 -12.06 -14.92 8.60
CA THR A 64 -11.38 -14.23 9.69
C THR A 64 -11.86 -12.78 9.80
N GLY A 65 -13.05 -12.59 10.33
CA GLY A 65 -13.58 -11.25 10.49
C GLY A 65 -15.01 -11.25 10.98
N ALA A 66 -15.27 -12.09 11.98
CA ALA A 66 -16.60 -12.20 12.55
C ALA A 66 -16.63 -11.64 13.97
N SER A 67 -15.79 -10.64 14.22
CA SER A 67 -15.72 -10.00 15.53
C SER A 67 -15.86 -8.49 15.40
N GLY A 68 -15.40 -7.75 16.42
CA GLY A 68 -15.49 -6.31 16.38
C GLY A 68 -14.85 -5.72 15.12
N ILE A 69 -15.66 -5.55 14.08
CA ILE A 69 -15.17 -5.01 12.82
C ILE A 69 -15.33 -3.49 12.77
N ASN A 70 -14.94 -2.90 11.66
CA ASN A 70 -15.03 -1.45 11.47
C ASN A 70 -16.47 -0.98 11.63
N PRO A 71 -16.67 0.35 11.75
CA PRO A 71 -18.01 0.93 11.91
C PRO A 71 -18.80 0.94 10.60
N GLY A 72 -18.95 -0.24 10.00
CA GLY A 72 -19.69 -0.37 8.76
C GLY A 72 -19.14 0.52 7.66
N MET A 73 -18.50 -0.10 6.67
CA MET A 73 -17.93 0.63 5.55
C MET A 73 -18.19 -0.10 4.24
N LEU A 74 -17.71 0.47 3.14
CA LEU A 74 -17.91 -0.13 1.82
C LEU A 74 -16.92 -1.28 1.60
N PRO A 75 -17.34 -2.32 0.85
CA PRO A 75 -16.49 -3.49 0.57
C PRO A 75 -15.35 -3.17 -0.38
N HIS A 76 -15.64 -2.36 -1.40
CA HIS A 76 -14.64 -1.99 -2.39
C HIS A 76 -13.70 -0.89 -1.86
N GLU A 77 -14.03 -0.33 -0.70
CA GLU A 77 -13.22 0.72 -0.09
C GLU A 77 -11.74 0.38 -0.16
N ASN A 78 -11.35 -0.70 0.50
CA ASN A 78 -9.96 -1.14 0.52
C ASN A 78 -9.47 -1.43 -0.89
N VAL A 79 -10.20 -2.27 -1.61
CA VAL A 79 -9.84 -2.64 -2.98
C VAL A 79 -9.46 -1.42 -3.81
N ASP A 80 -10.41 -0.50 -3.97
CA ASP A 80 -10.18 0.72 -4.75
C ASP A 80 -9.00 1.52 -4.17
N ASP A 81 -9.10 1.86 -2.89
CA ASP A 81 -8.06 2.63 -2.22
C ASP A 81 -6.70 1.91 -2.29
N MET A 82 -6.75 0.60 -2.52
CA MET A 82 -5.52 -0.19 -2.61
C MET A 82 -4.71 0.19 -3.85
N ARG A 83 -5.32 0.02 -5.02
CA ARG A 83 -4.66 0.34 -6.27
C ARG A 83 -4.11 1.77 -6.23
N SER A 84 -4.72 2.61 -5.41
CA SER A 84 -4.29 3.99 -5.28
C SER A 84 -2.89 4.05 -4.67
N ALA A 85 -2.65 3.18 -3.69
CA ALA A 85 -1.36 3.12 -3.02
C ALA A 85 -0.27 2.71 -4.00
N ILE A 86 -0.58 1.72 -4.84
CA ILE A 86 0.38 1.24 -5.83
C ILE A 86 0.73 2.35 -6.82
N THR A 87 -0.22 3.26 -7.04
CA THR A 87 -0.01 4.37 -7.95
C THR A 87 1.16 5.23 -7.48
N ASP A 88 1.23 5.42 -6.16
CA ASP A 88 2.30 6.21 -5.56
C ASP A 88 3.52 5.34 -5.29
N TRP A 89 3.28 4.11 -4.85
CA TRP A 89 4.36 3.18 -4.55
C TRP A 89 5.07 2.75 -5.83
N SER A 90 4.30 2.41 -6.85
CA SER A 90 4.87 1.98 -8.13
C SER A 90 5.69 3.12 -8.74
N ASP A 91 5.13 4.33 -8.68
CA ASP A 91 5.80 5.50 -9.22
C ASP A 91 7.11 5.75 -8.48
N MET A 92 7.12 5.44 -7.19
CA MET A 92 8.31 5.62 -6.36
C MET A 92 9.36 4.58 -6.71
N ARG A 93 8.92 3.37 -7.03
CA ARG A 93 9.83 2.29 -7.38
C ARG A 93 10.79 2.73 -8.48
N GLU A 94 10.26 3.41 -9.49
CA GLU A 94 11.07 3.89 -10.60
C GLU A 94 11.76 5.21 -10.24
N ALA A 95 11.04 6.08 -9.54
CA ALA A 95 11.60 7.37 -9.13
C ALA A 95 12.73 7.19 -8.13
N LEU A 96 12.43 6.56 -7.00
CA LEU A 96 13.42 6.33 -5.96
C LEU A 96 14.67 5.66 -6.52
N GLN A 97 14.46 4.68 -7.39
CA GLN A 97 15.57 3.94 -7.99
C GLN A 97 16.46 4.89 -8.80
N HIS A 98 15.86 5.63 -9.72
CA HIS A 98 16.58 6.57 -10.56
C HIS A 98 17.28 7.63 -9.71
N ALA A 99 16.55 8.17 -8.74
CA ALA A 99 17.11 9.19 -7.86
C ALA A 99 18.28 8.66 -7.04
N MET A 100 18.17 7.39 -6.63
CA MET A 100 19.23 6.77 -5.84
C MET A 100 20.56 6.78 -6.59
N GLY A 101 20.48 6.73 -7.91
CA GLY A 101 21.68 6.74 -8.73
C GLY A 101 21.64 5.73 -9.86
N ILE A 102 20.48 5.62 -10.50
CA ILE A 102 20.30 4.69 -11.61
C ILE A 102 19.64 5.37 -12.81
N HIS A 103 19.82 4.80 -13.99
CA HIS A 103 19.25 5.35 -15.21
C HIS A 103 18.68 4.24 -16.09
N ALA A 104 17.36 4.22 -16.22
CA ALA A 104 16.69 3.22 -17.05
C ALA A 104 16.19 3.82 -18.35
N ASP A 105 16.05 2.99 -19.38
CA ASP A 105 15.57 3.44 -20.67
C ASP A 105 14.68 2.39 -21.32
N ILE A 106 13.38 2.47 -21.04
CA ILE A 106 12.42 1.52 -21.60
C ILE A 106 11.40 2.23 -22.47
N ASP A 2 -24.34 -6.56 -3.95
CA ASP A 2 -23.46 -7.68 -3.51
C ASP A 2 -22.04 -7.17 -3.23
N ASN A 3 -21.19 -8.07 -2.73
CA ASN A 3 -19.81 -7.72 -2.41
C ASN A 3 -18.84 -8.65 -3.13
N VAL A 4 -17.70 -8.09 -3.54
CA VAL A 4 -16.67 -8.87 -4.22
C VAL A 4 -16.33 -10.14 -3.45
N THR A 5 -15.69 -11.09 -4.13
CA THR A 5 -15.30 -12.34 -3.50
C THR A 5 -14.33 -12.09 -2.35
N SER A 6 -14.53 -12.80 -1.24
CA SER A 6 -13.68 -12.64 -0.08
C SER A 6 -12.21 -12.87 -0.45
N SER A 7 -11.97 -13.66 -1.50
CA SER A 7 -10.63 -13.95 -1.94
C SER A 7 -9.98 -12.72 -2.57
N GLN A 8 -10.79 -11.92 -3.27
CA GLN A 8 -10.29 -10.72 -3.92
C GLN A 8 -9.89 -9.66 -2.89
N LEU A 9 -10.72 -9.51 -1.86
CA LEU A 9 -10.46 -8.53 -0.81
C LEU A 9 -9.06 -8.74 -0.25
N LEU A 10 -8.74 -9.98 0.08
CA LEU A 10 -7.43 -10.31 0.62
C LEU A 10 -6.39 -10.43 -0.50
N SER A 11 -6.86 -10.69 -1.72
CA SER A 11 -5.95 -10.82 -2.85
C SER A 11 -5.16 -9.53 -3.06
N VAL A 12 -5.79 -8.41 -2.76
CA VAL A 12 -5.15 -7.12 -2.91
C VAL A 12 -4.33 -6.76 -1.67
N ARG A 13 -4.87 -7.02 -0.49
CA ARG A 13 -4.15 -6.73 0.75
C ARG A 13 -2.82 -7.50 0.77
N HIS A 14 -2.79 -8.61 0.04
CA HIS A 14 -1.58 -9.43 -0.04
C HIS A 14 -0.59 -8.82 -1.02
N GLN A 15 -1.11 -8.27 -2.11
CA GLN A 15 -0.27 -7.65 -3.13
C GLN A 15 0.12 -6.22 -2.73
N LEU A 16 -0.76 -5.56 -1.98
CA LEU A 16 -0.51 -4.20 -1.52
C LEU A 16 0.57 -4.19 -0.44
N ALA A 17 0.26 -4.81 0.69
CA ALA A 17 1.20 -4.87 1.82
C ALA A 17 2.57 -5.38 1.37
N GLU A 18 2.57 -6.33 0.45
CA GLU A 18 3.82 -6.90 -0.05
C GLU A 18 4.65 -5.83 -0.77
N SER A 19 4.06 -5.22 -1.79
CA SER A 19 4.76 -4.18 -2.56
C SER A 19 4.96 -2.93 -1.73
N ALA A 20 4.07 -2.70 -0.77
CA ALA A 20 4.15 -1.53 0.10
C ALA A 20 5.37 -1.62 1.02
N GLY A 21 6.55 -1.39 0.45
CA GLY A 21 7.77 -1.44 1.23
C GLY A 21 9.01 -1.57 0.36
N LEU A 22 10.07 -0.87 0.75
CA LEU A 22 11.33 -0.91 0.00
C LEU A 22 12.15 -2.13 0.39
N PRO A 23 12.83 -2.78 -0.57
CA PRO A 23 13.65 -3.95 -0.30
C PRO A 23 14.71 -3.71 0.77
N ARG A 24 15.78 -3.02 0.42
CA ARG A 24 16.85 -2.72 1.37
C ARG A 24 17.52 -1.39 1.07
N ASP A 25 18.31 -1.35 0.00
CA ASP A 25 19.02 -0.15 -0.40
C ASP A 25 18.06 0.99 -0.69
N GLN A 26 16.92 0.67 -1.29
CA GLN A 26 15.92 1.67 -1.64
C GLN A 26 15.57 2.54 -0.44
N HIS A 27 15.74 1.98 0.77
CA HIS A 27 15.44 2.71 2.00
C HIS A 27 16.62 3.56 2.44
N GLU A 28 17.83 3.02 2.28
CA GLU A 28 19.04 3.72 2.67
C GLU A 28 19.20 5.04 1.91
N PHE A 29 18.47 5.20 0.82
CA PHE A 29 18.53 6.42 0.02
C PHE A 29 17.39 7.36 0.36
N VAL A 30 16.17 6.83 0.41
CA VAL A 30 14.99 7.63 0.69
C VAL A 30 14.97 8.14 2.13
N SER A 31 15.88 7.66 2.98
CA SER A 31 15.92 8.09 4.37
C SER A 31 17.28 8.64 4.76
N SER A 32 18.35 8.04 4.24
CA SER A 32 19.70 8.47 4.56
C SER A 32 20.21 9.54 3.60
N GLN A 33 19.49 9.79 2.52
CA GLN A 33 19.91 10.79 1.54
C GLN A 33 18.77 11.70 1.11
N ALA A 34 17.72 11.11 0.54
CA ALA A 34 16.56 11.86 0.08
C ALA A 34 16.16 12.97 1.05
N PRO A 35 15.57 14.07 0.54
CA PRO A 35 15.14 15.21 1.36
C PRO A 35 13.89 14.90 2.17
N GLN A 36 13.66 15.68 3.21
CA GLN A 36 12.49 15.51 4.08
C GLN A 36 11.21 15.34 3.25
N SER A 37 11.09 16.15 2.19
CA SER A 37 9.92 16.08 1.32
C SER A 37 9.72 14.67 0.79
N LEU A 38 10.83 13.97 0.59
CA LEU A 38 10.79 12.60 0.09
C LEU A 38 10.50 11.62 1.23
N ARG A 39 10.99 11.95 2.41
CA ARG A 39 10.80 11.10 3.59
C ARG A 39 9.39 11.25 4.16
N ASN A 40 8.98 12.49 4.42
CA ASN A 40 7.66 12.74 4.99
C ASN A 40 6.56 12.20 4.08
N ARG A 41 6.79 12.25 2.76
CA ARG A 41 5.81 11.74 1.82
C ARG A 41 5.79 10.21 1.82
N TYR A 42 6.92 9.61 2.18
CA TYR A 42 7.04 8.16 2.22
C TYR A 42 6.00 7.56 3.17
N ASN A 43 6.06 7.95 4.44
CA ASN A 43 5.13 7.46 5.44
C ASN A 43 3.70 7.87 5.11
N ASN A 44 3.55 9.00 4.44
CA ASN A 44 2.23 9.51 4.07
C ASN A 44 1.48 8.50 3.21
N LEU A 45 1.98 8.26 2.00
CA LEU A 45 1.34 7.31 1.08
C LEU A 45 1.18 5.95 1.75
N TYR A 46 2.19 5.54 2.51
CA TYR A 46 2.13 4.25 3.19
C TYR A 46 1.08 4.27 4.30
N SER A 47 0.91 5.43 4.94
CA SER A 47 -0.06 5.58 6.01
C SER A 47 -1.43 5.09 5.54
N HIS A 48 -1.74 5.36 4.28
CA HIS A 48 -3.01 4.95 3.70
C HIS A 48 -2.98 3.46 3.34
N THR A 49 -1.79 2.94 3.08
CA THR A 49 -1.63 1.53 2.74
C THR A 49 -1.77 0.64 3.98
N GLN A 50 -1.26 1.12 5.10
CA GLN A 50 -1.32 0.37 6.35
C GLN A 50 -2.73 0.37 6.94
N ARG A 51 -3.51 1.39 6.61
CA ARG A 51 -4.87 1.50 7.13
C ARG A 51 -5.89 0.91 6.15
N THR A 52 -5.55 0.91 4.86
CA THR A 52 -6.46 0.38 3.85
C THR A 52 -6.53 -1.14 3.91
N LEU A 53 -5.37 -1.80 4.01
CA LEU A 53 -5.33 -3.26 4.08
C LEU A 53 -6.29 -3.79 5.13
N ASP A 54 -6.44 -3.03 6.23
CA ASP A 54 -7.34 -3.42 7.30
C ASP A 54 -8.75 -3.64 6.77
N MET A 55 -9.12 -2.87 5.76
CA MET A 55 -10.44 -2.98 5.15
C MET A 55 -10.56 -4.27 4.36
N ALA A 56 -9.44 -4.80 3.91
CA ALA A 56 -9.41 -6.04 3.14
C ALA A 56 -9.61 -7.25 4.04
N ASP A 57 -9.03 -7.20 5.23
CA ASP A 57 -9.15 -8.30 6.19
C ASP A 57 -10.29 -8.05 7.17
N MET A 58 -11.44 -7.64 6.64
CA MET A 58 -12.60 -7.35 7.47
C MET A 58 -13.87 -8.02 6.95
N GLN A 59 -14.28 -7.63 5.75
CA GLN A 59 -15.50 -8.17 5.11
C GLN A 59 -15.73 -9.64 5.43
N HIS A 60 -14.80 -10.50 5.02
CA HIS A 60 -14.92 -11.93 5.26
C HIS A 60 -14.73 -12.26 6.75
N ARG A 61 -15.55 -11.65 7.59
CA ARG A 61 -15.49 -11.87 9.03
C ARG A 61 -15.37 -13.35 9.38
N TYR A 62 -15.91 -14.20 8.50
CA TYR A 62 -15.86 -15.64 8.71
C TYR A 62 -14.42 -16.15 8.73
N MET A 63 -13.55 -15.47 7.99
CA MET A 63 -12.14 -15.87 7.92
C MET A 63 -11.23 -14.87 8.64
N THR A 64 -11.82 -13.80 9.17
CA THR A 64 -11.04 -12.78 9.89
C THR A 64 -11.70 -12.47 11.24
N GLY A 65 -11.73 -11.19 11.62
CA GLY A 65 -12.33 -10.81 12.89
C GLY A 65 -13.78 -10.40 12.74
N ALA A 66 -14.68 -11.21 13.30
CA ALA A 66 -16.11 -10.94 13.24
C ALA A 66 -16.60 -10.22 14.49
N SER A 67 -15.74 -9.38 15.05
CA SER A 67 -16.08 -8.63 16.26
C SER A 67 -16.51 -7.21 15.91
N GLY A 68 -16.70 -6.38 16.94
CA GLY A 68 -17.11 -5.00 16.72
C GLY A 68 -16.24 -4.28 15.71
N ILE A 69 -16.66 -4.30 14.45
CA ILE A 69 -15.90 -3.65 13.39
C ILE A 69 -16.42 -2.23 13.13
N ASN A 70 -15.83 -1.57 12.15
CA ASN A 70 -16.22 -0.20 11.80
C ASN A 70 -17.72 -0.12 11.53
N PRO A 71 -18.28 1.11 11.50
CA PRO A 71 -19.70 1.32 11.26
C PRO A 71 -20.08 1.09 9.80
N GLY A 72 -19.79 -0.10 9.30
CA GLY A 72 -20.11 -0.42 7.91
C GLY A 72 -19.03 0.02 6.95
N MET A 73 -18.54 -0.92 6.15
CA MET A 73 -17.49 -0.63 5.18
C MET A 73 -17.84 -1.22 3.81
N LEU A 74 -17.53 -0.48 2.75
CA LEU A 74 -17.82 -0.94 1.40
C LEU A 74 -16.91 -2.10 1.01
N PRO A 75 -17.37 -2.95 0.08
CA PRO A 75 -16.60 -4.12 -0.38
C PRO A 75 -15.46 -3.74 -1.31
N HIS A 76 -15.69 -2.74 -2.15
CA HIS A 76 -14.68 -2.29 -3.10
C HIS A 76 -13.76 -1.23 -2.49
N GLU A 77 -14.11 -0.76 -1.30
CA GLU A 77 -13.30 0.26 -0.62
C GLU A 77 -11.88 -0.23 -0.42
N ASN A 78 -11.75 -1.44 0.14
CA ASN A 78 -10.44 -2.03 0.39
C ASN A 78 -9.70 -2.27 -0.93
N VAL A 79 -10.43 -2.68 -1.95
CA VAL A 79 -9.85 -2.94 -3.27
C VAL A 79 -9.37 -1.66 -3.92
N ASP A 80 -10.28 -0.70 -4.09
CA ASP A 80 -9.95 0.58 -4.72
C ASP A 80 -8.81 1.27 -3.96
N ASP A 81 -8.96 1.35 -2.64
CA ASP A 81 -7.95 1.99 -1.81
C ASP A 81 -6.61 1.25 -1.90
N MET A 82 -6.67 -0.02 -2.25
CA MET A 82 -5.47 -0.84 -2.38
C MET A 82 -4.64 -0.40 -3.57
N ARG A 83 -5.22 -0.50 -4.76
CA ARG A 83 -4.53 -0.10 -5.98
C ARG A 83 -4.09 1.35 -5.91
N SER A 84 -4.73 2.12 -5.05
CA SER A 84 -4.39 3.54 -4.88
C SER A 84 -3.01 3.67 -4.24
N ALA A 85 -2.71 2.79 -3.29
CA ALA A 85 -1.42 2.82 -2.61
C ALA A 85 -0.29 2.50 -3.58
N ILE A 86 -0.48 1.47 -4.39
CA ILE A 86 0.52 1.08 -5.37
C ILE A 86 0.76 2.20 -6.38
N THR A 87 -0.26 3.04 -6.57
CA THR A 87 -0.14 4.16 -7.51
C THR A 87 0.94 5.11 -7.04
N ASP A 88 1.01 5.31 -5.73
CA ASP A 88 2.01 6.20 -5.14
C ASP A 88 3.33 5.45 -4.97
N TRP A 89 3.24 4.19 -4.54
CA TRP A 89 4.43 3.36 -4.34
C TRP A 89 5.11 3.08 -5.67
N SER A 90 4.32 2.64 -6.65
CA SER A 90 4.84 2.33 -7.98
C SER A 90 5.62 3.52 -8.55
N ASP A 91 5.03 4.70 -8.44
CA ASP A 91 5.66 5.92 -8.92
C ASP A 91 7.01 6.11 -8.25
N MET A 92 7.11 5.67 -6.99
CA MET A 92 8.35 5.78 -6.24
C MET A 92 9.39 4.80 -6.76
N ARG A 93 8.93 3.66 -7.25
CA ARG A 93 9.82 2.63 -7.78
C ARG A 93 10.70 3.21 -8.88
N GLU A 94 10.09 4.00 -9.75
CA GLU A 94 10.81 4.62 -10.87
C GLU A 94 11.45 5.94 -10.42
N ALA A 95 10.79 6.64 -9.51
CA ALA A 95 11.30 7.91 -9.01
C ALA A 95 12.51 7.70 -8.12
N LEU A 96 12.33 6.91 -7.05
CA LEU A 96 13.40 6.63 -6.12
C LEU A 96 14.60 6.00 -6.83
N GLN A 97 14.33 5.04 -7.70
CA GLN A 97 15.39 4.37 -8.45
C GLN A 97 16.21 5.36 -9.26
N HIS A 98 15.51 6.21 -10.00
CA HIS A 98 16.16 7.22 -10.83
C HIS A 98 16.90 8.24 -9.97
N ALA A 99 16.26 8.66 -8.89
CA ALA A 99 16.86 9.64 -7.98
C ALA A 99 18.06 9.05 -7.25
N MET A 100 17.95 7.78 -6.87
CA MET A 100 19.02 7.10 -6.16
C MET A 100 20.32 7.14 -6.97
N GLY A 101 20.23 6.74 -8.24
CA GLY A 101 21.40 6.74 -9.10
C GLY A 101 21.22 5.81 -10.30
N ILE A 102 20.02 5.81 -10.87
CA ILE A 102 19.73 4.98 -12.03
C ILE A 102 19.12 5.81 -13.16
N HIS A 103 19.21 5.29 -14.38
CA HIS A 103 18.66 5.98 -15.54
C HIS A 103 17.53 5.17 -16.17
N ALA A 104 16.42 5.84 -16.45
CA ALA A 104 15.27 5.19 -17.05
C ALA A 104 15.49 4.92 -18.54
N ASP A 105 14.98 3.79 -19.02
CA ASP A 105 15.13 3.42 -20.42
C ASP A 105 13.83 2.86 -20.97
N ILE A 106 12.90 3.75 -21.32
CA ILE A 106 11.61 3.34 -21.87
C ILE A 106 11.68 3.15 -23.37
N ASP A 2 -22.93 -7.46 -4.91
CA ASP A 2 -22.47 -6.21 -5.57
C ASP A 2 -20.96 -6.03 -5.42
N ASN A 3 -20.42 -6.53 -4.32
CA ASN A 3 -18.99 -6.43 -4.07
C ASN A 3 -18.24 -7.65 -4.58
N VAL A 4 -16.93 -7.67 -4.37
CA VAL A 4 -16.11 -8.79 -4.82
C VAL A 4 -16.19 -9.96 -3.83
N THR A 5 -15.64 -11.10 -4.22
CA THR A 5 -15.66 -12.29 -3.38
C THR A 5 -14.67 -12.14 -2.22
N SER A 6 -14.85 -12.98 -1.20
CA SER A 6 -13.97 -12.95 -0.04
C SER A 6 -12.52 -13.24 -0.44
N SER A 7 -12.36 -14.14 -1.40
CA SER A 7 -11.03 -14.50 -1.89
C SER A 7 -10.39 -13.32 -2.59
N GLN A 8 -11.21 -12.48 -3.20
CA GLN A 8 -10.73 -11.30 -3.91
C GLN A 8 -10.36 -10.20 -2.93
N LEU A 9 -11.11 -10.10 -1.83
CA LEU A 9 -10.84 -9.09 -0.81
C LEU A 9 -9.38 -9.16 -0.38
N LEU A 10 -8.92 -10.37 -0.08
CA LEU A 10 -7.54 -10.59 0.34
C LEU A 10 -6.62 -10.61 -0.88
N SER A 11 -7.18 -10.98 -2.03
CA SER A 11 -6.42 -11.03 -3.27
C SER A 11 -5.84 -9.66 -3.60
N VAL A 12 -6.59 -8.62 -3.24
CA VAL A 12 -6.17 -7.25 -3.48
C VAL A 12 -5.12 -6.82 -2.45
N ARG A 13 -5.44 -7.01 -1.18
CA ARG A 13 -4.51 -6.65 -0.11
C ARG A 13 -3.19 -7.40 -0.28
N HIS A 14 -3.25 -8.53 -0.98
CA HIS A 14 -2.07 -9.35 -1.21
C HIS A 14 -1.20 -8.75 -2.31
N GLN A 15 -1.84 -8.10 -3.28
CA GLN A 15 -1.13 -7.49 -4.39
C GLN A 15 -0.59 -6.10 -4.00
N LEU A 16 -1.29 -5.44 -3.09
CA LEU A 16 -0.89 -4.11 -2.63
C LEU A 16 0.26 -4.22 -1.64
N ALA A 17 0.03 -4.91 -0.53
CA ALA A 17 1.04 -5.08 0.50
C ALA A 17 2.34 -5.64 -0.09
N GLU A 18 2.21 -6.53 -1.06
CA GLU A 18 3.37 -7.14 -1.70
C GLU A 18 4.25 -6.07 -2.36
N SER A 19 3.62 -5.19 -3.13
CA SER A 19 4.34 -4.13 -3.83
C SER A 19 4.68 -2.99 -2.87
N ALA A 20 3.88 -2.83 -1.82
CA ALA A 20 4.10 -1.78 -0.85
C ALA A 20 5.36 -2.05 -0.02
N GLY A 21 5.48 -1.35 1.11
CA GLY A 21 6.63 -1.49 2.00
C GLY A 21 7.94 -1.77 1.30
N LEU A 22 8.83 -0.76 1.26
CA LEU A 22 10.13 -0.91 0.62
C LEU A 22 10.89 -2.12 1.17
N PRO A 23 11.75 -2.74 0.36
CA PRO A 23 12.52 -3.92 0.77
C PRO A 23 13.45 -3.60 1.94
N ARG A 24 14.61 -3.01 1.65
CA ARG A 24 15.57 -2.67 2.69
C ARG A 24 16.36 -1.41 2.31
N ASP A 25 17.23 -1.54 1.30
CA ASP A 25 18.04 -0.41 0.85
C ASP A 25 17.17 0.75 0.39
N GLN A 26 15.99 0.44 -0.12
CA GLN A 26 15.06 1.46 -0.60
C GLN A 26 14.76 2.49 0.48
N HIS A 27 14.87 2.07 1.74
CA HIS A 27 14.61 2.96 2.87
C HIS A 27 15.89 3.69 3.30
N GLU A 28 17.04 3.05 3.07
CA GLU A 28 18.32 3.63 3.44
C GLU A 28 18.61 4.90 2.65
N PHE A 29 17.94 5.06 1.51
CA PHE A 29 18.15 6.23 0.66
C PHE A 29 17.05 7.26 0.87
N VAL A 30 15.80 6.81 0.82
CA VAL A 30 14.66 7.71 0.99
C VAL A 30 14.57 8.28 2.41
N SER A 31 15.39 7.76 3.32
CA SER A 31 15.38 8.23 4.70
C SER A 31 16.73 8.77 5.13
N SER A 32 17.80 8.09 4.71
CA SER A 32 19.15 8.51 5.08
C SER A 32 19.75 9.49 4.07
N GLN A 33 19.09 9.67 2.94
CA GLN A 33 19.58 10.58 1.91
C GLN A 33 18.51 11.55 1.45
N ALA A 34 17.40 11.02 0.95
CA ALA A 34 16.29 11.85 0.47
C ALA A 34 15.94 12.95 1.47
N PRO A 35 15.44 14.10 0.97
CA PRO A 35 15.05 15.23 1.82
C PRO A 35 13.78 14.96 2.60
N GLN A 36 13.58 15.73 3.68
CA GLN A 36 12.40 15.58 4.52
C GLN A 36 11.12 15.54 3.68
N SER A 37 11.10 16.32 2.60
CA SER A 37 9.94 16.36 1.71
C SER A 37 9.65 14.99 1.14
N LEU A 38 10.70 14.25 0.82
CA LEU A 38 10.57 12.91 0.26
C LEU A 38 10.10 11.92 1.33
N ARG A 39 10.57 12.14 2.56
CA ARG A 39 10.20 11.28 3.68
C ARG A 39 8.76 11.52 4.11
N ASN A 40 8.32 12.77 3.98
CA ASN A 40 6.96 13.15 4.36
C ASN A 40 5.94 12.37 3.54
N ARG A 41 6.16 12.30 2.23
CA ARG A 41 5.27 11.58 1.34
C ARG A 41 5.44 10.07 1.49
N TYR A 42 6.64 9.65 1.86
CA TYR A 42 6.95 8.24 2.05
C TYR A 42 5.92 7.57 2.96
N ASN A 43 5.80 8.09 4.18
CA ASN A 43 4.84 7.54 5.15
C ASN A 43 3.42 7.94 4.81
N ASN A 44 3.25 9.08 4.16
CA ASN A 44 1.94 9.58 3.79
C ASN A 44 1.22 8.58 2.88
N LEU A 45 1.75 8.38 1.69
CA LEU A 45 1.15 7.45 0.74
C LEU A 45 0.96 6.06 1.36
N TYR A 46 1.92 5.65 2.19
CA TYR A 46 1.82 4.35 2.84
C TYR A 46 0.73 4.35 3.90
N SER A 47 0.51 5.51 4.51
CA SER A 47 -0.51 5.65 5.53
C SER A 47 -1.85 5.11 5.02
N HIS A 48 -2.21 5.51 3.81
CA HIS A 48 -3.44 5.06 3.19
C HIS A 48 -3.34 3.60 2.78
N THR A 49 -2.10 3.14 2.57
CA THR A 49 -1.85 1.76 2.17
C THR A 49 -1.96 0.81 3.37
N GLN A 50 -1.21 1.12 4.42
CA GLN A 50 -1.21 0.29 5.62
C GLN A 50 -2.60 0.20 6.24
N ARG A 51 -3.45 1.19 5.97
CA ARG A 51 -4.80 1.21 6.52
C ARG A 51 -5.80 0.56 5.57
N THR A 52 -5.64 0.79 4.26
CA THR A 52 -6.55 0.22 3.27
C THR A 52 -6.48 -1.31 3.29
N LEU A 53 -5.27 -1.84 3.41
CA LEU A 53 -5.09 -3.30 3.46
C LEU A 53 -5.91 -3.92 4.58
N ASP A 54 -5.95 -3.25 5.71
CA ASP A 54 -6.70 -3.74 6.87
C ASP A 54 -8.17 -3.89 6.53
N MET A 55 -8.73 -2.88 5.87
CA MET A 55 -10.14 -2.89 5.48
C MET A 55 -10.43 -4.09 4.58
N ALA A 56 -9.44 -4.51 3.80
CA ALA A 56 -9.58 -5.65 2.92
C ALA A 56 -9.69 -6.95 3.71
N ASP A 57 -8.68 -7.20 4.53
CA ASP A 57 -8.66 -8.41 5.36
C ASP A 57 -9.45 -8.19 6.65
N MET A 58 -10.71 -7.79 6.50
CA MET A 58 -11.57 -7.55 7.65
C MET A 58 -12.91 -8.26 7.48
N GLN A 59 -13.51 -8.11 6.31
CA GLN A 59 -14.80 -8.74 6.01
C GLN A 59 -14.77 -10.24 6.27
N HIS A 60 -13.58 -10.84 6.18
CA HIS A 60 -13.43 -12.27 6.41
C HIS A 60 -13.68 -12.63 7.87
N ARG A 61 -14.95 -12.53 8.29
CA ARG A 61 -15.33 -12.84 9.66
C ARG A 61 -14.71 -14.16 10.13
N TYR A 62 -14.44 -15.06 9.19
CA TYR A 62 -13.86 -16.36 9.52
C TYR A 62 -12.33 -16.29 9.56
N MET A 63 -11.74 -15.78 8.48
CA MET A 63 -10.27 -15.68 8.39
C MET A 63 -9.73 -14.64 9.37
N THR A 64 -10.35 -13.47 9.40
CA THR A 64 -9.90 -12.39 10.29
C THR A 64 -10.98 -12.05 11.31
N GLY A 65 -10.75 -11.00 12.08
CA GLY A 65 -11.70 -10.59 13.09
C GLY A 65 -12.65 -9.51 12.59
N ALA A 66 -13.87 -9.92 12.25
CA ALA A 66 -14.87 -8.98 11.76
C ALA A 66 -15.71 -8.41 12.90
N SER A 67 -15.09 -8.23 14.06
CA SER A 67 -15.79 -7.70 15.23
C SER A 67 -15.51 -6.20 15.40
N GLY A 68 -14.82 -5.82 16.49
CA GLY A 68 -14.52 -4.43 16.72
C GLY A 68 -13.67 -3.82 15.61
N ILE A 69 -14.31 -3.50 14.50
CA ILE A 69 -13.63 -2.92 13.36
C ILE A 69 -14.10 -1.50 13.09
N ASN A 70 -13.63 -0.92 11.98
CA ASN A 70 -14.01 0.44 11.60
C ASN A 70 -15.52 0.63 11.70
N PRO A 71 -16.00 1.88 11.59
CA PRO A 71 -17.44 2.19 11.68
C PRO A 71 -18.23 1.65 10.49
N GLY A 72 -18.13 0.34 10.25
CA GLY A 72 -18.85 -0.28 9.16
C GLY A 72 -18.42 0.24 7.80
N MET A 73 -18.04 -0.67 6.92
CA MET A 73 -17.61 -0.30 5.57
C MET A 73 -17.75 -1.48 4.61
N LEU A 74 -17.98 -1.17 3.34
CA LEU A 74 -18.13 -2.21 2.32
C LEU A 74 -16.78 -2.75 1.89
N PRO A 75 -16.72 -4.04 1.52
CA PRO A 75 -15.47 -4.70 1.09
C PRO A 75 -14.84 -4.07 -0.15
N HIS A 76 -15.57 -3.17 -0.82
CA HIS A 76 -15.04 -2.51 -2.01
C HIS A 76 -14.34 -1.21 -1.67
N GLU A 77 -14.45 -0.77 -0.41
CA GLU A 77 -13.81 0.45 0.02
C GLU A 77 -12.29 0.27 0.11
N ASN A 78 -11.87 -0.95 0.39
CA ASN A 78 -10.45 -1.27 0.52
C ASN A 78 -9.81 -1.44 -0.85
N VAL A 79 -10.44 -2.24 -1.71
CA VAL A 79 -9.93 -2.49 -3.06
C VAL A 79 -9.66 -1.18 -3.79
N ASP A 80 -10.60 -0.26 -3.71
CA ASP A 80 -10.46 1.04 -4.37
C ASP A 80 -9.30 1.82 -3.77
N ASP A 81 -9.27 1.90 -2.45
CA ASP A 81 -8.21 2.62 -1.74
C ASP A 81 -6.87 1.90 -1.91
N MET A 82 -6.92 0.60 -2.19
CA MET A 82 -5.71 -0.19 -2.37
C MET A 82 -5.04 0.16 -3.69
N ARG A 83 -5.81 0.07 -4.78
CA ARG A 83 -5.30 0.39 -6.11
C ARG A 83 -4.67 1.77 -6.12
N SER A 84 -5.12 2.64 -5.22
CA SER A 84 -4.60 4.00 -5.11
C SER A 84 -3.19 3.98 -4.55
N ALA A 85 -2.95 3.09 -3.58
CA ALA A 85 -1.63 2.97 -2.97
C ALA A 85 -0.59 2.61 -4.01
N ILE A 86 -0.91 1.62 -4.85
CA ILE A 86 0.01 1.18 -5.89
C ILE A 86 0.30 2.32 -6.87
N THR A 87 -0.63 3.25 -7.00
CA THR A 87 -0.46 4.39 -7.90
C THR A 87 0.76 5.20 -7.47
N ASP A 88 0.89 5.42 -6.17
CA ASP A 88 2.00 6.17 -5.62
C ASP A 88 3.21 5.26 -5.38
N TRP A 89 2.93 4.03 -4.95
CA TRP A 89 3.99 3.07 -4.68
C TRP A 89 4.67 2.63 -5.98
N SER A 90 3.86 2.38 -7.00
CA SER A 90 4.39 1.98 -8.30
C SER A 90 5.28 3.09 -8.86
N ASP A 91 4.77 4.32 -8.78
CA ASP A 91 5.50 5.49 -9.26
C ASP A 91 6.79 5.66 -8.47
N MET A 92 6.70 5.42 -7.17
CA MET A 92 7.87 5.54 -6.29
C MET A 92 8.92 4.50 -6.64
N ARG A 93 8.45 3.30 -7.00
CA ARG A 93 9.37 2.21 -7.37
C ARG A 93 10.35 2.67 -8.44
N GLU A 94 9.85 3.39 -9.44
CA GLU A 94 10.68 3.89 -10.52
C GLU A 94 11.40 5.17 -10.10
N ALA A 95 10.74 5.98 -9.28
CA ALA A 95 11.31 7.23 -8.81
C ALA A 95 12.44 6.99 -7.80
N LEU A 96 12.11 6.34 -6.70
CA LEU A 96 13.09 6.05 -5.65
C LEU A 96 14.32 5.36 -6.24
N GLN A 97 14.09 4.38 -7.11
CA GLN A 97 15.18 3.65 -7.74
C GLN A 97 16.10 4.60 -8.53
N HIS A 98 15.50 5.45 -9.34
CA HIS A 98 16.25 6.40 -10.16
C HIS A 98 17.05 7.35 -9.28
N ALA A 99 16.37 8.00 -8.34
CA ALA A 99 17.02 8.95 -7.44
C ALA A 99 18.14 8.27 -6.64
N MET A 100 17.92 7.02 -6.25
CA MET A 100 18.91 6.27 -5.48
C MET A 100 20.25 6.25 -6.20
N GLY A 101 20.21 6.01 -7.51
CA GLY A 101 21.42 5.96 -8.31
C GLY A 101 21.27 5.12 -9.55
N ILE A 102 20.13 5.27 -10.22
CA ILE A 102 19.86 4.53 -11.44
C ILE A 102 19.19 5.41 -12.50
N HIS A 103 19.32 5.01 -13.76
CA HIS A 103 18.74 5.77 -14.86
C HIS A 103 18.17 4.84 -15.92
N ALA A 104 16.95 5.12 -16.36
CA ALA A 104 16.28 4.31 -17.37
C ALA A 104 15.70 5.18 -18.48
N ASP A 105 15.76 4.69 -19.70
CA ASP A 105 15.24 5.43 -20.85
C ASP A 105 14.65 4.48 -21.89
N ILE A 106 13.43 4.02 -21.65
CA ILE A 106 12.76 3.11 -22.57
C ILE A 106 11.59 3.80 -23.28
N ASP A 2 -22.99 -7.60 -2.98
CA ASP A 2 -22.58 -6.18 -2.80
C ASP A 2 -21.09 -6.06 -2.54
N ASN A 3 -20.54 -7.04 -1.83
CA ASN A 3 -19.12 -7.04 -1.50
C ASN A 3 -18.39 -8.14 -2.27
N VAL A 4 -17.29 -7.77 -2.93
CA VAL A 4 -16.50 -8.72 -3.70
C VAL A 4 -16.21 -9.99 -2.90
N THR A 5 -15.85 -11.07 -3.59
CA THR A 5 -15.56 -12.34 -2.95
C THR A 5 -14.45 -12.20 -1.91
N SER A 6 -14.60 -12.89 -0.78
CA SER A 6 -13.63 -12.85 0.30
C SER A 6 -12.21 -13.12 -0.23
N SER A 7 -12.11 -14.04 -1.18
CA SER A 7 -10.82 -14.39 -1.76
C SER A 7 -10.20 -13.18 -2.44
N GLN A 8 -11.00 -12.43 -3.17
CA GLN A 8 -10.53 -11.24 -3.87
C GLN A 8 -10.15 -10.16 -2.87
N LEU A 9 -10.97 -10.00 -1.83
CA LEU A 9 -10.70 -9.00 -0.80
C LEU A 9 -9.29 -9.19 -0.25
N LEU A 10 -8.98 -10.43 0.10
CA LEU A 10 -7.66 -10.76 0.63
C LEU A 10 -6.64 -10.92 -0.48
N SER A 11 -7.10 -11.09 -1.72
CA SER A 11 -6.19 -11.24 -2.85
C SER A 11 -5.49 -9.92 -3.16
N VAL A 12 -6.12 -8.82 -2.78
CA VAL A 12 -5.56 -7.50 -3.01
C VAL A 12 -4.68 -7.07 -1.85
N ARG A 13 -5.16 -7.32 -0.63
CA ARG A 13 -4.40 -6.96 0.56
C ARG A 13 -3.10 -7.74 0.61
N HIS A 14 -3.10 -8.92 0.00
CA HIS A 14 -1.91 -9.76 -0.04
C HIS A 14 -0.93 -9.27 -1.10
N GLN A 15 -1.47 -8.82 -2.24
CA GLN A 15 -0.65 -8.31 -3.33
C GLN A 15 -0.20 -6.88 -3.07
N LEU A 16 -1.03 -6.11 -2.37
CA LEU A 16 -0.72 -4.72 -2.06
C LEU A 16 0.34 -4.63 -0.97
N ALA A 17 0.03 -5.17 0.21
CA ALA A 17 0.95 -5.15 1.34
C ALA A 17 2.34 -5.64 0.92
N GLU A 18 2.37 -6.70 0.12
CA GLU A 18 3.63 -7.28 -0.35
C GLU A 18 4.42 -6.24 -1.13
N SER A 19 3.76 -5.56 -2.05
CA SER A 19 4.41 -4.54 -2.87
C SER A 19 4.66 -3.27 -2.06
N ALA A 20 3.85 -3.06 -1.02
CA ALA A 20 3.99 -1.88 -0.18
C ALA A 20 5.27 -1.96 0.66
N GLY A 21 6.41 -1.84 -0.01
CA GLY A 21 7.68 -1.90 0.68
C GLY A 21 8.86 -1.78 -0.26
N LEU A 22 9.92 -1.12 0.19
CA LEU A 22 11.12 -0.94 -0.61
C LEU A 22 12.01 -2.17 -0.55
N PRO A 23 12.69 -2.51 -1.67
CA PRO A 23 13.57 -3.68 -1.74
C PRO A 23 14.64 -3.67 -0.64
N ARG A 24 15.68 -2.85 -0.81
CA ARG A 24 16.75 -2.77 0.16
C ARG A 24 17.36 -1.37 0.24
N ASP A 25 18.26 -1.08 -0.70
CA ASP A 25 18.92 0.22 -0.75
C ASP A 25 17.91 1.36 -0.93
N GLN A 26 16.81 1.06 -1.60
CA GLN A 26 15.76 2.05 -1.85
C GLN A 26 15.37 2.75 -0.55
N HIS A 27 15.39 2.01 0.55
CA HIS A 27 15.02 2.56 1.85
C HIS A 27 16.14 3.43 2.42
N GLU A 28 17.37 2.92 2.33
CA GLU A 28 18.53 3.65 2.84
C GLU A 28 18.63 5.05 2.23
N PHE A 29 17.99 5.24 1.07
CA PHE A 29 18.03 6.52 0.39
C PHE A 29 16.85 7.40 0.82
N VAL A 30 15.65 6.86 0.68
CA VAL A 30 14.43 7.61 1.03
C VAL A 30 14.32 7.86 2.54
N SER A 31 15.18 7.22 3.33
CA SER A 31 15.12 7.38 4.78
C SER A 31 16.43 7.90 5.37
N SER A 32 17.55 7.50 4.78
CA SER A 32 18.85 7.93 5.27
C SER A 32 19.47 9.03 4.41
N GLN A 33 18.87 9.32 3.26
CA GLN A 33 19.39 10.35 2.37
C GLN A 33 18.34 11.42 2.07
N ALA A 34 17.30 11.04 1.34
CA ALA A 34 16.24 11.97 0.97
C ALA A 34 15.82 12.85 2.15
N PRO A 35 15.36 14.08 1.86
CA PRO A 35 14.93 15.02 2.89
C PRO A 35 13.57 14.66 3.49
N GLN A 36 13.28 15.19 4.68
CA GLN A 36 12.03 14.92 5.36
C GLN A 36 10.84 15.06 4.40
N SER A 37 10.99 15.93 3.41
CA SER A 37 9.93 16.15 2.43
C SER A 37 9.64 14.87 1.66
N LEU A 38 10.70 14.21 1.19
CA LEU A 38 10.55 12.96 0.44
C LEU A 38 9.95 11.88 1.31
N ARG A 39 10.23 11.94 2.61
CA ARG A 39 9.71 10.97 3.56
C ARG A 39 8.23 11.20 3.83
N ASN A 40 7.82 12.47 3.78
CA ASN A 40 6.42 12.84 4.00
C ASN A 40 5.51 12.10 3.02
N ARG A 41 5.88 12.15 1.74
CA ARG A 41 5.09 11.48 0.70
C ARG A 41 5.20 9.97 0.83
N TYR A 42 6.38 9.51 1.25
CA TYR A 42 6.61 8.07 1.42
C TYR A 42 5.64 7.49 2.44
N ASN A 43 5.54 8.16 3.59
CA ASN A 43 4.66 7.71 4.66
C ASN A 43 3.20 8.00 4.32
N ASN A 44 2.98 9.09 3.58
CA ASN A 44 1.63 9.49 3.18
C ASN A 44 0.97 8.39 2.36
N LEU A 45 1.60 8.03 1.24
CA LEU A 45 1.07 6.98 0.37
C LEU A 45 0.91 5.67 1.13
N TYR A 46 1.87 5.38 2.00
CA TYR A 46 1.84 4.16 2.79
C TYR A 46 0.75 4.24 3.87
N SER A 47 0.47 5.45 4.34
CA SER A 47 -0.56 5.64 5.35
C SER A 47 -1.89 5.07 4.88
N HIS A 48 -2.18 5.26 3.60
CA HIS A 48 -3.42 4.74 3.01
C HIS A 48 -3.29 3.24 2.74
N THR A 49 -2.06 2.77 2.57
CA THR A 49 -1.82 1.36 2.30
C THR A 49 -1.94 0.54 3.59
N GLN A 50 -1.45 1.08 4.69
CA GLN A 50 -1.51 0.41 5.98
C GLN A 50 -2.94 0.36 6.51
N ARG A 51 -3.76 1.31 6.08
CA ARG A 51 -5.15 1.37 6.53
C ARG A 51 -6.07 0.64 5.56
N THR A 52 -5.82 0.78 4.27
CA THR A 52 -6.64 0.14 3.24
C THR A 52 -6.60 -1.38 3.40
N LEU A 53 -5.43 -1.91 3.74
CA LEU A 53 -5.26 -3.35 3.92
C LEU A 53 -6.19 -3.87 5.01
N ASP A 54 -6.40 -3.05 6.04
CA ASP A 54 -7.27 -3.43 7.15
C ASP A 54 -8.69 -3.66 6.67
N MET A 55 -9.22 -2.70 5.91
CA MET A 55 -10.58 -2.79 5.39
C MET A 55 -10.77 -4.09 4.60
N ALA A 56 -9.66 -4.63 4.09
CA ALA A 56 -9.71 -5.86 3.31
C ALA A 56 -9.86 -7.08 4.22
N ASP A 57 -9.05 -7.12 5.28
CA ASP A 57 -9.10 -8.23 6.23
C ASP A 57 -10.17 -8.01 7.28
N MET A 58 -11.37 -7.64 6.84
CA MET A 58 -12.49 -7.41 7.74
C MET A 58 -13.73 -8.15 7.28
N GLN A 59 -14.04 -8.02 5.99
CA GLN A 59 -15.21 -8.67 5.42
C GLN A 59 -15.25 -10.17 5.73
N HIS A 60 -14.08 -10.78 5.85
CA HIS A 60 -13.99 -12.21 6.15
C HIS A 60 -14.50 -12.51 7.55
N ARG A 61 -15.81 -12.40 7.75
CA ARG A 61 -16.42 -12.65 9.04
C ARG A 61 -16.08 -14.05 9.56
N TYR A 62 -15.66 -14.93 8.66
CA TYR A 62 -15.32 -16.30 9.04
C TYR A 62 -13.81 -16.49 9.22
N MET A 63 -13.03 -15.71 8.46
CA MET A 63 -11.57 -15.81 8.54
C MET A 63 -10.98 -14.82 9.54
N THR A 64 -11.57 -13.64 9.62
CA THR A 64 -11.09 -12.60 10.54
C THR A 64 -12.14 -12.28 11.60
N GLY A 65 -11.96 -11.16 12.29
CA GLY A 65 -12.90 -10.77 13.32
C GLY A 65 -13.96 -9.82 12.83
N ALA A 66 -15.16 -10.33 12.62
CA ALA A 66 -16.28 -9.53 12.15
C ALA A 66 -17.12 -8.99 13.31
N SER A 67 -16.45 -8.68 14.42
CA SER A 67 -17.13 -8.17 15.60
C SER A 67 -16.98 -6.64 15.68
N GLY A 68 -16.29 -6.13 16.70
CA GLY A 68 -16.10 -4.70 16.83
C GLY A 68 -15.23 -4.13 15.74
N ILE A 69 -15.75 -4.11 14.51
CA ILE A 69 -15.01 -3.60 13.37
C ILE A 69 -15.12 -2.08 13.28
N ASN A 70 -14.53 -1.51 12.23
CA ASN A 70 -14.56 -0.07 12.03
C ASN A 70 -16.00 0.44 11.96
N PRO A 71 -16.18 1.77 12.04
CA PRO A 71 -17.52 2.38 11.99
C PRO A 71 -18.16 2.27 10.61
N GLY A 72 -18.31 1.03 10.12
CA GLY A 72 -18.91 0.81 8.83
C GLY A 72 -18.01 1.25 7.68
N MET A 73 -17.75 0.32 6.76
CA MET A 73 -16.90 0.61 5.61
C MET A 73 -17.49 0.01 4.33
N LEU A 74 -17.00 0.48 3.19
CA LEU A 74 -17.47 -0.01 1.90
C LEU A 74 -16.73 -1.29 1.50
N PRO A 75 -17.37 -2.14 0.67
CA PRO A 75 -16.76 -3.40 0.22
C PRO A 75 -15.54 -3.17 -0.66
N HIS A 76 -15.66 -2.28 -1.64
CA HIS A 76 -14.57 -1.99 -2.55
C HIS A 76 -13.62 -0.94 -1.96
N GLU A 77 -14.01 -0.33 -0.84
CA GLU A 77 -13.19 0.69 -0.19
C GLU A 77 -11.73 0.23 -0.07
N ASN A 78 -11.53 -1.05 0.20
CA ASN A 78 -10.19 -1.60 0.35
C ASN A 78 -9.54 -1.86 -1.01
N VAL A 79 -10.18 -2.69 -1.83
CA VAL A 79 -9.65 -3.02 -3.15
C VAL A 79 -9.34 -1.76 -3.96
N ASP A 80 -10.27 -0.82 -3.96
CA ASP A 80 -10.10 0.44 -4.69
C ASP A 80 -8.87 1.19 -4.17
N ASP A 81 -8.87 1.49 -2.88
CA ASP A 81 -7.77 2.22 -2.26
C ASP A 81 -6.47 1.41 -2.34
N MET A 82 -6.61 0.09 -2.52
CA MET A 82 -5.45 -0.78 -2.62
C MET A 82 -4.62 -0.46 -3.86
N ARG A 83 -5.23 -0.63 -5.03
CA ARG A 83 -4.55 -0.35 -6.28
C ARG A 83 -3.97 1.06 -6.28
N SER A 84 -4.57 1.94 -5.49
CA SER A 84 -4.11 3.32 -5.39
C SER A 84 -2.74 3.38 -4.73
N ALA A 85 -2.52 2.51 -3.74
CA ALA A 85 -1.24 2.46 -3.04
C ALA A 85 -0.12 2.09 -3.99
N ILE A 86 -0.37 1.10 -4.85
CA ILE A 86 0.63 0.66 -5.82
C ILE A 86 0.96 1.77 -6.80
N THR A 87 -0.01 2.63 -7.07
CA THR A 87 0.20 3.75 -7.99
C THR A 87 1.32 4.65 -7.47
N ASP A 88 1.40 4.80 -6.16
CA ASP A 88 2.43 5.62 -5.53
C ASP A 88 3.71 4.81 -5.32
N TRP A 89 3.54 3.57 -4.87
CA TRP A 89 4.68 2.69 -4.62
C TRP A 89 5.39 2.35 -5.93
N SER A 90 4.61 1.91 -6.91
CA SER A 90 5.16 1.55 -8.22
C SER A 90 5.90 2.75 -8.81
N ASP A 91 5.25 3.90 -8.82
CA ASP A 91 5.84 5.12 -9.35
C ASP A 91 7.13 5.46 -8.59
N MET A 92 7.13 5.13 -7.30
CA MET A 92 8.30 5.39 -6.46
C MET A 92 9.46 4.48 -6.86
N ARG A 93 9.14 3.26 -7.25
CA ARG A 93 10.16 2.31 -7.66
C ARG A 93 11.04 2.90 -8.76
N GLU A 94 10.40 3.53 -9.73
CA GLU A 94 11.13 4.15 -10.84
C GLU A 94 11.65 5.53 -10.45
N ALA A 95 10.86 6.26 -9.68
CA ALA A 95 11.25 7.60 -9.23
C ALA A 95 12.40 7.54 -8.24
N LEU A 96 12.17 6.85 -7.12
CA LEU A 96 13.19 6.72 -6.08
C LEU A 96 14.49 6.18 -6.66
N GLN A 97 14.39 5.23 -7.59
CA GLN A 97 15.56 4.64 -8.21
C GLN A 97 16.40 5.71 -8.91
N HIS A 98 15.73 6.60 -9.64
CA HIS A 98 16.41 7.66 -10.36
C HIS A 98 17.03 8.66 -9.39
N ALA A 99 16.27 9.03 -8.37
CA ALA A 99 16.75 9.98 -7.36
C ALA A 99 17.94 9.41 -6.59
N MET A 100 17.93 8.08 -6.42
CA MET A 100 19.00 7.40 -5.69
C MET A 100 20.34 7.60 -6.40
N GLY A 101 20.34 7.41 -7.72
CA GLY A 101 21.56 7.57 -8.49
C GLY A 101 21.58 6.70 -9.74
N ILE A 102 20.45 6.68 -10.46
CA ILE A 102 20.34 5.88 -11.67
C ILE A 102 19.59 6.64 -12.75
N HIS A 103 19.78 6.23 -14.01
CA HIS A 103 19.13 6.87 -15.13
C HIS A 103 18.58 5.83 -16.10
N ALA A 104 17.26 5.86 -16.30
CA ALA A 104 16.60 4.92 -17.20
C ALA A 104 16.16 5.61 -18.49
N ASP A 105 16.25 4.89 -19.60
CA ASP A 105 15.87 5.44 -20.89
C ASP A 105 15.13 4.39 -21.72
N ILE A 106 13.84 4.24 -21.46
CA ILE A 106 13.01 3.27 -22.18
C ILE A 106 12.06 3.98 -23.14
N ASP A 2 -23.39 -6.34 -5.63
CA ASP A 2 -22.65 -7.02 -4.53
C ASP A 2 -21.17 -6.70 -4.59
N ASN A 3 -20.41 -7.24 -3.64
CA ASN A 3 -18.97 -7.00 -3.58
C ASN A 3 -18.20 -8.26 -3.97
N VAL A 4 -16.89 -8.13 -4.12
CA VAL A 4 -16.04 -9.26 -4.49
C VAL A 4 -16.09 -10.35 -3.42
N THR A 5 -15.42 -11.46 -3.69
CA THR A 5 -15.39 -12.58 -2.76
C THR A 5 -14.39 -12.32 -1.63
N SER A 6 -14.51 -13.10 -0.56
CA SER A 6 -13.61 -12.96 0.59
C SER A 6 -12.16 -13.20 0.18
N SER A 7 -11.97 -14.15 -0.73
CA SER A 7 -10.63 -14.47 -1.21
C SER A 7 -10.04 -13.29 -2.00
N GLN A 8 -10.90 -12.57 -2.70
CA GLN A 8 -10.46 -11.42 -3.48
C GLN A 8 -10.04 -10.26 -2.58
N LEU A 9 -10.76 -10.08 -1.47
CA LEU A 9 -10.45 -9.03 -0.52
C LEU A 9 -8.98 -9.11 -0.11
N LEU A 10 -8.57 -10.30 0.29
CA LEU A 10 -7.19 -10.54 0.71
C LEU A 10 -6.28 -10.74 -0.49
N SER A 11 -6.83 -11.16 -1.62
CA SER A 11 -6.04 -11.38 -2.82
C SER A 11 -5.37 -10.09 -3.27
N VAL A 12 -6.13 -9.00 -3.28
CA VAL A 12 -5.60 -7.71 -3.68
C VAL A 12 -4.68 -7.14 -2.61
N ARG A 13 -5.04 -7.36 -1.34
CA ARG A 13 -4.24 -6.88 -0.23
C ARG A 13 -2.88 -7.60 -0.21
N HIS A 14 -2.85 -8.81 -0.76
CA HIS A 14 -1.63 -9.60 -0.81
C HIS A 14 -0.67 -9.03 -1.85
N GLN A 15 -1.24 -8.52 -2.94
CA GLN A 15 -0.44 -7.93 -4.02
C GLN A 15 -0.03 -6.51 -3.67
N LEU A 16 -0.89 -5.82 -2.92
CA LEU A 16 -0.63 -4.44 -2.52
C LEU A 16 0.37 -4.40 -1.37
N ALA A 17 -0.05 -4.92 -0.21
CA ALA A 17 0.81 -4.94 0.97
C ALA A 17 2.21 -5.43 0.64
N GLU A 18 2.30 -6.51 -0.13
CA GLU A 18 3.58 -7.07 -0.52
C GLU A 18 4.46 -6.02 -1.21
N SER A 19 3.86 -5.29 -2.15
CA SER A 19 4.57 -4.26 -2.88
C SER A 19 4.80 -3.03 -2.01
N ALA A 20 3.94 -2.85 -1.00
CA ALA A 20 4.06 -1.72 -0.09
C ALA A 20 5.23 -1.90 0.87
N GLY A 21 6.44 -1.93 0.31
CA GLY A 21 7.63 -2.09 1.13
C GLY A 21 8.91 -2.09 0.31
N LEU A 22 9.72 -1.05 0.49
CA LEU A 22 10.98 -0.94 -0.23
C LEU A 22 11.88 -2.14 0.05
N PRO A 23 12.71 -2.55 -0.92
CA PRO A 23 13.62 -3.69 -0.76
C PRO A 23 14.65 -3.47 0.37
N ARG A 24 15.75 -2.81 0.05
CA ARG A 24 16.79 -2.55 1.03
C ARG A 24 17.51 -1.23 0.75
N ASP A 25 18.41 -1.26 -0.23
CA ASP A 25 19.17 -0.07 -0.61
C ASP A 25 18.25 1.11 -0.89
N GLN A 26 17.08 0.83 -1.45
CA GLN A 26 16.12 1.87 -1.78
C GLN A 26 15.72 2.65 -0.53
N HIS A 27 15.65 1.96 0.60
CA HIS A 27 15.28 2.60 1.86
C HIS A 27 16.47 3.34 2.46
N GLU A 28 17.67 2.78 2.29
CA GLU A 28 18.88 3.39 2.81
C GLU A 28 19.09 4.79 2.24
N PHE A 29 18.44 5.07 1.11
CA PHE A 29 18.56 6.38 0.48
C PHE A 29 17.38 7.28 0.85
N VAL A 30 16.18 6.84 0.54
CA VAL A 30 14.97 7.61 0.82
C VAL A 30 14.83 7.95 2.30
N SER A 31 15.59 7.26 3.16
CA SER A 31 15.52 7.52 4.59
C SER A 31 16.84 8.06 5.16
N SER A 32 17.96 7.52 4.68
CA SER A 32 19.28 7.95 5.15
C SER A 32 19.90 9.01 4.24
N GLN A 33 19.29 9.25 3.08
CA GLN A 33 19.83 10.24 2.14
C GLN A 33 18.78 11.30 1.80
N ALA A 34 17.71 10.87 1.12
CA ALA A 34 16.65 11.78 0.72
C ALA A 34 16.24 12.72 1.85
N PRO A 35 15.77 13.93 1.49
CA PRO A 35 15.35 14.94 2.48
C PRO A 35 14.04 14.57 3.16
N GLN A 36 13.79 15.17 4.32
CA GLN A 36 12.57 14.92 5.09
C GLN A 36 11.33 15.01 4.19
N SER A 37 11.38 15.92 3.22
CA SER A 37 10.26 16.11 2.31
C SER A 37 9.93 14.81 1.58
N LEU A 38 10.98 14.16 1.06
CA LEU A 38 10.80 12.90 0.34
C LEU A 38 10.24 11.83 1.27
N ARG A 39 10.65 11.88 2.53
CA ARG A 39 10.18 10.92 3.53
C ARG A 39 8.72 11.19 3.90
N ASN A 40 8.34 12.46 3.87
CA ASN A 40 6.97 12.85 4.20
C ASN A 40 5.97 12.10 3.33
N ARG A 41 6.26 12.02 2.03
CA ARG A 41 5.39 11.33 1.09
C ARG A 41 5.51 9.82 1.26
N TYR A 42 6.67 9.36 1.71
CA TYR A 42 6.91 7.93 1.92
C TYR A 42 5.87 7.34 2.86
N ASN A 43 5.67 8.00 4.00
CA ASN A 43 4.71 7.54 5.00
C ASN A 43 3.28 7.88 4.58
N ASN A 44 3.13 9.02 3.92
CA ASN A 44 1.82 9.46 3.45
C ASN A 44 1.17 8.41 2.56
N LEU A 45 1.80 8.12 1.43
CA LEU A 45 1.28 7.12 0.50
C LEU A 45 1.04 5.79 1.21
N TYR A 46 1.92 5.45 2.14
CA TYR A 46 1.80 4.20 2.89
C TYR A 46 0.65 4.29 3.89
N SER A 47 0.40 5.49 4.41
CA SER A 47 -0.68 5.70 5.37
C SER A 47 -1.98 5.13 4.83
N HIS A 48 -2.22 5.35 3.54
CA HIS A 48 -3.42 4.85 2.90
C HIS A 48 -3.30 3.36 2.59
N THR A 49 -2.05 2.90 2.43
CA THR A 49 -1.79 1.49 2.14
C THR A 49 -1.99 0.63 3.38
N GLN A 50 -1.60 1.16 4.53
CA GLN A 50 -1.73 0.44 5.80
C GLN A 50 -3.18 0.40 6.26
N ARG A 51 -3.98 1.38 5.83
CA ARG A 51 -5.38 1.45 6.22
C ARG A 51 -6.29 0.79 5.18
N THR A 52 -5.88 0.86 3.91
CA THR A 52 -6.66 0.27 2.84
C THR A 52 -6.71 -1.25 2.94
N LEU A 53 -5.54 -1.86 3.15
CA LEU A 53 -5.45 -3.30 3.28
C LEU A 53 -6.25 -3.80 4.48
N ASP A 54 -6.21 -3.04 5.57
CA ASP A 54 -6.93 -3.40 6.79
C ASP A 54 -8.42 -3.57 6.51
N MET A 55 -9.01 -2.59 5.84
CA MET A 55 -10.44 -2.64 5.51
C MET A 55 -10.76 -3.87 4.68
N ALA A 56 -9.76 -4.38 3.94
CA ALA A 56 -9.94 -5.55 3.11
C ALA A 56 -9.87 -6.83 3.93
N ASP A 57 -9.16 -6.78 5.05
CA ASP A 57 -9.01 -7.95 5.91
C ASP A 57 -10.03 -7.93 7.04
N MET A 58 -11.26 -7.52 6.72
CA MET A 58 -12.33 -7.44 7.71
C MET A 58 -13.61 -8.13 7.22
N GLN A 59 -14.00 -7.80 5.99
CA GLN A 59 -15.22 -8.35 5.38
C GLN A 59 -15.45 -9.81 5.77
N HIS A 60 -14.45 -10.65 5.49
CA HIS A 60 -14.55 -12.08 5.80
C HIS A 60 -14.58 -12.31 7.31
N ARG A 61 -15.69 -11.96 7.94
CA ARG A 61 -15.86 -12.12 9.37
C ARG A 61 -15.50 -13.54 9.83
N TYR A 62 -15.58 -14.49 8.91
CA TYR A 62 -15.28 -15.89 9.21
C TYR A 62 -13.79 -16.12 9.49
N MET A 63 -12.93 -15.46 8.71
CA MET A 63 -11.48 -15.63 8.88
C MET A 63 -10.83 -14.41 9.53
N THR A 64 -11.64 -13.47 10.01
CA THR A 64 -11.12 -12.28 10.65
C THR A 64 -11.87 -12.00 11.95
N GLY A 65 -11.78 -10.76 12.44
CA GLY A 65 -12.44 -10.40 13.67
C GLY A 65 -13.81 -9.79 13.44
N ALA A 66 -14.85 -10.53 13.80
CA ALA A 66 -16.23 -10.07 13.63
C ALA A 66 -16.74 -9.39 14.89
N SER A 67 -15.86 -8.71 15.60
CA SER A 67 -16.23 -8.02 16.83
C SER A 67 -16.44 -6.53 16.56
N GLY A 68 -16.46 -5.74 17.65
CA GLY A 68 -16.66 -4.31 17.50
C GLY A 68 -15.69 -3.68 16.52
N ILE A 69 -16.14 -3.52 15.28
CA ILE A 69 -15.31 -2.93 14.24
C ILE A 69 -15.93 -1.63 13.73
N ASN A 70 -15.29 -1.03 12.72
CA ASN A 70 -15.78 0.22 12.14
C ASN A 70 -17.28 0.16 11.86
N PRO A 71 -17.91 1.31 11.60
CA PRO A 71 -19.35 1.39 11.31
C PRO A 71 -19.73 0.76 9.98
N GLY A 72 -19.36 -0.50 9.79
CA GLY A 72 -19.67 -1.21 8.56
C GLY A 72 -19.31 -0.42 7.31
N MET A 73 -18.16 -0.74 6.72
CA MET A 73 -17.71 -0.07 5.51
C MET A 73 -17.94 -0.94 4.28
N LEU A 74 -17.79 -0.34 3.10
CA LEU A 74 -17.99 -1.06 1.86
C LEU A 74 -16.81 -2.00 1.57
N PRO A 75 -17.09 -3.27 1.22
CA PRO A 75 -16.05 -4.26 0.93
C PRO A 75 -15.19 -3.87 -0.26
N HIS A 76 -15.67 -2.93 -1.07
CA HIS A 76 -14.93 -2.49 -2.25
C HIS A 76 -14.13 -1.22 -1.97
N GLU A 77 -14.35 -0.62 -0.80
CA GLU A 77 -13.65 0.59 -0.42
C GLU A 77 -12.17 0.32 -0.20
N ASN A 78 -11.86 -0.90 0.22
CA ASN A 78 -10.47 -1.31 0.47
C ASN A 78 -9.74 -1.63 -0.83
N VAL A 79 -10.37 -2.45 -1.67
CA VAL A 79 -9.78 -2.84 -2.95
C VAL A 79 -9.44 -1.62 -3.80
N ASP A 80 -10.35 -0.64 -3.81
CA ASP A 80 -10.14 0.58 -4.58
C ASP A 80 -8.97 1.38 -4.02
N ASP A 81 -8.93 1.52 -2.69
CA ASP A 81 -7.87 2.25 -2.03
C ASP A 81 -6.54 1.50 -2.14
N MET A 82 -6.62 0.19 -2.31
CA MET A 82 -5.42 -0.64 -2.44
C MET A 82 -4.66 -0.29 -3.70
N ARG A 83 -5.35 -0.30 -4.83
CA ARG A 83 -4.75 0.02 -6.12
C ARG A 83 -4.13 1.41 -6.09
N SER A 84 -4.73 2.30 -5.30
CA SER A 84 -4.23 3.66 -5.16
C SER A 84 -2.80 3.67 -4.64
N ALA A 85 -2.52 2.78 -3.70
CA ALA A 85 -1.19 2.68 -3.11
C ALA A 85 -0.16 2.34 -4.18
N ILE A 86 -0.51 1.44 -5.09
CA ILE A 86 0.39 1.03 -6.15
C ILE A 86 0.76 2.22 -7.04
N THR A 87 -0.18 3.14 -7.23
CA THR A 87 0.08 4.32 -8.05
C THR A 87 1.27 5.09 -7.50
N ASP A 88 1.21 5.39 -6.21
CA ASP A 88 2.30 6.12 -5.55
C ASP A 88 3.51 5.22 -5.35
N TRP A 89 3.26 4.01 -4.87
CA TRP A 89 4.33 3.05 -4.62
C TRP A 89 5.09 2.74 -5.91
N SER A 90 4.35 2.32 -6.94
CA SER A 90 4.95 2.00 -8.23
C SER A 90 5.78 3.18 -8.74
N ASP A 91 5.22 4.37 -8.64
CA ASP A 91 5.91 5.58 -9.09
C ASP A 91 7.20 5.78 -8.30
N MET A 92 7.15 5.47 -7.00
CA MET A 92 8.32 5.62 -6.14
C MET A 92 9.42 4.67 -6.56
N ARG A 93 9.04 3.45 -6.96
CA ARG A 93 10.01 2.45 -7.40
C ARG A 93 10.93 3.02 -8.48
N GLU A 94 10.34 3.74 -9.44
CA GLU A 94 11.10 4.34 -10.52
C GLU A 94 11.70 5.68 -10.09
N ALA A 95 10.97 6.40 -9.23
CA ALA A 95 11.44 7.70 -8.75
C ALA A 95 12.63 7.54 -7.81
N LEU A 96 12.41 6.81 -6.71
CA LEU A 96 13.47 6.59 -5.72
C LEU A 96 14.72 6.00 -6.38
N GLN A 97 14.51 5.05 -7.28
CA GLN A 97 15.62 4.41 -7.97
C GLN A 97 16.36 5.42 -8.85
N HIS A 98 15.62 6.34 -9.45
CA HIS A 98 16.21 7.37 -10.31
C HIS A 98 16.93 8.42 -9.47
N ALA A 99 16.33 8.80 -8.36
CA ALA A 99 16.92 9.80 -7.47
C ALA A 99 18.16 9.25 -6.78
N MET A 100 18.12 7.96 -6.46
CA MET A 100 19.25 7.31 -5.79
C MET A 100 20.51 7.40 -6.65
N GLY A 101 20.39 7.02 -7.92
CA GLY A 101 21.52 7.05 -8.81
C GLY A 101 21.33 6.15 -10.03
N ILE A 102 20.12 6.16 -10.58
CA ILE A 102 19.81 5.34 -11.75
C ILE A 102 19.10 6.15 -12.82
N HIS A 103 19.17 5.68 -14.05
CA HIS A 103 18.53 6.37 -15.17
C HIS A 103 17.96 5.37 -16.17
N ALA A 104 16.71 5.59 -16.58
CA ALA A 104 16.05 4.71 -17.53
C ALA A 104 15.55 5.48 -18.75
N ASP A 105 15.46 4.80 -19.89
CA ASP A 105 15.00 5.43 -21.12
C ASP A 105 14.05 4.50 -21.88
N ILE A 106 12.77 4.56 -21.52
CA ILE A 106 11.76 3.73 -22.17
C ILE A 106 10.89 4.54 -23.12
N ASP A 2 -24.23 -6.03 -1.17
CA ASP A 2 -23.28 -7.12 -1.52
C ASP A 2 -21.84 -6.70 -1.26
N ASN A 3 -20.95 -7.69 -1.22
CA ASN A 3 -19.54 -7.43 -0.97
C ASN A 3 -18.66 -8.40 -1.76
N VAL A 4 -17.59 -7.89 -2.37
CA VAL A 4 -16.67 -8.71 -3.15
C VAL A 4 -16.29 -9.97 -2.38
N THR A 5 -15.77 -10.96 -3.09
CA THR A 5 -15.37 -12.22 -2.46
C THR A 5 -14.25 -11.97 -1.46
N SER A 6 -14.42 -12.51 -0.26
CA SER A 6 -13.43 -12.35 0.81
C SER A 6 -12.02 -12.64 0.31
N SER A 7 -11.91 -13.50 -0.69
CA SER A 7 -10.61 -13.85 -1.26
C SER A 7 -10.01 -12.68 -2.01
N GLN A 8 -10.85 -11.93 -2.71
CA GLN A 8 -10.39 -10.78 -3.48
C GLN A 8 -9.98 -9.64 -2.57
N LEU A 9 -10.78 -9.38 -1.54
CA LEU A 9 -10.48 -8.31 -0.59
C LEU A 9 -9.07 -8.48 -0.03
N LEU A 10 -8.74 -9.71 0.36
CA LEU A 10 -7.43 -10.01 0.90
C LEU A 10 -6.40 -10.21 -0.22
N SER A 11 -6.87 -10.39 -1.45
CA SER A 11 -5.96 -10.59 -2.59
C SER A 11 -5.29 -9.28 -2.98
N VAL A 12 -5.95 -8.16 -2.68
CA VAL A 12 -5.41 -6.86 -3.01
C VAL A 12 -4.54 -6.34 -1.88
N ARG A 13 -4.97 -6.60 -0.65
CA ARG A 13 -4.21 -6.17 0.52
C ARG A 13 -2.90 -6.94 0.60
N HIS A 14 -2.93 -8.18 0.14
CA HIS A 14 -1.74 -9.03 0.15
C HIS A 14 -0.75 -8.54 -0.90
N GLN A 15 -1.26 -8.14 -2.06
CA GLN A 15 -0.43 -7.64 -3.14
C GLN A 15 -0.02 -6.19 -2.89
N LEU A 16 -0.86 -5.46 -2.16
CA LEU A 16 -0.59 -4.06 -1.86
C LEU A 16 0.34 -3.93 -0.66
N ALA A 17 -0.07 -4.50 0.46
CA ALA A 17 0.74 -4.44 1.68
C ALA A 17 2.16 -4.91 1.43
N GLU A 18 2.29 -6.06 0.77
CA GLU A 18 3.61 -6.62 0.46
C GLU A 18 4.45 -5.64 -0.35
N SER A 19 3.85 -5.12 -1.42
CA SER A 19 4.55 -4.17 -2.28
C SER A 19 4.82 -2.86 -1.55
N ALA A 20 3.96 -2.53 -0.60
CA ALA A 20 4.10 -1.30 0.17
C ALA A 20 5.33 -1.36 1.08
N GLY A 21 6.51 -1.27 0.46
CA GLY A 21 7.75 -1.31 1.23
C GLY A 21 8.95 -1.60 0.37
N LEU A 22 9.96 -0.73 0.42
CA LEU A 22 11.18 -0.91 -0.36
C LEU A 22 12.00 -2.08 0.19
N PRO A 23 12.76 -2.75 -0.69
CA PRO A 23 13.60 -3.89 -0.28
C PRO A 23 14.67 -3.51 0.74
N ARG A 24 15.75 -2.89 0.26
CA ARG A 24 16.84 -2.49 1.15
C ARG A 24 17.54 -1.23 0.64
N ASP A 25 18.26 -1.36 -0.47
CA ASP A 25 18.98 -0.24 -1.05
C ASP A 25 18.06 0.94 -1.32
N GLN A 26 16.87 0.66 -1.84
CA GLN A 26 15.90 1.70 -2.14
C GLN A 26 15.59 2.54 -0.90
N HIS A 27 15.34 1.84 0.21
CA HIS A 27 15.03 2.52 1.47
C HIS A 27 16.23 3.30 1.99
N GLU A 28 17.41 2.67 1.96
CA GLU A 28 18.63 3.30 2.43
C GLU A 28 18.85 4.65 1.76
N PHE A 29 18.27 4.83 0.58
CA PHE A 29 18.41 6.08 -0.16
C PHE A 29 17.30 7.06 0.20
N VAL A 30 16.05 6.61 0.07
CA VAL A 30 14.90 7.45 0.37
C VAL A 30 14.77 7.76 1.86
N SER A 31 15.57 7.09 2.69
CA SER A 31 15.51 7.31 4.14
C SER A 31 16.84 7.78 4.72
N SER A 32 17.94 7.35 4.13
CA SER A 32 19.27 7.73 4.61
C SER A 32 19.97 8.74 3.70
N GLN A 33 19.40 8.98 2.52
CA GLN A 33 20.02 9.91 1.58
C GLN A 33 19.06 11.04 1.21
N ALA A 34 17.98 10.68 0.51
CA ALA A 34 16.98 11.67 0.08
C ALA A 34 16.67 12.69 1.17
N PRO A 35 16.30 13.92 0.77
CA PRO A 35 15.98 15.00 1.71
C PRO A 35 14.68 14.74 2.48
N GLN A 36 14.53 15.42 3.61
CA GLN A 36 13.33 15.27 4.44
C GLN A 36 12.05 15.35 3.60
N SER A 37 12.05 16.26 2.63
CA SER A 37 10.90 16.43 1.75
C SER A 37 10.55 15.12 1.05
N LEU A 38 11.58 14.44 0.55
CA LEU A 38 11.39 13.17 -0.14
C LEU A 38 10.88 12.11 0.83
N ARG A 39 11.31 12.21 2.08
CA ARG A 39 10.89 11.27 3.12
C ARG A 39 9.46 11.53 3.54
N ASN A 40 9.07 12.81 3.51
CA ASN A 40 7.72 13.20 3.91
C ASN A 40 6.68 12.47 3.08
N ARG A 41 6.90 12.40 1.77
CA ARG A 41 5.97 11.72 0.88
C ARG A 41 6.05 10.21 1.04
N TYR A 42 7.22 9.73 1.46
CA TYR A 42 7.44 8.31 1.66
C TYR A 42 6.48 7.76 2.73
N ASN A 43 6.51 8.36 3.90
CA ASN A 43 5.65 7.93 5.01
C ASN A 43 4.21 8.36 4.77
N ASN A 44 4.04 9.49 4.09
CA ASN A 44 2.70 10.01 3.80
C ASN A 44 1.90 9.01 2.97
N LEU A 45 2.43 8.62 1.83
CA LEU A 45 1.75 7.67 0.95
C LEU A 45 1.52 6.35 1.67
N TYR A 46 2.43 5.98 2.56
CA TYR A 46 2.32 4.74 3.31
C TYR A 46 1.30 4.88 4.44
N SER A 47 1.21 6.07 5.01
CA SER A 47 0.27 6.33 6.09
C SER A 47 -1.15 5.96 5.66
N HIS A 48 -1.45 6.19 4.38
CA HIS A 48 -2.75 5.88 3.84
C HIS A 48 -2.84 4.41 3.43
N THR A 49 -1.68 3.82 3.13
CA THR A 49 -1.62 2.42 2.74
C THR A 49 -1.84 1.49 3.93
N GLN A 50 -1.25 1.85 5.07
CA GLN A 50 -1.37 1.05 6.28
C GLN A 50 -2.79 1.12 6.85
N ARG A 51 -3.40 2.30 6.77
CA ARG A 51 -4.74 2.50 7.28
C ARG A 51 -5.78 1.91 6.34
N THR A 52 -5.44 1.80 5.06
CA THR A 52 -6.35 1.25 4.06
C THR A 52 -6.36 -0.27 4.11
N LEU A 53 -5.18 -0.88 4.13
CA LEU A 53 -5.08 -2.34 4.17
C LEU A 53 -5.88 -2.90 5.33
N ASP A 54 -6.00 -2.13 6.40
CA ASP A 54 -6.76 -2.56 7.57
C ASP A 54 -8.22 -2.77 7.20
N MET A 55 -8.72 -1.97 6.27
CA MET A 55 -10.10 -2.07 5.82
C MET A 55 -10.32 -3.38 5.07
N ALA A 56 -9.28 -3.86 4.39
CA ALA A 56 -9.35 -5.10 3.63
C ALA A 56 -9.41 -6.30 4.58
N ASP A 57 -8.80 -6.16 5.75
CA ASP A 57 -8.78 -7.22 6.74
C ASP A 57 -9.96 -7.06 7.71
N MET A 58 -11.13 -6.78 7.16
CA MET A 58 -12.33 -6.59 7.97
C MET A 58 -13.50 -7.42 7.45
N GLN A 59 -13.99 -7.06 6.25
CA GLN A 59 -15.12 -7.73 5.62
C GLN A 59 -15.24 -9.20 6.04
N HIS A 60 -14.11 -9.91 6.04
CA HIS A 60 -14.12 -11.31 6.43
C HIS A 60 -13.80 -11.47 7.92
N ARG A 61 -14.54 -10.74 8.76
CA ARG A 61 -14.34 -10.78 10.20
C ARG A 61 -14.32 -12.22 10.72
N TYR A 62 -14.97 -13.12 9.99
CA TYR A 62 -15.04 -14.53 10.39
C TYR A 62 -13.69 -15.22 10.24
N MET A 63 -13.32 -15.57 9.02
CA MET A 63 -12.06 -16.26 8.76
C MET A 63 -10.87 -15.48 9.30
N THR A 64 -10.99 -14.15 9.32
CA THR A 64 -9.92 -13.30 9.80
C THR A 64 -10.39 -11.85 9.95
N GLY A 65 -10.36 -11.35 11.18
CA GLY A 65 -10.79 -9.98 11.40
C GLY A 65 -11.32 -9.75 12.80
N ALA A 66 -12.61 -10.04 13.00
CA ALA A 66 -13.24 -9.83 14.30
C ALA A 66 -14.45 -10.77 14.47
N SER A 67 -15.64 -10.27 14.15
CA SER A 67 -16.87 -11.04 14.28
C SER A 67 -17.91 -10.57 13.28
N GLY A 68 -19.09 -11.17 13.31
CA GLY A 68 -20.14 -10.80 12.40
C GLY A 68 -20.80 -9.48 12.76
N ILE A 69 -20.56 -8.45 11.95
CA ILE A 69 -21.12 -7.13 12.20
C ILE A 69 -21.68 -6.52 10.91
N ASN A 70 -22.39 -5.41 11.06
CA ASN A 70 -22.98 -4.72 9.92
C ASN A 70 -21.91 -4.42 8.87
N PRO A 71 -22.34 -4.05 7.64
CA PRO A 71 -21.41 -3.73 6.56
C PRO A 71 -20.99 -2.27 6.55
N GLY A 72 -20.93 -1.67 7.75
CA GLY A 72 -20.54 -0.27 7.90
C GLY A 72 -19.76 0.29 6.72
N MET A 73 -18.56 -0.24 6.51
CA MET A 73 -17.71 0.21 5.41
C MET A 73 -18.03 -0.53 4.12
N LEU A 74 -17.90 0.16 2.99
CA LEU A 74 -18.17 -0.44 1.69
C LEU A 74 -17.21 -1.60 1.42
N PRO A 75 -17.61 -2.53 0.54
CA PRO A 75 -16.80 -3.71 0.20
C PRO A 75 -15.61 -3.36 -0.68
N HIS A 76 -15.81 -2.45 -1.63
CA HIS A 76 -14.75 -2.06 -2.55
C HIS A 76 -13.86 -0.95 -1.97
N GLU A 77 -14.27 -0.39 -0.83
CA GLU A 77 -13.50 0.68 -0.19
C GLU A 77 -12.02 0.30 -0.08
N ASN A 78 -11.74 -0.72 0.73
CA ASN A 78 -10.37 -1.18 0.95
C ASN A 78 -9.67 -1.45 -0.38
N VAL A 79 -10.34 -2.16 -1.28
CA VAL A 79 -9.78 -2.50 -2.58
C VAL A 79 -9.34 -1.25 -3.34
N ASP A 80 -10.30 -0.44 -3.77
CA ASP A 80 -10.01 0.78 -4.52
C ASP A 80 -8.99 1.64 -3.79
N ASP A 81 -9.06 1.64 -2.46
CA ASP A 81 -8.15 2.42 -1.65
C ASP A 81 -6.76 1.79 -1.63
N MET A 82 -6.71 0.46 -1.62
CA MET A 82 -5.44 -0.25 -1.60
C MET A 82 -4.67 -0.02 -2.90
N ARG A 83 -5.29 -0.36 -4.03
CA ARG A 83 -4.67 -0.17 -5.33
C ARG A 83 -4.11 1.23 -5.47
N SER A 84 -4.76 2.20 -4.83
CA SER A 84 -4.32 3.58 -4.88
C SER A 84 -2.93 3.72 -4.29
N ALA A 85 -2.69 3.02 -3.18
CA ALA A 85 -1.39 3.06 -2.52
C ALA A 85 -0.27 2.66 -3.48
N ILE A 86 -0.54 1.67 -4.32
CA ILE A 86 0.45 1.20 -5.27
C ILE A 86 0.76 2.29 -6.30
N THR A 87 -0.21 3.15 -6.57
CA THR A 87 -0.02 4.23 -7.53
C THR A 87 1.11 5.14 -7.07
N ASP A 88 1.21 5.34 -5.75
CA ASP A 88 2.25 6.17 -5.17
C ASP A 88 3.53 5.37 -4.99
N TRP A 89 3.40 4.13 -4.52
CA TRP A 89 4.55 3.26 -4.31
C TRP A 89 5.21 2.90 -5.65
N SER A 90 4.41 2.44 -6.59
CA SER A 90 4.92 2.07 -7.92
C SER A 90 5.69 3.24 -8.53
N ASP A 91 5.10 4.42 -8.46
CA ASP A 91 5.74 5.63 -9.00
C ASP A 91 7.07 5.88 -8.30
N MET A 92 7.21 5.36 -7.09
CA MET A 92 8.44 5.54 -6.32
C MET A 92 9.57 4.66 -6.86
N ARG A 93 9.30 3.37 -6.97
CA ARG A 93 10.31 2.42 -7.47
C ARG A 93 10.93 2.93 -8.76
N GLU A 94 10.17 3.70 -9.53
CA GLU A 94 10.67 4.24 -10.79
C GLU A 94 11.45 5.54 -10.55
N ALA A 95 10.92 6.41 -9.70
CA ALA A 95 11.59 7.66 -9.38
C ALA A 95 12.82 7.43 -8.52
N LEU A 96 12.63 6.71 -7.42
CA LEU A 96 13.72 6.41 -6.50
C LEU A 96 14.89 5.74 -7.24
N GLN A 97 14.55 4.82 -8.14
CA GLN A 97 15.56 4.11 -8.91
C GLN A 97 16.43 5.08 -9.69
N HIS A 98 15.79 6.03 -10.38
CA HIS A 98 16.50 7.03 -11.16
C HIS A 98 17.23 8.02 -10.26
N ALA A 99 16.58 8.37 -9.14
CA ALA A 99 17.16 9.30 -8.19
C ALA A 99 18.38 8.70 -7.50
N MET A 100 18.31 7.41 -7.21
CA MET A 100 19.42 6.71 -6.54
C MET A 100 20.70 6.82 -7.37
N GLY A 101 20.56 6.68 -8.68
CA GLY A 101 21.72 6.75 -9.55
C GLY A 101 21.62 5.81 -10.74
N ILE A 102 20.45 5.79 -11.38
CA ILE A 102 20.23 4.93 -12.53
C ILE A 102 19.75 5.73 -13.74
N HIS A 103 19.98 5.19 -14.92
CA HIS A 103 19.57 5.86 -16.16
C HIS A 103 18.56 5.01 -16.92
N ALA A 104 17.42 4.75 -16.29
CA ALA A 104 16.36 3.96 -16.91
C ALA A 104 15.88 4.61 -18.19
N ASP A 105 15.42 3.78 -19.14
CA ASP A 105 14.91 4.27 -20.41
C ASP A 105 13.65 3.53 -20.83
N ILE A 106 12.50 4.01 -20.35
CA ILE A 106 11.22 3.40 -20.67
C ILE A 106 10.47 4.20 -21.72
N ASP A 2 -23.97 -5.34 -3.91
CA ASP A 2 -23.04 -6.46 -4.20
C ASP A 2 -21.59 -6.02 -4.04
N ASN A 3 -20.71 -6.98 -3.72
CA ASN A 3 -19.29 -6.68 -3.55
C ASN A 3 -18.44 -7.89 -3.90
N VAL A 4 -17.12 -7.69 -3.92
CA VAL A 4 -16.19 -8.78 -4.23
C VAL A 4 -16.21 -9.85 -3.15
N THR A 5 -16.13 -11.10 -3.58
CA THR A 5 -16.13 -12.23 -2.65
C THR A 5 -15.11 -12.05 -1.53
N SER A 6 -15.29 -12.79 -0.44
CA SER A 6 -14.39 -12.72 0.70
C SER A 6 -12.99 -13.19 0.31
N SER A 7 -12.92 -14.15 -0.62
CA SER A 7 -11.65 -14.68 -1.07
C SER A 7 -10.89 -13.63 -1.86
N GLN A 8 -11.64 -12.75 -2.54
CA GLN A 8 -11.04 -11.69 -3.33
C GLN A 8 -10.65 -10.51 -2.45
N LEU A 9 -11.43 -10.30 -1.39
CA LEU A 9 -11.15 -9.21 -0.46
C LEU A 9 -9.71 -9.30 0.02
N LEU A 10 -9.30 -10.49 0.43
CA LEU A 10 -7.95 -10.72 0.89
C LEU A 10 -7.00 -10.79 -0.30
N SER A 11 -7.54 -11.19 -1.45
CA SER A 11 -6.73 -11.29 -2.67
C SER A 11 -6.14 -9.92 -3.02
N VAL A 12 -6.90 -8.88 -2.73
CA VAL A 12 -6.46 -7.52 -3.01
C VAL A 12 -5.39 -7.09 -2.01
N ARG A 13 -5.66 -7.31 -0.72
CA ARG A 13 -4.71 -6.97 0.33
C ARG A 13 -3.40 -7.72 0.13
N HIS A 14 -3.48 -8.88 -0.52
CA HIS A 14 -2.29 -9.69 -0.78
C HIS A 14 -1.39 -9.03 -1.82
N GLN A 15 -2.00 -8.40 -2.81
CA GLN A 15 -1.24 -7.73 -3.87
C GLN A 15 -0.56 -6.47 -3.35
N LEU A 16 -1.18 -5.83 -2.38
CA LEU A 16 -0.62 -4.60 -1.80
C LEU A 16 0.39 -4.93 -0.71
N ALA A 17 -0.04 -5.71 0.29
CA ALA A 17 0.83 -6.09 1.39
C ALA A 17 2.20 -6.56 0.90
N GLU A 18 2.21 -7.13 -0.30
CA GLU A 18 3.46 -7.63 -0.89
C GLU A 18 4.29 -6.48 -1.47
N SER A 19 3.73 -5.81 -2.47
CA SER A 19 4.42 -4.70 -3.12
C SER A 19 4.73 -3.59 -2.12
N ALA A 20 3.78 -3.32 -1.23
CA ALA A 20 3.95 -2.28 -0.22
C ALA A 20 5.06 -2.65 0.75
N GLY A 21 6.30 -2.42 0.34
CA GLY A 21 7.44 -2.73 1.20
C GLY A 21 8.75 -2.24 0.62
N LEU A 22 9.69 -1.89 1.50
CA LEU A 22 10.98 -1.41 1.07
C LEU A 22 12.05 -2.48 1.27
N PRO A 23 12.82 -2.80 0.20
CA PRO A 23 13.88 -3.83 0.27
C PRO A 23 15.00 -3.44 1.23
N ARG A 24 15.97 -2.67 0.75
CA ARG A 24 17.10 -2.25 1.58
C ARG A 24 17.61 -0.87 1.16
N ASP A 25 18.36 -0.83 0.07
CA ASP A 25 18.92 0.42 -0.43
C ASP A 25 17.82 1.43 -0.73
N GLN A 26 16.68 0.94 -1.23
CA GLN A 26 15.56 1.80 -1.56
C GLN A 26 15.12 2.63 -0.36
N HIS A 27 15.30 2.07 0.84
CA HIS A 27 14.94 2.76 2.07
C HIS A 27 16.09 3.60 2.59
N GLU A 28 17.31 3.08 2.46
CA GLU A 28 18.49 3.78 2.92
C GLU A 28 18.62 5.16 2.27
N PHE A 29 17.95 5.34 1.13
CA PHE A 29 17.99 6.61 0.42
C PHE A 29 16.79 7.48 0.77
N VAL A 30 15.60 6.95 0.49
CA VAL A 30 14.36 7.68 0.76
C VAL A 30 14.20 8.04 2.24
N SER A 31 15.00 7.42 3.11
CA SER A 31 14.90 7.69 4.54
C SER A 31 16.18 8.28 5.11
N SER A 32 17.32 7.88 4.56
CA SER A 32 18.61 8.36 5.05
C SER A 32 19.23 9.40 4.11
N GLN A 33 18.66 9.57 2.92
CA GLN A 33 19.20 10.53 1.96
C GLN A 33 18.16 11.55 1.53
N ALA A 34 17.12 11.07 0.85
CA ALA A 34 16.04 11.93 0.36
C ALA A 34 15.64 12.98 1.40
N PRO A 35 15.16 14.14 0.93
CA PRO A 35 14.73 15.24 1.82
C PRO A 35 13.46 14.91 2.59
N GLN A 36 13.22 15.63 3.67
CA GLN A 36 12.03 15.41 4.50
C GLN A 36 10.78 15.27 3.65
N SER A 37 10.67 16.10 2.61
CA SER A 37 9.52 16.06 1.71
C SER A 37 9.35 14.67 1.12
N LEU A 38 10.47 13.98 0.90
CA LEU A 38 10.45 12.64 0.34
C LEU A 38 10.20 11.61 1.44
N ARG A 39 10.65 11.91 2.64
CA ARG A 39 10.48 11.02 3.79
C ARG A 39 9.06 11.08 4.34
N ASN A 40 8.58 12.29 4.61
CA ASN A 40 7.23 12.47 5.14
C ASN A 40 6.19 11.92 4.18
N ARG A 41 6.44 12.07 2.89
CA ARG A 41 5.51 11.58 1.87
C ARG A 41 5.58 10.05 1.78
N TYR A 42 6.76 9.50 2.06
CA TYR A 42 6.97 8.05 2.01
C TYR A 42 5.96 7.34 2.92
N ASN A 43 5.78 7.87 4.12
CA ASN A 43 4.84 7.28 5.08
C ASN A 43 3.40 7.60 4.70
N ASN A 44 3.21 8.70 3.98
CA ASN A 44 1.87 9.11 3.55
C ASN A 44 1.21 8.03 2.70
N LEU A 45 1.83 7.74 1.55
CA LEU A 45 1.29 6.73 0.64
C LEU A 45 1.16 5.38 1.35
N TYR A 46 2.11 5.08 2.23
CA TYR A 46 2.08 3.82 2.96
C TYR A 46 0.99 3.84 4.02
N SER A 47 0.75 5.00 4.61
CA SER A 47 -0.27 5.14 5.64
C SER A 47 -1.61 4.60 5.12
N HIS A 48 -1.85 4.79 3.83
CA HIS A 48 -3.07 4.31 3.20
C HIS A 48 -2.99 2.82 2.94
N THR A 49 -1.78 2.33 2.69
CA THR A 49 -1.56 0.91 2.43
C THR A 49 -1.69 0.09 3.71
N GLN A 50 -1.21 0.66 4.81
CA GLN A 50 -1.25 -0.03 6.10
C GLN A 50 -2.67 -0.04 6.69
N ARG A 51 -3.49 0.91 6.25
CA ARG A 51 -4.86 1.01 6.74
C ARG A 51 -5.86 0.35 5.78
N THR A 52 -5.53 0.38 4.49
CA THR A 52 -6.40 -0.20 3.48
C THR A 52 -6.45 -1.72 3.61
N LEU A 53 -5.28 -2.33 3.76
CA LEU A 53 -5.19 -3.79 3.90
C LEU A 53 -6.04 -4.29 5.05
N ASP A 54 -5.99 -3.58 6.18
CA ASP A 54 -6.76 -3.95 7.35
C ASP A 54 -8.23 -4.10 7.03
N MET A 55 -8.80 -3.07 6.40
CA MET A 55 -10.22 -3.09 6.02
C MET A 55 -10.52 -4.27 5.10
N ALA A 56 -9.52 -4.69 4.34
CA ALA A 56 -9.67 -5.80 3.41
C ALA A 56 -9.83 -7.12 4.16
N ASP A 57 -9.01 -7.31 5.20
CA ASP A 57 -9.05 -8.52 5.99
C ASP A 57 -10.00 -8.36 7.18
N MET A 58 -11.20 -7.88 6.91
CA MET A 58 -12.20 -7.68 7.95
C MET A 58 -13.54 -8.30 7.56
N GLN A 59 -13.95 -8.09 6.31
CA GLN A 59 -15.21 -8.61 5.80
C GLN A 59 -15.38 -10.10 6.11
N HIS A 60 -14.27 -10.81 6.22
CA HIS A 60 -14.30 -12.25 6.49
C HIS A 60 -14.82 -12.52 7.90
N ARG A 61 -16.11 -12.29 8.12
CA ARG A 61 -16.72 -12.50 9.43
C ARG A 61 -16.49 -13.93 9.93
N TYR A 62 -16.17 -14.84 9.01
CA TYR A 62 -15.94 -16.24 9.38
C TYR A 62 -14.45 -16.56 9.51
N MET A 63 -13.62 -15.87 8.73
CA MET A 63 -12.18 -16.13 8.76
C MET A 63 -11.45 -15.17 9.71
N THR A 64 -11.96 -13.95 9.86
CA THR A 64 -11.33 -12.97 10.74
C THR A 64 -12.32 -12.47 11.79
N GLY A 65 -12.00 -11.35 12.43
CA GLY A 65 -12.86 -10.79 13.45
C GLY A 65 -13.80 -9.73 12.90
N ALA A 66 -15.07 -10.09 12.77
CA ALA A 66 -16.08 -9.17 12.27
C ALA A 66 -16.80 -8.44 13.41
N SER A 67 -16.06 -8.15 14.47
CA SER A 67 -16.62 -7.46 15.62
C SER A 67 -16.27 -5.96 15.58
N GLY A 68 -15.47 -5.49 16.54
CA GLY A 68 -15.09 -4.08 16.55
C GLY A 68 -14.25 -3.71 15.35
N ILE A 69 -14.91 -3.56 14.20
CA ILE A 69 -14.23 -3.21 12.96
C ILE A 69 -14.29 -1.71 12.70
N ASN A 70 -13.79 -1.31 11.54
CA ASN A 70 -13.80 0.10 11.15
C ASN A 70 -15.20 0.69 11.24
N PRO A 71 -15.33 2.03 11.16
CA PRO A 71 -16.63 2.71 11.23
C PRO A 71 -17.49 2.45 10.00
N GLY A 72 -17.74 1.17 9.71
CA GLY A 72 -18.56 0.81 8.56
C GLY A 72 -17.96 1.26 7.24
N MET A 73 -17.80 0.31 6.32
CA MET A 73 -17.23 0.61 5.02
C MET A 73 -17.56 -0.51 4.02
N LEU A 74 -17.63 -0.15 2.74
CA LEU A 74 -17.94 -1.12 1.70
C LEU A 74 -16.72 -1.99 1.36
N PRO A 75 -16.92 -3.30 1.15
CA PRO A 75 -15.84 -4.23 0.82
C PRO A 75 -14.99 -3.76 -0.35
N HIS A 76 -15.57 -2.92 -1.21
CA HIS A 76 -14.86 -2.42 -2.38
C HIS A 76 -13.92 -1.28 -2.00
N GLU A 77 -14.17 -0.64 -0.87
CA GLU A 77 -13.34 0.46 -0.40
C GLU A 77 -11.87 0.04 -0.33
N ASN A 78 -11.61 -1.04 0.40
CA ASN A 78 -10.24 -1.54 0.54
C ASN A 78 -9.66 -1.91 -0.82
N VAL A 79 -10.52 -2.32 -1.75
CA VAL A 79 -10.09 -2.69 -3.08
C VAL A 79 -9.56 -1.48 -3.85
N ASP A 80 -10.41 -0.47 -3.99
CA ASP A 80 -10.03 0.75 -4.69
C ASP A 80 -8.80 1.40 -4.04
N ASP A 81 -8.71 1.28 -2.73
CA ASP A 81 -7.59 1.85 -1.98
C ASP A 81 -6.33 1.00 -2.18
N MET A 82 -6.52 -0.28 -2.42
CA MET A 82 -5.39 -1.19 -2.63
C MET A 82 -4.54 -0.75 -3.82
N ARG A 83 -5.18 -0.64 -4.98
CA ARG A 83 -4.50 -0.21 -6.19
C ARG A 83 -4.01 1.23 -6.05
N SER A 84 -4.66 1.99 -5.17
CA SER A 84 -4.29 3.38 -4.94
C SER A 84 -2.85 3.47 -4.44
N ALA A 85 -2.49 2.55 -3.56
CA ALA A 85 -1.14 2.53 -3.00
C ALA A 85 -0.12 2.19 -4.09
N ILE A 86 -0.52 1.31 -5.01
CA ILE A 86 0.35 0.91 -6.10
C ILE A 86 0.68 2.09 -6.99
N THR A 87 -0.28 3.01 -7.14
CA THR A 87 -0.08 4.20 -7.96
C THR A 87 1.09 5.00 -7.42
N ASP A 88 1.06 5.27 -6.13
CA ASP A 88 2.13 6.01 -5.48
C ASP A 88 3.39 5.16 -5.38
N TRP A 89 3.22 3.92 -4.92
CA TRP A 89 4.34 3.00 -4.79
C TRP A 89 5.03 2.77 -6.12
N SER A 90 4.26 2.32 -7.12
CA SER A 90 4.79 2.08 -8.45
C SER A 90 5.52 3.31 -8.97
N ASP A 91 4.88 4.46 -8.80
CA ASP A 91 5.46 5.73 -9.24
C ASP A 91 6.76 6.00 -8.50
N MET A 92 6.83 5.55 -7.25
CA MET A 92 8.00 5.74 -6.43
C MET A 92 9.15 4.87 -6.92
N ARG A 93 8.83 3.65 -7.34
CA ARG A 93 9.83 2.72 -7.85
C ARG A 93 10.66 3.37 -8.95
N GLU A 94 10.00 4.11 -9.83
CA GLU A 94 10.68 4.79 -10.93
C GLU A 94 11.31 6.09 -10.46
N ALA A 95 10.67 6.75 -9.51
CA ALA A 95 11.18 8.01 -8.97
C ALA A 95 12.40 7.79 -8.08
N LEU A 96 12.22 7.01 -7.02
CA LEU A 96 13.29 6.72 -6.08
C LEU A 96 14.54 6.21 -6.81
N GLN A 97 14.33 5.33 -7.78
CA GLN A 97 15.44 4.78 -8.56
C GLN A 97 16.20 5.89 -9.28
N HIS A 98 15.47 6.75 -9.97
CA HIS A 98 16.08 7.86 -10.70
C HIS A 98 16.73 8.85 -9.75
N ALA A 99 16.13 9.03 -8.58
CA ALA A 99 16.65 9.95 -7.57
C ALA A 99 17.89 9.37 -6.89
N MET A 100 17.82 8.08 -6.56
CA MET A 100 18.94 7.40 -5.90
C MET A 100 20.24 7.60 -6.67
N GLY A 101 20.12 7.71 -8.00
CA GLY A 101 21.29 7.90 -8.83
C GLY A 101 21.28 7.02 -10.06
N ILE A 102 20.12 6.93 -10.72
CA ILE A 102 19.99 6.11 -11.92
C ILE A 102 19.44 6.94 -13.07
N HIS A 103 19.71 6.48 -14.30
CA HIS A 103 19.26 7.17 -15.49
C HIS A 103 18.58 6.20 -16.46
N ALA A 104 17.47 6.62 -17.04
CA ALA A 104 16.74 5.79 -17.99
C ALA A 104 17.39 5.82 -19.36
N ASP A 105 17.28 4.72 -20.10
CA ASP A 105 17.86 4.62 -21.43
C ASP A 105 16.86 4.02 -22.41
N ILE A 106 15.94 4.84 -22.90
CA ILE A 106 14.93 4.38 -23.84
C ILE A 106 15.37 4.65 -25.28
N ASP A 2 -23.44 -4.77 -5.65
CA ASP A 2 -22.75 -5.78 -4.80
C ASP A 2 -21.25 -5.52 -4.73
N ASN A 3 -20.57 -6.22 -3.84
CA ASN A 3 -19.13 -6.07 -3.68
C ASN A 3 -18.38 -7.23 -4.31
N VAL A 4 -17.06 -7.21 -4.21
CA VAL A 4 -16.22 -8.27 -4.77
C VAL A 4 -16.26 -9.51 -3.89
N THR A 5 -15.77 -10.63 -4.44
CA THR A 5 -15.75 -11.89 -3.72
C THR A 5 -14.86 -11.80 -2.48
N SER A 6 -15.06 -12.72 -1.54
CA SER A 6 -14.27 -12.74 -0.31
C SER A 6 -12.81 -13.01 -0.63
N SER A 7 -12.57 -13.89 -1.60
CA SER A 7 -11.20 -14.22 -2.01
C SER A 7 -10.54 -13.01 -2.66
N GLN A 8 -11.35 -12.18 -3.30
CA GLN A 8 -10.86 -10.98 -3.96
C GLN A 8 -10.40 -9.95 -2.93
N LEU A 9 -11.15 -9.85 -1.83
CA LEU A 9 -10.82 -8.92 -0.77
C LEU A 9 -9.37 -9.14 -0.32
N LEU A 10 -9.03 -10.40 -0.05
CA LEU A 10 -7.69 -10.74 0.37
C LEU A 10 -6.75 -10.85 -0.84
N SER A 11 -7.34 -10.96 -2.03
CA SER A 11 -6.53 -11.06 -3.25
C SER A 11 -5.82 -9.74 -3.54
N VAL A 12 -6.42 -8.64 -3.08
CA VAL A 12 -5.86 -7.32 -3.30
C VAL A 12 -4.90 -6.94 -2.17
N ARG A 13 -5.24 -7.37 -0.95
CA ARG A 13 -4.40 -7.07 0.20
C ARG A 13 -3.07 -7.81 0.10
N HIS A 14 -3.07 -8.92 -0.63
CA HIS A 14 -1.88 -9.72 -0.81
C HIS A 14 -1.00 -9.13 -1.90
N GLN A 15 -1.62 -8.68 -2.98
CA GLN A 15 -0.89 -8.09 -4.09
C GLN A 15 -0.38 -6.69 -3.74
N LEU A 16 -1.17 -5.95 -2.97
CA LEU A 16 -0.78 -4.60 -2.56
C LEU A 16 0.31 -4.64 -1.49
N ALA A 17 0.04 -5.35 -0.40
CA ALA A 17 1.00 -5.48 0.69
C ALA A 17 2.35 -5.97 0.18
N GLU A 18 2.31 -6.83 -0.83
CA GLU A 18 3.53 -7.37 -1.41
C GLU A 18 4.39 -6.26 -2.01
N SER A 19 3.73 -5.32 -2.71
CA SER A 19 4.44 -4.21 -3.33
C SER A 19 4.44 -2.98 -2.43
N ALA A 20 4.08 -3.17 -1.16
CA ALA A 20 4.06 -2.08 -0.19
C ALA A 20 5.20 -2.20 0.81
N GLY A 21 6.42 -1.93 0.36
CA GLY A 21 7.57 -2.01 1.23
C GLY A 21 8.88 -2.08 0.46
N LEU A 22 9.71 -1.05 0.62
CA LEU A 22 11.00 -0.99 -0.05
C LEU A 22 11.91 -2.12 0.42
N PRO A 23 12.69 -2.74 -0.49
CA PRO A 23 13.59 -3.84 -0.14
C PRO A 23 14.61 -3.45 0.93
N ARG A 24 15.64 -2.70 0.54
CA ARG A 24 16.66 -2.29 1.49
C ARG A 24 17.25 -0.92 1.11
N ASP A 25 18.01 -0.90 0.02
CA ASP A 25 18.64 0.34 -0.44
C ASP A 25 17.60 1.42 -0.71
N GLN A 26 16.47 1.02 -1.25
CA GLN A 26 15.39 1.96 -1.55
C GLN A 26 14.98 2.75 -0.30
N HIS A 27 14.84 2.03 0.81
CA HIS A 27 14.45 2.66 2.07
C HIS A 27 15.58 3.51 2.63
N GLU A 28 16.78 2.95 2.66
CA GLU A 28 17.96 3.67 3.17
C GLU A 28 18.13 5.03 2.51
N PHE A 29 17.57 5.18 1.31
CA PHE A 29 17.68 6.43 0.58
C PHE A 29 16.49 7.35 0.89
N VAL A 30 15.29 6.84 0.73
CA VAL A 30 14.09 7.62 0.99
C VAL A 30 13.91 7.97 2.47
N SER A 31 14.73 7.39 3.34
CA SER A 31 14.62 7.66 4.77
C SER A 31 15.92 8.20 5.36
N SER A 32 17.05 7.71 4.86
CA SER A 32 18.36 8.14 5.39
C SER A 32 19.02 9.18 4.47
N GLN A 33 18.45 9.40 3.29
CA GLN A 33 19.03 10.37 2.35
C GLN A 33 18.01 11.42 1.94
N ALA A 34 17.00 11.00 1.19
CA ALA A 34 15.95 11.90 0.72
C ALA A 34 15.54 12.93 1.77
N PRO A 35 15.11 14.12 1.34
CA PRO A 35 14.67 15.19 2.24
C PRO A 35 13.33 14.90 2.89
N GLN A 36 13.05 15.58 4.00
CA GLN A 36 11.79 15.40 4.72
C GLN A 36 10.60 15.43 3.77
N SER A 37 10.72 16.22 2.71
CA SER A 37 9.65 16.34 1.72
C SER A 37 9.37 14.99 1.07
N LEU A 38 10.43 14.30 0.66
CA LEU A 38 10.30 13.00 0.03
C LEU A 38 9.77 11.96 1.02
N ARG A 39 10.14 12.15 2.29
CA ARG A 39 9.69 11.24 3.34
C ARG A 39 8.21 11.43 3.64
N ASN A 40 7.74 12.66 3.50
CA ASN A 40 6.34 12.98 3.75
C ASN A 40 5.43 12.16 2.84
N ARG A 41 5.73 12.17 1.55
CA ARG A 41 4.94 11.42 0.57
C ARG A 41 5.08 9.92 0.81
N TYR A 42 6.25 9.51 1.29
CA TYR A 42 6.51 8.10 1.56
C TYR A 42 5.52 7.55 2.59
N ASN A 43 5.42 8.22 3.73
CA ASN A 43 4.51 7.80 4.78
C ASN A 43 3.05 8.03 4.39
N ASN A 44 2.83 9.05 3.57
CA ASN A 44 1.49 9.39 3.10
C ASN A 44 0.91 8.25 2.26
N LEU A 45 1.56 7.97 1.13
CA LEU A 45 1.11 6.91 0.24
C LEU A 45 0.98 5.59 0.98
N TYR A 46 1.88 5.35 1.91
CA TYR A 46 1.87 4.11 2.70
C TYR A 46 0.81 4.18 3.79
N SER A 47 0.51 5.39 4.25
CA SER A 47 -0.48 5.58 5.29
C SER A 47 -1.79 4.90 4.92
N HIS A 48 -2.19 5.06 3.65
CA HIS A 48 -3.42 4.45 3.16
C HIS A 48 -3.21 2.96 2.90
N THR A 49 -2.02 2.61 2.45
CA THR A 49 -1.70 1.21 2.17
C THR A 49 -1.87 0.35 3.41
N GLN A 50 -1.39 0.85 4.55
CA GLN A 50 -1.48 0.12 5.80
C GLN A 50 -2.93 -0.07 6.23
N ARG A 51 -3.68 1.02 6.30
CA ARG A 51 -5.08 0.96 6.70
C ARG A 51 -5.92 0.19 5.68
N THR A 52 -5.55 0.29 4.41
CA THR A 52 -6.29 -0.40 3.35
C THR A 52 -6.20 -1.92 3.53
N LEU A 53 -4.97 -2.42 3.65
CA LEU A 53 -4.75 -3.85 3.82
C LEU A 53 -5.55 -4.38 5.01
N ASP A 54 -5.69 -3.55 6.03
CA ASP A 54 -6.43 -3.94 7.23
C ASP A 54 -7.92 -4.00 6.94
N MET A 55 -8.39 -3.10 6.08
CA MET A 55 -9.81 -3.06 5.71
C MET A 55 -10.16 -4.22 4.78
N ALA A 56 -9.17 -4.66 3.99
CA ALA A 56 -9.38 -5.77 3.07
C ALA A 56 -9.18 -7.12 3.75
N ASP A 57 -8.35 -7.12 4.79
CA ASP A 57 -8.08 -8.35 5.53
C ASP A 57 -9.00 -8.48 6.75
N MET A 58 -10.14 -7.79 6.70
CA MET A 58 -11.10 -7.82 7.80
C MET A 58 -12.51 -8.11 7.31
N GLN A 59 -12.81 -7.69 6.08
CA GLN A 59 -14.14 -7.89 5.50
C GLN A 59 -14.67 -9.31 5.75
N HIS A 60 -13.76 -10.27 5.86
CA HIS A 60 -14.13 -11.65 6.10
C HIS A 60 -14.64 -11.83 7.52
N ARG A 61 -15.80 -11.23 7.81
CA ARG A 61 -16.40 -11.32 9.14
C ARG A 61 -16.58 -12.76 9.60
N TYR A 62 -16.58 -13.69 8.65
CA TYR A 62 -16.77 -15.10 8.97
C TYR A 62 -15.43 -15.86 9.00
N MET A 63 -14.47 -15.41 8.20
CA MET A 63 -13.16 -16.07 8.15
C MET A 63 -12.15 -15.42 9.09
N THR A 64 -12.28 -14.11 9.30
CA THR A 64 -11.36 -13.39 10.18
C THR A 64 -12.08 -12.87 11.42
N GLY A 65 -11.53 -11.84 12.05
CA GLY A 65 -12.14 -11.28 13.24
C GLY A 65 -13.05 -10.11 12.93
N ALA A 66 -14.35 -10.35 12.98
CA ALA A 66 -15.34 -9.31 12.71
C ALA A 66 -15.76 -8.59 14.00
N SER A 67 -14.83 -8.44 14.93
CA SER A 67 -15.13 -7.77 16.19
C SER A 67 -14.65 -6.31 16.16
N GLY A 68 -13.66 -5.97 16.99
CA GLY A 68 -13.16 -4.62 17.04
C GLY A 68 -12.56 -4.18 15.72
N ILE A 69 -13.41 -3.86 14.76
CA ILE A 69 -12.96 -3.43 13.43
C ILE A 69 -13.37 -1.99 13.16
N ASN A 70 -13.09 -1.51 11.95
CA ASN A 70 -13.42 -0.14 11.57
C ASN A 70 -14.92 0.12 11.72
N PRO A 71 -15.33 1.39 11.72
CA PRO A 71 -16.74 1.78 11.86
C PRO A 71 -17.58 1.40 10.64
N GLY A 72 -17.57 0.11 10.30
CA GLY A 72 -18.33 -0.36 9.15
C GLY A 72 -17.90 0.30 7.86
N MET A 73 -17.32 -0.48 6.96
CA MET A 73 -16.87 0.02 5.68
C MET A 73 -17.24 -0.93 4.55
N LEU A 74 -17.25 -0.42 3.32
CA LEU A 74 -17.60 -1.23 2.15
C LEU A 74 -16.42 -2.09 1.72
N PRO A 75 -16.67 -3.38 1.41
CA PRO A 75 -15.61 -4.31 0.98
C PRO A 75 -14.77 -3.75 -0.17
N HIS A 76 -15.34 -2.82 -0.92
CA HIS A 76 -14.63 -2.23 -2.06
C HIS A 76 -13.78 -1.04 -1.62
N GLU A 77 -14.13 -0.43 -0.49
CA GLU A 77 -13.38 0.72 0.02
C GLU A 77 -11.89 0.40 0.10
N ASN A 78 -11.57 -0.81 0.54
CA ASN A 78 -10.19 -1.24 0.66
C ASN A 78 -9.59 -1.52 -0.71
N VAL A 79 -10.38 -2.15 -1.57
CA VAL A 79 -9.93 -2.49 -2.91
C VAL A 79 -9.47 -1.25 -3.68
N ASP A 80 -10.43 -0.38 -4.00
CA ASP A 80 -10.13 0.85 -4.74
C ASP A 80 -8.95 1.60 -4.13
N ASP A 81 -8.96 1.73 -2.81
CA ASP A 81 -7.89 2.43 -2.10
C ASP A 81 -6.57 1.68 -2.21
N MET A 82 -6.65 0.36 -2.32
CA MET A 82 -5.45 -0.47 -2.43
C MET A 82 -4.68 -0.15 -3.71
N ARG A 83 -5.31 -0.40 -4.86
CA ARG A 83 -4.67 -0.13 -6.14
C ARG A 83 -4.06 1.26 -6.17
N SER A 84 -4.66 2.18 -5.42
CA SER A 84 -4.17 3.55 -5.34
C SER A 84 -2.77 3.58 -4.74
N ALA A 85 -2.54 2.71 -3.77
CA ALA A 85 -1.24 2.64 -3.11
C ALA A 85 -0.14 2.28 -4.11
N ILE A 86 -0.43 1.31 -4.98
CA ILE A 86 0.52 0.88 -5.99
C ILE A 86 0.86 2.02 -6.94
N THR A 87 -0.10 2.91 -7.15
CA THR A 87 0.09 4.05 -8.03
C THR A 87 1.24 4.92 -7.53
N ASP A 88 1.35 5.01 -6.21
CA ASP A 88 2.41 5.79 -5.59
C ASP A 88 3.68 4.96 -5.43
N TRP A 89 3.50 3.72 -4.99
CA TRP A 89 4.63 2.80 -4.81
C TRP A 89 5.29 2.51 -6.14
N SER A 90 4.49 2.12 -7.13
CA SER A 90 5.00 1.81 -8.45
C SER A 90 5.76 3.02 -9.02
N ASP A 91 5.11 4.18 -8.97
CA ASP A 91 5.71 5.42 -9.46
C ASP A 91 6.99 5.72 -8.69
N MET A 92 7.00 5.36 -7.41
CA MET A 92 8.16 5.58 -6.56
C MET A 92 9.32 4.70 -6.99
N ARG A 93 9.00 3.46 -7.38
CA ARG A 93 10.03 2.52 -7.82
C ARG A 93 10.90 3.14 -8.91
N GLU A 94 10.26 3.82 -9.84
CA GLU A 94 10.98 4.47 -10.94
C GLU A 94 11.56 5.81 -10.51
N ALA A 95 10.80 6.55 -9.69
CA ALA A 95 11.24 7.85 -9.20
C ALA A 95 12.40 7.71 -8.22
N LEU A 96 12.15 7.00 -7.12
CA LEU A 96 13.17 6.78 -6.09
C LEU A 96 14.47 6.27 -6.70
N GLN A 97 14.34 5.31 -7.61
CA GLN A 97 15.51 4.73 -8.26
C GLN A 97 16.34 5.81 -8.96
N HIS A 98 15.65 6.74 -9.62
CA HIS A 98 16.32 7.83 -10.32
C HIS A 98 16.95 8.80 -9.33
N ALA A 99 16.15 9.27 -8.37
CA ALA A 99 16.64 10.21 -7.38
C ALA A 99 17.80 9.63 -6.59
N MET A 100 17.77 8.32 -6.37
CA MET A 100 18.83 7.64 -5.63
C MET A 100 20.18 7.83 -6.31
N GLY A 101 20.19 7.70 -7.64
CA GLY A 101 21.42 7.87 -8.39
C GLY A 101 21.55 6.86 -9.52
N ILE A 102 20.46 6.63 -10.24
CA ILE A 102 20.45 5.69 -11.35
C ILE A 102 19.63 6.22 -12.52
N HIS A 103 19.88 5.67 -13.70
CA HIS A 103 19.15 6.09 -14.90
C HIS A 103 18.56 4.89 -15.62
N ALA A 104 17.25 4.72 -15.48
CA ALA A 104 16.55 3.61 -16.12
C ALA A 104 15.23 4.08 -16.74
N ASP A 105 14.77 3.34 -17.74
CA ASP A 105 13.52 3.67 -18.41
C ASP A 105 12.68 2.42 -18.67
N ILE A 106 11.99 1.97 -17.62
CA ILE A 106 11.15 0.78 -17.73
C ILE A 106 9.74 1.05 -17.22
N ASP A 2 -23.46 -8.20 -3.41
CA ASP A 2 -23.32 -7.24 -2.28
C ASP A 2 -21.87 -6.77 -2.14
N ASN A 3 -20.99 -7.71 -1.78
CA ASN A 3 -19.58 -7.39 -1.60
C ASN A 3 -18.71 -8.31 -2.44
N VAL A 4 -17.61 -7.78 -2.96
CA VAL A 4 -16.69 -8.55 -3.79
C VAL A 4 -16.34 -9.87 -3.11
N THR A 5 -15.90 -10.85 -3.91
CA THR A 5 -15.53 -12.16 -3.39
C THR A 5 -14.49 -12.04 -2.28
N SER A 6 -14.61 -12.89 -1.27
CA SER A 6 -13.68 -12.88 -0.14
C SER A 6 -12.23 -13.03 -0.62
N SER A 7 -12.04 -13.84 -1.65
CA SER A 7 -10.71 -14.06 -2.21
C SER A 7 -10.12 -12.76 -2.75
N GLN A 8 -10.97 -11.95 -3.37
CA GLN A 8 -10.53 -10.68 -3.93
C GLN A 8 -10.10 -9.73 -2.82
N LEU A 9 -10.89 -9.68 -1.74
CA LEU A 9 -10.58 -8.82 -0.62
C LEU A 9 -9.15 -9.07 -0.14
N LEU A 10 -8.83 -10.35 0.06
CA LEU A 10 -7.49 -10.72 0.50
C LEU A 10 -6.52 -10.77 -0.67
N SER A 11 -7.05 -10.83 -1.89
CA SER A 11 -6.20 -10.88 -3.09
C SER A 11 -5.43 -9.57 -3.26
N VAL A 12 -6.03 -8.48 -2.80
CA VAL A 12 -5.40 -7.17 -2.92
C VAL A 12 -4.54 -6.86 -1.69
N ARG A 13 -5.00 -7.30 -0.52
CA ARG A 13 -4.26 -7.05 0.71
C ARG A 13 -2.95 -7.84 0.70
N HIS A 14 -2.93 -8.93 -0.05
CA HIS A 14 -1.74 -9.76 -0.17
C HIS A 14 -0.81 -9.21 -1.24
N GLN A 15 -1.39 -8.66 -2.30
CA GLN A 15 -0.62 -8.10 -3.40
C GLN A 15 -0.12 -6.69 -3.07
N LEU A 16 -0.95 -5.91 -2.37
CA LEU A 16 -0.59 -4.56 -1.99
C LEU A 16 0.45 -4.55 -0.87
N ALA A 17 0.17 -5.30 0.19
CA ALA A 17 1.09 -5.38 1.33
C ALA A 17 2.49 -5.76 0.88
N GLU A 18 2.59 -6.79 0.04
CA GLU A 18 3.87 -7.25 -0.47
C GLU A 18 4.61 -6.13 -1.19
N SER A 19 3.90 -5.45 -2.10
CA SER A 19 4.49 -4.36 -2.86
C SER A 19 4.74 -3.14 -1.97
N ALA A 20 3.92 -3.00 -0.93
CA ALA A 20 4.06 -1.88 -0.01
C ALA A 20 5.32 -2.01 0.84
N GLY A 21 6.48 -1.85 0.20
CA GLY A 21 7.74 -1.94 0.92
C GLY A 21 8.93 -1.88 -0.01
N LEU A 22 9.91 -1.05 0.35
CA LEU A 22 11.12 -0.89 -0.46
C LEU A 22 12.03 -2.11 -0.33
N PRO A 23 12.82 -2.42 -1.37
CA PRO A 23 13.74 -3.56 -1.38
C PRO A 23 14.80 -3.45 -0.28
N ARG A 24 15.87 -2.72 -0.55
CA ARG A 24 16.95 -2.55 0.41
C ARG A 24 17.61 -1.18 0.28
N ASP A 25 18.31 -0.98 -0.84
CA ASP A 25 19.00 0.29 -1.09
C ASP A 25 18.01 1.43 -1.28
N GLN A 26 16.83 1.11 -1.81
CA GLN A 26 15.80 2.11 -2.05
C GLN A 26 15.48 2.89 -0.77
N HIS A 27 15.43 2.18 0.35
CA HIS A 27 15.13 2.80 1.63
C HIS A 27 16.32 3.60 2.15
N GLU A 28 17.52 3.09 1.92
CA GLU A 28 18.74 3.76 2.36
C GLU A 28 18.86 5.17 1.78
N PHE A 29 18.14 5.43 0.70
CA PHE A 29 18.18 6.73 0.05
C PHE A 29 17.01 7.61 0.49
N VAL A 30 15.80 7.14 0.24
CA VAL A 30 14.59 7.87 0.59
C VAL A 30 14.52 8.20 2.09
N SER A 31 15.33 7.53 2.90
CA SER A 31 15.31 7.76 4.34
C SER A 31 16.65 8.32 4.85
N SER A 32 17.75 7.86 4.27
CA SER A 32 19.07 8.31 4.70
C SER A 32 19.63 9.39 3.78
N GLN A 33 18.99 9.62 2.64
CA GLN A 33 19.46 10.62 1.70
C GLN A 33 18.38 11.65 1.36
N ALA A 34 17.33 11.20 0.68
CA ALA A 34 16.22 12.07 0.29
C ALA A 34 15.85 13.07 1.39
N PRO A 35 15.34 14.24 0.99
CA PRO A 35 14.93 15.29 1.94
C PRO A 35 13.63 14.96 2.65
N GLN A 36 13.39 15.62 3.78
CA GLN A 36 12.18 15.40 4.56
C GLN A 36 10.94 15.45 3.68
N SER A 37 10.99 16.28 2.64
CA SER A 37 9.86 16.41 1.71
C SER A 37 9.51 15.07 1.10
N LEU A 38 10.53 14.35 0.64
CA LEU A 38 10.33 13.04 0.02
C LEU A 38 10.04 11.99 1.09
N ARG A 39 10.56 12.20 2.29
CA ARG A 39 10.36 11.26 3.39
C ARG A 39 8.93 11.33 3.94
N ASN A 40 8.46 12.54 4.24
CA ASN A 40 7.11 12.71 4.78
C ASN A 40 6.06 12.14 3.83
N ARG A 41 6.31 12.26 2.52
CA ARG A 41 5.38 11.74 1.52
C ARG A 41 5.46 10.22 1.46
N TYR A 42 6.65 9.69 1.73
CA TYR A 42 6.86 8.24 1.71
C TYR A 42 5.94 7.54 2.71
N ASN A 43 5.87 8.10 3.91
CA ASN A 43 5.03 7.52 4.96
C ASN A 43 3.55 7.82 4.69
N ASN A 44 3.29 8.93 4.02
CA ASN A 44 1.92 9.32 3.70
C ASN A 44 1.23 8.25 2.87
N LEU A 45 1.79 7.98 1.69
CA LEU A 45 1.23 6.97 0.79
C LEU A 45 1.12 5.62 1.49
N TYR A 46 2.13 5.29 2.31
CA TYR A 46 2.13 4.04 3.03
C TYR A 46 1.11 4.06 4.16
N SER A 47 0.86 5.25 4.71
CA SER A 47 -0.11 5.40 5.79
C SER A 47 -1.45 4.81 5.39
N HIS A 48 -1.83 5.02 4.14
CA HIS A 48 -3.09 4.51 3.61
C HIS A 48 -2.96 3.04 3.28
N THR A 49 -1.74 2.60 2.97
CA THR A 49 -1.49 1.20 2.61
C THR A 49 -1.62 0.30 3.84
N GLN A 50 -1.24 0.83 5.00
CA GLN A 50 -1.31 0.07 6.24
C GLN A 50 -2.75 -0.04 6.75
N ARG A 51 -3.54 1.01 6.53
CA ARG A 51 -4.93 1.02 6.98
C ARG A 51 -5.84 0.33 5.97
N THR A 52 -5.49 0.40 4.70
CA THR A 52 -6.29 -0.21 3.64
C THR A 52 -6.21 -1.74 3.73
N LEU A 53 -5.01 -2.25 3.96
CA LEU A 53 -4.81 -3.69 4.07
C LEU A 53 -5.70 -4.30 5.15
N ASP A 54 -5.74 -3.65 6.31
CA ASP A 54 -6.56 -4.12 7.43
C ASP A 54 -8.03 -4.19 7.02
N MET A 55 -8.53 -3.10 6.44
CA MET A 55 -9.92 -3.03 6.00
C MET A 55 -10.25 -4.15 5.03
N ALA A 56 -9.23 -4.67 4.36
CA ALA A 56 -9.41 -5.75 3.40
C ALA A 56 -9.60 -7.09 4.11
N ASP A 57 -8.79 -7.35 5.12
CA ASP A 57 -8.87 -8.58 5.89
C ASP A 57 -9.90 -8.47 7.02
N MET A 58 -11.07 -7.94 6.69
CA MET A 58 -12.14 -7.79 7.68
C MET A 58 -13.46 -8.33 7.15
N GLN A 59 -13.79 -7.98 5.91
CA GLN A 59 -15.02 -8.43 5.27
C GLN A 59 -15.18 -9.94 5.35
N HIS A 60 -14.07 -10.66 5.47
CA HIS A 60 -14.09 -12.12 5.54
C HIS A 60 -14.73 -12.59 6.85
N ARG A 61 -16.04 -12.40 6.95
CA ARG A 61 -16.78 -12.81 8.15
C ARG A 61 -16.54 -14.28 8.49
N TYR A 62 -16.13 -15.06 7.49
CA TYR A 62 -15.89 -16.48 7.68
C TYR A 62 -14.41 -16.76 8.02
N MET A 63 -13.52 -15.91 7.51
CA MET A 63 -12.09 -16.09 7.75
C MET A 63 -11.59 -15.22 8.89
N THR A 64 -11.90 -13.93 8.84
CA THR A 64 -11.46 -13.00 9.89
C THR A 64 -12.64 -12.62 10.79
N GLY A 65 -12.42 -11.59 11.60
CA GLY A 65 -13.47 -11.14 12.51
C GLY A 65 -14.29 -10.00 11.95
N ALA A 66 -15.46 -10.34 11.42
CA ALA A 66 -16.36 -9.34 10.83
C ALA A 66 -17.34 -8.81 11.87
N SER A 67 -16.89 -8.71 13.12
CA SER A 67 -17.73 -8.21 14.20
C SER A 67 -17.43 -6.73 14.48
N GLY A 68 -16.90 -6.43 15.67
CA GLY A 68 -16.59 -5.05 16.01
C GLY A 68 -15.52 -4.45 15.11
N ILE A 69 -15.91 -4.13 13.87
CA ILE A 69 -14.99 -3.55 12.91
C ILE A 69 -15.19 -2.04 12.80
N ASN A 70 -14.47 -1.42 11.86
CA ASN A 70 -14.56 0.02 11.65
C ASN A 70 -16.02 0.48 11.61
N PRO A 71 -16.25 1.81 11.69
CA PRO A 71 -17.60 2.37 11.67
C PRO A 71 -18.27 2.25 10.30
N GLY A 72 -18.37 1.02 9.80
CA GLY A 72 -19.00 0.79 8.51
C GLY A 72 -18.10 1.18 7.35
N MET A 73 -17.86 0.24 6.44
CA MET A 73 -17.02 0.49 5.28
C MET A 73 -17.46 -0.36 4.10
N LEU A 74 -17.39 0.21 2.89
CA LEU A 74 -17.77 -0.49 1.68
C LEU A 74 -16.79 -1.63 1.38
N PRO A 75 -17.26 -2.68 0.70
CA PRO A 75 -16.41 -3.83 0.36
C PRO A 75 -15.37 -3.51 -0.70
N HIS A 76 -15.47 -2.33 -1.29
CA HIS A 76 -14.52 -1.92 -2.33
C HIS A 76 -13.57 -0.82 -1.82
N GLU A 77 -13.85 -0.29 -0.63
CA GLU A 77 -13.01 0.76 -0.05
C GLU A 77 -11.55 0.32 0.01
N ASN A 78 -11.33 -0.82 0.66
CA ASN A 78 -9.98 -1.36 0.80
C ASN A 78 -9.36 -1.61 -0.58
N VAL A 79 -10.12 -2.24 -1.46
CA VAL A 79 -9.66 -2.53 -2.81
C VAL A 79 -9.24 -1.27 -3.55
N ASP A 80 -10.17 -0.31 -3.64
CA ASP A 80 -9.90 0.94 -4.31
C ASP A 80 -8.73 1.67 -3.67
N ASP A 81 -8.72 1.71 -2.35
CA ASP A 81 -7.65 2.38 -1.61
C ASP A 81 -6.33 1.63 -1.77
N MET A 82 -6.41 0.33 -2.04
CA MET A 82 -5.22 -0.49 -2.22
C MET A 82 -4.48 -0.09 -3.48
N ARG A 83 -5.15 -0.22 -4.63
CA ARG A 83 -4.55 0.12 -5.91
C ARG A 83 -3.94 1.51 -5.87
N SER A 84 -4.50 2.36 -5.00
CA SER A 84 -4.00 3.73 -4.85
C SER A 84 -2.60 3.73 -4.25
N ALA A 85 -2.36 2.80 -3.34
CA ALA A 85 -1.07 2.68 -2.69
C ALA A 85 0.02 2.36 -3.70
N ILE A 86 -0.27 1.42 -4.59
CA ILE A 86 0.69 1.02 -5.62
C ILE A 86 0.98 2.17 -6.57
N THR A 87 0.01 3.07 -6.72
CA THR A 87 0.18 4.23 -7.60
C THR A 87 1.34 5.09 -7.10
N ASP A 88 1.48 5.19 -5.78
CA ASP A 88 2.55 5.97 -5.18
C ASP A 88 3.81 5.14 -5.04
N TRP A 89 3.65 3.89 -4.62
CA TRP A 89 4.78 2.98 -4.45
C TRP A 89 5.43 2.68 -5.80
N SER A 90 4.60 2.30 -6.77
CA SER A 90 5.09 2.00 -8.11
C SER A 90 5.82 3.21 -8.70
N ASP A 91 5.16 4.36 -8.66
CA ASP A 91 5.74 5.60 -9.17
C ASP A 91 7.04 5.91 -8.45
N MET A 92 7.10 5.54 -7.17
CA MET A 92 8.28 5.78 -6.36
C MET A 92 9.45 4.93 -6.86
N ARG A 93 9.15 3.67 -7.19
CA ARG A 93 10.18 2.75 -7.69
C ARG A 93 10.98 3.39 -8.81
N GLU A 94 10.28 4.09 -9.70
CA GLU A 94 10.91 4.75 -10.83
C GLU A 94 11.51 6.10 -10.42
N ALA A 95 10.80 6.80 -9.52
CA ALA A 95 11.25 8.11 -9.05
C ALA A 95 12.48 7.97 -8.15
N LEU A 96 12.32 7.21 -7.07
CA LEU A 96 13.42 7.00 -6.12
C LEU A 96 14.68 6.52 -6.84
N GLN A 97 14.51 5.56 -7.74
CA GLN A 97 15.63 5.01 -8.49
C GLN A 97 16.31 6.10 -9.32
N HIS A 98 15.52 6.95 -9.95
CA HIS A 98 16.04 8.04 -10.76
C HIS A 98 16.74 9.08 -9.90
N ALA A 99 16.09 9.46 -8.81
CA ALA A 99 16.65 10.45 -7.89
C ALA A 99 17.95 9.95 -7.27
N MET A 100 17.95 8.68 -6.87
CA MET A 100 19.13 8.06 -6.26
C MET A 100 20.34 8.17 -7.19
N GLY A 101 20.09 8.17 -8.49
CA GLY A 101 21.17 8.26 -9.46
C GLY A 101 21.10 7.19 -10.52
N ILE A 102 19.89 6.95 -11.03
CA ILE A 102 19.69 5.95 -12.07
C ILE A 102 18.94 6.53 -13.26
N HIS A 103 19.08 5.90 -14.41
CA HIS A 103 18.42 6.36 -15.63
C HIS A 103 17.88 5.18 -16.43
N ALA A 104 16.93 4.46 -15.83
CA ALA A 104 16.32 3.30 -16.49
C ALA A 104 14.80 3.39 -16.47
N ASP A 105 14.16 2.75 -17.43
CA ASP A 105 12.71 2.76 -17.53
C ASP A 105 12.16 1.34 -17.74
N ILE A 106 12.07 0.58 -16.66
CA ILE A 106 11.58 -0.79 -16.73
C ILE A 106 10.57 -1.06 -15.62
N ASP A 2 -21.47 -4.68 -8.43
CA ASP A 2 -21.35 -5.21 -7.06
C ASP A 2 -19.91 -5.15 -6.56
N ASN A 3 -19.66 -5.81 -5.43
CA ASN A 3 -18.32 -5.82 -4.85
C ASN A 3 -17.51 -7.01 -5.36
N VAL A 4 -16.33 -7.19 -4.79
CA VAL A 4 -15.44 -8.29 -5.19
C VAL A 4 -15.56 -9.45 -4.21
N THR A 5 -15.14 -10.64 -4.66
CA THR A 5 -15.20 -11.83 -3.84
C THR A 5 -14.40 -11.66 -2.54
N SER A 6 -14.69 -12.50 -1.56
CA SER A 6 -14.00 -12.44 -0.28
C SER A 6 -12.50 -12.68 -0.46
N SER A 7 -12.17 -13.63 -1.34
CA SER A 7 -10.77 -13.95 -1.61
C SER A 7 -10.08 -12.78 -2.31
N GLN A 8 -10.85 -12.04 -3.11
CA GLN A 8 -10.32 -10.89 -3.82
C GLN A 8 -9.97 -9.77 -2.85
N LEU A 9 -10.85 -9.57 -1.86
CA LEU A 9 -10.63 -8.55 -0.85
C LEU A 9 -9.26 -8.69 -0.23
N LEU A 10 -8.93 -9.91 0.19
CA LEU A 10 -7.65 -10.20 0.80
C LEU A 10 -6.56 -10.39 -0.26
N SER A 11 -6.98 -10.63 -1.52
CA SER A 11 -6.02 -10.83 -2.59
C SER A 11 -5.30 -9.52 -2.92
N VAL A 12 -5.98 -8.41 -2.67
CA VAL A 12 -5.40 -7.10 -2.94
C VAL A 12 -4.59 -6.60 -1.74
N ARG A 13 -5.10 -6.85 -0.55
CA ARG A 13 -4.41 -6.45 0.66
C ARG A 13 -3.13 -7.23 0.85
N HIS A 14 -3.08 -8.41 0.24
CA HIS A 14 -1.91 -9.26 0.30
C HIS A 14 -0.85 -8.77 -0.67
N GLN A 15 -1.30 -8.32 -1.84
CA GLN A 15 -0.42 -7.82 -2.87
C GLN A 15 0.01 -6.39 -2.57
N LEU A 16 -0.92 -5.61 -2.03
CA LEU A 16 -0.66 -4.21 -1.70
C LEU A 16 0.22 -4.09 -0.46
N ALA A 17 -0.24 -4.66 0.65
CA ALA A 17 0.51 -4.62 1.91
C ALA A 17 1.95 -5.05 1.72
N GLU A 18 2.14 -6.18 1.05
CA GLU A 18 3.48 -6.72 0.80
C GLU A 18 4.34 -5.72 0.04
N SER A 19 3.81 -5.20 -1.06
CA SER A 19 4.54 -4.23 -1.87
C SER A 19 4.70 -2.90 -1.13
N ALA A 20 3.77 -2.60 -0.23
CA ALA A 20 3.83 -1.36 0.53
C ALA A 20 5.01 -1.35 1.51
N GLY A 21 6.21 -1.20 0.97
CA GLY A 21 7.39 -1.18 1.81
C GLY A 21 8.67 -1.40 1.02
N LEU A 22 9.72 -0.67 1.38
CA LEU A 22 11.01 -0.79 0.69
C LEU A 22 11.83 -1.93 1.31
N PRO A 23 12.63 -2.63 0.49
CA PRO A 23 13.47 -3.74 0.96
C PRO A 23 14.49 -3.29 2.00
N ARG A 24 15.61 -2.73 1.54
CA ARG A 24 16.65 -2.27 2.44
C ARG A 24 17.38 -1.06 1.86
N ASP A 25 18.13 -1.28 0.77
CA ASP A 25 18.87 -0.21 0.12
C ASP A 25 17.95 0.93 -0.30
N GLN A 26 16.76 0.57 -0.77
CA GLN A 26 15.79 1.57 -1.20
C GLN A 26 15.47 2.56 -0.09
N HIS A 27 15.27 2.05 1.12
CA HIS A 27 14.97 2.89 2.26
C HIS A 27 16.17 3.76 2.64
N GLU A 28 17.35 3.15 2.64
CA GLU A 28 18.58 3.85 2.99
C GLU A 28 18.75 5.13 2.15
N PHE A 29 18.12 5.16 0.99
CA PHE A 29 18.21 6.32 0.10
C PHE A 29 17.08 7.32 0.38
N VAL A 30 15.85 6.82 0.37
CA VAL A 30 14.68 7.67 0.59
C VAL A 30 14.60 8.19 2.03
N SER A 31 15.45 7.67 2.92
CA SER A 31 15.43 8.09 4.32
C SER A 31 16.77 8.66 4.78
N SER A 32 17.86 8.19 4.19
CA SER A 32 19.19 8.65 4.59
C SER A 32 19.80 9.61 3.56
N GLN A 33 19.17 9.75 2.40
CA GLN A 33 19.69 10.63 1.37
C GLN A 33 18.61 11.59 0.85
N ALA A 34 17.55 11.03 0.29
CA ALA A 34 16.45 11.82 -0.26
C ALA A 34 16.09 12.99 0.65
N PRO A 35 15.59 14.10 0.05
CA PRO A 35 15.21 15.30 0.81
C PRO A 35 13.95 15.08 1.63
N GLN A 36 13.76 15.95 2.63
CA GLN A 36 12.59 15.86 3.52
C GLN A 36 11.31 15.68 2.72
N SER A 37 11.19 16.41 1.61
CA SER A 37 10.01 16.33 0.76
C SER A 37 9.75 14.89 0.33
N LEU A 38 10.82 14.14 0.14
CA LEU A 38 10.73 12.74 -0.28
C LEU A 38 10.43 11.84 0.91
N ARG A 39 10.89 12.26 2.10
CA ARG A 39 10.69 11.48 3.32
C ARG A 39 9.26 11.65 3.85
N ASN A 40 8.84 12.90 4.04
CA ASN A 40 7.49 13.17 4.54
C ASN A 40 6.43 12.56 3.64
N ARG A 41 6.70 12.55 2.33
CA ARG A 41 5.75 11.99 1.37
C ARG A 41 5.77 10.46 1.44
N TYR A 42 6.93 9.91 1.80
CA TYR A 42 7.10 8.46 1.91
C TYR A 42 6.08 7.87 2.88
N ASN A 43 6.10 8.35 4.12
CA ASN A 43 5.18 7.86 5.14
C ASN A 43 3.74 8.29 4.82
N ASN A 44 3.60 9.39 4.09
CA ASN A 44 2.29 9.90 3.71
C ASN A 44 1.50 8.85 2.93
N LEU A 45 2.03 8.47 1.76
CA LEU A 45 1.37 7.49 0.92
C LEU A 45 1.16 6.18 1.67
N TYR A 46 2.07 5.87 2.59
CA TYR A 46 1.98 4.65 3.37
C TYR A 46 0.90 4.78 4.45
N SER A 47 0.70 6.00 4.95
CA SER A 47 -0.30 6.25 5.97
C SER A 47 -1.67 5.78 5.50
N HIS A 48 -1.96 6.02 4.23
CA HIS A 48 -3.23 5.60 3.64
C HIS A 48 -3.21 4.12 3.28
N THR A 49 -2.00 3.59 3.10
CA THR A 49 -1.84 2.18 2.76
C THR A 49 -2.00 1.30 3.99
N GLN A 50 -1.57 1.80 5.14
CA GLN A 50 -1.67 1.06 6.39
C GLN A 50 -3.08 1.07 6.93
N ARG A 51 -3.84 2.11 6.58
CA ARG A 51 -5.22 2.23 7.04
C ARG A 51 -6.20 1.58 6.07
N THR A 52 -5.83 1.55 4.79
CA THR A 52 -6.68 0.95 3.77
C THR A 52 -6.68 -0.57 3.88
N LEU A 53 -5.49 -1.15 4.01
CA LEU A 53 -5.36 -2.60 4.12
C LEU A 53 -6.19 -3.13 5.28
N ASP A 54 -6.34 -2.32 6.32
CA ASP A 54 -7.11 -2.71 7.50
C ASP A 54 -8.55 -3.04 7.12
N MET A 55 -9.21 -2.11 6.43
CA MET A 55 -10.59 -2.31 6.02
C MET A 55 -10.75 -3.59 5.21
N ALA A 56 -9.79 -3.85 4.32
CA ALA A 56 -9.82 -5.05 3.50
C ALA A 56 -9.84 -6.30 4.35
N ASP A 57 -8.78 -6.51 5.13
CA ASP A 57 -8.68 -7.68 6.00
C ASP A 57 -9.32 -7.40 7.35
N MET A 58 -10.62 -7.13 7.33
CA MET A 58 -11.37 -6.84 8.55
C MET A 58 -12.57 -7.75 8.68
N GLN A 59 -13.43 -7.74 7.66
CA GLN A 59 -14.63 -8.57 7.66
C GLN A 59 -14.27 -10.06 7.59
N HIS A 60 -14.10 -10.56 6.37
CA HIS A 60 -13.75 -11.98 6.13
C HIS A 60 -14.23 -12.88 7.25
N ARG A 61 -15.49 -12.71 7.67
CA ARG A 61 -16.06 -13.51 8.74
C ARG A 61 -15.92 -15.00 8.45
N TYR A 62 -15.78 -15.35 7.17
CA TYR A 62 -15.65 -16.73 6.75
C TYR A 62 -14.28 -17.30 7.14
N MET A 63 -13.27 -16.44 7.20
CA MET A 63 -11.92 -16.87 7.55
C MET A 63 -11.33 -16.07 8.70
N THR A 64 -11.28 -14.75 8.54
CA THR A 64 -10.71 -13.88 9.57
C THR A 64 -11.61 -12.67 9.84
N GLY A 65 -11.85 -12.40 11.12
CA GLY A 65 -12.68 -11.27 11.50
C GLY A 65 -13.70 -11.62 12.55
N ALA A 66 -14.84 -12.15 12.10
CA ALA A 66 -15.94 -12.56 12.99
C ALA A 66 -15.92 -11.88 14.36
N SER A 67 -15.51 -10.61 14.40
CA SER A 67 -15.46 -9.87 15.66
C SER A 67 -15.84 -8.41 15.44
N GLY A 68 -15.57 -7.58 16.44
CA GLY A 68 -15.89 -6.16 16.35
C GLY A 68 -15.09 -5.46 15.26
N ILE A 69 -15.70 -5.30 14.09
CA ILE A 69 -15.05 -4.63 12.97
C ILE A 69 -15.61 -3.23 12.77
N ASN A 70 -15.12 -2.55 11.73
CA ASN A 70 -15.57 -1.20 11.41
C ASN A 70 -17.09 -1.12 11.40
N PRO A 71 -17.65 0.11 11.42
CA PRO A 71 -19.09 0.33 11.40
C PRO A 71 -19.74 -0.05 10.07
N GLY A 72 -19.53 -1.29 9.63
CA GLY A 72 -20.10 -1.74 8.37
C GLY A 72 -19.76 -0.83 7.20
N MET A 73 -18.82 -1.28 6.37
CA MET A 73 -18.41 -0.50 5.21
C MET A 73 -18.46 -1.36 3.94
N LEU A 74 -18.26 -0.72 2.79
CA LEU A 74 -18.29 -1.44 1.53
C LEU A 74 -16.94 -2.07 1.22
N PRO A 75 -16.93 -3.35 0.80
CA PRO A 75 -15.69 -4.08 0.49
C PRO A 75 -14.86 -3.38 -0.58
N HIS A 76 -15.51 -2.57 -1.41
CA HIS A 76 -14.82 -1.85 -2.47
C HIS A 76 -14.10 -0.61 -1.96
N GLU A 77 -14.35 -0.25 -0.70
CA GLU A 77 -13.71 0.93 -0.11
C GLU A 77 -12.24 0.67 0.15
N ASN A 78 -11.91 -0.58 0.48
CA ASN A 78 -10.53 -0.95 0.75
C ASN A 78 -9.75 -1.17 -0.53
N VAL A 79 -10.35 -1.89 -1.48
CA VAL A 79 -9.69 -2.17 -2.75
C VAL A 79 -9.32 -0.88 -3.49
N ASP A 80 -10.26 0.06 -3.54
CA ASP A 80 -10.03 1.33 -4.21
C ASP A 80 -8.89 2.10 -3.54
N ASP A 81 -8.88 2.08 -2.22
CA ASP A 81 -7.84 2.78 -1.47
C ASP A 81 -6.53 2.01 -1.52
N MET A 82 -6.60 0.69 -1.65
CA MET A 82 -5.42 -0.15 -1.72
C MET A 82 -4.67 0.10 -3.03
N ARG A 83 -5.35 -0.07 -4.15
CA ARG A 83 -4.75 0.13 -5.46
C ARG A 83 -4.11 1.51 -5.55
N SER A 84 -4.68 2.47 -4.83
CA SER A 84 -4.16 3.82 -4.81
C SER A 84 -2.77 3.86 -4.19
N ALA A 85 -2.56 3.01 -3.18
CA ALA A 85 -1.27 2.92 -2.50
C ALA A 85 -0.18 2.49 -3.47
N ILE A 86 -0.48 1.47 -4.27
CA ILE A 86 0.48 0.96 -5.24
C ILE A 86 0.82 2.03 -6.26
N THR A 87 -0.12 2.94 -6.52
CA THR A 87 0.10 4.02 -7.48
C THR A 87 1.27 4.88 -7.03
N ASP A 88 1.38 5.08 -5.73
CA ASP A 88 2.46 5.89 -5.16
C ASP A 88 3.72 5.03 -4.97
N TRP A 89 3.53 3.82 -4.46
CA TRP A 89 4.65 2.90 -4.23
C TRP A 89 5.28 2.50 -5.56
N SER A 90 4.45 2.05 -6.50
CA SER A 90 4.92 1.65 -7.81
C SER A 90 5.68 2.80 -8.48
N ASP A 91 5.05 3.96 -8.51
CA ASP A 91 5.66 5.14 -9.10
C ASP A 91 6.99 5.45 -8.42
N MET A 92 7.08 5.10 -7.14
CA MET A 92 8.30 5.32 -6.37
C MET A 92 9.39 4.37 -6.83
N ARG A 93 9.01 3.13 -7.14
CA ARG A 93 9.97 2.13 -7.59
C ARG A 93 10.80 2.68 -8.74
N GLU A 94 10.15 3.39 -9.66
CA GLU A 94 10.83 3.96 -10.81
C GLU A 94 11.49 5.29 -10.44
N ALA A 95 10.79 6.11 -9.65
CA ALA A 95 11.31 7.40 -9.23
C ALA A 95 12.51 7.24 -8.31
N LEU A 96 12.30 6.56 -7.19
CA LEU A 96 13.36 6.33 -6.22
C LEU A 96 14.59 5.73 -6.88
N GLN A 97 14.37 4.73 -7.73
CA GLN A 97 15.47 4.07 -8.45
C GLN A 97 16.22 5.07 -9.33
N HIS A 98 15.48 5.84 -10.10
CA HIS A 98 16.08 6.83 -10.99
C HIS A 98 16.84 7.89 -10.19
N ALA A 99 16.24 8.33 -9.09
CA ALA A 99 16.86 9.35 -8.24
C ALA A 99 18.09 8.80 -7.54
N MET A 100 18.02 7.53 -7.13
CA MET A 100 19.13 6.89 -6.44
C MET A 100 20.38 6.87 -7.31
N GLY A 101 20.19 6.73 -8.62
CA GLY A 101 21.31 6.71 -9.54
C GLY A 101 21.14 5.66 -10.63
N ILE A 102 19.95 5.55 -11.17
CA ILE A 102 19.67 4.57 -12.22
C ILE A 102 18.94 5.23 -13.40
N HIS A 103 19.02 4.59 -14.57
CA HIS A 103 18.37 5.11 -15.76
C HIS A 103 17.55 4.03 -16.44
N ALA A 104 16.24 4.28 -16.58
CA ALA A 104 15.35 3.32 -17.20
C ALA A 104 14.64 3.94 -18.41
N ASP A 105 14.30 3.10 -19.38
CA ASP A 105 13.62 3.57 -20.59
C ASP A 105 12.71 2.49 -21.16
N ILE A 106 11.45 2.52 -20.75
CA ILE A 106 10.47 1.53 -21.22
C ILE A 106 9.37 2.20 -22.04
N ASP A 2 -23.41 -5.13 -5.43
CA ASP A 2 -22.54 -6.33 -5.32
C ASP A 2 -21.07 -5.94 -5.21
N ASN A 3 -20.25 -6.83 -4.67
CA ASN A 3 -18.83 -6.57 -4.51
C ASN A 3 -18.00 -7.79 -4.92
N VAL A 4 -16.69 -7.69 -4.76
CA VAL A 4 -15.79 -8.78 -5.12
C VAL A 4 -15.82 -9.87 -4.06
N THR A 5 -15.38 -11.07 -4.45
CA THR A 5 -15.37 -12.21 -3.53
C THR A 5 -14.41 -11.98 -2.37
N SER A 6 -14.50 -12.83 -1.36
CA SER A 6 -13.62 -12.72 -0.19
C SER A 6 -12.17 -12.97 -0.57
N SER A 7 -11.97 -13.90 -1.51
CA SER A 7 -10.63 -14.24 -1.97
C SER A 7 -10.00 -13.05 -2.68
N GLN A 8 -10.83 -12.24 -3.33
CA GLN A 8 -10.36 -11.06 -4.04
C GLN A 8 -10.01 -9.96 -3.06
N LEU A 9 -10.80 -9.83 -2.00
CA LEU A 9 -10.55 -8.82 -0.98
C LEU A 9 -9.11 -8.91 -0.47
N LEU A 10 -8.71 -10.14 -0.15
CA LEU A 10 -7.35 -10.38 0.33
C LEU A 10 -6.37 -10.47 -0.83
N SER A 11 -6.89 -10.69 -2.04
CA SER A 11 -6.05 -10.79 -3.22
C SER A 11 -5.42 -9.44 -3.53
N VAL A 12 -6.09 -8.36 -3.12
CA VAL A 12 -5.59 -7.01 -3.35
C VAL A 12 -4.70 -6.56 -2.21
N ARG A 13 -5.09 -6.89 -0.99
CA ARG A 13 -4.30 -6.52 0.18
C ARG A 13 -2.96 -7.23 0.16
N HIS A 14 -2.93 -8.40 -0.47
CA HIS A 14 -1.70 -9.18 -0.57
C HIS A 14 -0.77 -8.59 -1.63
N GLN A 15 -1.35 -8.17 -2.75
CA GLN A 15 -0.58 -7.59 -3.84
C GLN A 15 -0.21 -6.14 -3.52
N LEU A 16 -1.05 -5.47 -2.74
CA LEU A 16 -0.81 -4.08 -2.37
C LEU A 16 0.18 -3.99 -1.21
N ALA A 17 -0.15 -4.65 -0.09
CA ALA A 17 0.70 -4.64 1.09
C ALA A 17 2.14 -5.02 0.74
N GLU A 18 2.29 -6.14 0.02
CA GLU A 18 3.62 -6.61 -0.38
C GLU A 18 4.37 -5.54 -1.16
N SER A 19 3.70 -4.94 -2.14
CA SER A 19 4.30 -3.90 -2.96
C SER A 19 4.57 -2.64 -2.14
N ALA A 20 3.78 -2.46 -1.09
CA ALA A 20 3.93 -1.29 -0.21
C ALA A 20 4.98 -1.54 0.86
N GLY A 21 6.25 -1.41 0.48
CA GLY A 21 7.33 -1.62 1.42
C GLY A 21 8.70 -1.64 0.75
N LEU A 22 9.65 -0.91 1.34
CA LEU A 22 11.00 -0.85 0.80
C LEU A 22 11.84 -2.02 1.31
N PRO A 23 12.52 -2.75 0.40
CA PRO A 23 13.36 -3.89 0.79
C PRO A 23 14.43 -3.52 1.80
N ARG A 24 15.48 -2.85 1.33
CA ARG A 24 16.58 -2.44 2.21
C ARG A 24 17.22 -1.13 1.74
N ASP A 25 18.10 -1.24 0.76
CA ASP A 25 18.80 -0.07 0.22
C ASP A 25 17.83 1.01 -0.24
N GLN A 26 16.74 0.58 -0.87
CA GLN A 26 15.73 1.51 -1.37
C GLN A 26 15.25 2.44 -0.26
N HIS A 27 15.28 1.95 0.97
CA HIS A 27 14.84 2.74 2.12
C HIS A 27 16.02 3.52 2.71
N GLU A 28 17.20 2.92 2.67
CA GLU A 28 18.40 3.55 3.21
C GLU A 28 18.73 4.85 2.49
N PHE A 29 18.16 5.03 1.29
CA PHE A 29 18.40 6.23 0.51
C PHE A 29 17.25 7.23 0.66
N VAL A 30 16.03 6.73 0.51
CA VAL A 30 14.85 7.58 0.61
C VAL A 30 14.65 8.15 2.02
N SER A 31 15.42 7.65 2.99
CA SER A 31 15.30 8.11 4.36
C SER A 31 16.63 8.65 4.89
N SER A 32 17.72 7.94 4.61
CA SER A 32 19.04 8.35 5.08
C SER A 32 19.71 9.34 4.14
N GLN A 33 19.12 9.55 2.96
CA GLN A 33 19.69 10.48 1.98
C GLN A 33 18.65 11.49 1.51
N ALA A 34 17.56 10.99 0.93
CA ALA A 34 16.49 11.84 0.42
C ALA A 34 16.11 12.92 1.42
N PRO A 35 15.65 14.09 0.93
CA PRO A 35 15.26 15.21 1.79
C PRO A 35 13.91 14.96 2.47
N GLN A 36 13.66 15.71 3.55
CA GLN A 36 12.41 15.56 4.30
C GLN A 36 11.21 15.56 3.37
N SER A 37 11.33 16.24 2.24
CA SER A 37 10.25 16.31 1.26
C SER A 37 9.94 14.92 0.71
N LEU A 38 10.98 14.15 0.41
CA LEU A 38 10.82 12.81 -0.11
C LEU A 38 10.30 11.87 0.97
N ARG A 39 10.68 12.14 2.21
CA ARG A 39 10.26 11.31 3.34
C ARG A 39 8.80 11.62 3.71
N ASN A 40 8.41 12.88 3.54
CA ASN A 40 7.06 13.30 3.85
C ASN A 40 6.04 12.51 3.04
N ARG A 41 6.29 12.38 1.74
CA ARG A 41 5.40 11.65 0.85
C ARG A 41 5.48 10.15 1.12
N TYR A 42 6.64 9.70 1.60
CA TYR A 42 6.85 8.30 1.91
C TYR A 42 5.82 7.78 2.91
N ASN A 43 5.85 8.34 4.12
CA ASN A 43 4.92 7.93 5.17
C ASN A 43 3.50 8.35 4.82
N ASN A 44 3.36 9.43 4.07
CA ASN A 44 2.05 9.93 3.67
C ASN A 44 1.30 8.90 2.82
N LEU A 45 1.86 8.58 1.66
CA LEU A 45 1.25 7.62 0.76
C LEU A 45 1.09 6.26 1.43
N TYR A 46 2.10 5.86 2.19
CA TYR A 46 2.06 4.58 2.89
C TYR A 46 1.07 4.61 4.04
N SER A 47 0.89 5.79 4.64
CA SER A 47 -0.04 5.94 5.75
C SER A 47 -1.43 5.44 5.36
N HIS A 48 -1.86 5.77 4.15
CA HIS A 48 -3.16 5.35 3.66
C HIS A 48 -3.12 3.89 3.21
N THR A 49 -1.93 3.41 2.87
CA THR A 49 -1.75 2.04 2.43
C THR A 49 -1.78 1.07 3.61
N GLN A 50 -1.29 1.54 4.76
CA GLN A 50 -1.24 0.72 5.96
C GLN A 50 -2.62 0.62 6.62
N ARG A 51 -3.45 1.64 6.41
CA ARG A 51 -4.80 1.65 6.99
C ARG A 51 -5.81 1.00 6.04
N THR A 52 -5.59 1.15 4.74
CA THR A 52 -6.49 0.59 3.73
C THR A 52 -6.43 -0.95 3.76
N LEU A 53 -5.22 -1.49 3.82
CA LEU A 53 -5.04 -2.94 3.85
C LEU A 53 -5.79 -3.57 5.01
N ASP A 54 -5.79 -2.89 6.15
CA ASP A 54 -6.47 -3.38 7.34
C ASP A 54 -7.96 -3.62 7.06
N MET A 55 -8.58 -2.71 6.32
CA MET A 55 -9.99 -2.82 5.99
C MET A 55 -10.26 -4.09 5.18
N ALA A 56 -9.24 -4.56 4.46
CA ALA A 56 -9.37 -5.76 3.64
C ALA A 56 -9.39 -7.02 4.50
N ASP A 57 -8.78 -6.95 5.69
CA ASP A 57 -8.74 -8.08 6.60
C ASP A 57 -9.85 -8.00 7.64
N MET A 58 -11.03 -7.56 7.20
CA MET A 58 -12.18 -7.45 8.10
C MET A 58 -13.42 -8.11 7.51
N GLN A 59 -13.69 -7.80 6.23
CA GLN A 59 -14.85 -8.35 5.53
C GLN A 59 -15.06 -9.84 5.83
N HIS A 60 -14.15 -10.67 5.33
CA HIS A 60 -14.24 -12.12 5.53
C HIS A 60 -14.05 -12.49 7.00
N ARG A 61 -15.06 -12.17 7.81
CA ARG A 61 -15.00 -12.48 9.23
C ARG A 61 -14.92 -13.98 9.46
N TYR A 62 -15.56 -14.74 8.58
CA TYR A 62 -15.56 -16.20 8.68
C TYR A 62 -14.14 -16.75 8.62
N MET A 63 -13.32 -16.16 7.76
CA MET A 63 -11.93 -16.58 7.62
C MET A 63 -11.03 -15.84 8.59
N THR A 64 -11.25 -14.54 8.73
CA THR A 64 -10.44 -13.73 9.64
C THR A 64 -11.10 -12.37 9.89
N GLY A 65 -11.18 -11.98 11.15
CA GLY A 65 -11.78 -10.70 11.51
C GLY A 65 -12.74 -10.81 12.67
N ALA A 66 -13.98 -11.17 12.36
CA ALA A 66 -15.04 -11.33 13.35
C ALA A 66 -14.80 -10.56 14.65
N SER A 67 -14.20 -9.39 14.56
CA SER A 67 -13.92 -8.57 15.75
C SER A 67 -14.59 -7.21 15.64
N GLY A 68 -14.47 -6.42 16.70
CA GLY A 68 -15.08 -5.10 16.70
C GLY A 68 -14.54 -4.21 15.59
N ILE A 69 -15.17 -4.28 14.43
CA ILE A 69 -14.75 -3.48 13.28
C ILE A 69 -15.59 -2.21 13.16
N ASN A 70 -15.32 -1.44 12.11
CA ASN A 70 -16.03 -0.20 11.87
C ASN A 70 -17.54 -0.43 11.79
N PRO A 71 -18.34 0.64 11.83
CA PRO A 71 -19.80 0.53 11.77
C PRO A 71 -20.30 0.25 10.36
N GLY A 72 -19.82 -0.83 9.76
CA GLY A 72 -20.23 -1.20 8.42
C GLY A 72 -19.37 -0.55 7.35
N MET A 73 -18.81 -1.39 6.46
CA MET A 73 -17.97 -0.90 5.38
C MET A 73 -18.11 -1.78 4.15
N LEU A 74 -18.10 -1.17 2.97
CA LEU A 74 -18.22 -1.91 1.73
C LEU A 74 -16.90 -2.56 1.36
N PRO A 75 -16.91 -3.84 0.98
CA PRO A 75 -15.70 -4.58 0.61
C PRO A 75 -14.87 -3.88 -0.46
N HIS A 76 -15.49 -2.96 -1.19
CA HIS A 76 -14.79 -2.22 -2.25
C HIS A 76 -14.10 -0.98 -1.70
N GLU A 77 -14.37 -0.64 -0.43
CA GLU A 77 -13.77 0.52 0.19
C GLU A 77 -12.26 0.33 0.37
N ASN A 78 -11.87 -0.90 0.68
CA ASN A 78 -10.45 -1.23 0.87
C ASN A 78 -9.73 -1.37 -0.46
N VAL A 79 -10.31 -2.14 -1.37
CA VAL A 79 -9.70 -2.35 -2.68
C VAL A 79 -9.46 -1.02 -3.40
N ASP A 80 -10.43 -0.12 -3.29
CA ASP A 80 -10.33 1.19 -3.92
C ASP A 80 -9.13 1.97 -3.38
N ASP A 81 -9.00 1.98 -2.06
CA ASP A 81 -7.91 2.68 -1.41
C ASP A 81 -6.58 1.94 -1.62
N MET A 82 -6.67 0.63 -1.79
CA MET A 82 -5.48 -0.19 -2.01
C MET A 82 -4.82 0.17 -3.34
N ARG A 83 -5.52 -0.11 -4.43
CA ARG A 83 -5.01 0.17 -5.77
C ARG A 83 -4.46 1.59 -5.84
N SER A 84 -5.04 2.50 -5.06
CA SER A 84 -4.60 3.89 -5.03
C SER A 84 -3.15 3.97 -4.57
N ALA A 85 -2.79 3.13 -3.61
CA ALA A 85 -1.43 3.10 -3.09
C ALA A 85 -0.43 2.80 -4.20
N ILE A 86 -0.80 1.89 -5.08
CA ILE A 86 0.07 1.52 -6.19
C ILE A 86 0.35 2.71 -7.09
N THR A 87 -0.62 3.60 -7.22
CA THR A 87 -0.45 4.80 -8.05
C THR A 87 0.75 5.61 -7.57
N ASP A 88 0.76 5.91 -6.27
CA ASP A 88 1.84 6.66 -5.67
C ASP A 88 3.09 5.79 -5.57
N TRP A 89 2.92 4.56 -5.09
CA TRP A 89 4.03 3.64 -4.94
C TRP A 89 4.72 3.39 -6.29
N SER A 90 3.93 2.96 -7.27
CA SER A 90 4.45 2.69 -8.61
C SER A 90 5.27 3.88 -9.11
N ASP A 91 4.75 5.08 -8.89
CA ASP A 91 5.44 6.29 -9.32
C ASP A 91 6.77 6.44 -8.58
N MET A 92 6.79 6.02 -7.32
CA MET A 92 8.00 6.11 -6.51
C MET A 92 9.00 5.03 -6.93
N ARG A 93 8.48 3.87 -7.33
CA ARG A 93 9.33 2.77 -7.76
C ARG A 93 10.32 3.22 -8.83
N GLU A 94 9.84 4.00 -9.78
CA GLU A 94 10.68 4.50 -10.85
C GLU A 94 11.49 5.72 -10.41
N ALA A 95 10.90 6.53 -9.53
CA ALA A 95 11.56 7.72 -9.01
C ALA A 95 12.70 7.35 -8.07
N LEU A 96 12.36 6.64 -6.99
CA LEU A 96 13.36 6.23 -6.00
C LEU A 96 14.55 5.54 -6.66
N GLN A 97 14.25 4.62 -7.57
CA GLN A 97 15.29 3.88 -8.28
C GLN A 97 16.21 4.83 -9.05
N HIS A 98 15.62 5.85 -9.66
CA HIS A 98 16.38 6.83 -10.43
C HIS A 98 17.22 7.72 -9.52
N ALA A 99 16.57 8.35 -8.55
CA ALA A 99 17.26 9.24 -7.62
C ALA A 99 18.37 8.50 -6.86
N MET A 100 18.10 7.25 -6.50
CA MET A 100 19.08 6.44 -5.78
C MET A 100 20.39 6.34 -6.56
N GLY A 101 20.27 6.08 -7.86
CA GLY A 101 21.44 5.97 -8.70
C GLY A 101 21.27 4.94 -9.80
N ILE A 102 20.09 4.89 -10.39
CA ILE A 102 19.80 3.95 -11.47
C ILE A 102 19.21 4.66 -12.68
N HIS A 103 19.32 4.04 -13.84
CA HIS A 103 18.80 4.62 -15.07
C HIS A 103 18.02 3.57 -15.87
N ALA A 104 16.70 3.71 -15.89
CA ALA A 104 15.83 2.78 -16.61
C ALA A 104 15.06 3.50 -17.71
N ASP A 105 14.71 2.76 -18.76
CA ASP A 105 13.97 3.34 -19.88
C ASP A 105 12.88 2.37 -20.35
N ILE A 106 11.71 2.45 -19.73
CA ILE A 106 10.59 1.59 -20.08
C ILE A 106 9.36 2.41 -20.43
N ASP A 2 -23.04 -6.98 -4.14
CA ASP A 2 -22.87 -6.02 -3.03
C ASP A 2 -21.40 -5.82 -2.69
N ASN A 3 -20.76 -6.87 -2.19
CA ASN A 3 -19.35 -6.80 -1.83
C ASN A 3 -18.52 -7.75 -2.70
N VAL A 4 -17.32 -7.33 -3.05
CA VAL A 4 -16.42 -8.15 -3.87
C VAL A 4 -16.18 -9.50 -3.22
N THR A 5 -15.71 -10.47 -4.01
CA THR A 5 -15.43 -11.80 -3.51
C THR A 5 -14.43 -11.75 -2.35
N SER A 6 -14.60 -12.66 -1.40
CA SER A 6 -13.73 -12.72 -0.23
C SER A 6 -12.26 -12.81 -0.67
N SER A 7 -12.02 -13.50 -1.76
CA SER A 7 -10.66 -13.66 -2.29
C SER A 7 -10.17 -12.37 -2.92
N GLN A 8 -11.11 -11.56 -3.41
CA GLN A 8 -10.76 -10.29 -4.03
C GLN A 8 -10.26 -9.30 -3.00
N LEU A 9 -11.00 -9.17 -1.90
CA LEU A 9 -10.61 -8.26 -0.83
C LEU A 9 -9.18 -8.53 -0.40
N LEU A 10 -8.86 -9.81 -0.22
CA LEU A 10 -7.51 -10.19 0.18
C LEU A 10 -6.59 -10.24 -1.03
N SER A 11 -7.16 -10.40 -2.22
CA SER A 11 -6.37 -10.45 -3.44
C SER A 11 -5.62 -9.14 -3.65
N VAL A 12 -6.24 -8.03 -3.23
CA VAL A 12 -5.64 -6.72 -3.37
C VAL A 12 -4.68 -6.43 -2.21
N ARG A 13 -5.03 -6.89 -1.02
CA ARG A 13 -4.19 -6.67 0.15
C ARG A 13 -2.85 -7.41 -0.04
N HIS A 14 -2.89 -8.48 -0.82
CA HIS A 14 -1.69 -9.27 -1.08
C HIS A 14 -0.85 -8.63 -2.18
N GLN A 15 -1.52 -8.06 -3.18
CA GLN A 15 -0.85 -7.42 -4.29
C GLN A 15 -0.39 -6.01 -3.92
N LEU A 16 -1.19 -5.32 -3.12
CA LEU A 16 -0.87 -3.96 -2.70
C LEU A 16 0.25 -3.96 -1.65
N ALA A 17 -0.03 -4.57 -0.50
CA ALA A 17 0.94 -4.63 0.58
C ALA A 17 2.31 -5.10 0.08
N GLU A 18 2.31 -6.14 -0.76
CA GLU A 18 3.55 -6.68 -1.32
C GLU A 18 4.32 -5.59 -2.07
N SER A 19 3.64 -4.93 -3.00
CA SER A 19 4.26 -3.86 -3.78
C SER A 19 4.64 -2.68 -2.90
N ALA A 20 3.87 -2.46 -1.85
CA ALA A 20 4.13 -1.36 -0.93
C ALA A 20 5.36 -1.63 -0.08
N GLY A 21 5.51 -0.87 0.99
CA GLY A 21 6.65 -1.00 1.89
C GLY A 21 7.95 -1.41 1.20
N LEU A 22 8.82 -0.44 0.97
CA LEU A 22 10.10 -0.69 0.31
C LEU A 22 10.83 -1.87 0.95
N PRO A 23 11.69 -2.56 0.18
CA PRO A 23 12.45 -3.72 0.69
C PRO A 23 13.39 -3.35 1.83
N ARG A 24 14.55 -2.80 1.51
CA ARG A 24 15.52 -2.41 2.52
C ARG A 24 16.32 -1.18 2.07
N ASP A 25 17.17 -1.38 1.07
CA ASP A 25 18.00 -0.29 0.55
C ASP A 25 17.15 0.89 0.12
N GLN A 26 16.01 0.61 -0.49
CA GLN A 26 15.11 1.67 -0.94
C GLN A 26 14.74 2.61 0.20
N HIS A 27 14.45 2.04 1.36
CA HIS A 27 14.08 2.83 2.53
C HIS A 27 15.26 3.66 3.03
N GLU A 28 16.45 3.06 3.03
CA GLU A 28 17.65 3.74 3.48
C GLU A 28 17.91 5.03 2.70
N PHE A 29 17.31 5.12 1.52
CA PHE A 29 17.49 6.30 0.67
C PHE A 29 16.34 7.28 0.85
N VAL A 30 15.11 6.79 0.73
CA VAL A 30 13.92 7.63 0.87
C VAL A 30 13.72 8.15 2.29
N SER A 31 14.50 7.63 3.25
CA SER A 31 14.37 8.06 4.63
C SER A 31 15.68 8.58 5.22
N SER A 32 16.80 8.05 4.76
CA SER A 32 18.10 8.45 5.27
C SER A 32 18.81 9.43 4.34
N GLN A 33 18.29 9.63 3.14
CA GLN A 33 18.92 10.55 2.18
C GLN A 33 17.91 11.52 1.56
N ALA A 34 16.93 10.96 0.84
CA ALA A 34 15.90 11.76 0.18
C ALA A 34 15.48 12.97 1.01
N PRO A 35 15.02 14.05 0.35
CA PRO A 35 14.58 15.28 1.03
C PRO A 35 13.30 15.07 1.82
N GLN A 36 13.06 15.99 2.77
CA GLN A 36 11.87 15.92 3.62
C GLN A 36 10.60 15.68 2.77
N SER A 37 10.47 16.43 1.68
CA SER A 37 9.32 16.30 0.80
C SER A 37 9.16 14.85 0.34
N LEU A 38 10.28 14.15 0.21
CA LEU A 38 10.27 12.77 -0.23
C LEU A 38 10.01 11.84 0.95
N ARG A 39 10.46 12.24 2.12
CA ARG A 39 10.28 11.45 3.34
C ARG A 39 8.86 11.57 3.88
N ASN A 40 8.40 12.80 4.07
CA ASN A 40 7.06 13.04 4.59
C ASN A 40 5.99 12.40 3.70
N ARG A 41 6.19 12.49 2.39
CA ARG A 41 5.23 11.92 1.44
C ARG A 41 5.27 10.39 1.49
N TYR A 42 6.45 9.85 1.82
CA TYR A 42 6.63 8.40 1.89
C TYR A 42 5.66 7.78 2.90
N ASN A 43 5.88 8.07 4.18
CA ASN A 43 5.02 7.54 5.24
C ASN A 43 3.57 7.92 5.01
N ASN A 44 3.34 9.01 4.29
CA ASN A 44 1.98 9.47 4.01
C ASN A 44 1.24 8.49 3.11
N LEU A 45 1.73 8.32 1.88
CA LEU A 45 1.10 7.42 0.93
C LEU A 45 0.96 6.01 1.50
N TYR A 46 1.85 5.65 2.42
CA TYR A 46 1.82 4.33 3.03
C TYR A 46 0.83 4.31 4.20
N SER A 47 0.74 5.43 4.92
CA SER A 47 -0.17 5.54 6.05
C SER A 47 -1.56 5.02 5.68
N HIS A 48 -2.02 5.41 4.50
CA HIS A 48 -3.33 4.98 4.01
C HIS A 48 -3.25 3.53 3.53
N THR A 49 -2.15 3.18 2.89
CA THR A 49 -1.95 1.84 2.38
C THR A 49 -1.99 0.81 3.50
N GLN A 50 -1.23 1.08 4.57
CA GLN A 50 -1.17 0.18 5.71
C GLN A 50 -2.55 0.01 6.33
N ARG A 51 -3.36 1.06 6.27
CA ARG A 51 -4.70 1.03 6.84
C ARG A 51 -5.69 0.42 5.86
N THR A 52 -5.49 0.70 4.57
CA THR A 52 -6.38 0.17 3.54
C THR A 52 -6.37 -1.35 3.53
N LEU A 53 -5.18 -1.94 3.56
CA LEU A 53 -5.05 -3.39 3.56
C LEU A 53 -5.82 -4.00 4.73
N ASP A 54 -5.90 -3.25 5.83
CA ASP A 54 -6.61 -3.72 7.02
C ASP A 54 -8.07 -4.01 6.67
N MET A 55 -8.78 -2.99 6.21
CA MET A 55 -10.19 -3.15 5.83
C MET A 55 -10.35 -4.28 4.83
N ALA A 56 -9.28 -4.60 4.10
CA ALA A 56 -9.30 -5.66 3.12
C ALA A 56 -9.40 -7.03 3.78
N ASP A 57 -8.60 -7.24 4.82
CA ASP A 57 -8.59 -8.52 5.53
C ASP A 57 -9.51 -8.49 6.75
N MET A 58 -10.76 -8.12 6.53
CA MET A 58 -11.75 -8.05 7.61
C MET A 58 -13.02 -8.80 7.23
N GLN A 59 -13.51 -8.52 6.02
CA GLN A 59 -14.72 -9.16 5.53
C GLN A 59 -14.68 -10.67 5.72
N HIS A 60 -13.48 -11.23 5.69
CA HIS A 60 -13.31 -12.68 5.88
C HIS A 60 -13.63 -13.07 7.32
N ARG A 61 -14.92 -13.03 7.67
CA ARG A 61 -15.34 -13.38 9.03
C ARG A 61 -14.97 -14.81 9.37
N TYR A 62 -14.69 -15.62 8.36
CA TYR A 62 -14.33 -17.02 8.57
C TYR A 62 -12.82 -17.23 8.54
N MET A 63 -12.11 -16.39 7.78
CA MET A 63 -10.67 -16.51 7.66
C MET A 63 -9.95 -15.59 8.65
N THR A 64 -10.47 -14.38 8.84
CA THR A 64 -9.85 -13.42 9.74
C THR A 64 -10.81 -13.05 10.88
N GLY A 65 -10.49 -11.97 11.59
CA GLY A 65 -11.32 -11.54 12.70
C GLY A 65 -12.32 -10.48 12.29
N ALA A 66 -13.58 -10.89 12.15
CA ALA A 66 -14.65 -9.98 11.76
C ALA A 66 -15.36 -9.41 13.00
N SER A 67 -14.61 -9.19 14.06
CA SER A 67 -15.17 -8.67 15.30
C SER A 67 -14.91 -7.16 15.42
N GLY A 68 -14.11 -6.75 16.40
CA GLY A 68 -13.81 -5.33 16.59
C GLY A 68 -13.11 -4.72 15.40
N ILE A 69 -13.84 -4.48 14.33
CA ILE A 69 -13.28 -3.89 13.12
C ILE A 69 -13.74 -2.44 12.95
N ASN A 70 -13.39 -1.84 11.82
CA ASN A 70 -13.77 -0.45 11.54
C ASN A 70 -15.29 -0.26 11.71
N PRO A 71 -15.75 1.00 11.76
CA PRO A 71 -17.16 1.33 11.93
C PRO A 71 -17.97 1.12 10.65
N GLY A 72 -17.79 -0.03 10.00
CA GLY A 72 -18.52 -0.32 8.78
C GLY A 72 -18.24 0.69 7.67
N MET A 73 -17.82 0.18 6.52
CA MET A 73 -17.53 1.05 5.37
C MET A 73 -17.83 0.33 4.07
N LEU A 74 -17.66 1.04 2.95
CA LEU A 74 -17.91 0.46 1.64
C LEU A 74 -17.08 -0.80 1.44
N PRO A 75 -17.70 -1.91 0.97
CA PRO A 75 -17.00 -3.17 0.75
C PRO A 75 -15.83 -3.03 -0.22
N HIS A 76 -15.85 -1.97 -1.02
CA HIS A 76 -14.79 -1.73 -2.00
C HIS A 76 -13.80 -0.68 -1.49
N GLU A 77 -14.11 -0.02 -0.38
CA GLU A 77 -13.24 1.00 0.18
C GLU A 77 -11.79 0.52 0.23
N ASN A 78 -11.61 -0.78 0.43
CA ASN A 78 -10.27 -1.36 0.50
C ASN A 78 -9.68 -1.55 -0.90
N VAL A 79 -10.36 -2.33 -1.74
CA VAL A 79 -9.88 -2.60 -3.09
C VAL A 79 -9.64 -1.32 -3.87
N ASP A 80 -10.61 -0.40 -3.85
CA ASP A 80 -10.48 0.86 -4.56
C ASP A 80 -9.29 1.66 -4.03
N ASP A 81 -9.31 1.94 -2.73
CA ASP A 81 -8.24 2.70 -2.11
C ASP A 81 -6.90 1.97 -2.25
N MET A 82 -6.96 0.67 -2.52
CA MET A 82 -5.75 -0.13 -2.68
C MET A 82 -5.00 0.30 -3.94
N ARG A 83 -5.66 0.17 -5.08
CA ARG A 83 -5.05 0.53 -6.36
C ARG A 83 -4.48 1.94 -6.30
N SER A 84 -5.05 2.77 -5.43
CA SER A 84 -4.57 4.15 -5.28
C SER A 84 -3.18 4.16 -4.67
N ALA A 85 -2.94 3.28 -3.72
CA ALA A 85 -1.65 3.18 -3.05
C ALA A 85 -0.55 2.82 -4.05
N ILE A 86 -0.84 1.85 -4.92
CA ILE A 86 0.13 1.42 -5.92
C ILE A 86 0.46 2.57 -6.88
N THR A 87 -0.49 3.48 -7.06
CA THR A 87 -0.28 4.61 -7.95
C THR A 87 0.89 5.46 -7.46
N ASP A 88 0.97 5.63 -6.14
CA ASP A 88 2.05 6.40 -5.53
C ASP A 88 3.29 5.54 -5.35
N TRP A 89 3.08 4.29 -4.92
CA TRP A 89 4.19 3.38 -4.69
C TRP A 89 4.85 2.99 -6.02
N SER A 90 4.03 2.72 -7.03
CA SER A 90 4.54 2.35 -8.35
C SER A 90 5.44 3.46 -8.88
N ASP A 91 4.95 4.69 -8.81
CA ASP A 91 5.70 5.85 -9.28
C ASP A 91 7.01 5.95 -8.50
N MET A 92 6.98 5.54 -7.24
CA MET A 92 8.16 5.57 -6.39
C MET A 92 9.17 4.52 -6.82
N ARG A 93 8.66 3.37 -7.25
CA ARG A 93 9.53 2.28 -7.70
C ARG A 93 10.54 2.78 -8.73
N GLU A 94 10.05 3.51 -9.72
CA GLU A 94 10.91 4.05 -10.78
C GLU A 94 11.55 5.35 -10.33
N ALA A 95 10.77 6.21 -9.69
CA ALA A 95 11.27 7.50 -9.21
C ALA A 95 12.38 7.32 -8.19
N LEU A 96 12.05 6.65 -7.08
CA LEU A 96 13.01 6.42 -6.01
C LEU A 96 14.26 5.71 -6.54
N GLN A 97 14.06 4.73 -7.41
CA GLN A 97 15.18 3.99 -7.98
C GLN A 97 16.12 4.92 -8.73
N HIS A 98 15.56 5.73 -9.61
CA HIS A 98 16.34 6.67 -10.40
C HIS A 98 17.06 7.68 -9.50
N ALA A 99 16.33 8.20 -8.52
CA ALA A 99 16.88 9.18 -7.59
C ALA A 99 17.92 8.54 -6.69
N MET A 100 17.70 7.28 -6.33
CA MET A 100 18.63 6.55 -5.47
C MET A 100 20.03 6.52 -6.08
N GLY A 101 20.09 6.52 -7.41
CA GLY A 101 21.37 6.49 -8.10
C GLY A 101 21.43 5.41 -9.15
N ILE A 102 20.31 5.17 -9.83
CA ILE A 102 20.25 4.16 -10.87
C ILE A 102 19.67 4.73 -12.16
N HIS A 103 20.00 4.09 -13.28
CA HIS A 103 19.51 4.54 -14.58
C HIS A 103 18.58 3.51 -15.19
N ALA A 104 17.32 3.90 -15.41
CA ALA A 104 16.33 3.01 -16.00
C ALA A 104 16.18 3.27 -17.50
N ASP A 105 15.95 2.20 -18.25
CA ASP A 105 15.80 2.30 -19.69
C ASP A 105 14.81 1.26 -20.22
N ILE A 106 13.53 1.64 -20.27
CA ILE A 106 12.49 0.75 -20.75
C ILE A 106 11.67 1.40 -21.85
N ASP A 2 -23.53 -5.20 -3.05
CA ASP A 2 -22.56 -6.32 -2.97
C ASP A 2 -21.18 -5.88 -3.43
N ASN A 3 -20.25 -6.83 -3.48
CA ASN A 3 -18.89 -6.55 -3.91
C ASN A 3 -18.12 -7.83 -4.20
N VAL A 4 -16.82 -7.70 -4.46
CA VAL A 4 -15.98 -8.85 -4.76
C VAL A 4 -16.09 -9.92 -3.67
N THR A 5 -15.38 -11.03 -3.86
CA THR A 5 -15.39 -12.12 -2.89
C THR A 5 -14.38 -11.89 -1.77
N SER A 6 -14.41 -12.76 -0.78
CA SER A 6 -13.49 -12.65 0.36
C SER A 6 -12.08 -13.03 -0.06
N SER A 7 -11.97 -14.01 -0.95
CA SER A 7 -10.67 -14.46 -1.44
C SER A 7 -9.99 -13.37 -2.25
N GLN A 8 -10.79 -12.54 -2.91
CA GLN A 8 -10.26 -11.45 -3.72
C GLN A 8 -9.87 -10.27 -2.83
N LEU A 9 -10.65 -10.03 -1.78
CA LEU A 9 -10.36 -8.94 -0.86
C LEU A 9 -8.94 -9.04 -0.34
N LEU A 10 -8.54 -10.25 0.06
CA LEU A 10 -7.20 -10.48 0.56
C LEU A 10 -6.21 -10.60 -0.60
N SER A 11 -6.72 -10.84 -1.79
CA SER A 11 -5.87 -10.96 -2.97
C SER A 11 -5.28 -9.60 -3.36
N VAL A 12 -6.01 -8.54 -3.04
CA VAL A 12 -5.56 -7.19 -3.35
C VAL A 12 -4.68 -6.63 -2.24
N ARG A 13 -4.94 -7.05 -1.01
CA ARG A 13 -4.15 -6.59 0.12
C ARG A 13 -2.79 -7.26 0.14
N HIS A 14 -2.71 -8.45 -0.44
CA HIS A 14 -1.47 -9.18 -0.52
C HIS A 14 -0.59 -8.63 -1.64
N GLN A 15 -1.24 -8.19 -2.73
CA GLN A 15 -0.53 -7.62 -3.86
C GLN A 15 -0.12 -6.18 -3.57
N LEU A 16 -0.96 -5.47 -2.81
CA LEU A 16 -0.69 -4.08 -2.46
C LEU A 16 0.32 -4.00 -1.32
N ALA A 17 0.02 -4.69 -0.22
CA ALA A 17 0.91 -4.69 0.95
C ALA A 17 2.32 -5.10 0.56
N GLU A 18 2.43 -6.16 -0.23
CA GLU A 18 3.73 -6.66 -0.68
C GLU A 18 4.51 -5.57 -1.40
N SER A 19 3.91 -5.01 -2.44
CA SER A 19 4.55 -3.95 -3.21
C SER A 19 4.85 -2.74 -2.34
N ALA A 20 4.04 -2.55 -1.30
CA ALA A 20 4.22 -1.44 -0.39
C ALA A 20 5.37 -1.70 0.59
N GLY A 21 6.58 -1.75 0.07
CA GLY A 21 7.75 -2.00 0.91
C GLY A 21 9.05 -1.92 0.13
N LEU A 22 9.99 -1.13 0.63
CA LEU A 22 11.28 -0.98 -0.02
C LEU A 22 12.20 -2.15 0.30
N PRO A 23 12.93 -2.67 -0.71
CA PRO A 23 13.85 -3.79 -0.52
C PRO A 23 14.92 -3.51 0.53
N ARG A 24 15.95 -2.75 0.14
CA ARG A 24 17.04 -2.41 1.05
C ARG A 24 17.62 -1.04 0.72
N ASP A 25 18.32 -0.96 -0.40
CA ASP A 25 18.93 0.30 -0.82
C ASP A 25 17.88 1.38 -1.05
N GLN A 26 16.69 0.97 -1.49
CA GLN A 26 15.61 1.90 -1.75
C GLN A 26 15.28 2.72 -0.50
N HIS A 27 15.37 2.09 0.66
CA HIS A 27 15.09 2.77 1.92
C HIS A 27 16.30 3.54 2.41
N GLU A 28 17.48 2.96 2.24
CA GLU A 28 18.73 3.58 2.67
C GLU A 28 18.94 4.92 1.97
N PHE A 29 18.25 5.13 0.85
CA PHE A 29 18.38 6.38 0.11
C PHE A 29 17.24 7.34 0.46
N VAL A 30 16.02 6.85 0.41
CA VAL A 30 14.85 7.67 0.70
C VAL A 30 14.76 8.06 2.18
N SER A 31 15.60 7.46 3.01
CA SER A 31 15.57 7.77 4.44
C SER A 31 16.92 8.25 4.96
N SER A 32 18.01 7.71 4.41
CA SER A 32 19.35 8.08 4.85
C SER A 32 19.96 9.17 3.96
N GLN A 33 19.32 9.48 2.84
CA GLN A 33 19.84 10.51 1.93
C GLN A 33 18.77 11.51 1.55
N ALA A 34 17.69 11.03 0.92
CA ALA A 34 16.59 11.89 0.49
C ALA A 34 16.22 12.92 1.55
N PRO A 35 15.73 14.10 1.12
CA PRO A 35 15.33 15.17 2.03
C PRO A 35 14.06 14.84 2.80
N GLN A 36 13.84 15.53 3.91
CA GLN A 36 12.65 15.32 4.73
C GLN A 36 11.38 15.35 3.89
N SER A 37 11.42 16.12 2.81
CA SER A 37 10.27 16.23 1.92
C SER A 37 9.93 14.87 1.31
N LEU A 38 10.95 14.16 0.87
CA LEU A 38 10.76 12.84 0.26
C LEU A 38 10.33 11.82 1.32
N ARG A 39 10.79 12.02 2.55
CA ARG A 39 10.45 11.13 3.65
C ARG A 39 9.02 11.39 4.12
N ASN A 40 8.60 12.64 4.03
CA ASN A 40 7.25 13.02 4.44
C ASN A 40 6.20 12.24 3.66
N ARG A 41 6.39 12.15 2.36
CA ARG A 41 5.47 11.42 1.49
C ARG A 41 5.62 9.92 1.66
N TYR A 42 6.83 9.49 2.05
CA TYR A 42 7.11 8.08 2.25
C TYR A 42 6.14 7.46 3.25
N ASN A 43 6.07 8.06 4.44
CA ASN A 43 5.18 7.57 5.49
C ASN A 43 3.73 7.93 5.19
N ASN A 44 3.53 9.06 4.52
CA ASN A 44 2.19 9.52 4.17
C ASN A 44 1.50 8.53 3.24
N LEU A 45 2.12 8.29 2.08
CA LEU A 45 1.55 7.36 1.10
C LEU A 45 1.35 5.98 1.71
N TYR A 46 2.25 5.60 2.62
CA TYR A 46 2.16 4.30 3.28
C TYR A 46 1.13 4.33 4.40
N SER A 47 0.91 5.51 4.98
CA SER A 47 -0.06 5.67 6.05
C SER A 47 -1.43 5.12 5.64
N HIS A 48 -1.87 5.52 4.45
CA HIS A 48 -3.16 5.07 3.93
C HIS A 48 -3.07 3.62 3.46
N THR A 49 -1.88 3.23 2.97
CA THR A 49 -1.67 1.87 2.50
C THR A 49 -1.83 0.87 3.63
N GLN A 50 -1.22 1.16 4.78
CA GLN A 50 -1.29 0.27 5.93
C GLN A 50 -2.72 0.16 6.44
N ARG A 51 -3.49 1.23 6.29
CA ARG A 51 -4.88 1.25 6.72
C ARG A 51 -5.78 0.55 5.71
N THR A 52 -5.66 0.95 4.45
CA THR A 52 -6.45 0.36 3.37
C THR A 52 -6.32 -1.16 3.38
N LEU A 53 -5.14 -1.65 3.76
CA LEU A 53 -4.89 -3.08 3.80
C LEU A 53 -5.63 -3.72 4.97
N ASP A 54 -5.82 -2.95 6.04
CA ASP A 54 -6.52 -3.43 7.22
C ASP A 54 -7.98 -3.75 6.89
N MET A 55 -8.66 -2.80 6.26
CA MET A 55 -10.05 -2.97 5.87
C MET A 55 -10.22 -4.22 5.02
N ALA A 56 -9.18 -4.57 4.28
CA ALA A 56 -9.21 -5.75 3.42
C ALA A 56 -9.44 -7.00 4.26
N ASP A 57 -8.73 -7.09 5.38
CA ASP A 57 -8.85 -8.23 6.28
C ASP A 57 -9.95 -7.98 7.30
N MET A 58 -11.11 -7.55 6.82
CA MET A 58 -12.25 -7.26 7.69
C MET A 58 -13.51 -7.95 7.18
N GLN A 59 -13.71 -7.94 5.87
CA GLN A 59 -14.88 -8.55 5.26
C GLN A 59 -14.95 -10.05 5.57
N HIS A 60 -13.81 -10.66 5.85
CA HIS A 60 -13.75 -12.08 6.15
C HIS A 60 -14.47 -12.42 7.45
N ARG A 61 -15.80 -12.34 7.43
CA ARG A 61 -16.60 -12.63 8.61
C ARG A 61 -16.40 -14.08 9.07
N TYR A 62 -15.85 -14.92 8.21
CA TYR A 62 -15.62 -16.32 8.53
C TYR A 62 -14.19 -16.56 9.02
N MET A 63 -13.25 -15.75 8.53
CA MET A 63 -11.85 -15.90 8.93
C MET A 63 -11.43 -14.85 9.95
N THR A 64 -11.83 -13.60 9.71
CA THR A 64 -11.49 -12.51 10.62
C THR A 64 -12.29 -11.26 10.30
N GLY A 65 -13.59 -11.30 10.60
CA GLY A 65 -14.45 -10.16 10.33
C GLY A 65 -15.79 -10.28 11.01
N ALA A 66 -15.77 -10.68 12.28
CA ALA A 66 -17.00 -10.84 13.04
C ALA A 66 -16.83 -10.35 14.47
N SER A 67 -16.02 -9.32 14.64
CA SER A 67 -15.77 -8.75 15.97
C SER A 67 -16.04 -7.24 15.97
N GLY A 68 -15.63 -6.57 17.04
CA GLY A 68 -15.83 -5.14 17.14
C GLY A 68 -15.14 -4.37 16.04
N ILE A 69 -15.86 -4.07 14.97
CA ILE A 69 -15.30 -3.34 13.84
C ILE A 69 -16.16 -2.14 13.47
N ASN A 70 -15.77 -1.43 12.41
CA ASN A 70 -16.50 -0.26 11.96
C ASN A 70 -17.98 -0.60 11.70
N PRO A 71 -18.83 0.44 11.55
CA PRO A 71 -20.26 0.25 11.30
C PRO A 71 -20.53 -0.31 9.90
N GLY A 72 -19.95 -1.47 9.60
CA GLY A 72 -20.14 -2.09 8.31
C GLY A 72 -19.61 -1.26 7.17
N MET A 73 -18.74 -1.85 6.36
CA MET A 73 -18.15 -1.15 5.22
C MET A 73 -18.09 -2.06 4.00
N LEU A 74 -18.12 -1.47 2.81
CA LEU A 74 -18.07 -2.24 1.58
C LEU A 74 -16.63 -2.62 1.24
N PRO A 75 -16.38 -3.92 0.97
CA PRO A 75 -15.04 -4.43 0.65
C PRO A 75 -14.32 -3.66 -0.46
N HIS A 76 -15.06 -3.25 -1.49
CA HIS A 76 -14.47 -2.51 -2.59
C HIS A 76 -13.81 -1.22 -2.11
N GLU A 77 -14.19 -0.78 -0.92
CA GLU A 77 -13.63 0.45 -0.35
C GLU A 77 -12.13 0.31 -0.15
N ASN A 78 -11.72 -0.82 0.41
CA ASN A 78 -10.30 -1.07 0.65
C ASN A 78 -9.58 -1.43 -0.64
N VAL A 79 -10.32 -2.04 -1.57
CA VAL A 79 -9.76 -2.44 -2.86
C VAL A 79 -9.31 -1.22 -3.66
N ASP A 80 -10.28 -0.40 -4.06
CA ASP A 80 -10.00 0.81 -4.84
C ASP A 80 -8.94 1.66 -4.15
N ASP A 81 -9.04 1.76 -2.82
CA ASP A 81 -8.08 2.54 -2.04
C ASP A 81 -6.69 1.92 -2.09
N MET A 82 -6.65 0.59 -2.12
CA MET A 82 -5.37 -0.12 -2.16
C MET A 82 -4.61 0.25 -3.43
N ARG A 83 -5.33 0.29 -4.56
CA ARG A 83 -4.73 0.64 -5.83
C ARG A 83 -4.16 2.05 -5.78
N SER A 84 -4.75 2.89 -4.94
CA SER A 84 -4.28 4.26 -4.78
C SER A 84 -2.83 4.28 -4.31
N ALA A 85 -2.53 3.44 -3.32
CA ALA A 85 -1.17 3.35 -2.79
C ALA A 85 -0.17 3.00 -3.89
N ILE A 86 -0.60 2.15 -4.82
CA ILE A 86 0.27 1.75 -5.92
C ILE A 86 0.63 2.94 -6.80
N THR A 87 -0.28 3.90 -6.90
CA THR A 87 -0.04 5.10 -7.70
C THR A 87 1.18 5.82 -7.17
N ASP A 88 1.18 6.10 -5.88
CA ASP A 88 2.31 6.78 -5.23
C ASP A 88 3.51 5.85 -5.16
N TRP A 89 3.27 4.63 -4.70
CA TRP A 89 4.34 3.63 -4.59
C TRP A 89 5.02 3.41 -5.94
N SER A 90 4.21 3.05 -6.94
CA SER A 90 4.74 2.80 -8.28
C SER A 90 5.58 3.99 -8.75
N ASP A 91 5.07 5.19 -8.50
CA ASP A 91 5.78 6.41 -8.88
C ASP A 91 7.12 6.49 -8.17
N MET A 92 7.18 5.95 -6.96
CA MET A 92 8.40 5.94 -6.17
C MET A 92 9.41 4.97 -6.76
N ARG A 93 8.92 3.85 -7.28
CA ARG A 93 9.78 2.85 -7.88
C ARG A 93 10.69 3.47 -8.94
N GLU A 94 10.10 4.29 -9.80
CA GLU A 94 10.86 4.96 -10.86
C GLU A 94 11.48 6.25 -10.35
N ALA A 95 10.74 6.97 -9.52
CA ALA A 95 11.23 8.24 -8.97
C ALA A 95 12.41 8.01 -8.05
N LEU A 96 12.22 7.20 -7.02
CA LEU A 96 13.29 6.90 -6.07
C LEU A 96 14.49 6.29 -6.77
N GLN A 97 14.25 5.34 -7.66
CA GLN A 97 15.31 4.69 -8.41
C GLN A 97 16.12 5.71 -9.20
N HIS A 98 15.42 6.65 -9.82
CA HIS A 98 16.08 7.69 -10.62
C HIS A 98 16.85 8.65 -9.73
N ALA A 99 16.17 9.21 -8.73
CA ALA A 99 16.80 10.16 -7.82
C ALA A 99 18.02 9.53 -7.14
N MET A 100 17.95 8.24 -6.89
CA MET A 100 19.05 7.52 -6.26
C MET A 100 20.29 7.50 -7.17
N GLY A 101 20.05 7.49 -8.47
CA GLY A 101 21.13 7.47 -9.43
C GLY A 101 21.04 6.30 -10.39
N ILE A 102 19.82 6.02 -10.85
CA ILE A 102 19.60 4.91 -11.78
C ILE A 102 18.76 5.36 -12.98
N HIS A 103 18.85 4.60 -14.06
CA HIS A 103 18.10 4.92 -15.28
C HIS A 103 17.41 3.68 -15.83
N ALA A 104 16.08 3.73 -15.90
CA ALA A 104 15.30 2.60 -16.41
C ALA A 104 15.15 2.68 -17.92
N ASP A 105 14.94 1.53 -18.55
CA ASP A 105 14.78 1.47 -20.00
C ASP A 105 13.74 0.43 -20.39
N ILE A 106 12.47 0.84 -20.38
CA ILE A 106 11.37 -0.05 -20.74
C ILE A 106 10.88 0.23 -22.15
N ASP A 2 -22.80 -9.03 -1.99
CA ASP A 2 -22.68 -7.59 -1.61
C ASP A 2 -21.21 -7.16 -1.56
N ASN A 3 -20.34 -8.08 -1.18
CA ASN A 3 -18.91 -7.80 -1.08
C ASN A 3 -18.12 -8.69 -2.02
N VAL A 4 -17.09 -8.12 -2.66
CA VAL A 4 -16.25 -8.88 -3.57
C VAL A 4 -15.82 -10.22 -2.96
N THR A 5 -15.26 -11.09 -3.79
CA THR A 5 -14.81 -12.40 -3.33
C THR A 5 -13.81 -12.27 -2.18
N SER A 6 -13.90 -13.18 -1.22
CA SER A 6 -13.01 -13.16 -0.06
C SER A 6 -11.55 -13.24 -0.51
N SER A 7 -11.30 -13.93 -1.62
CA SER A 7 -9.96 -14.07 -2.15
C SER A 7 -9.45 -12.74 -2.71
N GLN A 8 -10.38 -11.94 -3.23
CA GLN A 8 -10.03 -10.63 -3.78
C GLN A 8 -9.63 -9.66 -2.68
N LEU A 9 -10.42 -9.64 -1.61
CA LEU A 9 -10.14 -8.76 -0.48
C LEU A 9 -8.70 -8.95 -0.01
N LEU A 10 -8.32 -10.21 0.20
CA LEU A 10 -6.98 -10.53 0.65
C LEU A 10 -5.99 -10.55 -0.51
N SER A 11 -6.50 -10.63 -1.74
CA SER A 11 -5.63 -10.65 -2.91
C SER A 11 -5.00 -9.28 -3.15
N VAL A 12 -5.66 -8.24 -2.64
CA VAL A 12 -5.16 -6.88 -2.79
C VAL A 12 -4.26 -6.51 -1.63
N ARG A 13 -4.68 -6.85 -0.42
CA ARG A 13 -3.90 -6.56 0.77
C ARG A 13 -2.55 -7.26 0.69
N HIS A 14 -2.53 -8.38 -0.03
CA HIS A 14 -1.31 -9.16 -0.21
C HIS A 14 -0.40 -8.48 -1.22
N GLN A 15 -0.99 -8.00 -2.31
CA GLN A 15 -0.22 -7.33 -3.36
C GLN A 15 0.17 -5.91 -2.92
N LEU A 16 -0.63 -5.32 -2.05
CA LEU A 16 -0.36 -3.97 -1.55
C LEU A 16 0.74 -4.00 -0.49
N ALA A 17 0.44 -4.59 0.66
CA ALA A 17 1.40 -4.69 1.76
C ALA A 17 2.77 -5.15 1.27
N GLU A 18 2.78 -6.16 0.40
CA GLU A 18 4.03 -6.69 -0.14
C GLU A 18 4.86 -5.59 -0.79
N SER A 19 4.28 -4.94 -1.79
CA SER A 19 4.96 -3.86 -2.49
C SER A 19 5.19 -2.67 -1.57
N ALA A 20 4.30 -2.50 -0.59
CA ALA A 20 4.40 -1.41 0.36
C ALA A 20 5.53 -1.63 1.36
N GLY A 21 6.76 -1.60 0.84
CA GLY A 21 7.92 -1.80 1.69
C GLY A 21 9.22 -1.89 0.91
N LEU A 22 10.14 -0.98 1.20
CA LEU A 22 11.43 -0.94 0.51
C LEU A 22 12.32 -2.09 0.99
N PRO A 23 13.05 -2.75 0.06
CA PRO A 23 13.94 -3.85 0.42
C PRO A 23 15.08 -3.42 1.34
N ARG A 24 16.05 -2.69 0.79
CA ARG A 24 17.19 -2.22 1.57
C ARG A 24 17.71 -0.89 1.04
N ASP A 25 18.34 -0.92 -0.12
CA ASP A 25 18.90 0.27 -0.73
C ASP A 25 17.83 1.33 -0.96
N GLN A 26 16.66 0.90 -1.44
CA GLN A 26 15.55 1.82 -1.70
C GLN A 26 15.24 2.68 -0.47
N HIS A 27 15.51 2.13 0.71
CA HIS A 27 15.26 2.86 1.95
C HIS A 27 16.49 3.66 2.37
N GLU A 28 17.67 3.09 2.14
CA GLU A 28 18.93 3.75 2.50
C GLU A 28 19.06 5.11 1.81
N PHE A 29 18.30 5.30 0.72
CA PHE A 29 18.35 6.55 -0.02
C PHE A 29 17.20 7.48 0.40
N VAL A 30 15.97 7.01 0.19
CA VAL A 30 14.78 7.78 0.52
C VAL A 30 14.72 8.17 2.01
N SER A 31 15.55 7.53 2.83
CA SER A 31 15.56 7.83 4.27
C SER A 31 16.90 8.36 4.75
N SER A 32 17.98 7.93 4.11
CA SER A 32 19.32 8.36 4.51
C SER A 32 19.92 9.37 3.53
N GLN A 33 19.28 9.55 2.38
CA GLN A 33 19.79 10.48 1.37
C GLN A 33 18.75 11.52 0.98
N ALA A 34 17.65 11.05 0.39
CA ALA A 34 16.57 11.93 -0.05
C ALA A 34 16.27 13.04 0.97
N PRO A 35 15.80 14.20 0.50
CA PRO A 35 15.47 15.34 1.36
C PRO A 35 14.21 15.11 2.18
N GLN A 36 14.06 15.87 3.26
CA GLN A 36 12.90 15.76 4.14
C GLN A 36 11.60 15.77 3.33
N SER A 37 11.60 16.52 2.22
CA SER A 37 10.43 16.62 1.37
C SER A 37 10.01 15.24 0.86
N LEU A 38 10.99 14.48 0.37
CA LEU A 38 10.74 13.14 -0.14
C LEU A 38 10.44 12.18 1.00
N ARG A 39 11.14 12.37 2.12
CA ARG A 39 10.94 11.51 3.28
C ARG A 39 9.50 11.61 3.78
N ASN A 40 8.95 12.81 3.74
CA ASN A 40 7.58 13.04 4.18
C ASN A 40 6.61 12.22 3.33
N ARG A 41 6.89 12.18 2.02
CA ARG A 41 6.06 11.44 1.10
C ARG A 41 6.10 9.94 1.41
N TYR A 42 7.24 9.49 1.92
CA TYR A 42 7.43 8.09 2.28
C TYR A 42 6.36 7.63 3.26
N ASN A 43 6.41 8.16 4.47
CA ASN A 43 5.44 7.78 5.51
C ASN A 43 4.03 8.22 5.13
N ASN A 44 3.94 9.29 4.34
CA ASN A 44 2.65 9.81 3.91
C ASN A 44 1.86 8.76 3.13
N LEU A 45 2.31 8.48 1.91
CA LEU A 45 1.64 7.50 1.06
C LEU A 45 1.44 6.16 1.78
N TYR A 46 2.44 5.76 2.56
CA TYR A 46 2.36 4.50 3.30
C TYR A 46 1.36 4.60 4.45
N SER A 47 1.21 5.79 5.01
CA SER A 47 0.29 6.01 6.11
C SER A 47 -1.12 5.58 5.73
N HIS A 48 -1.48 5.82 4.48
CA HIS A 48 -2.80 5.46 3.97
C HIS A 48 -2.86 3.97 3.63
N THR A 49 -1.71 3.40 3.28
CA THR A 49 -1.63 1.98 2.93
C THR A 49 -1.75 1.11 4.18
N GLN A 50 -1.09 1.53 5.25
CA GLN A 50 -1.11 0.77 6.51
C GLN A 50 -2.49 0.78 7.15
N ARG A 51 -3.22 1.88 6.96
CA ARG A 51 -4.55 2.02 7.54
C ARG A 51 -5.63 1.44 6.63
N THR A 52 -5.26 1.10 5.40
CA THR A 52 -6.22 0.56 4.44
C THR A 52 -6.23 -0.97 4.48
N LEU A 53 -5.05 -1.57 4.54
CA LEU A 53 -4.94 -3.04 4.58
C LEU A 53 -5.83 -3.61 5.69
N ASP A 54 -6.08 -2.81 6.72
CA ASP A 54 -6.92 -3.26 7.82
C ASP A 54 -8.34 -3.54 7.35
N MET A 55 -8.87 -2.66 6.51
CA MET A 55 -10.21 -2.81 5.98
C MET A 55 -10.28 -3.99 5.02
N ALA A 56 -9.15 -4.29 4.38
CA ALA A 56 -9.07 -5.39 3.44
C ALA A 56 -9.39 -6.72 4.11
N ASP A 57 -8.72 -7.00 5.22
CA ASP A 57 -8.93 -8.24 5.96
C ASP A 57 -10.03 -8.06 7.00
N MET A 58 -11.18 -7.54 6.56
CA MET A 58 -12.31 -7.31 7.46
C MET A 58 -13.61 -7.89 6.90
N GLN A 59 -13.79 -7.80 5.59
CA GLN A 59 -15.00 -8.30 4.95
C GLN A 59 -15.03 -9.83 4.88
N HIS A 60 -13.95 -10.47 5.30
CA HIS A 60 -13.88 -11.94 5.29
C HIS A 60 -14.81 -12.55 6.33
N ARG A 61 -16.11 -12.46 6.09
CA ARG A 61 -17.11 -13.00 7.02
C ARG A 61 -16.83 -14.47 7.35
N TYR A 62 -16.07 -15.14 6.49
CA TYR A 62 -15.75 -16.55 6.70
C TYR A 62 -14.45 -16.73 7.47
N MET A 63 -13.52 -15.78 7.33
CA MET A 63 -12.23 -15.87 8.01
C MET A 63 -12.09 -14.82 9.11
N THR A 64 -12.40 -13.58 8.79
CA THR A 64 -12.28 -12.48 9.75
C THR A 64 -13.18 -11.31 9.37
N GLY A 65 -14.48 -11.53 9.40
CA GLY A 65 -15.42 -10.47 9.07
C GLY A 65 -16.81 -10.74 9.59
N ALA A 66 -16.87 -11.17 10.85
CA ALA A 66 -18.15 -11.47 11.47
C ALA A 66 -18.13 -11.15 12.96
N SER A 67 -17.38 -10.11 13.32
CA SER A 67 -17.27 -9.70 14.71
C SER A 67 -17.29 -8.17 14.83
N GLY A 68 -16.92 -7.67 16.00
CA GLY A 68 -16.89 -6.24 16.21
C GLY A 68 -16.01 -5.51 15.21
N ILE A 69 -16.60 -5.09 14.10
CA ILE A 69 -15.86 -4.39 13.06
C ILE A 69 -16.38 -2.96 12.88
N ASN A 70 -15.83 -2.25 11.91
CA ASN A 70 -16.23 -0.88 11.63
C ASN A 70 -17.75 -0.77 11.50
N PRO A 71 -18.29 0.46 11.51
CA PRO A 71 -19.73 0.70 11.40
C PRO A 71 -20.26 0.40 10.00
N GLY A 72 -20.04 -0.82 9.53
CA GLY A 72 -20.50 -1.22 8.21
C GLY A 72 -20.01 -0.31 7.10
N MET A 73 -19.08 -0.81 6.29
CA MET A 73 -18.53 -0.03 5.19
C MET A 73 -18.62 -0.80 3.88
N LEU A 74 -18.24 -0.16 2.78
CA LEU A 74 -18.28 -0.79 1.47
C LEU A 74 -17.20 -1.86 1.34
N PRO A 75 -17.39 -2.83 0.44
CA PRO A 75 -16.43 -3.92 0.23
C PRO A 75 -15.21 -3.46 -0.57
N HIS A 76 -15.45 -2.67 -1.61
CA HIS A 76 -14.37 -2.17 -2.45
C HIS A 76 -13.63 -1.01 -1.79
N GLU A 77 -14.15 -0.52 -0.66
CA GLU A 77 -13.52 0.57 0.07
C GLU A 77 -12.02 0.32 0.25
N ASN A 78 -11.70 -0.81 0.86
CA ASN A 78 -10.30 -1.17 1.11
C ASN A 78 -9.53 -1.29 -0.20
N VAL A 79 -10.09 -2.08 -1.13
CA VAL A 79 -9.45 -2.27 -2.43
C VAL A 79 -9.17 -0.95 -3.13
N ASP A 80 -10.21 -0.15 -3.33
CA ASP A 80 -10.09 1.14 -4.00
C ASP A 80 -8.99 1.99 -3.36
N ASP A 81 -9.01 2.09 -2.04
CA ASP A 81 -8.02 2.88 -1.31
C ASP A 81 -6.67 2.16 -1.29
N MET A 82 -6.71 0.84 -1.28
CA MET A 82 -5.49 0.04 -1.26
C MET A 82 -4.76 0.14 -2.58
N ARG A 83 -5.43 -0.22 -3.68
CA ARG A 83 -4.83 -0.16 -5.00
C ARG A 83 -4.27 1.24 -5.26
N SER A 84 -4.85 2.24 -4.59
CA SER A 84 -4.40 3.61 -4.73
C SER A 84 -2.99 3.78 -4.18
N ALA A 85 -2.73 3.09 -3.07
CA ALA A 85 -1.42 3.15 -2.44
C ALA A 85 -0.33 2.72 -3.43
N ILE A 86 -0.65 1.74 -4.26
CA ILE A 86 0.30 1.25 -5.25
C ILE A 86 0.58 2.32 -6.29
N THR A 87 -0.42 3.15 -6.57
CA THR A 87 -0.27 4.23 -7.54
C THR A 87 0.89 5.13 -7.15
N ASP A 88 1.03 5.35 -5.85
CA ASP A 88 2.12 6.18 -5.33
C ASP A 88 3.39 5.35 -5.17
N TRP A 89 3.24 4.17 -4.57
CA TRP A 89 4.36 3.26 -4.35
C TRP A 89 5.03 2.92 -5.68
N SER A 90 4.22 2.45 -6.63
CA SER A 90 4.73 2.09 -7.95
C SER A 90 5.49 3.26 -8.57
N ASP A 91 4.89 4.45 -8.50
CA ASP A 91 5.51 5.65 -9.04
C ASP A 91 6.84 5.92 -8.34
N MET A 92 6.91 5.57 -7.06
CA MET A 92 8.11 5.77 -6.28
C MET A 92 9.23 4.84 -6.75
N ARG A 93 8.85 3.60 -7.11
CA ARG A 93 9.82 2.62 -7.58
C ARG A 93 10.62 3.18 -8.75
N GLU A 94 9.95 3.92 -9.62
CA GLU A 94 10.60 4.51 -10.79
C GLU A 94 11.27 5.84 -10.41
N ALA A 95 10.65 6.55 -9.47
CA ALA A 95 11.19 7.83 -9.03
C ALA A 95 12.44 7.64 -8.18
N LEU A 96 12.29 6.92 -7.08
CA LEU A 96 13.42 6.65 -6.18
C LEU A 96 14.60 6.05 -6.94
N GLN A 97 14.31 5.11 -7.82
CA GLN A 97 15.35 4.46 -8.62
C GLN A 97 16.12 5.47 -9.44
N HIS A 98 15.40 6.41 -10.05
CA HIS A 98 16.02 7.44 -10.86
C HIS A 98 16.84 8.40 -10.01
N ALA A 99 16.23 8.91 -8.94
CA ALA A 99 16.89 9.83 -8.04
C ALA A 99 18.14 9.20 -7.45
N MET A 100 18.03 7.95 -7.03
CA MET A 100 19.14 7.22 -6.43
C MET A 100 20.34 7.19 -7.38
N GLY A 101 20.06 7.07 -8.67
CA GLY A 101 21.12 7.03 -9.66
C GLY A 101 20.94 5.91 -10.67
N ILE A 102 19.71 5.73 -11.14
CA ILE A 102 19.41 4.69 -12.12
C ILE A 102 18.68 5.26 -13.33
N HIS A 103 18.78 4.57 -14.46
CA HIS A 103 18.13 5.01 -15.69
C HIS A 103 17.35 3.87 -16.33
N ALA A 104 16.07 4.11 -16.59
CA ALA A 104 15.21 3.09 -17.20
C ALA A 104 15.16 3.26 -18.72
N ASP A 105 14.89 2.17 -19.42
CA ASP A 105 14.82 2.20 -20.87
C ASP A 105 13.67 1.33 -21.37
N ILE A 106 12.48 1.91 -21.43
CA ILE A 106 11.29 1.18 -21.89
C ILE A 106 10.72 1.81 -23.15
N ASP A 2 -23.15 -5.65 -6.17
CA ASP A 2 -22.61 -5.87 -4.80
C ASP A 2 -21.09 -5.81 -4.79
N ASN A 3 -20.51 -5.84 -3.60
CA ASN A 3 -19.06 -5.80 -3.45
C ASN A 3 -18.40 -6.99 -4.15
N VAL A 4 -17.08 -6.96 -4.21
CA VAL A 4 -16.33 -8.05 -4.85
C VAL A 4 -16.31 -9.29 -3.97
N THR A 5 -15.70 -10.36 -4.47
CA THR A 5 -15.62 -11.61 -3.73
C THR A 5 -14.68 -11.48 -2.54
N SER A 6 -14.91 -12.32 -1.51
CA SER A 6 -14.09 -12.30 -0.31
C SER A 6 -12.61 -12.45 -0.66
N SER A 7 -12.32 -13.33 -1.62
CA SER A 7 -10.96 -13.57 -2.06
C SER A 7 -10.37 -12.32 -2.69
N GLN A 8 -11.23 -11.51 -3.30
CA GLN A 8 -10.80 -10.28 -3.95
C GLN A 8 -10.32 -9.27 -2.91
N LEU A 9 -11.11 -9.11 -1.85
CA LEU A 9 -10.75 -8.18 -0.78
C LEU A 9 -9.35 -8.48 -0.27
N LEU A 10 -9.08 -9.75 -0.01
CA LEU A 10 -7.78 -10.18 0.46
C LEU A 10 -6.78 -10.32 -0.69
N SER A 11 -7.29 -10.43 -1.92
CA SER A 11 -6.43 -10.57 -3.09
C SER A 11 -5.68 -9.27 -3.38
N VAL A 12 -6.27 -8.15 -3.01
CA VAL A 12 -5.65 -6.85 -3.26
C VAL A 12 -4.75 -6.46 -2.10
N ARG A 13 -5.21 -6.72 -0.88
CA ARG A 13 -4.42 -6.40 0.30
C ARG A 13 -3.13 -7.21 0.32
N HIS A 14 -3.18 -8.37 -0.35
CA HIS A 14 -2.01 -9.24 -0.42
C HIS A 14 -1.03 -8.71 -1.47
N GLN A 15 -1.57 -8.21 -2.58
CA GLN A 15 -0.74 -7.67 -3.65
C GLN A 15 -0.30 -6.24 -3.34
N LEU A 16 -1.14 -5.50 -2.59
CA LEU A 16 -0.84 -4.13 -2.23
C LEU A 16 0.21 -4.08 -1.12
N ALA A 17 -0.06 -4.79 -0.02
CA ALA A 17 0.86 -4.82 1.11
C ALA A 17 2.24 -5.30 0.68
N GLU A 18 2.27 -6.24 -0.26
CA GLU A 18 3.52 -6.79 -0.76
C GLU A 18 4.38 -5.69 -1.36
N SER A 19 3.78 -4.85 -2.18
CA SER A 19 4.49 -3.75 -2.82
C SER A 19 4.69 -2.59 -1.85
N ALA A 20 3.82 -2.50 -0.86
CA ALA A 20 3.89 -1.43 0.14
C ALA A 20 5.04 -1.69 1.12
N GLY A 21 6.25 -1.39 0.69
CA GLY A 21 7.41 -1.58 1.56
C GLY A 21 8.72 -1.59 0.79
N LEU A 22 9.63 -0.70 1.17
CA LEU A 22 10.93 -0.61 0.51
C LEU A 22 11.82 -1.80 0.89
N PRO A 23 12.63 -2.29 -0.05
CA PRO A 23 13.52 -3.43 0.21
C PRO A 23 14.56 -3.12 1.28
N ARG A 24 15.66 -2.48 0.91
CA ARG A 24 16.71 -2.13 1.86
C ARG A 24 17.40 -0.83 1.47
N ASP A 25 18.12 -0.86 0.35
CA ASP A 25 18.83 0.31 -0.13
C ASP A 25 17.86 1.43 -0.49
N GLN A 26 16.67 1.05 -0.94
CA GLN A 26 15.65 2.01 -1.33
C GLN A 26 15.33 2.97 -0.18
N HIS A 27 15.25 2.43 1.04
CA HIS A 27 14.96 3.23 2.22
C HIS A 27 16.17 4.05 2.63
N GLU A 28 17.36 3.48 2.46
CA GLU A 28 18.59 4.16 2.83
C GLU A 28 18.74 5.48 2.09
N PHE A 29 18.04 5.62 0.96
CA PHE A 29 18.11 6.84 0.17
C PHE A 29 16.95 7.78 0.52
N VAL A 30 15.72 7.26 0.42
CA VAL A 30 14.54 8.06 0.71
C VAL A 30 14.45 8.48 2.18
N SER A 31 15.33 7.93 3.02
CA SER A 31 15.31 8.26 4.44
C SER A 31 16.56 9.01 4.88
N SER A 32 17.72 8.64 4.35
CA SER A 32 18.98 9.28 4.73
C SER A 32 19.52 10.20 3.64
N GLN A 33 18.94 10.15 2.45
CA GLN A 33 19.41 10.99 1.35
C GLN A 33 18.32 11.97 0.90
N ALA A 34 17.25 11.42 0.33
CA ALA A 34 16.14 12.24 -0.16
C ALA A 34 15.77 13.35 0.83
N PRO A 35 15.26 14.48 0.33
CA PRO A 35 14.86 15.61 1.18
C PRO A 35 13.66 15.28 2.06
N GLN A 36 13.48 16.06 3.12
CA GLN A 36 12.37 15.85 4.04
C GLN A 36 11.03 15.82 3.31
N SER A 37 10.91 16.67 2.28
CA SER A 37 9.68 16.73 1.50
C SER A 37 9.36 15.37 0.89
N LEU A 38 10.39 14.69 0.41
CA LEU A 38 10.21 13.37 -0.17
C LEU A 38 9.78 12.35 0.89
N ARG A 39 10.23 12.57 2.11
CA ARG A 39 9.89 11.68 3.22
C ARG A 39 8.45 11.90 3.67
N ASN A 40 7.99 13.14 3.57
CA ASN A 40 6.63 13.49 3.96
C ASN A 40 5.60 12.68 3.17
N ARG A 41 5.80 12.59 1.86
CA ARG A 41 4.90 11.84 1.00
C ARG A 41 5.09 10.34 1.18
N TYR A 42 6.29 9.94 1.60
CA TYR A 42 6.59 8.53 1.81
C TYR A 42 5.63 7.91 2.83
N ASN A 43 5.55 8.53 4.00
CA ASN A 43 4.67 8.05 5.06
C ASN A 43 3.20 8.29 4.70
N ASN A 44 2.94 9.34 3.94
CA ASN A 44 1.59 9.67 3.54
C ASN A 44 0.96 8.55 2.72
N LEU A 45 1.62 8.19 1.61
CA LEU A 45 1.12 7.12 0.75
C LEU A 45 0.98 5.81 1.52
N TYR A 46 1.91 5.57 2.44
CA TYR A 46 1.89 4.35 3.24
C TYR A 46 0.81 4.43 4.32
N SER A 47 0.54 5.65 4.79
CA SER A 47 -0.47 5.86 5.82
C SER A 47 -1.81 5.27 5.38
N HIS A 48 -2.11 5.40 4.09
CA HIS A 48 -3.34 4.87 3.53
C HIS A 48 -3.21 3.37 3.24
N THR A 49 -1.97 2.94 3.01
CA THR A 49 -1.70 1.54 2.72
C THR A 49 -1.84 0.68 3.97
N GLN A 50 -1.44 1.23 5.11
CA GLN A 50 -1.52 0.51 6.37
C GLN A 50 -2.96 0.44 6.87
N ARG A 51 -3.75 1.47 6.58
CA ARG A 51 -5.14 1.52 7.01
C ARG A 51 -6.05 0.79 6.02
N THR A 52 -5.75 0.93 4.73
CA THR A 52 -6.54 0.30 3.69
C THR A 52 -6.48 -1.23 3.82
N LEU A 53 -5.28 -1.75 3.99
CA LEU A 53 -5.07 -3.19 4.13
C LEU A 53 -5.92 -3.74 5.27
N ASP A 54 -6.08 -2.96 6.33
CA ASP A 54 -6.87 -3.37 7.48
C ASP A 54 -8.33 -3.59 7.09
N MET A 55 -8.93 -2.56 6.50
CA MET A 55 -10.33 -2.64 6.08
C MET A 55 -10.55 -3.80 5.11
N ALA A 56 -9.49 -4.25 4.47
CA ALA A 56 -9.57 -5.36 3.52
C ALA A 56 -9.18 -6.67 4.17
N ASP A 57 -9.32 -6.75 5.49
CA ASP A 57 -8.97 -7.97 6.23
C ASP A 57 -10.02 -8.26 7.30
N MET A 58 -11.24 -7.79 7.08
CA MET A 58 -12.33 -8.01 8.03
C MET A 58 -13.57 -8.55 7.34
N GLN A 59 -13.86 -8.01 6.16
CA GLN A 59 -15.03 -8.43 5.38
C GLN A 59 -15.20 -9.95 5.38
N HIS A 60 -14.10 -10.68 5.50
CA HIS A 60 -14.15 -12.14 5.51
C HIS A 60 -14.23 -12.68 6.94
N ARG A 61 -15.08 -12.07 7.76
CA ARG A 61 -15.24 -12.48 9.15
C ARG A 61 -15.55 -13.97 9.24
N TYR A 62 -16.23 -14.50 8.21
CA TYR A 62 -16.59 -15.91 8.17
C TYR A 62 -15.35 -16.81 8.27
N MET A 63 -14.57 -16.84 7.20
CA MET A 63 -13.37 -17.67 7.15
C MET A 63 -12.37 -17.25 8.23
N THR A 64 -12.09 -15.96 8.31
CA THR A 64 -11.15 -15.45 9.30
C THR A 64 -11.85 -14.55 10.31
N GLY A 65 -11.38 -14.58 11.56
CA GLY A 65 -11.97 -13.78 12.60
C GLY A 65 -11.16 -12.52 12.88
N ALA A 66 -11.30 -11.53 12.00
CA ALA A 66 -10.57 -10.27 12.15
C ALA A 66 -10.90 -9.60 13.49
N SER A 67 -12.14 -9.13 13.62
CA SER A 67 -12.58 -8.46 14.84
C SER A 67 -14.05 -8.06 14.74
N GLY A 68 -14.78 -8.25 15.83
CA GLY A 68 -16.19 -7.90 15.84
C GLY A 68 -16.43 -6.43 16.14
N ILE A 69 -16.52 -5.63 15.09
CA ILE A 69 -16.74 -4.19 15.24
C ILE A 69 -17.81 -3.70 14.27
N ASN A 70 -18.13 -2.41 14.36
CA ASN A 70 -19.13 -1.81 13.49
C ASN A 70 -18.70 -1.89 12.02
N PRO A 71 -19.64 -1.67 11.09
CA PRO A 71 -19.36 -1.70 9.65
C PRO A 71 -18.51 -0.51 9.22
N GLY A 72 -17.31 -0.40 9.80
CA GLY A 72 -16.39 0.68 9.49
C GLY A 72 -16.64 1.36 8.15
N MET A 73 -16.68 0.56 7.08
CA MET A 73 -16.91 1.10 5.75
C MET A 73 -17.28 0.00 4.76
N LEU A 74 -17.51 0.39 3.51
CA LEU A 74 -17.86 -0.56 2.46
C LEU A 74 -16.65 -1.40 2.07
N PRO A 75 -16.83 -2.72 1.91
CA PRO A 75 -15.73 -3.63 1.53
C PRO A 75 -14.97 -3.16 0.29
N HIS A 76 -15.61 -2.33 -0.52
CA HIS A 76 -14.98 -1.82 -1.74
C HIS A 76 -14.11 -0.60 -1.45
N GLU A 77 -14.39 0.09 -0.35
CA GLU A 77 -13.63 1.26 0.03
C GLU A 77 -12.13 0.93 0.08
N ASN A 78 -11.79 -0.13 0.79
CA ASN A 78 -10.40 -0.56 0.89
C ASN A 78 -9.83 -0.85 -0.48
N VAL A 79 -10.58 -1.60 -1.29
CA VAL A 79 -10.16 -1.95 -2.64
C VAL A 79 -9.63 -0.73 -3.39
N ASP A 80 -10.48 0.28 -3.55
CA ASP A 80 -10.08 1.51 -4.23
C ASP A 80 -8.87 2.12 -3.54
N ASP A 81 -8.81 1.97 -2.23
CA ASP A 81 -7.70 2.51 -1.44
C ASP A 81 -6.42 1.74 -1.72
N MET A 82 -6.55 0.49 -2.18
CA MET A 82 -5.38 -0.33 -2.48
C MET A 82 -4.60 0.24 -3.65
N ARG A 83 -5.29 0.42 -4.78
CA ARG A 83 -4.67 0.96 -5.97
C ARG A 83 -4.05 2.33 -5.69
N SER A 84 -4.63 3.05 -4.74
CA SER A 84 -4.14 4.37 -4.36
C SER A 84 -2.72 4.26 -3.80
N ALA A 85 -2.50 3.24 -2.99
CA ALA A 85 -1.18 3.01 -2.39
C ALA A 85 -0.16 2.65 -3.45
N ILE A 86 -0.53 1.70 -4.31
CA ILE A 86 0.36 1.25 -5.37
C ILE A 86 0.67 2.40 -6.33
N THR A 87 -0.27 3.32 -6.48
CA THR A 87 -0.08 4.47 -7.36
C THR A 87 1.12 5.28 -6.92
N ASP A 88 1.29 5.40 -5.60
CA ASP A 88 2.42 6.15 -5.05
C ASP A 88 3.64 5.25 -4.91
N TRP A 89 3.42 4.02 -4.45
CA TRP A 89 4.51 3.07 -4.26
C TRP A 89 5.11 2.68 -5.61
N SER A 90 4.26 2.30 -6.55
CA SER A 90 4.72 1.92 -7.88
C SER A 90 5.49 3.07 -8.52
N ASP A 91 4.89 4.25 -8.50
CA ASP A 91 5.53 5.44 -9.07
C ASP A 91 6.85 5.71 -8.36
N MET A 92 6.91 5.38 -7.08
CA MET A 92 8.11 5.58 -6.29
C MET A 92 9.18 4.55 -6.64
N ARG A 93 8.73 3.33 -6.98
CA ARG A 93 9.64 2.26 -7.34
C ARG A 93 10.59 2.72 -8.46
N GLU A 94 10.03 3.41 -9.45
CA GLU A 94 10.82 3.90 -10.58
C GLU A 94 11.45 5.24 -10.24
N ALA A 95 10.73 6.07 -9.50
CA ALA A 95 11.22 7.39 -9.11
C ALA A 95 12.38 7.27 -8.13
N LEU A 96 12.13 6.63 -7.00
CA LEU A 96 13.16 6.44 -5.97
C LEU A 96 14.38 5.73 -6.55
N GLN A 97 14.13 4.70 -7.36
CA GLN A 97 15.22 3.94 -7.97
C GLN A 97 16.10 4.84 -8.83
N HIS A 98 15.47 5.63 -9.69
CA HIS A 98 16.19 6.54 -10.58
C HIS A 98 16.86 7.65 -9.77
N ALA A 99 16.13 8.22 -8.83
CA ALA A 99 16.66 9.29 -7.99
C ALA A 99 17.87 8.82 -7.20
N MET A 100 17.83 7.58 -6.75
CA MET A 100 18.93 7.00 -5.98
C MET A 100 20.22 7.02 -6.79
N GLY A 101 20.13 6.56 -8.04
CA GLY A 101 21.30 6.52 -8.90
C GLY A 101 21.25 5.40 -9.91
N ILE A 102 20.07 5.18 -10.49
CA ILE A 102 19.89 4.12 -11.48
C ILE A 102 19.25 4.66 -12.75
N HIS A 103 19.45 3.95 -13.86
CA HIS A 103 18.89 4.36 -15.14
C HIS A 103 18.40 3.16 -15.93
N ALA A 104 17.22 3.28 -16.53
CA ALA A 104 16.64 2.21 -17.32
C ALA A 104 16.52 2.61 -18.79
N ASP A 105 16.74 1.64 -19.68
CA ASP A 105 16.66 1.89 -21.11
C ASP A 105 16.13 0.66 -21.85
N ILE A 106 14.80 0.60 -22.00
CA ILE A 106 14.17 -0.52 -22.68
C ILE A 106 13.19 -0.04 -23.75
N ASP A 2 -22.34 -8.13 -5.76
CA ASP A 2 -21.84 -6.78 -6.14
C ASP A 2 -20.36 -6.62 -5.80
N ASN A 3 -20.00 -6.97 -4.57
CA ASN A 3 -18.62 -6.87 -4.12
C ASN A 3 -17.81 -8.06 -4.58
N VAL A 4 -16.55 -8.13 -4.14
CA VAL A 4 -15.66 -9.22 -4.50
C VAL A 4 -15.64 -10.29 -3.41
N THR A 5 -15.36 -11.53 -3.80
CA THR A 5 -15.32 -12.64 -2.86
C THR A 5 -14.31 -12.38 -1.74
N SER A 6 -14.50 -13.04 -0.61
CA SER A 6 -13.61 -12.88 0.53
C SER A 6 -12.18 -13.23 0.15
N SER A 7 -12.02 -14.16 -0.79
CA SER A 7 -10.71 -14.57 -1.26
C SER A 7 -10.00 -13.43 -1.99
N GLN A 8 -10.78 -12.60 -2.68
CA GLN A 8 -10.24 -11.48 -3.42
C GLN A 8 -9.89 -10.33 -2.49
N LEU A 9 -10.68 -10.14 -1.43
CA LEU A 9 -10.44 -9.08 -0.47
C LEU A 9 -9.00 -9.16 0.04
N LEU A 10 -8.60 -10.36 0.43
CA LEU A 10 -7.25 -10.59 0.91
C LEU A 10 -6.28 -10.72 -0.26
N SER A 11 -6.81 -11.06 -1.44
CA SER A 11 -5.99 -11.21 -2.63
C SER A 11 -5.28 -9.90 -2.96
N VAL A 12 -6.03 -8.80 -2.94
CA VAL A 12 -5.46 -7.49 -3.23
C VAL A 12 -4.58 -7.01 -2.08
N ARG A 13 -4.99 -7.30 -0.85
CA ARG A 13 -4.21 -6.90 0.31
C ARG A 13 -2.85 -7.60 0.31
N HIS A 14 -2.78 -8.74 -0.39
CA HIS A 14 -1.55 -9.50 -0.48
C HIS A 14 -0.66 -8.94 -1.58
N GLN A 15 -1.29 -8.46 -2.66
CA GLN A 15 -0.55 -7.90 -3.78
C GLN A 15 -0.16 -6.44 -3.51
N LEU A 16 -1.05 -5.72 -2.82
CA LEU A 16 -0.79 -4.33 -2.48
C LEU A 16 0.24 -4.22 -1.36
N ALA A 17 -0.12 -4.68 -0.18
CA ALA A 17 0.77 -4.65 0.98
C ALA A 17 2.17 -5.15 0.62
N GLU A 18 2.24 -6.25 -0.12
CA GLU A 18 3.52 -6.81 -0.53
C GLU A 18 4.39 -5.77 -1.21
N SER A 19 3.81 -5.07 -2.19
CA SER A 19 4.53 -4.03 -2.91
C SER A 19 4.74 -2.80 -2.02
N ALA A 20 3.86 -2.62 -1.05
CA ALA A 20 3.95 -1.50 -0.13
C ALA A 20 5.09 -1.69 0.86
N GLY A 21 6.32 -1.68 0.35
CA GLY A 21 7.48 -1.86 1.19
C GLY A 21 8.78 -1.94 0.40
N LEU A 22 9.77 -1.16 0.81
CA LEU A 22 11.06 -1.14 0.13
C LEU A 22 11.95 -2.28 0.62
N PRO A 23 12.63 -2.99 -0.30
CA PRO A 23 13.51 -4.10 0.07
C PRO A 23 14.61 -3.70 1.04
N ARG A 24 15.61 -2.99 0.54
CA ARG A 24 16.73 -2.54 1.37
C ARG A 24 17.29 -1.20 0.88
N ASP A 25 18.03 -1.25 -0.21
CA ASP A 25 18.64 -0.05 -0.78
C ASP A 25 17.60 1.04 -1.01
N GLN A 26 16.41 0.65 -1.45
CA GLN A 26 15.34 1.60 -1.70
C GLN A 26 15.03 2.41 -0.45
N HIS A 27 15.17 1.78 0.71
CA HIS A 27 14.89 2.44 1.98
C HIS A 27 16.15 3.12 2.52
N GLU A 28 17.28 2.44 2.38
CA GLU A 28 18.57 2.96 2.86
C GLU A 28 18.86 4.33 2.26
N PHE A 29 18.23 4.64 1.13
CA PHE A 29 18.45 5.92 0.46
C PHE A 29 17.33 6.91 0.80
N VAL A 30 16.10 6.52 0.49
CA VAL A 30 14.94 7.38 0.75
C VAL A 30 14.83 7.78 2.22
N SER A 31 15.50 7.04 3.10
CA SER A 31 15.44 7.34 4.53
C SER A 31 16.78 7.82 5.07
N SER A 32 17.87 7.20 4.64
CA SER A 32 19.21 7.56 5.10
C SER A 32 19.88 8.59 4.20
N GLN A 33 19.29 8.85 3.04
CA GLN A 33 19.87 9.82 2.10
C GLN A 33 18.87 10.92 1.74
N ALA A 34 17.76 10.53 1.12
CA ALA A 34 16.74 11.48 0.69
C ALA A 34 16.41 12.48 1.80
N PRO A 35 16.02 13.71 1.42
CA PRO A 35 15.68 14.77 2.37
C PRO A 35 14.37 14.51 3.11
N GLN A 36 14.20 15.18 4.24
CA GLN A 36 12.99 15.02 5.05
C GLN A 36 11.73 15.15 4.20
N SER A 37 11.76 16.10 3.26
CA SER A 37 10.62 16.33 2.37
C SER A 37 10.25 15.05 1.63
N LEU A 38 11.25 14.38 1.07
CA LEU A 38 11.04 13.15 0.34
C LEU A 38 10.49 12.07 1.26
N ARG A 39 10.94 12.09 2.52
CA ARG A 39 10.49 11.12 3.51
C ARG A 39 9.05 11.40 3.93
N ASN A 40 8.69 12.68 3.93
CA ASN A 40 7.34 13.08 4.32
C ASN A 40 6.29 12.38 3.47
N ARG A 41 6.54 12.33 2.16
CA ARG A 41 5.61 11.69 1.23
C ARG A 41 5.67 10.16 1.34
N TYR A 42 6.82 9.65 1.79
CA TYR A 42 7.00 8.21 1.95
C TYR A 42 5.92 7.62 2.84
N ASN A 43 5.84 8.12 4.08
CA ASN A 43 4.85 7.64 5.04
C ASN A 43 3.44 8.04 4.64
N ASN A 44 3.33 9.16 3.92
CA ASN A 44 2.04 9.66 3.48
C ASN A 44 1.30 8.62 2.64
N LEU A 45 1.82 8.34 1.45
CA LEU A 45 1.21 7.36 0.55
C LEU A 45 1.01 6.03 1.26
N TYR A 46 1.98 5.64 2.07
CA TYR A 46 1.90 4.38 2.81
C TYR A 46 0.83 4.45 3.90
N SER A 47 0.60 5.65 4.42
CA SER A 47 -0.40 5.85 5.46
C SER A 47 -1.75 5.30 5.00
N HIS A 48 -2.11 5.61 3.77
CA HIS A 48 -3.37 5.15 3.20
C HIS A 48 -3.29 3.67 2.82
N THR A 49 -2.06 3.18 2.62
CA THR A 49 -1.84 1.79 2.26
C THR A 49 -1.98 0.88 3.47
N GLN A 50 -1.54 1.36 4.63
CA GLN A 50 -1.61 0.59 5.86
C GLN A 50 -3.04 0.54 6.40
N ARG A 51 -3.85 1.53 6.04
CA ARG A 51 -5.23 1.59 6.50
C ARG A 51 -6.18 0.95 5.48
N THR A 52 -5.86 1.09 4.21
CA THR A 52 -6.69 0.53 3.15
C THR A 52 -6.73 -1.00 3.22
N LEU A 53 -5.55 -1.60 3.38
CA LEU A 53 -5.45 -3.06 3.46
C LEU A 53 -6.22 -3.58 4.67
N ASP A 54 -6.14 -2.85 5.77
CA ASP A 54 -6.81 -3.25 7.01
C ASP A 54 -8.31 -3.47 6.77
N MET A 55 -8.89 -2.66 5.89
CA MET A 55 -10.30 -2.77 5.57
C MET A 55 -10.58 -4.04 4.77
N ALA A 56 -9.60 -4.46 3.98
CA ALA A 56 -9.74 -5.67 3.17
C ALA A 56 -9.78 -6.92 4.05
N ASP A 57 -8.81 -7.02 4.95
CA ASP A 57 -8.73 -8.16 5.85
C ASP A 57 -9.57 -7.94 7.11
N MET A 58 -10.83 -7.57 6.91
CA MET A 58 -11.74 -7.31 8.03
C MET A 58 -13.06 -8.06 7.84
N GLN A 59 -13.62 -7.97 6.64
CA GLN A 59 -14.89 -8.64 6.34
C GLN A 59 -14.82 -10.14 6.54
N HIS A 60 -13.60 -10.69 6.56
CA HIS A 60 -13.42 -12.14 6.74
C HIS A 60 -13.86 -12.56 8.14
N ARG A 61 -15.16 -12.56 8.38
CA ARG A 61 -15.71 -12.94 9.68
C ARG A 61 -15.17 -14.30 10.14
N TYR A 62 -14.77 -15.12 9.18
CA TYR A 62 -14.24 -16.46 9.49
C TYR A 62 -12.73 -16.43 9.70
N MET A 63 -12.04 -15.51 9.04
CA MET A 63 -10.59 -15.41 9.16
C MET A 63 -10.19 -14.32 10.15
N THR A 64 -10.62 -13.09 9.88
CA THR A 64 -10.29 -11.97 10.75
C THR A 64 -11.45 -11.66 11.71
N GLY A 65 -11.36 -10.51 12.39
CA GLY A 65 -12.40 -10.13 13.32
C GLY A 65 -13.44 -9.22 12.69
N ALA A 66 -14.54 -9.81 12.24
CA ALA A 66 -15.61 -9.05 11.62
C ALA A 66 -16.71 -8.73 12.63
N SER A 67 -16.33 -8.50 13.88
CA SER A 67 -17.28 -8.18 14.94
C SER A 67 -17.33 -6.68 15.20
N GLY A 68 -16.90 -6.25 16.39
CA GLY A 68 -16.92 -4.83 16.70
C GLY A 68 -15.98 -4.02 15.83
N ILE A 69 -16.38 -3.80 14.58
CA ILE A 69 -15.57 -3.04 13.64
C ILE A 69 -16.18 -1.67 13.37
N ASN A 70 -15.58 -0.94 12.44
CA ASN A 70 -16.05 0.39 12.07
C ASN A 70 -17.56 0.41 11.89
N PRO A 71 -18.17 1.62 11.82
CA PRO A 71 -19.62 1.78 11.64
C PRO A 71 -20.09 1.40 10.23
N GLY A 72 -19.77 0.17 9.81
CA GLY A 72 -20.18 -0.27 8.49
C GLY A 72 -19.20 0.12 7.40
N MET A 73 -18.75 -0.86 6.64
CA MET A 73 -17.80 -0.61 5.55
C MET A 73 -18.09 -1.55 4.38
N LEU A 74 -17.96 -1.03 3.17
CA LEU A 74 -18.20 -1.83 1.96
C LEU A 74 -16.93 -2.59 1.57
N PRO A 75 -17.06 -3.89 1.24
CA PRO A 75 -15.91 -4.72 0.84
C PRO A 75 -15.13 -4.13 -0.33
N HIS A 76 -15.79 -3.29 -1.12
CA HIS A 76 -15.15 -2.69 -2.28
C HIS A 76 -14.44 -1.38 -1.91
N GLU A 77 -14.67 -0.90 -0.68
CA GLU A 77 -14.04 0.33 -0.22
C GLU A 77 -12.54 0.13 -0.01
N ASN A 78 -12.17 -1.06 0.41
CA ASN A 78 -10.76 -1.38 0.64
C ASN A 78 -10.00 -1.51 -0.67
N VAL A 79 -10.55 -2.28 -1.60
CA VAL A 79 -9.93 -2.48 -2.90
C VAL A 79 -9.71 -1.16 -3.61
N ASP A 80 -10.64 -0.23 -3.43
CA ASP A 80 -10.54 1.09 -4.05
C ASP A 80 -9.29 1.82 -3.56
N ASP A 81 -9.17 1.94 -2.24
CA ASP A 81 -8.02 2.60 -1.65
C ASP A 81 -6.76 1.77 -1.84
N MET A 82 -6.93 0.46 -1.99
CA MET A 82 -5.80 -0.45 -2.19
C MET A 82 -5.02 -0.07 -3.44
N ARG A 83 -5.66 -0.21 -4.60
CA ARG A 83 -5.02 0.12 -5.87
C ARG A 83 -4.45 1.53 -5.84
N SER A 84 -5.07 2.40 -5.05
CA SER A 84 -4.61 3.79 -4.93
C SER A 84 -3.17 3.82 -4.44
N ALA A 85 -2.84 2.91 -3.53
CA ALA A 85 -1.49 2.82 -2.98
C ALA A 85 -0.48 2.51 -4.07
N ILE A 86 -0.80 1.51 -4.90
CA ILE A 86 0.08 1.11 -5.98
C ILE A 86 0.32 2.27 -6.94
N THR A 87 -0.67 3.16 -7.04
CA THR A 87 -0.55 4.33 -7.92
C THR A 87 0.66 5.16 -7.52
N ASP A 88 0.78 5.44 -6.23
CA ASP A 88 1.90 6.23 -5.71
C ASP A 88 3.13 5.35 -5.55
N TRP A 89 2.92 4.13 -5.04
CA TRP A 89 4.01 3.18 -4.83
C TRP A 89 4.70 2.86 -6.16
N SER A 90 3.90 2.49 -7.16
CA SER A 90 4.43 2.16 -8.48
C SER A 90 5.30 3.29 -9.00
N ASP A 91 4.80 4.52 -8.87
CA ASP A 91 5.53 5.70 -9.33
C ASP A 91 6.83 5.84 -8.55
N MET A 92 6.81 5.42 -7.28
CA MET A 92 7.99 5.49 -6.43
C MET A 92 9.02 4.45 -6.85
N ARG A 93 8.55 3.28 -7.28
CA ARG A 93 9.43 2.21 -7.72
C ARG A 93 10.41 2.70 -8.77
N GLU A 94 9.89 3.46 -9.74
CA GLU A 94 10.73 4.00 -10.81
C GLU A 94 11.41 5.28 -10.36
N ALA A 95 10.73 6.06 -9.52
CA ALA A 95 11.29 7.31 -9.01
C ALA A 95 12.46 7.06 -8.07
N LEU A 96 12.19 6.34 -6.98
CA LEU A 96 13.22 6.02 -6.00
C LEU A 96 14.43 5.39 -6.66
N GLN A 97 14.19 4.45 -7.56
CA GLN A 97 15.26 3.76 -8.27
C GLN A 97 16.09 4.75 -9.09
N HIS A 98 15.41 5.71 -9.72
CA HIS A 98 16.08 6.71 -10.53
C HIS A 98 16.75 7.76 -9.65
N ALA A 99 16.16 8.01 -8.48
CA ALA A 99 16.70 8.99 -7.55
C ALA A 99 17.91 8.44 -6.81
N MET A 100 17.89 7.13 -6.55
CA MET A 100 18.99 6.47 -5.86
C MET A 100 20.28 6.58 -6.66
N GLY A 101 20.22 6.17 -7.92
CA GLY A 101 21.40 6.22 -8.77
C GLY A 101 21.18 5.56 -10.12
N ILE A 102 19.99 5.75 -10.68
CA ILE A 102 19.66 5.17 -11.97
C ILE A 102 19.09 6.22 -12.92
N HIS A 103 19.22 5.96 -14.22
CA HIS A 103 18.74 6.89 -15.23
C HIS A 103 17.75 6.21 -16.17
N ALA A 104 16.62 6.86 -16.42
CA ALA A 104 15.59 6.31 -17.30
C ALA A 104 16.12 6.14 -18.72
N ASP A 105 15.59 5.16 -19.44
CA ASP A 105 16.01 4.89 -20.80
C ASP A 105 14.81 4.63 -21.71
N ILE A 106 14.21 5.70 -22.22
CA ILE A 106 13.06 5.58 -23.10
C ILE A 106 13.46 5.70 -24.56
N ASP A 2 -23.59 -6.04 -3.53
CA ASP A 2 -22.71 -7.18 -3.88
C ASP A 2 -21.26 -6.90 -3.51
N ASN A 3 -20.70 -7.74 -2.64
CA ASN A 3 -19.33 -7.58 -2.19
C ASN A 3 -18.42 -8.58 -2.90
N VAL A 4 -17.22 -8.13 -3.27
CA VAL A 4 -16.26 -9.00 -3.94
C VAL A 4 -15.99 -10.26 -3.12
N THR A 5 -15.46 -11.29 -3.78
CA THR A 5 -15.16 -12.55 -3.10
C THR A 5 -14.25 -12.33 -1.90
N SER A 6 -14.46 -13.12 -0.85
CA SER A 6 -13.65 -13.01 0.36
C SER A 6 -12.17 -13.20 0.04
N SER A 7 -11.89 -14.04 -0.95
CA SER A 7 -10.51 -14.29 -1.36
C SER A 7 -9.93 -13.06 -2.03
N GLN A 8 -10.79 -12.28 -2.67
CA GLN A 8 -10.36 -11.07 -3.35
C GLN A 8 -9.98 -9.99 -2.34
N LEU A 9 -10.77 -9.88 -1.28
CA LEU A 9 -10.49 -8.90 -0.23
C LEU A 9 -9.05 -9.04 0.26
N LEU A 10 -8.66 -10.27 0.55
CA LEU A 10 -7.31 -10.54 1.02
C LEU A 10 -6.34 -10.63 -0.16
N SER A 11 -6.88 -10.91 -1.35
CA SER A 11 -6.04 -11.00 -2.54
C SER A 11 -5.35 -9.68 -2.83
N VAL A 12 -6.03 -8.58 -2.49
CA VAL A 12 -5.49 -7.25 -2.71
C VAL A 12 -4.63 -6.81 -1.53
N ARG A 13 -5.01 -7.22 -0.34
CA ARG A 13 -4.25 -6.86 0.87
C ARG A 13 -2.89 -7.57 0.85
N HIS A 14 -2.83 -8.71 0.19
CA HIS A 14 -1.59 -9.47 0.11
C HIS A 14 -0.68 -8.91 -0.98
N GLN A 15 -1.29 -8.42 -2.06
CA GLN A 15 -0.52 -7.85 -3.18
C GLN A 15 -0.11 -6.41 -2.89
N LEU A 16 -0.99 -5.67 -2.23
CA LEU A 16 -0.71 -4.27 -1.91
C LEU A 16 0.36 -4.17 -0.82
N ALA A 17 0.04 -4.70 0.36
CA ALA A 17 0.97 -4.65 1.49
C ALA A 17 2.36 -5.16 1.09
N GLU A 18 2.40 -6.26 0.35
CA GLU A 18 3.66 -6.84 -0.10
C GLU A 18 4.52 -5.80 -0.81
N SER A 19 3.92 -5.10 -1.77
CA SER A 19 4.62 -4.08 -2.53
C SER A 19 4.83 -2.82 -1.69
N ALA A 20 3.95 -2.60 -0.72
CA ALA A 20 4.03 -1.44 0.15
C ALA A 20 5.23 -1.53 1.09
N GLY A 21 6.42 -1.45 0.52
CA GLY A 21 7.63 -1.54 1.33
C GLY A 21 8.86 -1.84 0.50
N LEU A 22 9.92 -1.05 0.68
CA LEU A 22 11.16 -1.24 -0.04
C LEU A 22 11.98 -2.37 0.56
N PRO A 23 12.88 -2.99 -0.23
CA PRO A 23 13.72 -4.09 0.25
C PRO A 23 14.77 -3.64 1.26
N ARG A 24 15.84 -3.01 0.77
CA ARG A 24 16.90 -2.54 1.65
C ARG A 24 17.56 -1.27 1.11
N ASP A 25 18.29 -1.42 0.00
CA ASP A 25 18.99 -0.30 -0.61
C ASP A 25 18.03 0.84 -0.94
N GLN A 26 16.89 0.50 -1.52
CA GLN A 26 15.88 1.49 -1.89
C GLN A 26 15.48 2.33 -0.68
N HIS A 27 15.63 1.76 0.51
CA HIS A 27 15.27 2.45 1.74
C HIS A 27 16.46 3.25 2.28
N GLU A 28 17.65 2.72 2.07
CA GLU A 28 18.88 3.37 2.54
C GLU A 28 19.08 4.72 1.86
N PHE A 29 18.39 4.94 0.74
CA PHE A 29 18.49 6.20 0.01
C PHE A 29 17.34 7.14 0.35
N VAL A 30 16.12 6.61 0.30
CA VAL A 30 14.93 7.40 0.58
C VAL A 30 14.84 7.83 2.05
N SER A 31 15.71 7.28 2.89
CA SER A 31 15.68 7.63 4.31
C SER A 31 17.04 8.14 4.81
N SER A 32 18.11 7.54 4.31
CA SER A 32 19.46 7.93 4.72
C SER A 32 20.05 9.01 3.81
N GLN A 33 19.39 9.30 2.69
CA GLN A 33 19.90 10.31 1.77
C GLN A 33 18.82 11.33 1.39
N ALA A 34 17.75 10.84 0.75
CA ALA A 34 16.65 11.69 0.31
C ALA A 34 16.27 12.72 1.38
N PRO A 35 15.78 13.89 0.95
CA PRO A 35 15.36 14.97 1.87
C PRO A 35 14.07 14.63 2.61
N GLN A 36 13.85 15.31 3.73
CA GLN A 36 12.65 15.08 4.53
C GLN A 36 11.39 15.13 3.68
N SER A 37 11.43 15.91 2.61
CA SER A 37 10.30 16.04 1.71
C SER A 37 9.96 14.69 1.08
N LEU A 38 11.00 14.00 0.61
CA LEU A 38 10.82 12.69 -0.01
C LEU A 38 10.41 11.67 1.04
N ARG A 39 10.92 11.82 2.26
CA ARG A 39 10.59 10.92 3.34
C ARG A 39 9.14 11.09 3.77
N ASN A 40 8.67 12.33 3.75
CA ASN A 40 7.29 12.64 4.13
C ASN A 40 6.31 11.89 3.22
N ARG A 41 6.68 11.76 1.95
CA ARG A 41 5.84 11.06 0.99
C ARG A 41 5.78 9.57 1.29
N TYR A 42 6.89 9.03 1.78
CA TYR A 42 6.98 7.61 2.12
C TYR A 42 5.87 7.21 3.09
N ASN A 43 5.93 7.73 4.31
CA ASN A 43 4.93 7.40 5.33
C ASN A 43 3.54 7.86 4.89
N ASN A 44 3.48 8.93 4.11
CA ASN A 44 2.21 9.46 3.63
C ASN A 44 1.46 8.42 2.79
N LEU A 45 2.03 8.06 1.65
CA LEU A 45 1.41 7.08 0.76
C LEU A 45 1.15 5.77 1.49
N TYR A 46 2.07 5.39 2.37
CA TYR A 46 1.93 4.15 3.12
C TYR A 46 0.84 4.26 4.18
N SER A 47 0.69 5.46 4.74
CA SER A 47 -0.33 5.69 5.76
C SER A 47 -1.70 5.25 5.25
N HIS A 48 -1.96 5.51 3.97
CA HIS A 48 -3.22 5.13 3.36
C HIS A 48 -3.23 3.64 3.02
N THR A 49 -2.04 3.07 2.83
CA THR A 49 -1.91 1.66 2.50
C THR A 49 -2.21 0.78 3.71
N GLN A 50 -1.63 1.14 4.86
CA GLN A 50 -1.82 0.38 6.08
C GLN A 50 -3.28 0.38 6.52
N ARG A 51 -3.96 1.51 6.34
CA ARG A 51 -5.36 1.63 6.73
C ARG A 51 -6.28 0.95 5.72
N THR A 52 -5.84 0.89 4.46
CA THR A 52 -6.64 0.27 3.41
C THR A 52 -6.70 -1.24 3.59
N LEU A 53 -5.55 -1.86 3.80
CA LEU A 53 -5.48 -3.31 3.98
C LEU A 53 -6.38 -3.75 5.13
N ASP A 54 -6.54 -2.89 6.12
CA ASP A 54 -7.38 -3.19 7.28
C ASP A 54 -8.80 -3.53 6.84
N MET A 55 -9.41 -2.64 6.06
CA MET A 55 -10.76 -2.85 5.56
C MET A 55 -10.83 -4.11 4.70
N ALA A 56 -9.68 -4.55 4.20
CA ALA A 56 -9.61 -5.75 3.37
C ALA A 56 -9.84 -7.01 4.20
N ASP A 57 -8.99 -7.21 5.21
CA ASP A 57 -9.10 -8.38 6.08
C ASP A 57 -10.11 -8.15 7.20
N MET A 58 -11.33 -7.79 6.83
CA MET A 58 -12.38 -7.54 7.80
C MET A 58 -13.66 -8.29 7.42
N GLN A 59 -14.03 -8.19 6.15
CA GLN A 59 -15.25 -8.86 5.66
C GLN A 59 -15.20 -10.37 5.91
N HIS A 60 -14.00 -10.91 6.08
CA HIS A 60 -13.84 -12.34 6.33
C HIS A 60 -14.39 -12.73 7.70
N ARG A 61 -15.71 -12.70 7.82
CA ARG A 61 -16.38 -13.05 9.08
C ARG A 61 -15.93 -14.42 9.58
N TYR A 62 -15.47 -15.27 8.67
CA TYR A 62 -15.03 -16.61 9.02
C TYR A 62 -13.54 -16.63 9.39
N MET A 63 -12.73 -15.89 8.64
CA MET A 63 -11.29 -15.85 8.89
C MET A 63 -10.95 -14.83 9.97
N THR A 64 -11.19 -13.55 9.70
CA THR A 64 -10.89 -12.49 10.65
C THR A 64 -12.11 -12.16 11.51
N GLY A 65 -12.01 -11.08 12.26
CA GLY A 65 -13.11 -10.67 13.12
C GLY A 65 -14.00 -9.64 12.48
N ALA A 66 -15.08 -10.11 11.83
CA ALA A 66 -16.02 -9.23 11.16
C ALA A 66 -17.19 -8.88 12.08
N SER A 67 -16.91 -8.76 13.37
CA SER A 67 -17.95 -8.44 14.35
C SER A 67 -17.90 -6.95 14.71
N GLY A 68 -17.56 -6.62 15.96
CA GLY A 68 -17.50 -5.24 16.38
C GLY A 68 -16.48 -4.43 15.59
N ILE A 69 -16.84 -4.07 14.37
CA ILE A 69 -15.96 -3.29 13.50
C ILE A 69 -16.50 -1.88 13.27
N ASN A 70 -15.83 -1.13 12.40
CA ASN A 70 -16.23 0.23 12.09
C ASN A 70 -17.74 0.31 11.82
N PRO A 71 -18.30 1.53 11.76
CA PRO A 71 -19.74 1.74 11.53
C PRO A 71 -20.15 1.34 10.11
N GLY A 72 -19.86 0.10 9.73
CA GLY A 72 -20.23 -0.37 8.40
C GLY A 72 -19.39 0.25 7.31
N MET A 73 -18.76 -0.58 6.49
CA MET A 73 -17.92 -0.09 5.40
C MET A 73 -18.22 -0.86 4.11
N LEU A 74 -17.74 -0.33 2.99
CA LEU A 74 -17.95 -0.97 1.70
C LEU A 74 -16.83 -1.95 1.40
N PRO A 75 -17.13 -3.05 0.69
CA PRO A 75 -16.13 -4.07 0.34
C PRO A 75 -15.11 -3.57 -0.68
N HIS A 76 -15.57 -2.81 -1.66
CA HIS A 76 -14.69 -2.30 -2.70
C HIS A 76 -13.92 -1.08 -2.22
N GLU A 77 -14.26 -0.56 -1.04
CA GLU A 77 -13.59 0.61 -0.49
C GLU A 77 -12.11 0.30 -0.23
N ASN A 78 -11.85 -0.94 0.19
CA ASN A 78 -10.49 -1.37 0.48
C ASN A 78 -9.73 -1.72 -0.80
N VAL A 79 -10.35 -2.52 -1.66
CA VAL A 79 -9.73 -2.93 -2.91
C VAL A 79 -9.39 -1.72 -3.78
N ASP A 80 -10.34 -0.80 -3.91
CA ASP A 80 -10.14 0.39 -4.72
C ASP A 80 -8.99 1.22 -4.17
N ASP A 81 -9.11 1.61 -2.91
CA ASP A 81 -8.08 2.40 -2.25
C ASP A 81 -6.75 1.67 -2.24
N MET A 82 -6.80 0.34 -2.42
CA MET A 82 -5.59 -0.47 -2.43
C MET A 82 -4.74 -0.14 -3.65
N ARG A 83 -5.35 -0.23 -4.83
CA ARG A 83 -4.65 0.07 -6.08
C ARG A 83 -4.05 1.47 -6.04
N SER A 84 -4.67 2.34 -5.24
CA SER A 84 -4.19 3.71 -5.10
C SER A 84 -2.81 3.73 -4.45
N ALA A 85 -2.62 2.85 -3.46
CA ALA A 85 -1.34 2.77 -2.76
C ALA A 85 -0.22 2.39 -3.72
N ILE A 86 -0.47 1.39 -4.56
CA ILE A 86 0.52 0.95 -5.53
C ILE A 86 0.88 2.07 -6.50
N THR A 87 -0.07 2.98 -6.72
CA THR A 87 0.16 4.10 -7.64
C THR A 87 1.29 4.97 -7.11
N ASP A 88 1.36 5.12 -5.80
CA ASP A 88 2.41 5.91 -5.17
C ASP A 88 3.68 5.08 -4.99
N TRP A 89 3.49 3.83 -4.56
CA TRP A 89 4.62 2.93 -4.35
C TRP A 89 5.30 2.60 -5.67
N SER A 90 4.50 2.19 -6.65
CA SER A 90 5.01 1.85 -7.97
C SER A 90 5.75 3.03 -8.57
N ASP A 91 5.10 4.19 -8.58
CA ASP A 91 5.70 5.40 -9.12
C ASP A 91 7.03 5.71 -8.42
N MET A 92 7.10 5.32 -7.15
CA MET A 92 8.31 5.53 -6.37
C MET A 92 9.43 4.60 -6.83
N ARG A 93 9.05 3.40 -7.25
CA ARG A 93 10.02 2.42 -7.72
C ARG A 93 10.87 3.01 -8.84
N GLU A 94 10.22 3.74 -9.75
CA GLU A 94 10.91 4.36 -10.87
C GLU A 94 11.56 5.68 -10.45
N ALA A 95 10.86 6.43 -9.59
CA ALA A 95 11.37 7.71 -9.12
C ALA A 95 12.56 7.51 -8.18
N LEU A 96 12.33 6.80 -7.08
CA LEU A 96 13.37 6.53 -6.10
C LEU A 96 14.62 5.94 -6.78
N GLN A 97 14.39 5.05 -7.73
CA GLN A 97 15.49 4.41 -8.46
C GLN A 97 16.30 5.44 -9.23
N HIS A 98 15.63 6.22 -10.06
CA HIS A 98 16.29 7.26 -10.85
C HIS A 98 16.95 8.30 -9.95
N ALA A 99 16.28 8.63 -8.85
CA ALA A 99 16.81 9.61 -7.91
C ALA A 99 18.02 9.06 -7.16
N MET A 100 18.03 7.75 -6.95
CA MET A 100 19.13 7.09 -6.24
C MET A 100 20.45 7.33 -6.97
N GLY A 101 20.40 7.30 -8.30
CA GLY A 101 21.60 7.51 -9.10
C GLY A 101 21.60 6.69 -10.36
N ILE A 102 20.46 6.66 -11.06
CA ILE A 102 20.35 5.90 -12.30
C ILE A 102 19.68 6.73 -13.39
N HIS A 103 19.93 6.37 -14.64
CA HIS A 103 19.36 7.08 -15.78
C HIS A 103 18.79 6.11 -16.79
N ALA A 104 17.51 6.27 -17.13
CA ALA A 104 16.85 5.40 -18.10
C ALA A 104 16.06 6.21 -19.11
N ASP A 105 15.90 5.66 -20.31
CA ASP A 105 15.15 6.33 -21.36
C ASP A 105 14.29 5.34 -22.14
N ILE A 106 13.12 5.02 -21.60
CA ILE A 106 12.20 4.08 -22.24
C ILE A 106 10.80 4.67 -22.34
#